data_7ZB5
#
_entry.id   7ZB5
#
_cell.length_a   1.00
_cell.length_b   1.00
_cell.length_c   1.00
_cell.angle_alpha   90.00
_cell.angle_beta   90.00
_cell.angle_gamma   90.00
#
_symmetry.space_group_name_H-M   'P 1'
#
loop_
_entity.id
_entity.type
_entity.pdbx_description
1 polymer 'DNA (36-MER)'
2 polymer 'DNA (36-MER)'
3 polymer 'Putative tata-box binding protein'
4 polymer 'Helicase-like protein'
#
loop_
_entity_poly.entity_id
_entity_poly.type
_entity_poly.pdbx_seq_one_letter_code
_entity_poly.pdbx_strand_id
1 'polydeoxyribonucleotide'
;(DC)(DG)(DG)(DC)(DC)(DG)(DG)(DG)(DC)(DG)(DC)(DC)(DC)(DG)(DG)(DC)(DA)(DT)(DG)(DG)
(DC)(DG)(DG)(DC)(DC)(DT)(DA)(DT)(DA)(DA)(DA)(DA)(DG)(DG)(DG)(DC)
;
A,C
2 'polydeoxyribonucleotide'
;(DG)(DC)(DC)(DC)(DT)(DT)(DT)(DT)(DA)(DT)(DA)(DG)(DG)(DC)(DC)(DG)(DC)(DC)(DA)(DT)
(DG)(DC)(DC)(DG)(DG)(DG)(DC)(DG)(DC)(DC)(DC)(DG)(DG)(DC)(DC)(DG)
;
B,F
3 'polypeptide(L)'
;MGSSHHHHHHSSGENLYFQGHMEAIQTHPANAAQAKAFTAPGSLSFPGGASEIANSTAPTNGASNGGQQQGVQATSGAGV
TPATPAATPGAGPAGPSGITPTLQNIVATVNLDCRLDLKTIALHARNAEYNPKRFAAVIMRIREPKTTALIFASGKMVVT
GAKSEDDSKLASRKYARIIQKLGFNAKFTDFKIQNIVGSCDIKFPIRLEGLASKHHNFSSYEPELFPGLIYRMIKPKIVL
LIFVSGKIVLTGAKVREEIYQAFEMIYPVLQDFRKV
;
D,G
4 'polypeptide(L)'
;MATRLDRLVTILETGSTRLIRDTAVNQLADWQKQHPEELFNLLSRVVPYLRHKDWETRTTAAKAIGKIIENAPLYDPNAG
QDEAAPEPTNGSFEVKKEEEKDVLEQDNFFRLESLDVATIVKYGRPLLRGGPVDYNLAALDPQKRLAHLKKTLNGRLGLL
GRVFEDEEMPVEQIASPITPNDAAGANGVGRQDGASNDNQSQAIDESKMSARQLNVLKRKRKREAQKAAQGKSGFGDLSL
RRSTTAGSDAFGEDTPMPDADSKKNKLAEYFSLDRPENTEEDTKIVSEFKGPVLPIKSEIEADDSLEGAEWPFERLCEFL
KVDLFDPQWETRHGAAMGLREVIRVHGAGAGRRRGKTRKENNDLNRQWLDDLAYRLLCVLMLDKFTDYSSDTSVAPIRET
VGQTLGAVLRHISVESVHAIYRLLYCMVTQEDLPSEQNMWAVCHGGMVGLRYVVAVRKDLLLQDGDMIDGVVRCVMQGLG
DIDDDVRSVSAATLIPMAKEFVMMRRSALDSLINIVWESLSNLGDDLSASTGKIMDLLATLCSFPEVLEAMKVSASQDEE
RSFTLLVPRLYPFLRHTITSVRLAVLKALMTFANLGGETSQGWLNGRILRLIFQNIIVERDQDTLNMSLELWTTLVRRLA
ARDPAILADEFEAHAEPMMQLALHPIGVPRHPIPMNPALFQKPSGGTYSLPGASQTNSRRSSPPEGERATKRRRKSTKAE
DVAPSTHTHDVDGHMIQGEVDLVGVDVLIRSRISAAKAMGLIMSFIPTPRLASYDTAVLQALSSPYASTQLAAAMVIDEY
AKNCSTPEVASRFIEPLQKIIDLERPSHYRDLVTYVQRVRSASQQLINLFRDHGKVSQGKLPTLAVVVQGEPEAGPGAFS
IANAEKVVNEDFERLKRLMAPGQRLIALPQLNEAREQTVEVIEEAKAAKEARDARIKAAAACALVAMKVLPKKPSPLIKA
IMDSIKTEENQELQSRSAATIARLVQLFTESGRRGPAEKVVANLVKFSCVEVAETPEFPIHAHKTNVILSMQKEEDRVDH
PDAVKYAREAKAARITRRGAKEALEILSKNFGAELLERVPTLRTFMEEPLVRAFSGDLPPEARDPENAFGQEIVDAMSVI
RTMTPTLHPALHPFVMQQVPLVIKALRSDLSVFRYMAAKCMATICSVITVDGMTALVEKVLPSINNPLDLSFRQGAIEVI
YHLIAVMGDAILPYVIFLIVPVLGRMSDSDNQIRLIATTSFATLVKLVPLEAGIPDPPGLSEELLKGRDRERTFIAQLLD
PKKIEPFKIPVAIKAELRSYQQEGVNWLAFLNKYHLHGILCDDMGLGKTLQTICIVASDHHQRAEEFARTGAPEVRKLPS
LIICPPTLSGHWQQEIKTYAPFLTVTAYVGSPAERRAMKDSLDKTDIVITSYDVCRNDIDVIEKYNWNYCVLDEGHLIKN
PKAKITLAVKRLTSNHRLILTGTPIQNNVLELWSLFDFLMPGFLGAEKVFLDRFAKPIANSRYSKASSKEQEAGALAIEA
LHKQVLPFLLRRLKEEVLNDLPPKILQNYYCDLSDLQRKLFEDFTKREGKKITETAGRDDKEAKQHIFQALQYMRKLCNS
PALVMKPGHKAYEDTQKYLAKHGTTLEDPIHAPKLGALRDLLVDCGIGVEGQESSDPLYTPIKPHRALIFCQMKEMLDMV
QNTVLKQMLPSVSYLRLDGSVEANKRQDIVNKFNSDPSYDVLLLTTSVGGLGLNLTGADTVIFVEHDWNPQKDLQAMDRA
HRIGQKKVVNVYRIITRGTLEEKILSLQRFKIDVASTVVNQQNAGLATMDTDQILDLFNLGESGPSLITDNKESIEAAAW
SHPQFEK
;
E,H
#
# COMPACT_ATOMS: atom_id res chain seq x y z
N SER C 97 33.98 12.90 15.83
CA SER C 97 33.76 14.30 16.29
C SER C 97 32.44 14.83 15.74
N GLY C 98 32.44 15.25 14.48
CA GLY C 98 31.21 15.59 13.80
C GLY C 98 30.65 16.97 14.06
N ILE C 99 29.32 17.04 14.22
CA ILE C 99 28.63 18.32 14.35
C ILE C 99 29.02 19.00 15.65
N THR C 100 28.71 20.31 15.73
CA THR C 100 29.09 21.19 16.84
C THR C 100 27.85 21.60 17.65
N PRO C 101 27.96 21.77 18.97
CA PRO C 101 26.80 22.24 19.73
C PRO C 101 26.42 23.67 19.37
N THR C 102 25.15 23.99 19.61
CA THR C 102 24.63 25.35 19.51
C THR C 102 24.25 25.85 20.89
N LEU C 103 24.80 26.99 21.29
CA LEU C 103 24.51 27.54 22.60
C LEU C 103 23.10 28.14 22.61
N GLN C 104 22.41 27.96 23.73
CA GLN C 104 21.01 28.33 23.87
C GLN C 104 20.75 29.34 24.98
N ASN C 105 21.56 29.36 26.03
CA ASN C 105 21.36 30.29 27.12
C ASN C 105 22.69 30.57 27.79
N ILE C 106 22.88 31.83 28.19
CA ILE C 106 24.05 32.25 28.94
C ILE C 106 23.56 33.14 30.08
N VAL C 107 24.03 32.87 31.29
CA VAL C 107 23.65 33.61 32.48
C VAL C 107 24.88 34.35 33.00
N ALA C 108 24.74 35.66 33.18
CA ALA C 108 25.82 36.51 33.65
C ALA C 108 25.34 37.32 34.84
N THR C 109 26.26 37.59 35.76
CA THR C 109 26.02 38.42 36.93
C THR C 109 26.93 39.63 36.88
N VAL C 110 26.36 40.81 37.11
CA VAL C 110 27.10 42.06 37.13
C VAL C 110 26.64 42.88 38.33
N ASN C 111 27.60 43.46 39.03
CA ASN C 111 27.34 44.28 40.22
C ASN C 111 27.37 45.75 39.82
N LEU C 112 26.28 46.46 40.11
CA LEU C 112 26.20 47.88 39.82
C LEU C 112 26.81 48.75 40.92
N ASP C 113 27.17 48.16 42.06
CA ASP C 113 27.91 48.85 43.11
C ASP C 113 27.13 49.99 43.74
N CYS C 114 25.80 49.93 43.73
CA CYS C 114 25.02 50.98 44.36
C CYS C 114 23.63 50.44 44.69
N ARG C 115 23.09 50.90 45.81
CA ARG C 115 21.76 50.51 46.21
C ARG C 115 20.72 51.09 45.26
N LEU C 116 19.65 50.33 45.05
CA LEU C 116 18.58 50.71 44.13
C LEU C 116 17.24 50.66 44.87
N ASP C 117 16.39 51.64 44.58
CA ASP C 117 15.02 51.65 45.07
C ASP C 117 14.15 51.03 43.98
N LEU C 118 13.75 49.77 44.20
CA LEU C 118 13.15 48.98 43.12
C LEU C 118 11.81 49.54 42.67
N LYS C 119 10.98 50.00 43.62
CA LYS C 119 9.66 50.48 43.22
C LYS C 119 9.77 51.74 42.36
N THR C 120 10.79 52.55 42.57
CA THR C 120 10.99 53.70 41.70
C THR C 120 11.37 53.27 40.28
N ILE C 121 12.12 52.17 40.15
CA ILE C 121 12.39 51.63 38.83
C ILE C 121 11.11 51.15 38.18
N ALA C 122 10.29 50.43 38.94
CA ALA C 122 9.07 49.85 38.39
C ALA C 122 8.09 50.93 37.94
N LEU C 123 7.94 51.99 38.74
CA LEU C 123 6.95 53.01 38.44
C LEU C 123 7.30 53.86 37.22
N HIS C 124 8.58 53.91 36.84
CA HIS C 124 9.05 54.77 35.76
C HIS C 124 9.33 54.03 34.46
N ALA C 125 9.86 52.81 34.52
CA ALA C 125 10.18 52.05 33.32
C ALA C 125 8.96 51.22 32.89
N ARG C 126 8.59 51.36 31.62
CA ARG C 126 7.49 50.56 31.09
C ARG C 126 7.83 49.08 31.06
N ASN C 127 9.10 48.75 30.81
CA ASN C 127 9.52 47.38 30.58
C ASN C 127 9.93 46.67 31.87
N ALA C 128 9.43 47.11 33.02
CA ALA C 128 9.81 46.54 34.31
C ALA C 128 8.56 46.14 35.08
N GLU C 129 8.62 44.98 35.72
CA GLU C 129 7.56 44.48 36.59
C GLU C 129 8.14 44.19 37.95
N TYR C 130 7.39 44.52 39.01
CA TYR C 130 7.82 44.32 40.37
C TYR C 130 6.68 43.74 41.18
N ASN C 131 6.94 42.62 41.84
CA ASN C 131 5.97 41.94 42.68
C ASN C 131 6.70 41.47 43.94
N PRO C 132 6.79 42.32 44.97
CA PRO C 132 7.64 41.96 46.12
C PRO C 132 7.20 40.70 46.83
N LYS C 133 5.92 40.35 46.79
CA LYS C 133 5.47 39.11 47.39
C LYS C 133 6.02 37.90 46.65
N ARG C 134 6.07 37.95 45.32
CA ARG C 134 6.52 36.80 44.55
C ARG C 134 8.04 36.72 44.50
N PHE C 135 8.70 37.81 44.14
CA PHE C 135 10.15 37.82 43.99
C PHE C 135 10.66 39.20 44.38
N ALA C 136 11.92 39.24 44.81
CA ALA C 136 12.51 40.43 45.40
C ALA C 136 13.15 41.37 44.38
N ALA C 137 13.03 41.08 43.08
CA ALA C 137 13.72 41.84 42.04
C ALA C 137 12.72 42.39 41.02
N VAL C 138 13.17 43.41 40.29
CA VAL C 138 12.45 43.93 39.14
C VAL C 138 12.93 43.20 37.90
N ILE C 139 11.99 42.78 37.06
CA ILE C 139 12.27 42.01 35.86
C ILE C 139 12.20 42.99 34.70
N MET C 140 13.35 43.54 34.33
CA MET C 140 13.46 44.38 33.14
C MET C 140 13.71 43.52 31.91
N ARG C 141 13.40 44.09 30.75
CA ARG C 141 13.58 43.40 29.48
C ARG C 141 13.96 44.40 28.40
N ILE C 142 14.78 43.96 27.45
CA ILE C 142 15.13 44.72 26.27
C ILE C 142 15.08 43.80 25.07
N ARG C 143 14.87 44.38 23.90
CA ARG C 143 14.59 43.63 22.68
C ARG C 143 15.78 43.51 21.74
N GLU C 144 16.97 44.00 22.14
CA GLU C 144 18.15 43.82 21.30
C GLU C 144 19.42 43.88 22.14
N PRO C 145 20.11 42.76 22.40
CA PRO C 145 19.74 41.35 22.20
C PRO C 145 18.69 40.91 23.21
N LYS C 146 17.81 39.99 22.82
CA LYS C 146 16.69 39.60 23.67
C LYS C 146 17.19 38.98 24.96
N THR C 147 17.02 39.71 26.07
CA THR C 147 17.52 39.27 27.36
C THR C 147 16.62 39.80 28.46
N THR C 148 16.73 39.19 29.63
CA THR C 148 15.98 39.58 30.82
C THR C 148 16.97 39.82 31.94
N ALA C 149 16.62 40.73 32.84
CA ALA C 149 17.50 41.13 33.94
C ALA C 149 16.70 41.10 35.24
N LEU C 150 17.16 40.32 36.20
CA LEU C 150 16.64 40.34 37.55
C LEU C 150 17.50 41.30 38.36
N ILE C 151 17.05 42.54 38.51
CA ILE C 151 17.81 43.58 39.17
C ILE C 151 17.33 43.67 40.61
N PHE C 152 18.27 43.51 41.55
CA PHE C 152 17.97 43.38 42.97
C PHE C 152 18.28 44.68 43.71
N ALA C 153 17.75 44.77 44.93
CA ALA C 153 17.94 45.96 45.73
C ALA C 153 19.38 46.14 46.15
N SER C 154 20.15 45.07 46.25
CA SER C 154 21.53 45.13 46.72
C SER C 154 22.51 45.62 45.65
N GLY C 155 22.06 45.84 44.42
CA GLY C 155 22.90 46.29 43.34
C GLY C 155 23.34 45.20 42.39
N LYS C 156 23.25 43.94 42.78
CA LYS C 156 23.53 42.85 41.87
C LYS C 156 22.39 42.69 40.87
N MET C 157 22.71 42.12 39.71
CA MET C 157 21.68 41.70 38.77
C MET C 157 22.15 40.44 38.06
N VAL C 158 21.17 39.69 37.54
CA VAL C 158 21.40 38.47 36.79
C VAL C 158 20.77 38.65 35.41
N VAL C 159 21.60 38.60 34.37
CA VAL C 159 21.16 38.78 32.99
C VAL C 159 21.16 37.43 32.31
N THR C 160 20.01 37.05 31.75
CA THR C 160 19.81 35.71 31.21
C THR C 160 19.18 35.82 29.83
N GLY C 161 19.28 34.73 29.07
CA GLY C 161 18.63 34.58 27.79
C GLY C 161 19.50 34.82 26.58
N ALA C 162 20.74 35.27 26.76
CA ALA C 162 21.60 35.58 25.64
C ALA C 162 22.10 34.30 24.97
N LYS C 163 22.43 34.42 23.68
CA LYS C 163 22.96 33.32 22.89
C LYS C 163 24.46 33.42 22.64
N SER C 164 25.13 34.42 23.19
CA SER C 164 26.56 34.60 22.96
C SER C 164 27.13 35.47 24.07
N GLU C 165 28.46 35.40 24.22
CA GLU C 165 29.11 36.13 25.31
C GLU C 165 29.09 37.63 25.05
N ASP C 166 29.35 38.04 23.81
CA ASP C 166 29.31 39.46 23.48
C ASP C 166 27.92 40.03 23.67
N ASP C 167 26.88 39.28 23.27
CA ASP C 167 25.51 39.74 23.46
C ASP C 167 25.19 39.89 24.93
N SER C 168 25.62 38.94 25.76
CA SER C 168 25.36 39.03 27.19
C SER C 168 26.04 40.25 27.80
N LYS C 169 27.30 40.48 27.44
CA LYS C 169 28.02 41.63 28.00
C LYS C 169 27.38 42.94 27.55
N LEU C 170 27.00 43.03 26.27
CA LEU C 170 26.38 44.24 25.75
C LEU C 170 25.03 44.48 26.42
N ALA C 171 24.24 43.42 26.64
CA ALA C 171 22.97 43.58 27.32
C ALA C 171 23.16 44.04 28.76
N SER C 172 24.15 43.50 29.45
CA SER C 172 24.43 43.94 30.81
C SER C 172 24.81 45.41 30.84
N ARG C 173 25.63 45.84 29.88
CA ARG C 173 25.99 47.26 29.79
C ARG C 173 24.76 48.13 29.52
N LYS C 174 23.85 47.67 28.65
CA LYS C 174 22.64 48.44 28.38
C LYS C 174 21.77 48.55 29.62
N TYR C 175 21.64 47.47 30.38
CA TYR C 175 20.86 47.53 31.62
C TYR C 175 21.48 48.49 32.63
N ALA C 176 22.81 48.48 32.73
CA ALA C 176 23.47 49.44 33.59
C ALA C 176 23.18 50.86 33.14
N ARG C 177 23.19 51.10 31.83
CA ARG C 177 22.84 52.42 31.32
C ARG C 177 21.41 52.79 31.69
N ILE C 178 20.47 51.84 31.58
CA ILE C 178 19.08 52.13 31.89
C ILE C 178 18.93 52.51 33.36
N ILE C 179 19.64 51.80 34.24
CA ILE C 179 19.61 52.16 35.66
C ILE C 179 20.23 53.53 35.87
N GLN C 180 21.27 53.87 35.10
CA GLN C 180 21.88 55.19 35.21
C GLN C 180 20.89 56.28 34.81
N LYS C 181 20.10 56.03 33.77
CA LYS C 181 19.16 57.04 33.29
C LYS C 181 18.08 57.34 34.32
N LEU C 182 17.68 56.35 35.12
CA LEU C 182 16.66 56.55 36.12
C LEU C 182 17.16 57.31 37.34
N GLY C 183 18.43 57.69 37.39
CA GLY C 183 18.96 58.58 38.40
C GLY C 183 19.97 57.95 39.34
N PHE C 184 20.02 56.63 39.41
CA PHE C 184 20.95 55.95 40.30
C PHE C 184 22.35 55.97 39.71
N ASN C 185 23.35 56.04 40.59
CA ASN C 185 24.75 56.06 40.18
C ASN C 185 25.29 54.63 40.06
N ALA C 186 24.69 53.88 39.15
CA ALA C 186 25.12 52.52 38.88
C ALA C 186 26.34 52.51 37.98
N LYS C 187 27.28 51.62 38.28
CA LYS C 187 28.53 51.50 37.53
C LYS C 187 28.78 50.04 37.19
N PHE C 188 29.10 49.79 35.93
CA PHE C 188 29.32 48.43 35.43
C PHE C 188 30.57 47.85 36.09
N THR C 189 30.37 46.87 36.98
CA THR C 189 31.49 46.23 37.68
C THR C 189 31.16 44.77 37.94
N ASP C 190 32.21 43.96 38.03
CA ASP C 190 32.11 42.57 38.47
C ASP C 190 31.27 41.72 37.50
N PHE C 191 31.61 41.79 36.23
CA PHE C 191 30.99 40.92 35.24
C PHE C 191 31.66 39.55 35.25
N LYS C 192 30.84 38.50 35.22
CA LYS C 192 31.36 37.13 35.16
C LYS C 192 30.26 36.20 34.70
N ILE C 193 30.47 35.51 33.59
CA ILE C 193 29.53 34.50 33.13
C ILE C 193 29.57 33.33 34.10
N GLN C 194 28.38 32.80 34.44
CA GLN C 194 28.25 31.76 35.46
C GLN C 194 27.44 30.56 35.00
N ASN C 195 26.96 30.53 33.76
CA ASN C 195 26.34 29.33 33.23
C ASN C 195 26.18 29.48 31.72
N ILE C 196 26.42 28.39 31.01
CA ILE C 196 26.16 28.31 29.57
C ILE C 196 25.44 27.00 29.31
N VAL C 197 24.41 27.06 28.48
CA VAL C 197 23.62 25.89 28.11
C VAL C 197 23.74 25.70 26.61
N GLY C 198 23.86 24.44 26.19
CA GLY C 198 23.98 24.12 24.78
C GLY C 198 23.02 23.00 24.41
N SER C 199 22.86 22.80 23.10
CA SER C 199 21.98 21.77 22.58
C SER C 199 22.52 21.26 21.26
N CYS C 200 22.39 19.96 21.04
CA CYS C 200 22.85 19.33 19.81
C CYS C 200 21.91 18.19 19.46
N ASP C 201 21.95 17.78 18.19
CA ASP C 201 21.05 16.76 17.67
C ASP C 201 21.85 15.84 16.75
N ILE C 202 22.38 14.77 17.32
CA ILE C 202 23.02 13.72 16.52
C ILE C 202 21.94 12.89 15.86
N LYS C 203 22.21 12.47 14.62
CA LYS C 203 21.17 11.93 13.74
C LYS C 203 21.00 10.43 13.89
N PHE C 204 20.74 9.94 15.11
CA PHE C 204 20.33 8.56 15.29
C PHE C 204 19.71 8.40 16.67
N PRO C 205 18.71 7.53 16.85
CA PRO C 205 18.18 7.29 18.20
C PRO C 205 19.19 6.56 19.08
N ILE C 206 18.94 6.63 20.38
CA ILE C 206 19.83 6.13 21.41
C ILE C 206 19.10 5.07 22.23
N ARG C 207 19.79 3.98 22.53
CA ARG C 207 19.29 2.97 23.47
C ARG C 207 19.66 3.41 24.88
N LEU C 208 18.72 4.10 25.53
CA LEU C 208 19.03 4.68 26.84
C LEU C 208 19.22 3.62 27.91
N GLU C 209 18.49 2.50 27.83
CA GLU C 209 18.55 1.50 28.90
C GLU C 209 19.93 0.86 28.97
N GLY C 210 20.49 0.47 27.83
CA GLY C 210 21.82 -0.10 27.83
C GLY C 210 22.88 0.89 28.30
N LEU C 211 22.75 2.14 27.87
CA LEU C 211 23.68 3.18 28.32
C LEU C 211 23.63 3.35 29.82
N ALA C 212 22.42 3.37 30.38
CA ALA C 212 22.28 3.52 31.82
C ALA C 212 22.86 2.31 32.54
N SER C 213 22.66 1.11 31.99
CA SER C 213 23.17 -0.08 32.63
C SER C 213 24.70 -0.10 32.64
N LYS C 214 25.32 0.27 31.52
CA LYS C 214 26.78 0.19 31.45
C LYS C 214 27.45 1.31 32.23
N HIS C 215 26.92 2.53 32.13
CA HIS C 215 27.50 3.73 32.75
C HIS C 215 26.74 4.15 33.99
N HIS C 216 26.32 3.19 34.81
CA HIS C 216 25.46 3.48 35.95
C HIS C 216 26.14 4.42 36.95
N ASN C 217 27.47 4.37 37.05
CA ASN C 217 28.17 5.21 38.00
C ASN C 217 28.06 6.69 37.67
N PHE C 218 27.83 7.04 36.41
CA PHE C 218 27.84 8.43 35.96
C PHE C 218 26.50 8.89 35.42
N SER C 219 25.42 8.13 35.62
CA SER C 219 24.15 8.47 35.01
C SER C 219 23.01 8.00 35.89
N SER C 220 21.84 8.60 35.66
CA SER C 220 20.61 8.26 36.35
C SER C 220 19.47 8.24 35.34
N TYR C 221 18.53 7.33 35.52
CA TYR C 221 17.45 7.15 34.56
C TYR C 221 16.23 6.61 35.28
N GLU C 222 15.17 7.41 35.32
CA GLU C 222 13.88 7.03 35.92
C GLU C 222 12.81 7.36 34.89
N PRO C 223 12.57 6.49 33.90
CA PRO C 223 11.68 6.86 32.79
C PRO C 223 10.25 7.14 33.23
N GLU C 224 9.83 6.66 34.39
CA GLU C 224 8.49 7.01 34.88
C GLU C 224 8.40 8.49 35.25
N LEU C 225 9.51 9.12 35.59
CA LEU C 225 9.53 10.50 36.06
C LEU C 225 9.96 11.51 35.00
N PHE C 226 10.96 11.18 34.18
CA PHE C 226 11.51 12.10 33.21
C PHE C 226 12.00 11.29 32.02
N PRO C 227 11.59 11.62 30.76
CA PRO C 227 11.93 10.72 29.64
C PRO C 227 13.36 10.84 29.13
N GLY C 228 14.24 11.49 29.85
CA GLY C 228 15.61 11.69 29.42
C GLY C 228 16.61 11.13 30.41
N LEU C 229 17.65 10.51 29.88
CA LEU C 229 18.77 10.07 30.70
C LEU C 229 19.57 11.27 31.18
N ILE C 230 19.93 11.27 32.45
CA ILE C 230 20.78 12.29 33.04
C ILE C 230 22.19 11.73 33.14
N TYR C 231 23.16 12.50 32.68
CA TYR C 231 24.57 12.11 32.70
C TYR C 231 25.37 13.24 33.33
N ARG C 232 26.19 12.91 34.32
CA ARG C 232 27.04 13.87 35.01
C ARG C 232 28.50 13.52 34.74
N MET C 233 29.25 14.50 34.25
CA MET C 233 30.62 14.32 33.81
C MET C 233 31.54 15.06 34.77
N ILE C 234 32.61 14.39 35.21
CA ILE C 234 33.43 14.92 36.30
C ILE C 234 34.51 15.85 35.79
N LYS C 235 35.13 15.54 34.63
CA LYS C 235 36.30 16.32 34.20
C LYS C 235 35.90 17.75 33.83
N PRO C 236 35.03 17.98 32.84
CA PRO C 236 34.59 19.35 32.56
C PRO C 236 33.43 19.85 33.41
N LYS C 237 32.90 19.03 34.31
CA LYS C 237 31.82 19.42 35.23
C LYS C 237 30.51 19.71 34.52
N ILE C 238 30.30 19.11 33.36
CA ILE C 238 29.10 19.33 32.55
C ILE C 238 28.09 18.23 32.83
N VAL C 239 26.82 18.60 32.81
CA VAL C 239 25.70 17.67 33.02
C VAL C 239 24.91 17.61 31.72
N LEU C 240 24.74 16.41 31.20
CA LEU C 240 24.09 16.18 29.91
C LEU C 240 22.78 15.44 30.13
N LEU C 241 21.73 15.90 29.48
CA LEU C 241 20.44 15.23 29.44
C LEU C 241 20.27 14.61 28.07
N ILE C 242 20.26 13.28 28.02
CA ILE C 242 20.28 12.52 26.76
C ILE C 242 18.89 11.95 26.53
N PHE C 243 18.42 12.05 25.29
CA PHE C 243 17.05 11.70 24.93
C PHE C 243 17.05 10.69 23.80
N VAL C 244 15.99 9.89 23.74
CA VAL C 244 15.90 8.80 22.77
C VAL C 244 15.90 9.33 21.35
N SER C 245 15.44 10.57 21.15
CA SER C 245 15.37 11.14 19.80
C SER C 245 16.73 11.43 19.21
N GLY C 246 17.80 11.36 19.99
CA GLY C 246 19.12 11.72 19.52
C GLY C 246 19.51 13.15 19.81
N LYS C 247 18.88 13.79 20.79
CA LYS C 247 19.12 15.18 21.13
C LYS C 247 19.70 15.25 22.53
N ILE C 248 20.80 15.99 22.66
CA ILE C 248 21.53 16.14 23.91
C ILE C 248 21.66 17.62 24.20
N VAL C 249 21.39 18.01 25.46
CA VAL C 249 21.56 19.37 25.92
C VAL C 249 22.53 19.37 27.08
N LEU C 250 23.52 20.25 27.02
CA LEU C 250 24.58 20.34 28.01
C LEU C 250 24.41 21.61 28.82
N THR C 251 24.74 21.53 30.11
CA THR C 251 24.50 22.65 31.01
C THR C 251 25.57 22.65 32.10
N GLY C 252 25.69 23.78 32.78
CA GLY C 252 26.68 23.97 33.82
C GLY C 252 27.99 24.55 33.34
N ALA C 253 28.19 24.70 32.04
CA ALA C 253 29.45 25.21 31.51
C ALA C 253 29.63 26.67 31.86
N LYS C 254 30.90 27.07 32.02
CA LYS C 254 31.28 28.47 32.13
C LYS C 254 32.11 28.95 30.95
N VAL C 255 32.42 28.07 29.99
CA VAL C 255 33.11 28.44 28.76
C VAL C 255 32.56 27.57 27.64
N ARG C 256 32.64 28.07 26.40
CA ARG C 256 32.19 27.32 25.24
C ARG C 256 32.97 26.02 25.05
N GLU C 257 34.29 26.08 25.25
CA GLU C 257 35.11 24.90 25.08
C GLU C 257 34.73 23.79 26.04
N GLU C 258 34.11 24.12 27.18
CA GLU C 258 33.68 23.07 28.09
C GLU C 258 32.58 22.22 27.48
N ILE C 259 31.56 22.86 26.89
CA ILE C 259 30.51 22.07 26.25
C ILE C 259 31.06 21.35 25.04
N TYR C 260 32.00 21.97 24.31
CA TYR C 260 32.60 21.28 23.17
C TYR C 260 33.34 20.02 23.62
N GLN C 261 34.12 20.11 24.70
CA GLN C 261 34.83 18.96 25.24
C GLN C 261 33.85 17.90 25.73
N ALA C 262 32.77 18.32 26.39
CA ALA C 262 31.79 17.37 26.88
C ALA C 262 31.13 16.61 25.74
N PHE C 263 30.77 17.30 24.66
CA PHE C 263 30.18 16.63 23.52
C PHE C 263 31.18 15.67 22.88
N GLU C 264 32.44 16.08 22.76
CA GLU C 264 33.46 15.18 22.21
C GLU C 264 33.62 13.93 23.08
N MET C 265 33.59 14.11 24.40
CA MET C 265 33.72 12.98 25.32
C MET C 265 32.54 12.04 25.21
N ILE C 266 31.32 12.59 25.07
CA ILE C 266 30.12 11.76 25.12
C ILE C 266 29.79 11.12 23.78
N TYR C 267 30.25 11.70 22.66
CA TYR C 267 29.82 11.22 21.36
C TYR C 267 30.16 9.75 21.09
N PRO C 268 31.36 9.22 21.43
CA PRO C 268 31.59 7.79 21.22
C PRO C 268 30.62 6.90 21.96
N VAL C 269 30.23 7.30 23.18
CA VAL C 269 29.30 6.50 23.96
C VAL C 269 27.96 6.41 23.24
N LEU C 270 27.49 7.53 22.71
CA LEU C 270 26.22 7.52 21.98
C LEU C 270 26.34 6.75 20.67
N GLN C 271 27.52 6.79 20.04
CA GLN C 271 27.73 5.99 18.84
C GLN C 271 27.63 4.50 19.15
N ASP C 272 28.15 4.07 20.29
CA ASP C 272 28.14 2.66 20.63
C ASP C 272 26.72 2.12 20.76
N PHE C 273 25.83 2.88 21.39
CA PHE C 273 24.44 2.48 21.55
C PHE C 273 23.62 3.06 20.41
N ARG C 274 23.60 2.33 19.30
CA ARG C 274 22.97 2.76 18.05
C ARG C 274 23.50 4.11 17.59
N ALA D 2 -29.91 42.56 19.33
CA ALA D 2 -28.85 43.61 19.36
C ALA D 2 -28.85 44.41 18.08
N THR D 3 -28.50 45.69 18.18
CA THR D 3 -28.47 46.58 17.03
C THR D 3 -27.17 46.35 16.24
N ARG D 4 -27.09 47.02 15.09
CA ARG D 4 -25.86 46.96 14.31
C ARG D 4 -24.71 47.66 15.02
N LEU D 5 -24.99 48.71 15.79
CA LEU D 5 -23.93 49.49 16.40
C LEU D 5 -23.15 48.68 17.42
N ASP D 6 -23.84 47.83 18.17
CA ASP D 6 -23.15 47.04 19.19
C ASP D 6 -22.12 46.10 18.56
N ARG D 7 -22.46 45.49 17.44
CA ARG D 7 -21.50 44.63 16.75
C ARG D 7 -20.46 45.44 15.98
N LEU D 8 -20.81 46.66 15.56
CA LEU D 8 -19.87 47.47 14.80
C LEU D 8 -18.78 48.06 15.70
N VAL D 9 -19.12 48.41 16.94
CA VAL D 9 -18.11 48.96 17.84
C VAL D 9 -17.13 47.89 18.28
N THR D 10 -17.59 46.65 18.50
CA THR D 10 -16.70 45.61 18.99
C THR D 10 -15.62 45.24 17.99
N ILE D 11 -15.79 45.59 16.72
CA ILE D 11 -14.75 45.31 15.74
C ILE D 11 -13.49 46.10 16.04
N LEU D 12 -13.63 47.27 16.66
CA LEU D 12 -12.46 48.12 16.92
C LEU D 12 -11.49 47.44 17.89
N GLU D 13 -11.99 46.56 18.76
CA GLU D 13 -11.16 45.78 19.66
C GLU D 13 -10.85 44.40 19.13
N THR D 14 -11.85 43.70 18.58
CA THR D 14 -11.71 42.32 18.17
C THR D 14 -11.44 42.15 16.68
N GLY D 15 -11.14 43.24 15.96
CA GLY D 15 -10.88 43.15 14.54
C GLY D 15 -9.69 42.26 14.22
N SER D 16 -9.85 41.40 13.20
CA SER D 16 -8.79 40.46 12.87
C SER D 16 -7.60 41.15 12.22
N THR D 17 -7.83 42.21 11.45
CA THR D 17 -6.78 42.92 10.73
C THR D 17 -7.05 44.42 10.82
N ARG D 18 -6.03 45.20 10.44
CA ARG D 18 -6.15 46.66 10.55
C ARG D 18 -7.18 47.19 9.56
N LEU D 19 -7.27 46.60 8.38
CA LEU D 19 -8.25 47.06 7.39
C LEU D 19 -9.68 46.87 7.88
N ILE D 20 -9.93 45.79 8.64
CA ILE D 20 -11.26 45.56 9.16
C ILE D 20 -11.64 46.65 10.15
N ARG D 21 -10.72 47.05 11.01
CA ARG D 21 -11.01 48.12 11.97
C ARG D 21 -11.13 49.47 11.28
N ASP D 22 -10.32 49.71 10.24
CA ASP D 22 -10.49 50.92 9.45
C ASP D 22 -11.87 50.99 8.82
N THR D 23 -12.34 49.86 8.28
CA THR D 23 -13.68 49.83 7.71
C THR D 23 -14.73 50.02 8.78
N ALA D 24 -14.49 49.49 9.99
CA ALA D 24 -15.44 49.68 11.08
C ALA D 24 -15.58 51.16 11.43
N VAL D 25 -14.45 51.88 11.54
CA VAL D 25 -14.55 53.30 11.89
C VAL D 25 -15.17 54.09 10.75
N ASN D 26 -14.88 53.72 9.50
CA ASN D 26 -15.52 54.41 8.38
C ASN D 26 -17.03 54.20 8.40
N GLN D 27 -17.47 52.96 8.65
CA GLN D 27 -18.90 52.67 8.74
C GLN D 27 -19.55 53.44 9.86
N LEU D 28 -18.88 53.51 11.02
CA LEU D 28 -19.44 54.23 12.16
C LEU D 28 -19.57 55.72 11.87
N ALA D 29 -18.57 56.29 11.20
CA ALA D 29 -18.64 57.70 10.83
C ALA D 29 -19.78 57.94 9.85
N ASP D 30 -19.95 57.08 8.85
CA ASP D 30 -21.07 57.23 7.93
C ASP D 30 -22.40 57.06 8.65
N TRP D 31 -22.44 56.19 9.66
CA TRP D 31 -23.64 56.05 10.47
C TRP D 31 -23.99 57.35 11.15
N GLN D 32 -23.00 58.01 11.75
CA GLN D 32 -23.28 59.29 12.38
C GLN D 32 -23.71 60.32 11.34
N LYS D 33 -23.14 60.26 10.14
CA LYS D 33 -23.55 61.17 9.07
C LYS D 33 -25.03 60.99 8.73
N GLN D 34 -25.48 59.74 8.58
CA GLN D 34 -26.86 59.49 8.18
C GLN D 34 -27.83 59.80 9.32
N HIS D 35 -27.40 59.63 10.57
CA HIS D 35 -28.24 59.81 11.75
C HIS D 35 -27.55 60.81 12.67
N PRO D 36 -27.58 62.11 12.33
CA PRO D 36 -26.86 63.09 13.14
C PRO D 36 -27.44 63.34 14.52
N GLU D 37 -28.61 62.77 14.84
CA GLU D 37 -29.27 63.05 16.11
C GLU D 37 -28.75 62.20 17.27
N GLU D 38 -27.86 61.23 17.02
CA GLU D 38 -27.46 60.24 18.02
C GLU D 38 -25.95 60.10 18.09
N LEU D 39 -25.25 61.24 18.18
CA LEU D 39 -23.80 61.19 18.39
C LEU D 39 -23.47 60.55 19.73
N PHE D 40 -24.24 60.86 20.77
CA PHE D 40 -23.92 60.38 22.11
C PHE D 40 -24.01 58.87 22.21
N ASN D 41 -24.89 58.23 21.42
CA ASN D 41 -24.99 56.78 21.46
C ASN D 41 -23.68 56.13 21.00
N LEU D 42 -23.09 56.63 19.91
CA LEU D 42 -21.80 56.10 19.48
C LEU D 42 -20.69 56.47 20.45
N LEU D 43 -20.70 57.71 20.93
CA LEU D 43 -19.61 58.17 21.79
C LEU D 43 -19.56 57.38 23.10
N SER D 44 -20.72 57.11 23.69
CA SER D 44 -20.74 56.38 24.96
C SER D 44 -20.23 54.95 24.83
N ARG D 45 -20.26 54.38 23.63
CA ARG D 45 -19.77 53.03 23.40
C ARG D 45 -18.34 52.98 22.92
N VAL D 46 -17.85 54.03 22.26
CA VAL D 46 -16.46 54.05 21.81
C VAL D 46 -15.52 54.64 22.87
N VAL D 47 -15.99 55.56 23.70
CA VAL D 47 -15.12 56.20 24.68
C VAL D 47 -14.54 55.22 25.68
N PRO D 48 -15.29 54.25 26.22
CA PRO D 48 -14.69 53.34 27.22
C PRO D 48 -13.47 52.57 26.74
N TYR D 49 -13.23 52.48 25.43
CA TYR D 49 -12.02 51.84 24.95
C TYR D 49 -10.76 52.67 25.20
N LEU D 50 -10.90 53.97 25.44
CA LEU D 50 -9.72 54.81 25.63
C LEU D 50 -8.90 54.38 26.85
N ARG D 51 -9.54 53.77 27.84
CA ARG D 51 -8.84 53.28 29.02
C ARG D 51 -8.52 51.79 28.95
N HIS D 52 -8.71 51.17 27.78
CA HIS D 52 -8.34 49.78 27.60
C HIS D 52 -6.83 49.63 27.70
N LYS D 53 -6.39 48.43 28.09
CA LYS D 53 -4.96 48.18 28.26
C LYS D 53 -4.23 48.03 26.93
N ASP D 54 -4.90 47.54 25.89
CA ASP D 54 -4.25 47.35 24.60
C ASP D 54 -3.96 48.69 23.94
N TRP D 55 -2.77 48.79 23.34
CA TRP D 55 -2.36 50.02 22.66
C TRP D 55 -3.20 50.26 21.41
N GLU D 56 -3.32 49.24 20.56
CA GLU D 56 -4.00 49.42 19.28
C GLU D 56 -5.47 49.74 19.49
N THR D 57 -6.10 49.18 20.52
CA THR D 57 -7.49 49.50 20.82
C THR D 57 -7.65 50.98 21.14
N ARG D 58 -6.74 51.54 21.95
CA ARG D 58 -6.81 52.95 22.28
C ARG D 58 -6.63 53.82 21.04
N THR D 59 -5.64 53.48 20.20
CA THR D 59 -5.43 54.26 18.99
C THR D 59 -6.65 54.21 18.07
N THR D 60 -7.23 53.02 17.91
CA THR D 60 -8.39 52.88 17.04
C THR D 60 -9.60 53.62 17.60
N ALA D 61 -9.78 53.57 18.92
CA ALA D 61 -10.89 54.29 19.53
C ALA D 61 -10.73 55.79 19.34
N ALA D 62 -9.51 56.31 19.48
CA ALA D 62 -9.28 57.73 19.25
C ALA D 62 -9.60 58.11 17.82
N LYS D 63 -9.14 57.31 16.85
CA LYS D 63 -9.42 57.61 15.46
C LYS D 63 -10.92 57.56 15.17
N ALA D 64 -11.62 56.58 15.77
CA ALA D 64 -13.05 56.49 15.59
C ALA D 64 -13.77 57.70 16.17
N ILE D 65 -13.35 58.16 17.35
CA ILE D 65 -13.95 59.34 17.95
C ILE D 65 -13.74 60.56 17.06
N GLY D 66 -12.52 60.71 16.54
CA GLY D 66 -12.25 61.83 15.64
C GLY D 66 -13.13 61.81 14.41
N LYS D 67 -13.24 60.65 13.76
CA LYS D 67 -14.02 60.58 12.52
C LYS D 67 -15.51 60.69 12.77
N ILE D 68 -15.99 60.23 13.93
CA ILE D 68 -17.40 60.44 14.27
C ILE D 68 -17.68 61.91 14.50
N ILE D 69 -16.81 62.58 15.27
CA ILE D 69 -17.04 63.98 15.60
C ILE D 69 -16.91 64.87 14.37
N GLU D 70 -16.10 64.46 13.39
CA GLU D 70 -15.86 65.29 12.22
C GLU D 70 -17.13 65.57 11.42
N ASN D 71 -18.14 64.72 11.54
CA ASN D 71 -19.38 64.88 10.76
C ASN D 71 -20.43 65.71 11.47
N ALA D 72 -20.26 66.02 12.75
CA ALA D 72 -21.23 66.84 13.46
C ALA D 72 -21.03 68.32 13.10
N PRO D 73 -22.06 69.15 13.25
CA PRO D 73 -21.91 70.55 12.86
C PRO D 73 -21.03 71.32 13.83
N LEU D 74 -20.38 72.35 13.31
CA LEU D 74 -19.58 73.23 14.15
C LEU D 74 -20.47 74.04 15.08
N TYR D 75 -19.94 74.38 16.24
CA TYR D 75 -20.71 75.03 17.31
C TYR D 75 -20.51 76.54 17.22
N ASP D 76 -21.62 77.27 17.16
CA ASP D 76 -21.60 78.72 17.03
C ASP D 76 -22.92 79.27 17.57
N PRO D 77 -23.11 79.33 18.89
CA PRO D 77 -24.43 79.65 19.44
C PRO D 77 -24.82 81.13 19.40
N ASN D 78 -24.10 81.97 18.66
CA ASN D 78 -24.40 83.39 18.58
C ASN D 78 -24.33 83.84 17.13
N ALA D 79 -25.00 84.95 16.86
CA ALA D 79 -25.04 85.54 15.53
C ALA D 79 -25.10 87.07 15.63
N GLY D 124 2.20 69.65 42.45
CA GLY D 124 3.38 69.15 41.76
C GLY D 124 3.59 67.66 41.94
N ARG D 125 2.50 66.92 42.10
CA ARG D 125 2.60 65.49 42.29
C ARG D 125 3.01 64.83 40.98
N PRO D 126 4.06 64.00 40.96
CA PRO D 126 4.52 63.46 39.68
C PRO D 126 3.53 62.45 39.11
N LEU D 127 3.52 62.36 37.78
CA LEU D 127 2.68 61.41 37.07
C LEU D 127 3.54 60.21 36.70
N LEU D 128 3.41 59.14 37.48
CA LEU D 128 4.12 57.89 37.29
C LEU D 128 3.12 56.83 36.82
N ARG D 129 3.60 55.59 36.72
CA ARG D 129 2.73 54.47 36.34
C ARG D 129 1.60 54.33 37.34
N GLU D 310 -24.79 75.17 25.41
CA GLU D 310 -23.57 74.72 26.06
C GLU D 310 -22.66 73.97 25.10
N TRP D 311 -21.38 73.90 25.43
CA TRP D 311 -20.41 73.16 24.65
C TRP D 311 -20.86 71.70 24.56
N PRO D 312 -21.17 71.16 23.36
CA PRO D 312 -21.83 69.86 23.31
C PRO D 312 -21.04 68.72 23.92
N PHE D 313 -19.72 68.73 23.79
CA PHE D 313 -18.86 67.67 24.30
C PHE D 313 -18.23 68.03 25.64
N GLU D 314 -18.90 68.88 26.42
CA GLU D 314 -18.30 69.37 27.66
C GLU D 314 -18.07 68.24 28.65
N ARG D 315 -19.06 67.36 28.81
CA ARG D 315 -18.88 66.27 29.76
C ARG D 315 -17.85 65.26 29.28
N LEU D 316 -17.77 65.04 27.96
CA LEU D 316 -16.74 64.16 27.43
C LEU D 316 -15.35 64.71 27.70
N CYS D 317 -15.13 65.99 27.39
CA CYS D 317 -13.82 66.58 27.64
C CYS D 317 -13.50 66.61 29.13
N GLU D 318 -14.51 66.88 29.97
CA GLU D 318 -14.27 66.88 31.41
C GLU D 318 -13.91 65.48 31.90
N PHE D 319 -14.57 64.45 31.37
CA PHE D 319 -14.23 63.08 31.75
C PHE D 319 -12.82 62.71 31.28
N LEU D 320 -12.38 63.25 30.15
CA LEU D 320 -11.01 63.01 29.70
C LEU D 320 -10.01 63.75 30.59
N LYS D 321 -10.33 64.98 30.98
CA LYS D 321 -9.38 65.76 31.77
C LYS D 321 -9.30 65.31 33.22
N VAL D 322 -10.38 64.75 33.76
CA VAL D 322 -10.37 64.36 35.17
C VAL D 322 -9.56 63.10 35.40
N ASP D 323 -9.41 62.23 34.40
CA ASP D 323 -8.53 61.07 34.47
C ASP D 323 -7.26 61.26 33.65
N LEU D 324 -7.02 62.47 33.14
CA LEU D 324 -5.72 62.78 32.55
C LEU D 324 -4.61 62.80 33.60
N PHE D 325 -4.97 62.88 34.89
CA PHE D 325 -4.02 62.74 35.98
C PHE D 325 -4.20 61.43 36.73
N ASP D 326 -4.81 60.43 36.10
CA ASP D 326 -4.96 59.13 36.74
C ASP D 326 -3.60 58.47 36.91
N PRO D 327 -3.42 57.64 37.96
CA PRO D 327 -2.13 56.94 38.07
C PRO D 327 -1.78 56.05 36.89
N GLN D 328 -2.74 55.30 36.36
CA GLN D 328 -2.44 54.37 35.28
C GLN D 328 -2.10 55.14 34.00
N TRP D 329 -1.03 54.71 33.33
CA TRP D 329 -0.56 55.45 32.16
C TRP D 329 -1.45 55.22 30.94
N GLU D 330 -2.13 54.09 30.87
CA GLU D 330 -3.02 53.82 29.74
C GLU D 330 -4.16 54.83 29.71
N THR D 331 -4.71 55.16 30.88
CA THR D 331 -5.78 56.15 30.93
C THR D 331 -5.30 57.50 30.44
N ARG D 332 -4.08 57.90 30.83
CA ARG D 332 -3.54 59.18 30.36
C ARG D 332 -3.32 59.16 28.85
N HIS D 333 -2.81 58.04 28.32
CA HIS D 333 -2.58 57.93 26.89
C HIS D 333 -3.89 58.10 26.12
N GLY D 334 -4.93 57.39 26.56
CA GLY D 334 -6.22 57.51 25.90
C GLY D 334 -6.82 58.90 26.03
N ALA D 335 -6.70 59.50 27.22
CA ALA D 335 -7.24 60.83 27.43
C ALA D 335 -6.58 61.85 26.51
N ALA D 336 -5.25 61.79 26.40
CA ALA D 336 -4.54 62.70 25.51
C ALA D 336 -4.95 62.50 24.07
N MET D 337 -5.05 61.23 23.62
CA MET D 337 -5.44 60.97 22.24
C MET D 337 -6.84 61.50 21.96
N GLY D 338 -7.78 61.26 22.88
CA GLY D 338 -9.14 61.72 22.66
C GLY D 338 -9.26 63.23 22.66
N LEU D 339 -8.57 63.90 23.59
CA LEU D 339 -8.61 65.35 23.60
C LEU D 339 -8.03 65.91 22.31
N ARG D 340 -6.92 65.33 21.83
CA ARG D 340 -6.36 65.74 20.54
C ARG D 340 -7.41 65.61 19.44
N GLU D 341 -8.07 64.45 19.37
CA GLU D 341 -8.99 64.21 18.28
C GLU D 341 -10.20 65.14 18.33
N VAL D 342 -10.74 65.39 19.52
CA VAL D 342 -11.89 66.29 19.65
C VAL D 342 -11.51 67.71 19.24
N ILE D 343 -10.43 68.22 19.82
CA ILE D 343 -10.06 69.61 19.57
C ILE D 343 -9.61 69.81 18.13
N ARG D 344 -9.05 68.78 17.49
CA ARG D 344 -8.50 68.93 16.15
C ARG D 344 -9.53 69.47 15.17
N VAL D 345 -10.78 69.05 15.34
CA VAL D 345 -11.86 69.43 14.43
C VAL D 345 -12.77 70.49 15.04
N HIS D 346 -12.89 70.53 16.39
CA HIS D 346 -13.88 71.39 17.02
C HIS D 346 -13.29 72.34 18.06
N GLY D 347 -12.02 72.73 17.94
CA GLY D 347 -11.45 73.60 18.97
C GLY D 347 -11.98 75.02 18.95
N ALA D 348 -12.42 75.51 17.78
CA ALA D 348 -12.77 76.92 17.64
C ALA D 348 -13.96 77.27 18.53
N GLY D 349 -14.96 76.40 18.60
CA GLY D 349 -16.18 76.66 19.33
C GLY D 349 -16.17 76.25 20.77
N ALA D 350 -15.02 75.99 21.37
CA ALA D 350 -14.98 75.42 22.69
C ALA D 350 -15.29 76.48 23.75
N GLY D 351 -15.82 76.01 24.89
CA GLY D 351 -16.02 76.83 26.06
C GLY D 351 -17.21 77.76 26.03
N ARG D 352 -17.78 78.04 24.87
CA ARG D 352 -18.88 78.98 24.78
C ARG D 352 -20.13 78.41 25.45
N ARG D 353 -21.00 79.31 25.89
CA ARG D 353 -22.26 78.96 26.52
C ARG D 353 -23.40 79.68 25.82
N ARG D 354 -24.54 79.00 25.69
CA ARG D 354 -25.71 79.61 25.06
C ARG D 354 -26.26 80.71 25.94
N GLY D 355 -26.74 81.78 25.29
CA GLY D 355 -27.28 82.93 25.99
C GLY D 355 -26.30 84.06 26.23
N LYS D 356 -25.00 83.77 26.18
CA LYS D 356 -23.98 84.80 26.32
C LYS D 356 -23.76 85.52 25.00
N THR D 357 -23.22 86.74 25.09
CA THR D 357 -22.95 87.51 23.89
C THR D 357 -21.79 86.91 23.11
N ARG D 358 -21.62 87.39 21.88
CA ARG D 358 -20.56 86.86 21.01
C ARG D 358 -19.19 87.13 21.59
N LYS D 359 -18.91 88.39 21.96
CA LYS D 359 -17.56 88.74 22.40
C LYS D 359 -17.21 88.06 23.72
N GLU D 360 -18.15 88.03 24.66
CA GLU D 360 -17.88 87.36 25.93
C GLU D 360 -17.70 85.86 25.72
N ASN D 361 -18.44 85.27 24.78
CA ASN D 361 -18.20 83.86 24.46
C ASN D 361 -16.83 83.65 23.82
N ASN D 362 -16.36 84.61 23.03
CA ASN D 362 -15.00 84.51 22.50
C ASN D 362 -13.98 84.56 23.62
N ASP D 363 -14.21 85.42 24.60
CA ASP D 363 -13.34 85.45 25.78
C ASP D 363 -13.39 84.13 26.53
N LEU D 364 -14.58 83.53 26.64
CA LEU D 364 -14.70 82.24 27.30
C LEU D 364 -13.97 81.15 26.53
N ASN D 365 -14.01 81.20 25.21
CA ASN D 365 -13.25 80.25 24.40
C ASN D 365 -11.76 80.42 24.64
N ARG D 366 -11.29 81.66 24.73
CA ARG D 366 -9.89 81.91 25.04
C ARG D 366 -9.53 81.32 26.40
N GLN D 367 -10.41 81.50 27.38
CA GLN D 367 -10.17 80.93 28.70
C GLN D 367 -10.11 79.42 28.65
N TRP D 368 -11.01 78.79 27.89
CA TRP D 368 -11.03 77.34 27.79
C TRP D 368 -9.73 76.81 27.16
N LEU D 369 -9.32 77.42 26.05
CA LEU D 369 -8.11 76.94 25.40
C LEU D 369 -6.88 77.20 26.26
N ASP D 370 -6.85 78.32 26.97
CA ASP D 370 -5.76 78.58 27.89
C ASP D 370 -5.72 77.55 29.01
N ASP D 371 -6.89 77.18 29.54
CA ASP D 371 -6.94 76.18 30.60
C ASP D 371 -6.44 74.82 30.09
N LEU D 372 -6.87 74.43 28.88
CA LEU D 372 -6.42 73.16 28.34
C LEU D 372 -4.93 73.15 28.10
N ALA D 373 -4.39 74.24 27.54
CA ALA D 373 -2.95 74.31 27.32
C ALA D 373 -2.19 74.28 28.63
N TYR D 374 -2.70 74.98 29.65
CA TYR D 374 -2.06 75.01 30.96
C TYR D 374 -2.03 73.61 31.57
N ARG D 375 -3.16 72.90 31.51
CA ARG D 375 -3.23 71.57 32.10
C ARG D 375 -2.33 70.60 31.35
N LEU D 376 -2.30 70.69 30.02
CA LEU D 376 -1.44 69.81 29.25
C LEU D 376 0.04 70.10 29.51
N LEU D 377 0.42 71.37 29.63
CA LEU D 377 1.81 71.67 29.93
C LEU D 377 2.18 71.21 31.34
N CYS D 378 1.26 71.32 32.29
CA CYS D 378 1.51 70.78 33.62
C CYS D 378 1.70 69.27 33.56
N VAL D 379 0.91 68.59 32.71
CA VAL D 379 1.10 67.15 32.53
C VAL D 379 2.48 66.86 31.95
N LEU D 380 2.91 67.67 30.99
CA LEU D 380 4.20 67.43 30.34
C LEU D 380 5.35 67.56 31.32
N MET D 381 5.27 68.52 32.24
CA MET D 381 6.36 68.80 33.16
C MET D 381 6.37 67.90 34.39
N LEU D 382 5.40 66.99 34.52
CA LEU D 382 5.31 66.08 35.66
C LEU D 382 5.47 64.60 35.29
N ASP D 383 5.24 64.23 34.04
CA ASP D 383 5.26 62.82 33.65
C ASP D 383 6.69 62.36 33.42
N LYS D 384 7.03 61.19 33.97
CA LYS D 384 8.35 60.60 33.85
C LYS D 384 8.32 59.18 33.30
N PHE D 385 7.16 58.70 32.86
CA PHE D 385 7.06 57.35 32.32
C PHE D 385 7.80 57.25 31.00
N THR D 386 8.71 56.28 30.90
CA THR D 386 9.52 56.08 29.71
C THR D 386 9.68 54.59 29.45
N ASP D 387 9.90 54.25 28.18
CA ASP D 387 10.12 52.88 27.73
C ASP D 387 11.54 52.74 27.22
N TYR D 388 12.29 51.80 27.79
CA TYR D 388 13.69 51.57 27.44
C TYR D 388 13.89 50.24 26.72
N SER D 389 12.84 49.68 26.13
CA SER D 389 12.98 48.42 25.42
C SER D 389 13.94 48.55 24.24
N SER D 390 13.81 49.62 23.47
CA SER D 390 14.72 49.92 22.38
C SER D 390 15.75 50.94 22.82
N ASP D 391 16.74 51.17 21.96
CA ASP D 391 17.79 52.13 22.28
C ASP D 391 17.23 53.54 22.40
N THR D 392 16.32 53.92 21.51
CA THR D 392 15.72 55.25 21.52
C THR D 392 14.56 55.25 22.51
N SER D 393 14.77 55.87 23.66
CA SER D 393 13.74 55.89 24.69
C SER D 393 12.50 56.62 24.20
N VAL D 394 11.34 56.13 24.61
CA VAL D 394 10.04 56.63 24.17
C VAL D 394 9.24 57.02 25.40
N ALA D 395 8.63 58.21 25.35
CA ALA D 395 7.76 58.72 26.41
C ALA D 395 6.36 58.85 25.82
N PRO D 396 5.52 57.83 25.95
CA PRO D 396 4.19 57.89 25.29
C PRO D 396 3.35 59.06 25.73
N ILE D 397 3.30 59.33 27.03
CA ILE D 397 2.42 60.37 27.53
C ILE D 397 2.92 61.73 27.08
N ARG D 398 4.24 61.94 27.08
CA ARG D 398 4.79 63.21 26.63
C ARG D 398 4.48 63.44 25.16
N GLU D 399 4.61 62.41 24.32
CA GLU D 399 4.35 62.59 22.89
C GLU D 399 2.87 62.90 22.65
N THR D 400 1.98 62.16 23.29
CA THR D 400 0.55 62.41 23.09
C THR D 400 0.16 63.79 23.60
N VAL D 401 0.71 64.20 24.75
CA VAL D 401 0.37 65.53 25.28
C VAL D 401 0.93 66.62 24.38
N GLY D 402 2.11 66.41 23.81
CA GLY D 402 2.64 67.37 22.86
C GLY D 402 1.77 67.51 21.63
N GLN D 403 1.28 66.39 21.10
CA GLN D 403 0.36 66.47 19.97
C GLN D 403 -0.94 67.16 20.38
N THR D 404 -1.37 66.97 21.63
CA THR D 404 -2.56 67.67 22.11
C THR D 404 -2.33 69.18 22.14
N LEU D 405 -1.16 69.62 22.60
CA LEU D 405 -0.82 71.04 22.54
C LEU D 405 -0.83 71.53 21.10
N GLY D 406 -0.27 70.75 20.19
CA GLY D 406 -0.27 71.15 18.79
C GLY D 406 -1.65 71.29 18.22
N ALA D 407 -2.58 70.43 18.65
CA ALA D 407 -3.97 70.58 18.24
C ALA D 407 -4.59 71.83 18.85
N VAL D 408 -4.30 72.10 20.13
CA VAL D 408 -4.92 73.23 20.82
C VAL D 408 -4.48 74.54 20.20
N LEU D 409 -3.19 74.68 19.92
CA LEU D 409 -2.62 75.98 19.61
C LEU D 409 -2.95 76.51 18.22
N ARG D 410 -3.72 75.77 17.42
CA ARG D 410 -4.08 76.25 16.09
C ARG D 410 -5.11 77.36 16.14
N HIS D 411 -6.02 77.34 17.11
CA HIS D 411 -7.18 78.22 17.13
C HIS D 411 -7.01 79.44 18.03
N ILE D 412 -6.12 79.39 19.01
CA ILE D 412 -6.00 80.51 19.95
C ILE D 412 -5.50 81.75 19.22
N SER D 413 -5.74 82.90 19.85
CA SER D 413 -5.17 84.16 19.38
C SER D 413 -3.71 84.27 19.80
N VAL D 414 -3.00 85.20 19.17
CA VAL D 414 -1.56 85.32 19.37
C VAL D 414 -1.21 85.73 20.80
N GLU D 415 -2.13 86.36 21.53
CA GLU D 415 -1.87 86.70 22.92
C GLU D 415 -1.68 85.44 23.76
N SER D 416 -2.54 84.45 23.57
CA SER D 416 -2.35 83.19 24.26
C SER D 416 -1.08 82.49 23.80
N VAL D 417 -0.67 82.69 22.54
CA VAL D 417 0.58 82.13 22.08
C VAL D 417 1.75 82.77 22.82
N HIS D 418 1.71 84.09 23.02
CA HIS D 418 2.69 84.77 23.85
C HIS D 418 2.71 84.16 25.25
N ALA D 419 1.52 83.95 25.82
CA ALA D 419 1.44 83.41 27.18
C ALA D 419 2.07 82.02 27.26
N ILE D 420 1.80 81.17 26.26
CA ILE D 420 2.32 79.81 26.29
C ILE D 420 3.84 79.81 26.06
N TYR D 421 4.33 80.66 25.16
CA TYR D 421 5.77 80.76 24.95
C TYR D 421 6.47 81.23 26.20
N ARG D 422 5.87 82.18 26.92
CA ARG D 422 6.44 82.62 28.19
C ARG D 422 6.39 81.50 29.23
N LEU D 423 5.30 80.72 29.25
CA LEU D 423 5.19 79.62 30.21
C LEU D 423 6.25 78.57 29.95
N LEU D 424 6.37 78.11 28.70
CA LEU D 424 7.43 77.18 28.31
C LEU D 424 8.67 77.99 27.91
N TYR D 425 9.31 78.53 28.94
CA TYR D 425 10.41 79.47 28.74
C TYR D 425 11.58 78.78 28.02
N CYS D 426 12.29 79.55 27.22
CA CYS D 426 13.34 79.03 26.34
C CYS D 426 14.54 78.65 27.19
N MET D 427 14.48 77.45 27.76
CA MET D 427 15.56 76.91 28.58
C MET D 427 15.60 75.40 28.40
N VAL D 428 16.75 74.81 28.74
CA VAL D 428 16.92 73.38 28.67
C VAL D 428 18.16 72.98 29.46
N GLY D 446 9.90 69.32 27.99
CA GLY D 446 9.91 70.69 27.49
C GLY D 446 10.21 70.79 26.01
N MET D 447 11.28 70.10 25.59
CA MET D 447 11.67 70.15 24.17
C MET D 447 10.61 69.48 23.30
N VAL D 448 10.05 68.36 23.74
CA VAL D 448 8.93 67.77 23.02
C VAL D 448 7.73 68.72 23.07
N GLY D 449 7.57 69.45 24.17
CA GLY D 449 6.60 70.53 24.19
C GLY D 449 6.91 71.60 23.16
N LEU D 450 8.19 71.96 23.03
CA LEU D 450 8.58 72.94 22.02
C LEU D 450 8.29 72.45 20.61
N ARG D 451 8.33 71.13 20.39
CA ARG D 451 8.11 70.57 19.05
C ARG D 451 6.74 70.94 18.50
N TYR D 452 5.75 71.13 19.38
CA TYR D 452 4.40 71.47 18.97
C TYR D 452 3.95 72.84 19.45
N VAL D 453 4.70 73.49 20.34
CA VAL D 453 4.45 74.90 20.60
C VAL D 453 4.89 75.73 19.40
N VAL D 454 5.90 75.26 18.68
CA VAL D 454 6.16 75.70 17.30
C VAL D 454 5.77 74.50 16.44
N ALA D 455 5.78 74.67 15.12
CA ALA D 455 5.10 73.80 14.17
C ALA D 455 3.59 73.92 14.27
N VAL D 456 3.12 75.04 14.82
CA VAL D 456 1.71 75.41 14.82
C VAL D 456 1.65 76.92 14.87
N ARG D 457 0.78 77.53 14.06
CA ARG D 457 0.81 78.96 13.82
C ARG D 457 2.19 79.35 13.29
N LYS D 458 2.74 78.50 12.42
CA LYS D 458 4.15 78.61 12.04
C LYS D 458 4.43 79.89 11.27
N ASP D 459 3.57 80.23 10.30
CA ASP D 459 3.82 81.38 9.44
C ASP D 459 3.82 82.70 10.21
N LEU D 460 3.08 82.78 11.31
CA LEU D 460 3.04 84.00 12.12
C LEU D 460 4.14 84.05 13.16
N LEU D 461 4.60 82.89 13.65
CA LEU D 461 5.73 82.88 14.59
C LEU D 461 7.03 83.27 13.90
N LEU D 462 7.15 83.01 12.59
CA LEU D 462 8.37 83.31 11.87
C LEU D 462 8.67 84.79 11.91
N GLN D 463 9.91 85.13 12.27
CA GLN D 463 10.39 86.51 12.34
C GLN D 463 9.66 87.33 13.41
N ASP D 464 9.06 86.68 14.40
CA ASP D 464 8.32 87.37 15.45
C ASP D 464 9.20 87.67 16.66
N GLY D 465 10.35 88.30 16.40
CA GLY D 465 11.18 88.79 17.49
C GLY D 465 11.67 87.71 18.43
N ASP D 466 11.44 87.94 19.73
CA ASP D 466 11.98 87.06 20.76
C ASP D 466 11.37 85.66 20.69
N MET D 467 10.08 85.57 20.36
CA MET D 467 9.40 84.29 20.38
C MET D 467 9.89 83.33 19.31
N ILE D 468 10.69 83.80 18.35
CA ILE D 468 11.39 82.94 17.42
C ILE D 468 12.90 83.00 17.58
N ASP D 469 13.44 84.05 18.23
CA ASP D 469 14.87 84.12 18.47
C ASP D 469 15.31 83.26 19.65
N GLY D 470 14.43 83.06 20.65
CA GLY D 470 14.82 82.28 21.82
C GLY D 470 14.79 80.79 21.60
N VAL D 471 13.93 80.30 20.70
CA VAL D 471 13.82 78.87 20.49
C VAL D 471 15.11 78.32 19.86
N VAL D 472 15.75 79.11 19.00
CA VAL D 472 16.99 78.64 18.41
C VAL D 472 18.08 78.54 19.47
N ARG D 473 18.11 79.49 20.41
CA ARG D 473 19.04 79.40 21.53
C ARG D 473 18.76 78.16 22.37
N CYS D 474 17.48 77.89 22.63
CA CYS D 474 17.13 76.73 23.44
C CYS D 474 17.56 75.43 22.77
N VAL D 475 17.29 75.32 21.46
CA VAL D 475 17.68 74.12 20.72
C VAL D 475 19.19 73.97 20.68
N MET D 476 19.91 75.07 20.45
CA MET D 476 21.37 75.00 20.40
C MET D 476 21.94 74.59 21.75
N GLN D 477 21.36 75.10 22.84
CA GLN D 477 21.79 74.66 24.16
C GLN D 477 21.51 73.17 24.37
N GLY D 478 20.35 72.70 23.91
CA GLY D 478 20.04 71.29 24.02
C GLY D 478 21.01 70.42 23.27
N LEU D 479 21.41 70.86 22.07
CA LEU D 479 22.33 70.07 21.25
C LEU D 479 23.67 69.87 21.95
N GLY D 480 24.15 70.91 22.64
CA GLY D 480 25.41 70.83 23.36
C GLY D 480 25.33 70.25 24.75
N ASP D 481 24.16 69.77 25.17
CA ASP D 481 24.01 69.23 26.51
C ASP D 481 24.71 67.88 26.63
N ILE D 482 24.86 67.43 27.87
CA ILE D 482 25.63 66.21 28.13
C ILE D 482 24.78 64.97 27.85
N ASP D 483 23.56 64.94 28.37
CA ASP D 483 22.74 63.74 28.29
C ASP D 483 22.39 63.39 26.84
N ASP D 484 22.41 62.11 26.54
CA ASP D 484 22.04 61.67 25.19
C ASP D 484 20.55 61.83 24.93
N ASP D 485 19.71 61.71 25.97
CA ASP D 485 18.27 61.79 25.78
C ASP D 485 17.85 63.17 25.28
N VAL D 486 18.33 64.22 25.95
CA VAL D 486 17.94 65.57 25.55
C VAL D 486 18.51 65.91 24.18
N ARG D 487 19.71 65.42 23.87
CA ARG D 487 20.27 65.63 22.54
C ARG D 487 19.40 65.00 21.47
N SER D 488 19.00 63.74 21.68
CA SER D 488 18.16 63.06 20.70
C SER D 488 16.82 63.77 20.54
N VAL D 489 16.22 64.18 21.65
CA VAL D 489 14.92 64.85 21.57
C VAL D 489 15.04 66.18 20.84
N SER D 490 16.09 66.95 21.13
CA SER D 490 16.26 68.23 20.44
C SER D 490 16.51 68.02 18.95
N ALA D 491 17.31 67.02 18.59
CA ALA D 491 17.55 66.75 17.19
C ALA D 491 16.28 66.34 16.47
N ALA D 492 15.46 65.50 17.11
CA ALA D 492 14.19 65.12 16.52
C ALA D 492 13.17 66.25 16.50
N THR D 493 13.34 67.25 17.38
CA THR D 493 12.45 68.41 17.39
C THR D 493 12.81 69.42 16.32
N LEU D 494 14.10 69.55 16.01
CA LEU D 494 14.53 70.52 15.00
C LEU D 494 14.34 70.00 13.58
N ILE D 495 14.43 68.68 13.38
CA ILE D 495 14.40 68.14 12.01
C ILE D 495 13.12 68.47 11.25
N PRO D 496 11.89 68.42 11.85
CA PRO D 496 10.71 68.78 11.05
C PRO D 496 10.58 70.28 10.88
N MET D 497 11.15 71.04 11.81
CA MET D 497 11.16 72.49 11.78
C MET D 497 12.41 73.06 11.13
N ALA D 498 13.28 72.20 10.57
CA ALA D 498 14.53 72.69 10.00
C ALA D 498 14.28 73.65 8.84
N LYS D 499 13.21 73.43 8.07
CA LYS D 499 12.96 74.27 6.90
C LYS D 499 12.71 75.73 7.31
N GLU D 500 11.76 75.95 8.22
CA GLU D 500 11.45 77.31 8.64
C GLU D 500 12.48 77.88 9.61
N PHE D 501 13.18 77.03 10.36
CA PHE D 501 14.28 77.54 11.18
C PHE D 501 15.45 77.98 10.31
N VAL D 502 15.64 77.35 9.16
CA VAL D 502 16.62 77.82 8.18
C VAL D 502 16.13 79.12 7.55
N MET D 503 14.85 79.17 7.18
CA MET D 503 14.31 80.37 6.56
C MET D 503 14.24 81.55 7.53
N MET D 504 14.27 81.29 8.83
CA MET D 504 14.16 82.36 9.81
C MET D 504 15.30 83.37 9.70
N ARG D 505 16.53 82.87 9.53
CA ARG D 505 17.69 83.75 9.38
C ARG D 505 18.76 83.03 8.58
N ARG D 506 19.49 83.81 7.78
CA ARG D 506 20.75 83.31 7.23
C ARG D 506 21.86 83.37 8.27
N SER D 507 21.75 84.29 9.24
CA SER D 507 22.78 84.42 10.26
C SER D 507 22.84 83.20 11.17
N ALA D 508 21.68 82.68 11.58
CA ALA D 508 21.65 81.58 12.52
C ALA D 508 22.24 80.29 11.96
N LEU D 509 22.34 80.18 10.64
CA LEU D 509 22.85 78.94 10.04
C LEU D 509 24.28 78.67 10.45
N ASP D 510 25.12 79.71 10.49
CA ASP D 510 26.52 79.50 10.87
C ASP D 510 26.63 78.87 12.24
N SER D 511 25.98 79.47 13.24
CA SER D 511 26.04 78.92 14.59
C SER D 511 25.40 77.54 14.67
N LEU D 512 24.28 77.34 13.97
CA LEU D 512 23.60 76.04 14.05
C LEU D 512 24.47 74.93 13.50
N ILE D 513 25.01 75.11 12.29
CA ILE D 513 25.83 74.06 11.70
C ILE D 513 27.12 73.89 12.49
N ASN D 514 27.67 74.99 13.04
CA ASN D 514 28.84 74.86 13.89
C ASN D 514 28.57 73.97 15.09
N ILE D 515 27.46 74.21 15.79
CA ILE D 515 27.14 73.41 16.96
C ILE D 515 26.85 71.96 16.57
N VAL D 516 26.17 71.75 15.46
CA VAL D 516 25.84 70.39 15.03
C VAL D 516 27.12 69.61 14.73
N TRP D 517 28.01 70.20 13.93
CA TRP D 517 29.25 69.51 13.60
C TRP D 517 30.15 69.35 14.83
N GLU D 518 30.11 70.30 15.77
CA GLU D 518 30.91 70.15 16.98
C GLU D 518 30.39 69.02 17.85
N SER D 519 29.07 68.92 18.00
CA SER D 519 28.50 67.83 18.78
C SER D 519 28.75 66.48 18.13
N LEU D 520 28.72 66.43 16.80
CA LEU D 520 28.99 65.17 16.12
C LEU D 520 30.46 64.82 16.12
N SER D 521 31.35 65.82 16.21
CA SER D 521 32.78 65.56 16.21
C SER D 521 33.19 64.76 17.43
N ASN D 522 32.65 65.10 18.59
CA ASN D 522 32.93 64.34 19.81
C ASN D 522 32.33 62.94 19.69
N LEU D 523 33.17 61.93 19.79
CA LEU D 523 32.72 60.55 19.69
C LEU D 523 31.82 60.24 20.88
N GLY D 524 30.52 60.09 20.62
CA GLY D 524 29.57 59.87 21.68
C GLY D 524 29.76 58.53 22.37
N ASP D 525 29.02 58.35 23.46
CA ASP D 525 29.09 57.10 24.21
C ASP D 525 28.64 55.94 23.34
N ASP D 526 29.14 54.75 23.66
CA ASP D 526 28.98 53.60 22.79
C ASP D 526 27.51 53.23 22.60
N LEU D 527 26.72 53.33 23.65
CA LEU D 527 25.34 52.84 23.65
C LEU D 527 24.33 53.89 23.22
N SER D 528 24.77 55.05 22.75
CA SER D 528 23.88 56.16 22.45
C SER D 528 23.34 56.04 21.03
N ALA D 529 22.01 56.10 20.89
CA ALA D 529 21.36 56.23 19.60
C ALA D 529 21.19 57.68 19.16
N SER D 530 21.66 58.65 19.94
CA SER D 530 21.44 60.05 19.61
C SER D 530 22.15 60.45 18.33
N THR D 531 23.31 59.86 18.04
CA THR D 531 24.07 60.24 16.86
C THR D 531 23.27 60.02 15.58
N GLY D 532 22.37 59.04 15.58
CA GLY D 532 21.49 58.88 14.44
C GLY D 532 20.60 60.09 14.23
N LYS D 533 20.03 60.61 15.30
CA LYS D 533 19.19 61.80 15.18
C LYS D 533 20.03 63.01 14.77
N ILE D 534 21.25 63.12 15.31
CA ILE D 534 22.11 64.23 14.96
C ILE D 534 22.45 64.20 13.47
N MET D 535 22.74 63.00 12.94
CA MET D 535 23.08 62.89 11.53
C MET D 535 21.87 63.06 10.64
N ASP D 536 20.69 62.64 11.08
CA ASP D 536 19.49 62.95 10.31
C ASP D 536 19.26 64.45 10.24
N LEU D 537 19.46 65.15 11.36
CA LEU D 537 19.39 66.60 11.36
C LEU D 537 20.42 67.20 10.40
N LEU D 538 21.66 66.68 10.43
CA LEU D 538 22.69 67.19 9.55
C LEU D 538 22.32 67.00 8.08
N ALA D 539 21.83 65.80 7.74
CA ALA D 539 21.44 65.53 6.35
C ALA D 539 20.30 66.44 5.92
N THR D 540 19.30 66.64 6.78
CA THR D 540 18.19 67.50 6.41
C THR D 540 18.64 68.95 6.25
N LEU D 541 19.48 69.44 7.15
CA LEU D 541 19.95 70.82 7.04
C LEU D 541 20.77 71.02 5.78
N CYS D 542 21.66 70.06 5.46
CA CYS D 542 22.49 70.21 4.27
C CYS D 542 21.71 70.03 2.98
N SER D 543 20.48 69.53 3.03
CA SER D 543 19.69 69.36 1.82
C SER D 543 19.13 70.66 1.27
N PHE D 544 18.97 71.69 2.11
CA PHE D 544 18.40 72.95 1.64
C PHE D 544 19.47 73.77 0.90
N PRO D 545 19.09 74.52 -0.15
CA PRO D 545 20.13 75.26 -0.91
C PRO D 545 20.82 76.34 -0.10
N GLU D 546 20.08 77.11 0.69
CA GLU D 546 20.71 78.21 1.43
C GLU D 546 21.71 77.71 2.45
N VAL D 547 21.46 76.53 3.04
CA VAL D 547 22.45 75.95 3.95
C VAL D 547 23.71 75.59 3.19
N LEU D 548 23.58 75.08 1.96
CA LEU D 548 24.76 74.80 1.15
C LEU D 548 25.53 76.08 0.84
N GLU D 549 24.81 77.16 0.53
CA GLU D 549 25.47 78.44 0.28
C GLU D 549 26.21 78.92 1.53
N ALA D 550 25.57 78.80 2.69
CA ALA D 550 26.21 79.21 3.93
C ALA D 550 27.44 78.39 4.23
N MET D 551 27.38 77.08 3.98
CA MET D 551 28.53 76.21 4.23
C MET D 551 29.67 76.53 3.28
N LYS D 552 29.35 76.83 2.02
CA LYS D 552 30.40 77.25 1.08
C LYS D 552 31.01 78.58 1.52
N VAL D 553 30.19 79.48 2.04
CA VAL D 553 30.70 80.76 2.53
C VAL D 553 31.57 80.56 3.76
N SER D 554 31.28 79.54 4.57
CA SER D 554 31.95 79.39 5.87
C SER D 554 33.44 79.16 5.69
N ALA D 555 33.83 78.40 4.67
CA ALA D 555 35.24 78.12 4.40
C ALA D 555 35.89 79.31 3.68
N SER D 556 35.86 80.46 4.35
CA SER D 556 36.36 81.70 3.74
C SER D 556 37.87 81.83 3.92
N GLN D 557 38.33 81.89 5.17
CA GLN D 557 39.74 82.09 5.45
C GLN D 557 40.54 80.79 5.41
N ASP D 558 39.87 79.64 5.49
CA ASP D 558 40.57 78.36 5.50
C ASP D 558 39.59 77.27 5.09
N GLU D 559 40.11 76.05 4.96
CA GLU D 559 39.33 74.89 4.57
C GLU D 559 38.81 74.10 5.76
N GLU D 560 38.89 74.64 6.98
CA GLU D 560 38.52 73.86 8.16
C GLU D 560 37.04 73.51 8.15
N ARG D 561 36.18 74.46 7.75
CA ARG D 561 34.75 74.25 7.77
C ARG D 561 34.20 73.73 6.45
N SER D 562 35.07 73.44 5.49
CA SER D 562 34.62 72.86 4.23
C SER D 562 34.16 71.43 4.45
N PHE D 563 33.41 70.91 3.47
CA PHE D 563 32.96 69.53 3.54
C PHE D 563 34.13 68.56 3.59
N THR D 564 35.19 68.86 2.84
CA THR D 564 36.27 67.88 2.65
C THR D 564 36.94 67.54 3.97
N LEU D 565 37.09 68.52 4.86
CA LEU D 565 37.70 68.28 6.16
C LEU D 565 36.70 67.80 7.19
N LEU D 566 35.43 68.14 7.03
CA LEU D 566 34.42 67.86 8.06
C LEU D 566 33.81 66.47 7.93
N VAL D 567 33.33 66.11 6.74
CA VAL D 567 32.53 64.89 6.60
C VAL D 567 33.31 63.62 6.95
N PRO D 568 34.65 63.58 6.94
CA PRO D 568 35.33 62.45 7.61
C PRO D 568 35.00 62.30 9.08
N ARG D 569 34.42 63.31 9.73
CA ARG D 569 33.94 63.12 11.10
C ARG D 569 32.80 62.10 11.17
N LEU D 570 32.13 61.83 10.06
CA LEU D 570 31.11 60.78 10.03
C LEU D 570 31.71 59.39 9.91
N TYR D 571 32.95 59.28 9.42
CA TYR D 571 33.54 57.97 9.19
C TYR D 571 33.68 57.12 10.46
N PRO D 572 34.08 57.67 11.62
CA PRO D 572 34.19 56.82 12.82
C PRO D 572 32.92 56.08 13.18
N PHE D 573 31.76 56.68 12.96
CA PHE D 573 30.50 56.06 13.35
C PHE D 573 30.05 54.96 12.41
N LEU D 574 30.80 54.67 11.34
CA LEU D 574 30.41 53.60 10.42
C LEU D 574 30.35 52.26 11.13
N ARG D 575 31.25 52.03 12.09
CA ARG D 575 31.33 50.78 12.85
C ARG D 575 30.93 50.99 14.30
N HIS D 576 29.89 51.78 14.52
CA HIS D 576 29.33 51.95 15.85
C HIS D 576 28.50 50.73 16.22
N THR D 577 28.39 50.47 17.53
CA THR D 577 27.74 49.25 17.97
C THR D 577 26.25 49.24 17.65
N ILE D 578 25.57 50.37 17.82
CA ILE D 578 24.13 50.43 17.62
C ILE D 578 23.85 50.52 16.13
N THR D 579 22.91 49.70 15.64
CA THR D 579 22.66 49.60 14.21
C THR D 579 22.10 50.90 13.65
N SER D 580 21.32 51.64 14.45
CA SER D 580 20.71 52.87 13.96
C SER D 580 21.77 53.88 13.59
N VAL D 581 22.86 53.95 14.36
CA VAL D 581 23.92 54.90 14.05
C VAL D 581 24.61 54.55 12.74
N ARG D 582 24.87 53.26 12.51
CA ARG D 582 25.50 52.86 11.25
C ARG D 582 24.60 53.19 10.06
N LEU D 583 23.32 52.88 10.17
CA LEU D 583 22.39 53.17 9.08
C LEU D 583 22.29 54.67 8.85
N ALA D 584 22.31 55.46 9.92
CA ALA D 584 22.26 56.91 9.78
C ALA D 584 23.50 57.45 9.09
N VAL D 585 24.68 56.90 9.43
CA VAL D 585 25.90 57.32 8.76
C VAL D 585 25.80 57.07 7.26
N LEU D 586 25.35 55.87 6.89
CA LEU D 586 25.29 55.54 5.47
C LEU D 586 24.28 56.44 4.74
N LYS D 587 23.11 56.67 5.34
CA LYS D 587 22.11 57.51 4.68
C LYS D 587 22.58 58.95 4.55
N ALA D 588 23.22 59.48 5.59
CA ALA D 588 23.75 60.84 5.51
C ALA D 588 24.83 60.95 4.45
N LEU D 589 25.71 59.95 4.36
CA LEU D 589 26.73 59.99 3.32
C LEU D 589 26.12 59.92 1.93
N MET D 590 25.04 59.15 1.77
CA MET D 590 24.38 59.12 0.47
C MET D 590 23.75 60.47 0.13
N THR D 591 23.14 61.11 1.12
CA THR D 591 22.58 62.45 0.90
C THR D 591 23.67 63.43 0.51
N PHE D 592 24.83 63.35 1.17
CA PHE D 592 25.95 64.21 0.81
C PHE D 592 26.47 63.91 -0.59
N ALA D 593 26.54 62.62 -0.95
CA ALA D 593 27.06 62.25 -2.26
C ALA D 593 26.15 62.75 -3.37
N ASN D 594 24.84 62.71 -3.15
CA ASN D 594 23.88 63.17 -4.15
C ASN D 594 23.68 64.69 -4.13
N LEU D 595 24.55 65.45 -3.44
CA LEU D 595 24.41 66.90 -3.44
C LEU D 595 24.79 67.50 -4.79
N GLY D 596 25.89 67.03 -5.39
CA GLY D 596 26.43 67.72 -6.54
C GLY D 596 27.06 69.05 -6.13
N GLY D 597 26.94 70.04 -7.00
CA GLY D 597 27.46 71.36 -6.70
C GLY D 597 28.98 71.47 -6.64
N GLU D 598 29.70 70.48 -7.16
CA GLU D 598 31.16 70.46 -7.24
C GLU D 598 31.84 70.37 -5.88
N THR D 599 31.09 70.11 -4.80
CA THR D 599 31.69 69.89 -3.49
C THR D 599 31.99 68.42 -3.24
N SER D 600 31.24 67.51 -3.87
CA SER D 600 31.41 66.09 -3.60
C SER D 600 32.79 65.61 -4.00
N GLN D 601 33.40 66.22 -5.01
CA GLN D 601 34.73 65.78 -5.47
C GLN D 601 35.79 65.96 -4.40
N GLY D 602 35.55 66.79 -3.39
CA GLY D 602 36.52 66.98 -2.33
C GLY D 602 36.78 65.74 -1.51
N TRP D 603 35.75 65.19 -0.86
CA TRP D 603 35.93 64.08 0.07
C TRP D 603 35.81 62.72 -0.58
N LEU D 604 35.21 62.63 -1.77
CA LEU D 604 35.21 61.35 -2.48
C LEU D 604 36.64 60.99 -2.88
N ASN D 605 37.10 59.86 -2.38
CA ASN D 605 38.47 59.41 -2.59
C ASN D 605 38.53 57.92 -2.28
N GLY D 606 39.73 57.36 -2.26
CA GLY D 606 39.88 55.94 -1.99
C GLY D 606 39.58 55.58 -0.56
N ARG D 607 39.72 56.53 0.36
CA ARG D 607 39.51 56.26 1.79
C ARG D 607 38.09 55.79 2.04
N ILE D 608 37.11 56.56 1.58
CA ILE D 608 35.71 56.21 1.84
C ILE D 608 35.34 54.93 1.11
N LEU D 609 35.88 54.72 -0.09
CA LEU D 609 35.57 53.50 -0.83
C LEU D 609 36.08 52.28 -0.07
N ARG D 610 37.31 52.33 0.42
CA ARG D 610 37.84 51.19 1.16
C ARG D 610 37.05 50.96 2.45
N LEU D 611 36.68 52.04 3.14
CA LEU D 611 35.92 51.87 4.37
C LEU D 611 34.55 51.26 4.09
N ILE D 612 33.91 51.67 3.00
CA ILE D 612 32.61 51.08 2.67
C ILE D 612 32.77 49.62 2.26
N PHE D 613 33.87 49.27 1.58
CA PHE D 613 34.10 47.87 1.25
C PHE D 613 34.30 47.03 2.51
N GLN D 614 35.00 47.58 3.49
CA GLN D 614 35.12 46.91 4.78
C GLN D 614 33.75 46.73 5.42
N ASN D 615 32.91 47.77 5.33
CA ASN D 615 31.54 47.67 5.82
C ASN D 615 30.81 46.50 5.16
N ILE D 616 30.96 46.37 3.84
CA ILE D 616 30.30 45.29 3.12
C ILE D 616 30.79 43.94 3.63
N ILE D 617 32.11 43.81 3.81
CA ILE D 617 32.67 42.51 4.20
C ILE D 617 32.22 42.13 5.60
N VAL D 618 32.24 43.08 6.55
CA VAL D 618 32.10 42.74 7.97
C VAL D 618 30.69 42.93 8.51
N GLU D 619 29.74 43.38 7.70
CA GLU D 619 28.41 43.63 8.20
C GLU D 619 27.63 42.34 8.40
N ARG D 620 26.74 42.35 9.38
CA ARG D 620 25.80 41.27 9.64
C ARG D 620 24.35 41.66 9.45
N ASP D 621 23.98 42.92 9.68
CA ASP D 621 22.60 43.34 9.55
C ASP D 621 22.24 43.54 8.08
N GLN D 622 21.06 43.05 7.70
CA GLN D 622 20.66 43.08 6.30
C GLN D 622 20.46 44.52 5.82
N ASP D 623 19.78 45.34 6.62
CA ASP D 623 19.48 46.70 6.18
C ASP D 623 20.74 47.52 6.02
N THR D 624 21.67 47.43 6.97
CA THR D 624 22.90 48.18 6.86
C THR D 624 23.75 47.67 5.70
N LEU D 625 23.73 46.37 5.44
CA LEU D 625 24.46 45.84 4.28
C LEU D 625 23.88 46.38 2.98
N ASN D 626 22.55 46.40 2.86
CA ASN D 626 21.92 46.93 1.65
C ASN D 626 22.24 48.41 1.47
N MET D 627 22.15 49.19 2.54
CA MET D 627 22.46 50.61 2.44
C MET D 627 23.93 50.83 2.11
N SER D 628 24.80 49.99 2.65
CA SER D 628 26.22 50.09 2.32
C SER D 628 26.46 49.84 0.84
N LEU D 629 25.83 48.82 0.28
CA LEU D 629 26.04 48.53 -1.13
C LEU D 629 25.43 49.62 -2.01
N GLU D 630 24.30 50.19 -1.61
CA GLU D 630 23.72 51.30 -2.35
C GLU D 630 24.65 52.50 -2.34
N LEU D 631 25.20 52.83 -1.17
CA LEU D 631 26.14 53.94 -1.07
C LEU D 631 27.38 53.67 -1.92
N TRP D 632 27.85 52.42 -1.92
CA TRP D 632 28.99 52.07 -2.75
C TRP D 632 28.71 52.30 -4.22
N THR D 633 27.54 51.86 -4.70
CA THR D 633 27.21 52.05 -6.10
C THR D 633 27.11 53.53 -6.44
N THR D 634 26.47 54.31 -5.58
CA THR D 634 26.35 55.75 -5.85
C THR D 634 27.71 56.42 -5.85
N LEU D 635 28.59 56.06 -4.92
CA LEU D 635 29.90 56.68 -4.87
C LEU D 635 30.73 56.32 -6.09
N VAL D 636 30.69 55.05 -6.51
CA VAL D 636 31.45 54.65 -7.69
C VAL D 636 30.91 55.35 -8.93
N ARG D 637 29.59 55.47 -9.06
CA ARG D 637 29.01 56.14 -10.22
C ARG D 637 29.39 57.62 -10.24
N ARG D 638 29.32 58.28 -9.08
CA ARG D 638 29.71 59.69 -9.02
C ARG D 638 31.19 59.86 -9.36
N LEU D 639 32.05 58.96 -8.86
CA LEU D 639 33.47 59.08 -9.13
C LEU D 639 33.79 58.79 -10.59
N ALA D 640 33.01 57.92 -11.24
CA ALA D 640 33.17 57.68 -12.67
C ALA D 640 32.52 58.75 -13.53
N ALA D 641 31.68 59.60 -12.95
CA ALA D 641 31.12 60.70 -13.72
C ALA D 641 32.20 61.71 -14.12
N ARG D 642 33.13 62.00 -13.20
CA ARG D 642 34.22 62.90 -13.53
C ARG D 642 35.10 62.32 -14.63
N ASP D 643 35.66 61.13 -14.40
CA ASP D 643 36.53 60.47 -15.35
C ASP D 643 36.70 59.02 -14.91
N PRO D 644 36.58 58.02 -15.80
CA PRO D 644 36.92 56.66 -15.39
C PRO D 644 38.36 56.50 -14.93
N ALA D 645 39.28 57.30 -15.46
CA ALA D 645 40.67 57.21 -15.01
C ALA D 645 40.81 57.62 -13.55
N ILE D 646 40.04 58.62 -13.12
CA ILE D 646 40.09 59.04 -11.73
C ILE D 646 39.64 57.92 -10.81
N LEU D 647 38.56 57.23 -11.18
CA LEU D 647 38.14 56.06 -10.40
C LEU D 647 39.21 54.98 -10.44
N ALA D 648 39.82 54.75 -11.59
CA ALA D 648 40.76 53.65 -11.74
C ALA D 648 42.02 53.85 -10.90
N ASP D 649 42.52 55.09 -10.82
CA ASP D 649 43.75 55.35 -10.09
C ASP D 649 43.52 55.80 -8.64
N GLU D 650 42.29 56.19 -8.29
CA GLU D 650 42.00 56.50 -6.89
C GLU D 650 41.89 55.23 -6.06
N PHE D 651 41.23 54.21 -6.60
CA PHE D 651 41.08 52.92 -5.93
C PHE D 651 42.24 51.97 -6.19
N GLU D 652 43.20 52.35 -7.03
CA GLU D 652 44.33 51.48 -7.31
C GLU D 652 45.16 51.19 -6.07
N ALA D 653 45.30 52.18 -5.18
CA ALA D 653 46.08 51.98 -3.97
C ALA D 653 45.45 50.91 -3.07
N HIS D 654 44.13 50.74 -3.13
CA HIS D 654 43.40 49.88 -2.21
C HIS D 654 42.89 48.59 -2.83
N ALA D 655 43.03 48.41 -4.14
CA ALA D 655 42.32 47.33 -4.83
C ALA D 655 42.80 45.96 -4.37
N GLU D 656 44.11 45.77 -4.22
CA GLU D 656 44.63 44.43 -3.94
C GLU D 656 44.18 43.91 -2.58
N PRO D 657 44.31 44.65 -1.47
CA PRO D 657 43.81 44.12 -0.19
C PRO D 657 42.32 43.83 -0.20
N MET D 658 41.52 44.66 -0.86
CA MET D 658 40.09 44.39 -0.93
C MET D 658 39.82 43.16 -1.78
N MET D 659 40.66 42.90 -2.79
CA MET D 659 40.52 41.65 -3.53
C MET D 659 40.85 40.45 -2.66
N GLN D 660 41.84 40.61 -1.77
CA GLN D 660 42.13 39.54 -0.82
C GLN D 660 40.94 39.29 0.10
N LEU D 661 40.30 40.36 0.58
CA LEU D 661 39.15 40.19 1.46
C LEU D 661 37.97 39.56 0.73
N ALA D 662 37.69 40.01 -0.49
CA ALA D 662 36.52 39.52 -1.22
C ALA D 662 36.66 38.04 -1.55
N LEU D 663 37.86 37.61 -1.94
CA LEU D 663 38.12 36.24 -2.37
C LEU D 663 38.66 35.39 -1.22
N HIS D 664 38.35 35.75 0.01
CA HIS D 664 38.83 35.01 1.16
C HIS D 664 38.02 33.72 1.35
N PRO D 665 38.64 32.62 1.82
CA PRO D 665 37.85 31.40 2.06
C PRO D 665 36.97 31.47 3.29
N ILE D 666 36.14 30.45 3.47
CA ILE D 666 35.32 30.26 4.67
C ILE D 666 35.65 28.89 5.23
N GLY D 667 35.79 28.81 6.55
CA GLY D 667 36.16 27.58 7.22
C GLY D 667 34.97 26.75 7.65
N VAL D 668 35.20 25.92 8.66
CA VAL D 668 34.18 25.07 9.26
C VAL D 668 33.93 25.64 10.65
N PRO D 669 32.94 25.13 11.41
CA PRO D 669 32.57 25.79 12.67
C PRO D 669 33.70 26.00 13.68
N ARG D 670 34.40 24.94 14.06
CA ARG D 670 35.39 25.02 15.14
C ARG D 670 36.81 25.30 14.65
N HIS D 671 37.04 25.38 13.34
CA HIS D 671 38.37 25.59 12.76
C HIS D 671 38.30 26.75 11.78
N PRO D 672 38.27 27.98 12.26
CA PRO D 672 38.14 29.13 11.36
C PRO D 672 39.40 29.37 10.55
N ILE D 673 39.25 30.22 9.54
CA ILE D 673 40.34 30.62 8.65
C ILE D 673 40.39 32.14 8.68
N PRO D 674 41.00 32.76 9.70
CA PRO D 674 40.84 34.20 9.89
C PRO D 674 41.54 35.02 8.81
N MET D 675 40.93 36.17 8.52
CA MET D 675 41.56 37.18 7.68
C MET D 675 42.64 37.92 8.45
N ASN D 676 43.56 38.51 7.72
CA ASN D 676 44.64 39.29 8.33
C ASN D 676 44.09 40.64 8.77
N PRO D 677 44.21 41.01 10.06
CA PRO D 677 43.70 42.33 10.47
C PRO D 677 44.41 43.50 9.84
N ALA D 678 45.62 43.32 9.31
CA ALA D 678 46.34 44.41 8.68
C ALA D 678 45.66 44.91 7.42
N LEU D 679 44.77 44.12 6.84
CA LEU D 679 44.06 44.53 5.63
C LEU D 679 43.00 45.59 5.90
N PHE D 680 42.50 45.69 7.14
CA PHE D 680 41.45 46.64 7.48
C PHE D 680 42.06 47.94 7.99
N GLN D 681 41.60 49.06 7.46
CA GLN D 681 42.02 50.38 7.92
C GLN D 681 41.10 50.87 9.03
N LYS D 682 41.66 51.69 9.92
CA LYS D 682 40.86 52.40 10.88
C LYS D 682 40.28 53.66 10.24
N PRO D 683 39.23 54.25 10.83
CA PRO D 683 38.72 55.51 10.28
C PRO D 683 39.75 56.63 10.30
N SER D 684 40.68 56.61 11.25
CA SER D 684 41.75 57.60 11.35
C SER D 684 43.08 56.92 11.64
N GLY D 685 43.31 55.77 11.02
CA GLY D 685 44.54 55.02 11.23
C GLY D 685 44.82 54.11 10.07
N GLY D 686 46.10 53.73 9.94
CA GLY D 686 46.52 52.93 8.82
C GLY D 686 46.11 51.47 8.89
N THR D 687 46.07 50.90 10.09
CA THR D 687 45.80 49.48 10.27
C THR D 687 44.85 49.26 11.44
N TYR D 688 43.94 48.30 11.28
CA TYR D 688 43.02 47.92 12.34
C TYR D 688 43.75 47.16 13.44
N VAL D 731 34.86 44.88 17.77
CA VAL D 731 33.44 44.95 17.54
C VAL D 731 33.05 44.07 16.35
N ASP D 732 33.92 44.04 15.34
CA ASP D 732 33.75 43.18 14.17
C ASP D 732 34.71 41.99 14.21
N GLY D 733 35.15 41.59 15.40
CA GLY D 733 36.15 40.54 15.49
C GLY D 733 35.66 39.20 14.99
N HIS D 734 34.38 38.90 15.21
CA HIS D 734 33.86 37.59 14.84
C HIS D 734 33.84 37.40 13.33
N MET D 735 33.41 38.43 12.59
CA MET D 735 33.39 38.32 11.14
C MET D 735 34.80 38.26 10.56
N ILE D 736 35.73 39.01 11.14
CA ILE D 736 37.11 38.98 10.66
C ILE D 736 37.73 37.61 10.90
N GLN D 737 37.53 37.07 12.10
CA GLN D 737 38.11 35.76 12.43
C GLN D 737 37.50 34.64 11.61
N GLY D 738 36.33 34.84 11.02
CA GLY D 738 35.68 33.78 10.28
C GLY D 738 35.07 32.71 11.15
N GLU D 739 34.65 33.06 12.36
CA GLU D 739 34.06 32.11 13.30
C GLU D 739 32.65 31.78 12.84
N VAL D 740 32.51 30.67 12.11
CA VAL D 740 31.21 30.30 11.57
C VAL D 740 30.26 29.86 12.68
N ASP D 741 30.80 29.36 13.80
CA ASP D 741 29.93 28.87 14.86
C ASP D 741 29.24 30.01 15.60
N LEU D 742 29.93 31.16 15.73
CA LEU D 742 29.38 32.30 16.43
C LEU D 742 28.55 33.20 15.52
N VAL D 743 28.93 33.31 14.24
CA VAL D 743 28.17 34.03 13.22
C VAL D 743 27.86 33.03 12.13
N GLY D 744 26.57 32.94 11.77
CA GLY D 744 26.13 31.86 10.90
C GLY D 744 26.77 31.91 9.53
N VAL D 745 26.83 30.74 8.89
CA VAL D 745 27.46 30.61 7.58
C VAL D 745 26.70 31.41 6.54
N ASP D 746 25.39 31.58 6.73
CA ASP D 746 24.62 32.41 5.81
C ASP D 746 25.12 33.84 5.81
N VAL D 747 25.47 34.37 6.97
CA VAL D 747 25.98 35.73 7.06
C VAL D 747 27.29 35.87 6.30
N LEU D 748 28.20 34.90 6.49
CA LEU D 748 29.47 34.94 5.79
C LEU D 748 29.28 34.87 4.28
N ILE D 749 28.41 33.95 3.82
CA ILE D 749 28.19 33.82 2.38
C ILE D 749 27.57 35.09 1.82
N ARG D 750 26.67 35.71 2.60
CA ARG D 750 26.04 36.94 2.12
C ARG D 750 27.05 38.07 2.02
N SER D 751 27.97 38.15 2.97
CA SER D 751 29.04 39.12 2.87
C SER D 751 29.89 38.87 1.64
N ARG D 752 30.17 37.60 1.34
CA ARG D 752 30.96 37.27 0.16
C ARG D 752 30.27 37.70 -1.12
N ILE D 753 28.96 37.42 -1.25
CA ILE D 753 28.28 37.77 -2.49
C ILE D 753 28.16 39.30 -2.61
N SER D 754 27.94 40.00 -1.50
CA SER D 754 27.88 41.45 -1.56
C SER D 754 29.23 42.04 -1.98
N ALA D 755 30.32 41.52 -1.43
CA ALA D 755 31.64 41.97 -1.85
C ALA D 755 31.87 41.67 -3.32
N ALA D 756 31.40 40.52 -3.78
CA ALA D 756 31.55 40.17 -5.19
C ALA D 756 30.82 41.17 -6.07
N LYS D 757 29.60 41.55 -5.68
CA LYS D 757 28.85 42.52 -6.48
C LYS D 757 29.58 43.86 -6.52
N ALA D 758 30.07 44.32 -5.37
CA ALA D 758 30.77 45.61 -5.32
C ALA D 758 32.03 45.57 -6.18
N MET D 759 32.83 44.51 -6.05
CA MET D 759 34.08 44.44 -6.80
C MET D 759 33.82 44.22 -8.29
N GLY D 760 32.78 43.49 -8.65
CA GLY D 760 32.43 43.38 -10.05
C GLY D 760 32.06 44.71 -10.66
N LEU D 761 31.27 45.51 -9.92
CA LEU D 761 30.89 46.82 -10.43
C LEU D 761 32.12 47.72 -10.60
N ILE D 762 33.00 47.73 -9.61
CA ILE D 762 34.16 48.63 -9.71
C ILE D 762 35.14 48.14 -10.77
N MET D 763 35.20 46.82 -11.01
CA MET D 763 35.94 46.32 -12.17
C MET D 763 35.31 46.80 -13.47
N SER D 764 33.98 46.76 -13.56
CA SER D 764 33.31 47.11 -14.80
C SER D 764 33.52 48.57 -15.16
N PHE D 765 33.45 49.46 -14.18
CA PHE D 765 33.57 50.88 -14.50
C PHE D 765 34.97 51.25 -14.99
N ILE D 766 36.01 50.70 -14.36
CA ILE D 766 37.38 51.13 -14.64
C ILE D 766 37.82 50.60 -16.00
N PRO D 767 38.75 51.27 -16.70
CA PRO D 767 39.11 50.83 -18.05
C PRO D 767 39.80 49.47 -18.07
N THR D 768 39.72 48.83 -19.24
CA THR D 768 40.26 47.48 -19.40
C THR D 768 41.78 47.40 -19.18
N PRO D 769 42.62 48.29 -19.69
CA PRO D 769 44.07 48.11 -19.50
C PRO D 769 44.52 48.12 -18.05
N ARG D 770 43.73 48.70 -17.15
CA ARG D 770 44.10 48.77 -15.73
C ARG D 770 43.67 47.53 -14.94
N LEU D 771 43.05 46.55 -15.58
CA LEU D 771 42.47 45.39 -14.89
C LEU D 771 43.45 44.23 -14.75
N ALA D 772 44.75 44.44 -14.98
CA ALA D 772 45.69 43.34 -14.94
C ALA D 772 45.72 42.67 -13.57
N SER D 773 45.87 43.47 -12.50
CA SER D 773 45.91 42.92 -11.16
C SER D 773 44.59 42.25 -10.80
N TYR D 774 43.47 42.89 -11.14
CA TYR D 774 42.16 42.32 -10.85
C TYR D 774 42.00 40.96 -11.53
N ASP D 775 42.26 40.90 -12.84
CA ASP D 775 42.01 39.68 -13.58
C ASP D 775 42.95 38.56 -13.14
N THR D 776 44.22 38.88 -12.88
CA THR D 776 45.13 37.83 -12.44
C THR D 776 44.78 37.36 -11.04
N ALA D 777 44.27 38.25 -10.19
CA ALA D 777 43.82 37.82 -8.86
C ALA D 777 42.68 36.82 -8.97
N VAL D 778 41.66 37.13 -9.76
CA VAL D 778 40.54 36.20 -9.86
C VAL D 778 40.97 34.92 -10.57
N LEU D 779 41.89 35.01 -11.55
CA LEU D 779 42.33 33.82 -12.24
C LEU D 779 43.10 32.89 -11.32
N GLN D 780 43.95 33.46 -10.46
CA GLN D 780 44.64 32.65 -9.46
C GLN D 780 43.65 32.07 -8.44
N ALA D 781 42.61 32.84 -8.10
CA ALA D 781 41.61 32.33 -7.17
C ALA D 781 40.85 31.14 -7.77
N LEU D 782 40.61 31.17 -9.08
CA LEU D 782 39.89 30.08 -9.72
C LEU D 782 40.63 28.75 -9.64
N SER D 783 41.93 28.76 -9.35
CA SER D 783 42.73 27.55 -9.24
C SER D 783 43.22 27.29 -7.80
N SER D 784 42.59 27.92 -6.81
CA SER D 784 43.05 27.82 -5.44
C SER D 784 42.78 26.42 -4.88
N PRO D 785 43.49 26.01 -3.84
CA PRO D 785 43.11 24.77 -3.13
C PRO D 785 41.81 24.88 -2.35
N TYR D 786 41.29 26.08 -2.11
CA TYR D 786 40.05 26.26 -1.38
C TYR D 786 38.85 26.09 -2.29
N ALA D 787 37.69 25.82 -1.67
CA ALA D 787 36.41 25.77 -2.38
C ALA D 787 35.69 27.10 -2.35
N SER D 788 35.75 27.80 -1.22
CA SER D 788 35.04 29.06 -1.08
C SER D 788 35.62 30.15 -1.98
N THR D 789 36.95 30.18 -2.12
CA THR D 789 37.58 31.21 -2.94
C THR D 789 37.20 31.06 -4.41
N GLN D 790 37.10 29.82 -4.88
CA GLN D 790 36.69 29.60 -6.26
C GLN D 790 35.27 30.10 -6.49
N LEU D 791 34.38 29.86 -5.53
CA LEU D 791 33.03 30.36 -5.59
C LEU D 791 33.02 31.89 -5.65
N ALA D 792 33.82 32.53 -4.79
CA ALA D 792 33.86 34.00 -4.79
C ALA D 792 34.39 34.55 -6.10
N ALA D 793 35.42 33.90 -6.66
CA ALA D 793 35.96 34.35 -7.95
C ALA D 793 34.91 34.24 -9.04
N ALA D 794 34.19 33.12 -9.09
CA ALA D 794 33.13 32.98 -10.08
C ALA D 794 32.06 34.04 -9.88
N MET D 795 31.73 34.35 -8.63
CA MET D 795 30.72 35.38 -8.37
C MET D 795 31.19 36.74 -8.87
N VAL D 796 32.46 37.06 -8.64
CA VAL D 796 33.00 38.35 -9.08
C VAL D 796 32.97 38.43 -10.61
N ILE D 797 33.35 37.33 -11.28
CA ILE D 797 33.31 37.31 -12.74
C ILE D 797 31.89 37.51 -13.23
N ASP D 798 30.92 36.83 -12.60
CA ASP D 798 29.53 36.95 -13.02
C ASP D 798 29.02 38.37 -12.85
N GLU D 799 29.33 39.01 -11.73
CA GLU D 799 28.84 40.38 -11.50
C GLU D 799 29.52 41.38 -12.44
N TYR D 800 30.81 41.17 -12.72
CA TYR D 800 31.49 42.01 -13.69
C TYR D 800 30.87 41.86 -15.08
N ALA D 801 30.53 40.63 -15.46
CA ALA D 801 29.85 40.41 -16.73
C ALA D 801 28.50 41.09 -16.74
N LYS D 802 27.75 41.00 -15.64
CA LYS D 802 26.41 41.58 -15.61
C LYS D 802 26.44 43.10 -15.72
N ASN D 803 27.37 43.75 -15.04
CA ASN D 803 27.38 45.21 -15.00
C ASN D 803 28.01 45.85 -16.24
N CYS D 804 28.64 45.07 -17.12
CA CYS D 804 29.30 45.62 -18.28
C CYS D 804 28.31 46.26 -19.25
N SER D 805 28.83 47.12 -20.12
CA SER D 805 27.99 47.74 -21.14
C SER D 805 27.42 46.69 -22.10
N THR D 806 28.25 45.76 -22.55
CA THR D 806 27.83 44.64 -23.37
C THR D 806 28.56 43.39 -22.90
N PRO D 807 27.98 42.20 -23.07
CA PRO D 807 28.63 41.00 -22.52
C PRO D 807 29.96 40.65 -23.16
N GLU D 808 30.24 41.15 -24.38
CA GLU D 808 31.43 40.74 -25.09
C GLU D 808 32.72 41.21 -24.42
N VAL D 809 32.64 42.24 -23.57
CA VAL D 809 33.85 42.80 -22.97
C VAL D 809 34.53 41.76 -22.08
N ALA D 810 33.75 41.03 -21.30
CA ALA D 810 34.28 40.08 -20.33
C ALA D 810 34.66 38.73 -20.93
N SER D 811 34.81 38.64 -22.25
CA SER D 811 35.05 37.36 -22.90
C SER D 811 36.40 36.75 -22.56
N ARG D 812 37.31 37.48 -21.92
CA ARG D 812 38.59 36.89 -21.56
C ARG D 812 38.47 35.85 -20.46
N PHE D 813 37.37 35.88 -19.69
CA PHE D 813 37.13 34.90 -18.64
C PHE D 813 36.35 33.69 -19.14
N ILE D 814 36.32 33.45 -20.45
CA ILE D 814 35.50 32.37 -20.98
C ILE D 814 36.13 31.02 -20.65
N GLU D 815 37.34 30.77 -21.15
CA GLU D 815 37.89 29.42 -21.08
C GLU D 815 38.22 28.95 -19.66
N PRO D 816 38.61 29.80 -18.70
CA PRO D 816 38.74 29.28 -17.33
C PRO D 816 37.44 28.75 -16.78
N LEU D 817 36.31 29.41 -17.06
CA LEU D 817 35.03 28.92 -16.59
C LEU D 817 34.65 27.61 -17.26
N GLN D 818 34.90 27.50 -18.56
CA GLN D 818 34.64 26.22 -19.23
C GLN D 818 35.52 25.13 -18.67
N LYS D 819 36.73 25.47 -18.24
CA LYS D 819 37.57 24.49 -17.56
C LYS D 819 37.00 24.13 -16.19
N ILE D 820 36.35 25.09 -15.53
CA ILE D 820 35.71 24.79 -14.25
C ILE D 820 34.58 23.77 -14.45
N ILE D 821 33.73 23.98 -15.46
CA ILE D 821 32.56 23.13 -15.61
C ILE D 821 32.86 21.84 -16.38
N ASP D 822 33.79 21.86 -17.33
CA ASP D 822 34.03 20.72 -18.21
C ASP D 822 35.06 19.75 -17.63
N LEU D 823 36.26 20.25 -17.35
CA LEU D 823 37.31 19.40 -16.80
C LEU D 823 36.91 18.87 -15.43
N GLU D 824 37.43 17.69 -15.10
CA GLU D 824 37.10 17.05 -13.83
C GLU D 824 37.54 17.93 -12.66
N ARG D 825 36.76 17.90 -11.59
CA ARG D 825 37.01 18.75 -10.45
C ARG D 825 38.19 18.20 -9.63
N PRO D 826 38.82 19.05 -8.81
CA PRO D 826 39.90 18.54 -7.96
C PRO D 826 39.41 17.48 -6.98
N SER D 827 40.32 16.56 -6.65
CA SER D 827 39.99 15.47 -5.73
C SER D 827 39.78 15.94 -4.30
N HIS D 828 40.19 17.16 -3.96
CA HIS D 828 40.15 17.61 -2.57
C HIS D 828 40.04 19.13 -2.53
N TYR D 829 39.71 19.63 -1.35
CA TYR D 829 39.71 21.06 -1.06
C TYR D 829 40.27 21.27 0.33
N ARG D 830 40.91 22.43 0.53
CA ARG D 830 41.52 22.72 1.82
C ARG D 830 40.48 22.92 2.93
N ASP D 831 39.23 23.21 2.57
CA ASP D 831 38.20 23.37 3.57
C ASP D 831 37.77 22.05 4.19
N LEU D 832 37.98 20.93 3.50
CA LEU D 832 37.56 19.61 3.94
C LEU D 832 38.68 18.82 4.60
N VAL D 833 39.79 19.47 4.93
CA VAL D 833 40.85 18.78 5.65
C VAL D 833 40.35 18.31 7.00
N THR D 834 39.41 19.04 7.60
CA THR D 834 38.82 18.59 8.86
C THR D 834 38.08 17.28 8.67
N TYR D 835 37.30 17.15 7.59
CA TYR D 835 36.60 15.92 7.31
C TYR D 835 37.57 14.77 7.08
N VAL D 836 38.61 15.01 6.28
CA VAL D 836 39.55 13.94 5.98
C VAL D 836 40.32 13.55 7.24
N GLN D 837 40.63 14.50 8.11
CA GLN D 837 41.31 14.19 9.35
C GLN D 837 40.42 13.37 10.28
N ARG D 838 39.12 13.69 10.31
CA ARG D 838 38.17 12.88 11.05
C ARG D 838 38.13 11.45 10.53
N VAL D 839 38.12 11.29 9.20
CA VAL D 839 38.18 9.97 8.59
C VAL D 839 39.46 9.25 9.01
N ARG D 840 40.58 9.97 9.01
CA ARG D 840 41.85 9.37 9.39
C ARG D 840 41.83 8.89 10.83
N SER D 841 41.26 9.68 11.73
CA SER D 841 41.20 9.28 13.13
C SER D 841 40.32 8.05 13.30
N ALA D 842 39.16 8.01 12.63
CA ALA D 842 38.28 6.85 12.75
C ALA D 842 38.95 5.60 12.19
N SER D 843 39.61 5.72 11.03
CA SER D 843 40.29 4.59 10.44
C SER D 843 41.43 4.11 11.34
N GLN D 844 42.16 5.04 11.97
CA GLN D 844 43.22 4.64 12.87
C GLN D 844 42.67 3.91 14.08
N GLN D 845 41.53 4.38 14.59
CA GLN D 845 40.87 3.67 15.69
C GLN D 845 40.55 2.24 15.28
N LEU D 846 39.95 2.07 14.10
CA LEU D 846 39.61 0.74 13.60
C LEU D 846 40.85 -0.14 13.47
N ILE D 847 41.92 0.41 12.90
CA ILE D 847 43.13 -0.39 12.68
C ILE D 847 43.76 -0.78 14.00
N ASN D 848 43.83 0.14 14.96
CA ASN D 848 44.67 -0.01 16.14
C ASN D 848 43.93 -0.60 17.33
N LEU D 849 42.88 0.08 17.80
CA LEU D 849 42.31 -0.28 19.09
C LEU D 849 41.64 -1.64 19.04
N PHE D 850 40.91 -1.93 17.96
CA PHE D 850 40.16 -3.16 17.88
C PHE D 850 41.00 -4.35 17.44
N ARG D 851 42.21 -4.13 16.92
CA ARG D 851 43.15 -5.22 16.73
C ARG D 851 44.02 -5.46 17.96
N ASP D 852 44.24 -4.42 18.77
CA ASP D 852 44.76 -4.66 20.11
C ASP D 852 43.78 -5.49 20.92
N HIS D 853 42.50 -5.17 20.81
CA HIS D 853 41.46 -6.00 21.43
C HIS D 853 41.41 -7.39 20.80
N GLY D 854 41.55 -7.46 19.47
CA GLY D 854 41.49 -8.71 18.74
C GLY D 854 42.76 -9.53 18.73
N LYS D 855 43.83 -9.03 19.34
CA LYS D 855 45.08 -9.78 19.48
C LYS D 855 45.64 -10.21 18.11
N VAL D 856 45.91 -9.20 17.29
CA VAL D 856 46.65 -9.37 16.04
C VAL D 856 48.02 -8.72 16.23
N SER D 857 49.07 -9.46 15.90
CA SER D 857 50.43 -9.00 16.17
C SER D 857 50.76 -7.75 15.36
N GLN D 858 51.84 -7.09 15.77
CA GLN D 858 52.30 -5.90 15.06
C GLN D 858 52.64 -6.24 13.61
N GLY D 859 52.70 -5.20 12.78
CA GLY D 859 52.80 -5.40 11.36
C GLY D 859 51.48 -5.72 10.68
N LYS D 860 50.36 -5.51 11.38
CA LYS D 860 49.05 -5.81 10.79
C LYS D 860 48.81 -4.99 9.54
N LEU D 861 49.17 -3.70 9.56
CA LEU D 861 49.02 -2.84 8.41
C LEU D 861 50.01 -1.69 8.55
N PRO D 862 50.56 -1.16 7.46
CA PRO D 862 51.40 0.03 7.58
C PRO D 862 50.60 1.21 8.11
N THR D 863 51.29 2.07 8.87
CA THR D 863 50.63 3.19 9.51
C THR D 863 50.04 4.13 8.48
N LEU D 864 48.88 4.70 8.80
CA LEU D 864 48.26 5.68 7.92
C LEU D 864 49.15 6.91 7.80
N ALA D 865 49.09 7.54 6.63
CA ALA D 865 49.87 8.75 6.40
C ALA D 865 49.48 9.83 7.40
N VAL D 866 50.49 10.42 8.05
CA VAL D 866 50.22 11.35 9.14
C VAL D 866 49.59 12.63 8.62
N VAL D 867 50.01 13.11 7.45
CA VAL D 867 49.51 14.34 6.87
C VAL D 867 48.36 14.01 5.95
N VAL D 868 47.25 14.72 6.12
CA VAL D 868 46.05 14.48 5.33
C VAL D 868 46.12 15.30 4.06
N GLN D 869 45.43 14.83 3.03
CA GLN D 869 45.42 15.52 1.76
C GLN D 869 44.67 16.85 1.89
N GLY D 870 45.15 17.86 1.16
CA GLY D 870 44.57 19.18 1.18
C GLY D 870 45.30 20.17 2.07
N GLU D 871 46.12 19.69 3.00
CA GLU D 871 46.88 20.57 3.86
C GLU D 871 48.10 21.11 3.11
N PRO D 872 48.64 22.26 3.53
CA PRO D 872 49.88 22.75 2.92
C PRO D 872 51.04 21.83 3.23
N GLU D 873 51.97 21.75 2.27
CA GLU D 873 53.15 20.90 2.39
C GLU D 873 52.77 19.43 2.59
N ALA D 874 51.62 19.03 2.05
CA ALA D 874 51.21 17.63 2.09
C ALA D 874 51.77 16.91 0.87
N GLY D 875 52.46 15.81 1.11
CA GLY D 875 53.10 15.07 0.05
C GLY D 875 52.08 14.37 -0.85
N PRO D 876 52.52 13.89 -2.01
CA PRO D 876 51.58 13.17 -2.89
C PRO D 876 50.99 11.92 -2.27
N GLY D 877 51.66 11.35 -1.27
CA GLY D 877 51.16 10.17 -0.58
C GLY D 877 50.39 10.50 0.67
N ALA D 878 49.82 11.71 0.74
CA ALA D 878 49.04 12.11 1.90
C ALA D 878 47.78 11.26 2.03
N PHE D 879 47.30 11.13 3.25
CA PHE D 879 46.08 10.36 3.51
C PHE D 879 44.91 10.95 2.75
N SER D 880 44.09 10.06 2.16
CA SER D 880 42.95 10.47 1.36
C SER D 880 41.77 9.56 1.66
N ILE D 881 40.61 9.96 1.15
CA ILE D 881 39.40 9.15 1.29
C ILE D 881 39.56 7.81 0.60
N ALA D 882 40.34 7.76 -0.49
CA ALA D 882 40.58 6.49 -1.17
C ALA D 882 41.27 5.49 -0.25
N ASN D 883 42.23 5.98 0.55
CA ASN D 883 42.87 5.11 1.53
C ASN D 883 41.86 4.63 2.57
N ALA D 884 40.90 5.50 2.94
CA ALA D 884 39.87 5.10 3.88
C ALA D 884 39.02 3.97 3.31
N GLU D 885 38.64 4.08 2.04
CA GLU D 885 37.87 3.01 1.40
C GLU D 885 38.68 1.73 1.34
N LYS D 886 39.97 1.85 0.99
CA LYS D 886 40.82 0.67 0.90
C LYS D 886 40.92 -0.03 2.24
N VAL D 887 41.12 0.72 3.32
CA VAL D 887 41.27 0.07 4.62
C VAL D 887 39.94 -0.50 5.09
N VAL D 888 38.83 0.19 4.83
CA VAL D 888 37.56 -0.29 5.35
C VAL D 888 37.02 -1.47 4.55
N ASN D 889 37.53 -1.75 3.34
CA ASN D 889 37.13 -2.95 2.60
C ASN D 889 38.23 -3.99 2.50
N GLU D 890 39.33 -3.66 1.82
CA GLU D 890 40.33 -4.68 1.49
C GLU D 890 41.15 -5.07 2.71
N ASP D 891 41.66 -4.07 3.44
CA ASP D 891 42.43 -4.38 4.63
C ASP D 891 41.54 -4.97 5.72
N PHE D 892 40.26 -4.59 5.75
CA PHE D 892 39.35 -5.21 6.70
C PHE D 892 39.22 -6.70 6.42
N GLU D 893 39.00 -7.07 5.16
CA GLU D 893 38.92 -8.49 4.82
C GLU D 893 40.23 -9.21 5.10
N ARG D 894 41.36 -8.58 4.73
CA ARG D 894 42.66 -9.20 4.95
C ARG D 894 42.91 -9.43 6.43
N LEU D 895 42.66 -8.42 7.26
CA LEU D 895 42.90 -8.54 8.68
C LEU D 895 41.97 -9.58 9.31
N LYS D 896 40.70 -9.63 8.88
CA LYS D 896 39.81 -10.68 9.35
C LYS D 896 40.38 -12.06 9.04
N ARG D 897 40.84 -12.25 7.81
CA ARG D 897 41.45 -13.53 7.45
C ARG D 897 42.70 -13.81 8.26
N LEU D 898 43.43 -12.77 8.65
CA LEU D 898 44.65 -12.95 9.44
C LEU D 898 44.36 -13.26 10.90
N MET D 899 43.17 -12.95 11.41
CA MET D 899 42.88 -13.19 12.81
C MET D 899 42.90 -14.69 13.10
N ALA D 900 43.33 -15.03 14.32
CA ALA D 900 43.35 -16.43 14.72
C ALA D 900 41.92 -16.93 14.89
N PRO D 901 41.66 -18.22 14.63
CA PRO D 901 40.31 -18.74 14.86
C PRO D 901 39.94 -18.65 16.34
N GLY D 902 38.65 -18.43 16.59
CA GLY D 902 38.17 -18.26 17.95
C GLY D 902 38.29 -16.85 18.48
N GLN D 903 39.47 -16.25 18.36
CA GLN D 903 39.62 -14.83 18.69
C GLN D 903 38.82 -13.96 17.74
N ARG D 904 38.69 -14.38 16.48
CA ARG D 904 37.86 -13.66 15.52
C ARG D 904 36.42 -13.59 16.00
N LEU D 905 35.91 -14.70 16.55
CA LEU D 905 34.55 -14.71 17.08
C LEU D 905 34.42 -13.72 18.23
N ILE D 906 35.46 -13.60 19.05
CA ILE D 906 35.41 -12.68 20.18
C ILE D 906 35.42 -11.24 19.69
N ALA D 907 36.19 -10.95 18.65
CA ALA D 907 36.47 -9.58 18.26
C ALA D 907 35.48 -9.01 17.24
N LEU D 908 34.87 -9.85 16.42
CA LEU D 908 34.23 -9.36 15.19
C LEU D 908 33.12 -8.33 15.39
N PRO D 909 32.21 -8.44 16.38
CA PRO D 909 31.12 -7.45 16.45
C PRO D 909 31.58 -6.02 16.66
N GLN D 910 32.60 -5.80 17.50
CA GLN D 910 33.11 -4.44 17.65
C GLN D 910 33.81 -3.99 16.38
N LEU D 911 34.46 -4.91 15.67
CA LEU D 911 35.03 -4.59 14.37
C LEU D 911 33.94 -4.15 13.40
N ASN D 912 32.79 -4.82 13.43
CA ASN D 912 31.69 -4.43 12.55
C ASN D 912 31.18 -3.04 12.90
N GLU D 913 31.02 -2.77 14.20
CA GLU D 913 30.57 -1.44 14.62
C GLU D 913 31.54 -0.36 14.16
N ALA D 914 32.83 -0.60 14.37
CA ALA D 914 33.85 0.37 13.95
C ALA D 914 33.84 0.55 12.43
N ARG D 915 33.67 -0.54 11.69
CA ARG D 915 33.63 -0.44 10.23
C ARG D 915 32.46 0.40 9.77
N GLU D 916 31.28 0.19 10.37
CA GLU D 916 30.11 0.97 9.97
C GLU D 916 30.30 2.44 10.31
N GLN D 917 30.88 2.74 11.47
CA GLN D 917 31.17 4.13 11.81
C GLN D 917 32.13 4.75 10.80
N THR D 918 33.17 4.01 10.41
CA THR D 918 34.14 4.51 9.44
C THR D 918 33.45 4.80 8.10
N VAL D 919 32.57 3.91 7.67
CA VAL D 919 31.86 4.12 6.42
C VAL D 919 30.99 5.37 6.51
N GLU D 920 30.38 5.60 7.69
CA GLU D 920 29.56 6.80 7.86
C GLU D 920 30.40 8.07 7.72
N VAL D 921 31.58 8.08 8.33
CA VAL D 921 32.42 9.28 8.25
C VAL D 921 32.90 9.49 6.81
N ILE D 922 33.23 8.40 6.11
CA ILE D 922 33.64 8.51 4.72
C ILE D 922 32.50 9.10 3.89
N GLU D 923 31.28 8.63 4.12
CA GLU D 923 30.14 9.14 3.38
C GLU D 923 29.92 10.62 3.66
N GLU D 924 30.10 11.05 4.92
CA GLU D 924 29.96 12.46 5.25
C GLU D 924 30.98 13.30 4.49
N ALA D 925 32.24 12.86 4.48
CA ALA D 925 33.28 13.61 3.77
C ALA D 925 32.99 13.69 2.28
N LYS D 926 32.58 12.57 1.69
CA LYS D 926 32.27 12.55 0.26
C LYS D 926 31.10 13.46 -0.06
N ALA D 927 30.08 13.49 0.81
CA ALA D 927 28.94 14.38 0.59
C ALA D 927 29.36 15.84 0.64
N ALA D 928 30.23 16.19 1.60
CA ALA D 928 30.71 17.57 1.67
C ALA D 928 31.47 17.95 0.41
N LYS D 929 32.32 17.06 -0.09
CA LYS D 929 33.05 17.33 -1.33
C LYS D 929 32.09 17.52 -2.49
N GLU D 930 31.07 16.68 -2.58
CA GLU D 930 30.09 16.81 -3.65
C GLU D 930 29.38 18.16 -3.58
N ALA D 931 29.00 18.58 -2.36
CA ALA D 931 28.31 19.87 -2.22
C ALA D 931 29.19 21.03 -2.67
N ARG D 932 30.47 21.02 -2.27
CA ARG D 932 31.35 22.11 -2.68
C ARG D 932 31.56 22.12 -4.19
N ASP D 933 31.76 20.94 -4.78
CA ASP D 933 31.92 20.88 -6.24
C ASP D 933 30.68 21.39 -6.94
N ALA D 934 29.50 21.00 -6.47
CA ALA D 934 28.26 21.45 -7.11
C ALA D 934 28.11 22.97 -7.00
N ARG D 935 28.45 23.55 -5.85
CA ARG D 935 28.33 24.99 -5.70
C ARG D 935 29.28 25.73 -6.63
N ILE D 936 30.53 25.26 -6.73
CA ILE D 936 31.49 25.91 -7.62
C ILE D 936 31.02 25.80 -9.07
N LYS D 937 30.54 24.61 -9.47
CA LYS D 937 30.05 24.43 -10.83
C LYS D 937 28.87 25.34 -11.12
N ALA D 938 27.96 25.48 -10.16
CA ALA D 938 26.81 26.34 -10.36
C ALA D 938 27.23 27.78 -10.55
N ALA D 939 28.17 28.25 -9.74
CA ALA D 939 28.65 29.62 -9.89
C ALA D 939 29.31 29.84 -11.24
N ALA D 940 30.14 28.88 -11.66
CA ALA D 940 30.77 28.99 -12.97
C ALA D 940 29.75 29.02 -14.10
N ALA D 941 28.71 28.17 -14.00
CA ALA D 941 27.67 28.15 -15.00
C ALA D 941 26.91 29.47 -15.03
N CYS D 942 26.66 30.05 -13.86
CA CYS D 942 26.00 31.35 -13.81
C CYS D 942 26.85 32.41 -14.49
N ALA D 943 28.17 32.35 -14.27
CA ALA D 943 29.06 33.29 -14.95
C ALA D 943 29.01 33.12 -16.46
N LEU D 944 29.02 31.86 -16.93
CA LEU D 944 29.02 31.61 -18.37
C LEU D 944 27.72 32.07 -19.01
N VAL D 945 26.58 31.80 -18.38
CA VAL D 945 25.32 32.27 -18.95
C VAL D 945 25.23 33.78 -18.87
N ALA D 946 25.84 34.39 -17.84
CA ALA D 946 25.75 35.84 -17.68
C ALA D 946 26.38 36.58 -18.85
N MET D 947 27.55 36.11 -19.31
CA MET D 947 28.22 36.72 -20.45
C MET D 947 27.68 36.24 -21.80
N LYS D 948 26.50 35.61 -21.80
CA LYS D 948 25.74 35.33 -23.02
C LYS D 948 26.38 34.21 -23.86
N VAL D 949 26.96 33.22 -23.21
CA VAL D 949 27.50 32.05 -23.89
C VAL D 949 26.40 31.02 -24.05
N LEU D 950 26.30 30.47 -25.26
CA LEU D 950 25.27 29.49 -25.62
C LEU D 950 25.97 28.32 -26.30
N PRO D 951 26.50 27.36 -25.54
CA PRO D 951 27.31 26.31 -26.16
C PRO D 951 26.48 25.44 -27.10
N LYS D 952 27.14 24.97 -28.16
CA LYS D 952 26.47 24.10 -29.12
C LYS D 952 26.02 22.79 -28.50
N LYS D 953 26.71 22.34 -27.45
CA LYS D 953 26.49 21.05 -26.80
C LYS D 953 26.25 21.29 -25.32
N PRO D 954 25.07 21.82 -24.93
CA PRO D 954 24.84 22.22 -23.53
C PRO D 954 24.50 21.05 -22.62
N SER D 955 25.44 20.12 -22.47
CA SER D 955 25.24 18.96 -21.60
C SER D 955 25.47 19.30 -20.12
N PRO D 956 26.62 19.85 -19.71
CA PRO D 956 26.91 19.98 -18.28
C PRO D 956 26.38 21.25 -17.63
N LEU D 957 26.22 22.31 -18.44
CA LEU D 957 25.82 23.61 -17.91
C LEU D 957 24.44 23.53 -17.26
N ILE D 958 23.46 23.00 -17.99
CA ILE D 958 22.12 22.88 -17.46
C ILE D 958 22.10 21.91 -16.27
N LYS D 959 22.93 20.87 -16.32
CA LYS D 959 23.00 19.93 -15.20
C LYS D 959 23.43 20.64 -13.93
N ALA D 960 24.50 21.42 -14.00
CA ALA D 960 24.98 22.14 -12.83
C ALA D 960 23.92 23.12 -12.31
N ILE D 961 23.30 23.87 -13.22
CA ILE D 961 22.34 24.87 -12.78
C ILE D 961 21.13 24.21 -12.11
N MET D 962 20.63 23.13 -12.71
CA MET D 962 19.49 22.46 -12.11
C MET D 962 19.86 21.78 -10.79
N ASP D 963 21.10 21.29 -10.67
CA ASP D 963 21.55 20.76 -9.39
C ASP D 963 21.53 21.85 -8.32
N SER D 964 21.88 23.08 -8.70
CA SER D 964 21.82 24.19 -7.76
C SER D 964 20.41 24.74 -7.56
N ILE D 965 19.46 24.35 -8.39
CA ILE D 965 18.05 24.63 -8.09
C ILE D 965 17.46 23.57 -7.16
N LYS D 966 17.92 22.32 -7.28
CA LYS D 966 17.37 21.26 -6.44
C LYS D 966 17.92 21.33 -5.02
N THR D 967 19.24 21.17 -4.86
CA THR D 967 19.85 20.86 -3.57
C THR D 967 20.59 22.06 -2.97
N GLU D 968 20.12 23.27 -3.21
CA GLU D 968 20.75 24.49 -2.70
C GLU D 968 20.03 24.93 -1.43
N GLU D 969 20.67 24.73 -0.29
CA GLU D 969 20.10 25.18 0.98
C GLU D 969 20.22 26.69 1.13
N ASN D 970 21.20 27.31 0.49
CA ASN D 970 21.43 28.74 0.62
C ASN D 970 20.47 29.49 -0.31
N GLN D 971 19.65 30.36 0.27
CA GLN D 971 18.59 31.00 -0.50
C GLN D 971 19.15 31.92 -1.57
N GLU D 972 20.22 32.65 -1.27
CA GLU D 972 20.74 33.65 -2.19
C GLU D 972 21.26 33.00 -3.47
N LEU D 973 22.07 31.95 -3.32
CA LEU D 973 22.61 31.27 -4.49
C LEU D 973 21.50 30.59 -5.28
N GLN D 974 20.47 30.09 -4.60
CA GLN D 974 19.34 29.50 -5.28
C GLN D 974 18.59 30.53 -6.12
N SER D 975 18.41 31.74 -5.57
CA SER D 975 17.76 32.80 -6.34
C SER D 975 18.61 33.19 -7.54
N ARG D 976 19.93 33.23 -7.36
CA ARG D 976 20.82 33.54 -8.48
C ARG D 976 20.70 32.49 -9.58
N SER D 977 20.66 31.21 -9.22
CA SER D 977 20.49 30.16 -10.21
C SER D 977 19.12 30.24 -10.89
N ALA D 978 18.10 30.63 -10.13
CA ALA D 978 16.78 30.83 -10.71
C ALA D 978 16.82 31.89 -11.79
N ALA D 979 17.46 33.02 -11.49
CA ALA D 979 17.62 34.06 -12.51
C ALA D 979 18.44 33.56 -13.69
N THR D 980 19.43 32.71 -13.42
CA THR D 980 20.24 32.15 -14.49
C THR D 980 19.39 31.34 -15.46
N ILE D 981 18.52 30.47 -14.95
CA ILE D 981 17.66 29.69 -15.82
C ILE D 981 16.67 30.59 -16.55
N ALA D 982 16.11 31.58 -15.86
CA ALA D 982 15.17 32.47 -16.51
C ALA D 982 15.79 33.22 -17.68
N ARG D 983 17.08 33.57 -17.57
CA ARG D 983 17.75 34.21 -18.68
C ARG D 983 18.17 33.21 -19.75
N LEU D 984 18.56 32.00 -19.36
CA LEU D 984 18.96 30.99 -20.34
C LEU D 984 17.79 30.64 -21.26
N VAL D 985 16.59 30.49 -20.71
CA VAL D 985 15.43 30.16 -21.54
C VAL D 985 15.18 31.26 -22.57
N GLN D 986 15.26 32.52 -22.13
CA GLN D 986 15.04 33.63 -23.06
C GLN D 986 16.10 33.64 -24.15
N LEU D 987 17.36 33.41 -23.79
CA LEU D 987 18.42 33.41 -24.79
C LEU D 987 18.23 32.29 -25.80
N PHE D 988 17.85 31.10 -25.34
CA PHE D 988 17.59 30.01 -26.28
C PHE D 988 16.36 30.28 -27.15
N THR D 989 15.33 30.92 -26.60
CA THR D 989 14.19 31.29 -27.41
C THR D 989 14.58 32.25 -28.52
N GLU D 990 15.45 33.22 -28.20
CA GLU D 990 15.93 34.14 -29.23
C GLU D 990 16.85 33.44 -30.22
N SER D 991 17.58 32.42 -29.77
CA SER D 991 18.47 31.69 -30.68
C SER D 991 17.68 30.82 -31.65
N GLY D 992 16.50 30.35 -31.25
CA GLY D 992 15.64 29.53 -32.08
C GLY D 992 15.67 28.05 -31.74
N ARG D 993 16.78 27.56 -31.18
CA ARG D 993 16.82 26.17 -30.75
C ARG D 993 15.97 26.01 -29.49
N ARG D 994 15.28 24.87 -29.40
CA ARG D 994 14.21 24.70 -28.42
C ARG D 994 14.21 23.36 -27.71
N GLY D 995 15.09 22.42 -28.06
CA GLY D 995 15.12 21.13 -27.42
C GLY D 995 15.41 21.25 -25.93
N PRO D 996 16.63 21.70 -25.59
CA PRO D 996 16.95 21.90 -24.17
C PRO D 996 16.04 22.90 -23.48
N ALA D 997 15.55 23.91 -24.19
CA ALA D 997 14.62 24.86 -23.59
C ALA D 997 13.37 24.16 -23.09
N GLU D 998 12.76 23.35 -23.95
CA GLU D 998 11.58 22.60 -23.54
C GLU D 998 11.92 21.58 -22.46
N LYS D 999 13.10 20.98 -22.53
CA LYS D 999 13.48 20.00 -21.50
C LYS D 999 13.58 20.65 -20.13
N VAL D 1000 14.23 21.81 -20.04
CA VAL D 1000 14.38 22.46 -18.75
C VAL D 1000 13.03 23.01 -18.28
N VAL D 1001 12.18 23.46 -19.19
CA VAL D 1001 10.85 23.91 -18.76
C VAL D 1001 10.07 22.74 -18.16
N ALA D 1002 10.15 21.57 -18.79
CA ALA D 1002 9.51 20.39 -18.24
C ALA D 1002 10.09 20.03 -16.87
N ASN D 1003 11.41 20.12 -16.73
CA ASN D 1003 12.03 19.78 -15.44
C ASN D 1003 11.65 20.78 -14.36
N LEU D 1004 11.54 22.06 -14.70
CA LEU D 1004 11.09 23.06 -13.74
C LEU D 1004 9.67 22.78 -13.29
N VAL D 1005 8.79 22.48 -14.24
CA VAL D 1005 7.40 22.16 -13.88
C VAL D 1005 7.35 20.91 -13.03
N LYS D 1006 8.27 19.96 -13.28
CA LYS D 1006 8.33 18.76 -12.43
C LYS D 1006 8.74 19.12 -11.01
N PHE D 1007 9.83 19.88 -10.85
CA PHE D 1007 10.32 20.19 -9.52
C PHE D 1007 9.35 21.08 -8.75
N SER D 1008 8.56 21.90 -9.43
CA SER D 1008 7.62 22.77 -8.74
C SER D 1008 6.55 21.98 -7.98
N CYS D 1009 6.34 20.71 -8.32
CA CYS D 1009 5.26 19.91 -7.77
C CYS D 1009 5.77 18.82 -6.82
N VAL D 1010 7.00 18.95 -6.31
CA VAL D 1010 7.57 17.88 -5.49
C VAL D 1010 7.06 17.96 -4.05
N GLU D 1011 6.71 19.15 -3.56
CA GLU D 1011 6.33 19.29 -2.16
C GLU D 1011 4.98 18.63 -1.90
N VAL D 1012 4.93 17.81 -0.86
CA VAL D 1012 3.71 17.07 -0.55
C VAL D 1012 2.61 18.02 -0.11
N ALA D 1013 2.94 19.03 0.71
CA ALA D 1013 1.94 19.92 1.24
C ALA D 1013 1.27 20.77 0.16
N GLU D 1014 1.93 20.97 -0.98
CA GLU D 1014 1.38 21.75 -2.09
C GLU D 1014 0.75 20.88 -3.17
N THR D 1015 1.18 19.62 -3.28
CA THR D 1015 0.58 18.67 -4.20
C THR D 1015 0.80 17.27 -3.64
N PRO D 1016 -0.23 16.56 -3.19
CA PRO D 1016 -0.01 15.31 -2.48
C PRO D 1016 0.32 14.17 -3.43
N GLU D 1017 0.84 13.09 -2.86
CA GLU D 1017 1.13 11.89 -3.63
C GLU D 1017 -0.17 11.14 -3.89
N PHE D 1018 -0.56 11.09 -5.17
CA PHE D 1018 -1.79 10.40 -5.57
C PHE D 1018 -1.87 8.95 -5.13
N PRO D 1019 -0.81 8.13 -5.20
CA PRO D 1019 -0.94 6.72 -4.79
C PRO D 1019 -1.44 6.52 -3.37
N ILE D 1020 -1.32 7.53 -2.50
CA ILE D 1020 -1.82 7.42 -1.13
C ILE D 1020 -3.31 7.76 -1.05
N HIS D 1021 -3.73 8.81 -1.75
CA HIS D 1021 -5.09 9.31 -1.67
C HIS D 1021 -6.00 8.75 -2.76
N ALA D 1022 -5.51 7.78 -3.55
CA ALA D 1022 -6.35 7.16 -4.57
C ALA D 1022 -7.50 6.37 -3.96
N HIS D 1023 -7.39 5.97 -2.69
CA HIS D 1023 -8.37 5.10 -2.05
C HIS D 1023 -9.38 5.87 -1.20
N LYS D 1024 -9.33 7.20 -1.21
CA LYS D 1024 -10.20 8.03 -0.38
C LYS D 1024 -11.25 8.70 -1.26
N THR D 1025 -12.51 8.59 -0.84
CA THR D 1025 -13.64 9.16 -1.57
C THR D 1025 -14.58 9.83 -0.59
N ASN D 1026 -15.11 10.99 -0.99
CA ASN D 1026 -16.08 11.74 -0.18
C ASN D 1026 -15.53 12.08 1.19
N VAL D 1027 -14.26 12.50 1.24
CA VAL D 1027 -13.62 13.00 2.45
C VAL D 1027 -13.03 14.36 2.13
N ILE D 1028 -13.16 15.29 3.07
CA ILE D 1028 -12.56 16.61 2.92
C ILE D 1028 -11.07 16.49 3.24
N LEU D 1029 -10.24 16.61 2.22
CA LEU D 1029 -8.79 16.48 2.42
C LEU D 1029 -8.26 17.56 3.34
N SER D 1030 -8.90 18.73 3.36
CA SER D 1030 -8.40 19.86 4.13
C SER D 1030 -8.42 19.60 5.63
N MET D 1031 -9.18 18.62 6.09
CA MET D 1031 -9.27 18.32 7.52
C MET D 1031 -8.27 17.28 7.99
N GLN D 1032 -7.78 16.42 7.11
CA GLN D 1032 -6.86 15.36 7.50
C GLN D 1032 -5.52 15.94 7.91
N TYR D 1046 12.66 10.27 7.13
CA TYR D 1046 11.51 10.92 6.51
C TYR D 1046 11.49 12.40 6.83
N ALA D 1047 11.90 12.75 8.06
CA ALA D 1047 11.98 14.15 8.44
C ALA D 1047 12.99 14.90 7.59
N ARG D 1048 14.05 14.22 7.13
CA ARG D 1048 15.05 14.87 6.30
C ARG D 1048 14.46 15.28 4.94
N GLU D 1049 13.67 14.40 4.33
CA GLU D 1049 13.17 14.65 2.98
C GLU D 1049 12.20 15.84 2.95
N ALA D 1050 11.54 16.11 4.07
CA ALA D 1050 10.59 17.22 4.11
C ALA D 1050 11.26 18.54 3.79
N LYS D 1051 12.52 18.72 4.21
CA LYS D 1051 13.24 19.95 3.88
C LYS D 1051 13.63 19.98 2.42
N ALA D 1052 14.10 18.85 1.88
CA ALA D 1052 14.54 18.82 0.49
C ALA D 1052 13.41 19.14 -0.46
N ALA D 1053 12.21 18.63 -0.18
CA ALA D 1053 11.09 18.87 -1.08
C ALA D 1053 10.74 20.36 -1.12
N ARG D 1054 10.70 21.00 0.04
CA ARG D 1054 10.27 22.40 0.07
C ARG D 1054 11.36 23.33 -0.47
N ILE D 1055 12.63 23.03 -0.25
CA ILE D 1055 13.66 23.89 -0.85
C ILE D 1055 13.66 23.75 -2.38
N THR D 1056 13.47 22.53 -2.88
CA THR D 1056 13.39 22.36 -4.34
C THR D 1056 12.19 23.09 -4.90
N ARG D 1057 11.05 23.02 -4.23
CA ARG D 1057 9.86 23.71 -4.71
C ARG D 1057 10.03 25.22 -4.64
N ARG D 1058 10.71 25.72 -3.60
CA ARG D 1058 11.03 27.14 -3.50
C ARG D 1058 11.85 27.60 -4.69
N GLY D 1059 12.92 26.86 -5.00
CA GLY D 1059 13.77 27.24 -6.11
C GLY D 1059 13.02 27.22 -7.44
N ALA D 1060 12.24 26.16 -7.68
CA ALA D 1060 11.51 26.08 -8.94
C ALA D 1060 10.50 27.21 -9.05
N LYS D 1061 9.80 27.52 -7.96
CA LYS D 1061 8.79 28.57 -8.01
C LYS D 1061 9.42 29.94 -8.28
N GLU D 1062 10.56 30.23 -7.65
CA GLU D 1062 11.23 31.50 -7.94
C GLU D 1062 11.69 31.55 -9.39
N ALA D 1063 12.22 30.44 -9.91
CA ALA D 1063 12.61 30.40 -11.32
C ALA D 1063 11.42 30.69 -12.23
N LEU D 1064 10.28 30.05 -11.97
CA LEU D 1064 9.12 30.26 -12.82
C LEU D 1064 8.61 31.69 -12.72
N GLU D 1065 8.65 32.28 -11.52
CA GLU D 1065 8.20 33.67 -11.37
C GLU D 1065 9.07 34.62 -12.18
N ILE D 1066 10.39 34.46 -12.09
CA ILE D 1066 11.28 35.35 -12.85
C ILE D 1066 11.09 35.13 -14.34
N LEU D 1067 10.85 33.88 -14.76
CA LEU D 1067 10.61 33.59 -16.17
C LEU D 1067 9.38 34.34 -16.67
N SER D 1068 8.30 34.29 -15.89
CA SER D 1068 7.08 34.98 -16.30
C SER D 1068 7.29 36.49 -16.34
N LYS D 1069 7.99 37.05 -15.35
CA LYS D 1069 8.23 38.49 -15.35
C LYS D 1069 9.08 38.89 -16.55
N ASN D 1070 10.05 38.06 -16.92
CA ASN D 1070 10.85 38.34 -18.11
C ASN D 1070 9.98 38.37 -19.35
N PHE D 1071 9.19 37.31 -19.56
CA PHE D 1071 8.50 37.18 -20.84
C PHE D 1071 7.31 38.13 -20.96
N GLY D 1072 6.71 38.54 -19.84
CA GLY D 1072 5.63 39.51 -19.93
C GLY D 1072 4.40 38.95 -20.63
N ALA D 1073 3.88 39.71 -21.58
CA ALA D 1073 2.65 39.32 -22.26
C ALA D 1073 2.82 38.08 -23.11
N GLU D 1074 4.02 37.88 -23.67
CA GLU D 1074 4.21 36.92 -24.75
C GLU D 1074 4.48 35.50 -24.25
N LEU D 1075 4.42 35.27 -22.93
CA LEU D 1075 4.81 33.97 -22.40
C LEU D 1075 3.95 32.85 -22.98
N LEU D 1076 2.65 33.08 -23.13
CA LEU D 1076 1.78 32.06 -23.70
C LEU D 1076 2.07 31.78 -25.16
N GLU D 1077 2.80 32.67 -25.84
CA GLU D 1077 3.22 32.44 -27.22
C GLU D 1077 4.60 31.78 -27.31
N ARG D 1078 5.55 32.22 -26.48
CA ARG D 1078 6.93 31.79 -26.67
C ARG D 1078 7.14 30.33 -26.29
N VAL D 1079 6.61 29.90 -25.15
CA VAL D 1079 6.87 28.58 -24.58
C VAL D 1079 5.55 27.80 -24.57
N PRO D 1080 5.36 26.78 -25.42
CA PRO D 1080 4.13 25.97 -25.33
C PRO D 1080 4.21 24.71 -24.48
N THR D 1081 5.39 24.25 -24.08
CA THR D 1081 5.47 23.02 -23.29
C THR D 1081 4.79 23.18 -21.94
N LEU D 1082 4.98 24.34 -21.31
CA LEU D 1082 4.25 24.67 -20.09
C LEU D 1082 2.74 24.57 -20.31
N ARG D 1083 2.28 25.01 -21.49
CA ARG D 1083 0.86 24.95 -21.80
C ARG D 1083 0.36 23.51 -21.80
N THR D 1084 1.12 22.60 -22.42
CA THR D 1084 0.73 21.21 -22.44
C THR D 1084 0.68 20.62 -21.04
N PHE D 1085 1.72 20.89 -20.24
CA PHE D 1085 1.75 20.41 -18.86
C PHE D 1085 0.54 20.89 -18.09
N MET D 1086 0.20 22.17 -18.21
CA MET D 1086 -0.92 22.72 -17.45
C MET D 1086 -2.26 22.20 -17.95
N GLU D 1087 -2.39 21.96 -19.26
CA GLU D 1087 -3.70 21.88 -19.90
C GLU D 1087 -4.12 20.48 -20.34
N GLU D 1088 -3.19 19.56 -20.61
CA GLU D 1088 -3.61 18.29 -21.22
C GLU D 1088 -4.54 17.46 -20.34
N PRO D 1089 -4.42 17.40 -19.01
CA PRO D 1089 -5.47 16.73 -18.24
C PRO D 1089 -6.74 17.57 -18.08
N LEU D 1090 -6.72 18.85 -18.44
CA LEU D 1090 -7.91 19.69 -18.30
C LEU D 1090 -8.85 19.53 -19.48
N VAL D 1091 -8.31 19.55 -20.71
CA VAL D 1091 -9.16 19.28 -21.87
C VAL D 1091 -9.50 17.79 -21.94
N ARG D 1092 -8.56 16.94 -21.53
CA ARG D 1092 -8.92 15.57 -21.19
C ARG D 1092 -9.84 15.61 -19.97
N ALA D 1093 -10.63 14.55 -19.80
CA ALA D 1093 -11.60 14.40 -18.72
C ALA D 1093 -12.75 15.39 -18.84
N PHE D 1094 -12.90 16.06 -19.98
CA PHE D 1094 -14.01 16.97 -20.21
C PHE D 1094 -15.22 16.20 -20.74
N SER D 1095 -16.39 16.82 -20.61
CA SER D 1095 -17.65 16.21 -21.04
C SER D 1095 -17.90 14.89 -20.30
N GLY D 1096 -17.49 14.85 -19.03
CA GLY D 1096 -17.65 13.66 -18.23
C GLY D 1096 -16.63 12.58 -18.48
N ASP D 1097 -15.61 12.84 -19.29
CA ASP D 1097 -14.64 11.82 -19.61
C ASP D 1097 -13.88 11.39 -18.35
N LEU D 1098 -13.61 10.10 -18.26
CA LEU D 1098 -12.95 9.52 -17.10
C LEU D 1098 -12.26 8.22 -17.50
N PRO D 1099 -10.95 8.22 -17.75
CA PRO D 1099 -10.24 6.95 -17.94
C PRO D 1099 -10.36 6.09 -16.70
N PRO D 1100 -10.59 4.78 -16.84
CA PRO D 1100 -10.53 3.92 -15.65
C PRO D 1100 -9.18 3.94 -14.96
N GLU D 1101 -8.10 4.13 -15.72
CA GLU D 1101 -6.77 4.20 -15.13
C GLU D 1101 -6.55 5.47 -14.32
N ALA D 1102 -7.44 6.47 -14.43
CA ALA D 1102 -7.33 7.65 -13.60
C ALA D 1102 -7.49 7.30 -12.12
N ARG D 1103 -8.22 6.22 -11.82
CA ARG D 1103 -8.40 5.75 -10.46
C ARG D 1103 -7.39 4.66 -10.08
N ASP D 1104 -6.42 4.36 -10.96
CA ASP D 1104 -5.48 3.29 -10.70
C ASP D 1104 -4.29 3.85 -9.92
N PRO D 1105 -3.99 3.32 -8.73
CA PRO D 1105 -2.80 3.82 -8.00
C PRO D 1105 -1.48 3.64 -8.74
N GLU D 1106 -1.36 2.61 -9.58
CA GLU D 1106 -0.11 2.34 -10.28
C GLU D 1106 0.01 3.04 -11.62
N ASN D 1107 -1.03 3.77 -12.05
CA ASN D 1107 -0.94 4.55 -13.27
C ASN D 1107 -0.39 5.94 -12.95
N ALA D 1108 0.66 6.34 -13.67
CA ALA D 1108 1.31 7.61 -13.40
C ALA D 1108 0.42 8.81 -13.69
N PHE D 1109 -0.59 8.65 -14.54
CA PHE D 1109 -1.42 9.80 -14.89
C PHE D 1109 -2.25 10.30 -13.71
N GLY D 1110 -2.54 9.43 -12.74
CA GLY D 1110 -3.25 9.89 -11.55
C GLY D 1110 -2.44 10.89 -10.75
N GLN D 1111 -1.12 10.78 -10.79
CA GLN D 1111 -0.25 11.79 -10.18
C GLN D 1111 -0.02 12.96 -11.15
N GLU D 1112 0.06 12.67 -12.44
CA GLU D 1112 0.30 13.71 -13.42
C GLU D 1112 -0.84 14.72 -13.47
N ILE D 1113 -2.07 14.28 -13.18
CA ILE D 1113 -3.20 15.20 -13.18
C ILE D 1113 -3.00 16.29 -12.13
N VAL D 1114 -2.69 15.90 -10.89
CA VAL D 1114 -2.51 16.88 -9.83
C VAL D 1114 -1.22 17.67 -10.04
N ASP D 1115 -0.18 17.03 -10.57
CA ASP D 1115 1.03 17.76 -10.89
C ASP D 1115 0.76 18.85 -11.92
N ALA D 1116 -0.10 18.56 -12.90
CA ALA D 1116 -0.50 19.56 -13.87
C ALA D 1116 -1.30 20.67 -13.20
N MET D 1117 -2.28 20.31 -12.37
CA MET D 1117 -3.18 21.32 -11.83
C MET D 1117 -2.52 22.18 -10.76
N SER D 1118 -1.37 21.76 -10.21
CA SER D 1118 -0.67 22.61 -9.26
C SER D 1118 -0.08 23.85 -9.92
N VAL D 1119 0.30 23.76 -11.20
CA VAL D 1119 1.03 24.84 -11.85
C VAL D 1119 0.16 26.07 -12.00
N ILE D 1120 -1.15 25.90 -12.18
CA ILE D 1120 -2.04 27.05 -12.29
C ILE D 1120 -1.95 27.91 -11.03
N ARG D 1121 -2.09 27.28 -9.86
CA ARG D 1121 -1.93 28.03 -8.61
C ARG D 1121 -0.52 28.58 -8.48
N THR D 1122 0.48 27.79 -8.86
CA THR D 1122 1.87 28.22 -8.66
C THR D 1122 2.20 29.46 -9.48
N MET D 1123 1.59 29.62 -10.66
CA MET D 1123 2.04 30.63 -11.62
C MET D 1123 1.06 31.76 -11.89
N THR D 1124 -0.25 31.54 -11.75
CA THR D 1124 -1.22 32.58 -12.13
C THR D 1124 -1.02 33.93 -11.45
N PRO D 1125 -0.74 34.03 -10.14
CA PRO D 1125 -0.59 35.38 -9.55
C PRO D 1125 0.54 36.20 -10.15
N THR D 1126 1.56 35.56 -10.72
CA THR D 1126 2.71 36.28 -11.28
C THR D 1126 2.62 36.45 -12.80
N LEU D 1127 1.57 35.96 -13.45
CA LEU D 1127 1.44 36.14 -14.89
C LEU D 1127 1.08 37.58 -15.22
N HIS D 1128 1.23 37.93 -16.49
CA HIS D 1128 0.86 39.24 -16.97
C HIS D 1128 -0.65 39.36 -17.09
N PRO D 1129 -1.22 40.57 -17.01
CA PRO D 1129 -2.67 40.69 -17.28
C PRO D 1129 -3.09 40.26 -18.67
N ALA D 1130 -2.17 40.24 -19.64
CA ALA D 1130 -2.51 39.77 -20.98
C ALA D 1130 -2.91 38.29 -20.98
N LEU D 1131 -2.45 37.52 -20.00
CA LEU D 1131 -2.83 36.12 -19.87
C LEU D 1131 -4.04 35.90 -18.96
N HIS D 1132 -4.59 36.96 -18.36
CA HIS D 1132 -5.84 36.81 -17.62
C HIS D 1132 -6.96 36.25 -18.47
N PRO D 1133 -7.15 36.65 -19.73
CA PRO D 1133 -8.13 35.94 -20.58
C PRO D 1133 -7.89 34.46 -20.70
N PHE D 1134 -6.64 34.00 -20.71
CA PHE D 1134 -6.38 32.56 -20.80
C PHE D 1134 -6.93 31.83 -19.57
N VAL D 1135 -6.62 32.34 -18.38
CA VAL D 1135 -7.12 31.70 -17.16
C VAL D 1135 -8.62 31.84 -17.07
N MET D 1136 -9.18 32.96 -17.53
CA MET D 1136 -10.63 33.12 -17.52
C MET D 1136 -11.29 32.09 -18.43
N GLN D 1137 -10.73 31.86 -19.62
CA GLN D 1137 -11.27 30.85 -20.53
C GLN D 1137 -11.12 29.46 -19.95
N GLN D 1138 -10.09 29.22 -19.13
CA GLN D 1138 -9.91 27.93 -18.48
C GLN D 1138 -10.71 27.77 -17.19
N VAL D 1139 -11.29 28.86 -16.66
CA VAL D 1139 -12.11 28.74 -15.45
C VAL D 1139 -13.27 27.77 -15.65
N PRO D 1140 -13.95 27.73 -16.80
CA PRO D 1140 -14.95 26.67 -17.01
C PRO D 1140 -14.42 25.25 -16.82
N LEU D 1141 -13.13 25.01 -17.04
CA LEU D 1141 -12.58 23.69 -16.74
C LEU D 1141 -12.37 23.51 -15.23
N VAL D 1142 -11.90 24.57 -14.55
CA VAL D 1142 -11.59 24.44 -13.14
C VAL D 1142 -12.87 24.28 -12.32
N ILE D 1143 -13.92 25.00 -12.69
CA ILE D 1143 -15.19 24.89 -11.99
C ILE D 1143 -15.77 23.48 -12.13
N LYS D 1144 -15.66 22.90 -13.33
CA LYS D 1144 -16.11 21.52 -13.52
C LYS D 1144 -15.24 20.55 -12.74
N ALA D 1145 -13.95 20.84 -12.62
CA ALA D 1145 -13.10 20.05 -11.73
C ALA D 1145 -13.57 20.17 -10.29
N LEU D 1146 -14.11 21.32 -9.91
CA LEU D 1146 -14.63 21.51 -8.57
C LEU D 1146 -15.94 20.77 -8.36
N ARG D 1147 -16.73 20.60 -9.41
CA ARG D 1147 -17.95 19.80 -9.32
C ARG D 1147 -17.70 18.31 -9.53
N SER D 1148 -16.48 17.91 -9.88
CA SER D 1148 -16.21 16.52 -10.20
C SER D 1148 -16.22 15.65 -8.95
N ASP D 1149 -16.55 14.37 -9.14
CA ASP D 1149 -16.63 13.41 -8.05
C ASP D 1149 -15.26 12.91 -7.59
N LEU D 1150 -14.18 13.35 -8.22
CA LEU D 1150 -12.84 13.02 -7.76
C LEU D 1150 -12.44 13.99 -6.66
N SER D 1151 -12.05 13.45 -5.50
CA SER D 1151 -11.77 14.29 -4.34
C SER D 1151 -10.59 15.23 -4.60
N VAL D 1152 -9.51 14.71 -5.19
CA VAL D 1152 -8.36 15.55 -5.47
C VAL D 1152 -8.69 16.60 -6.52
N PHE D 1153 -9.55 16.26 -7.47
CA PHE D 1153 -10.03 17.26 -8.43
C PHE D 1153 -10.69 18.42 -7.69
N ARG D 1154 -11.56 18.11 -6.73
CA ARG D 1154 -12.23 19.17 -5.98
C ARG D 1154 -11.24 19.95 -5.12
N TYR D 1155 -10.27 19.26 -4.52
CA TYR D 1155 -9.25 19.94 -3.71
C TYR D 1155 -8.47 20.94 -4.55
N MET D 1156 -7.92 20.48 -5.67
CA MET D 1156 -7.12 21.35 -6.51
C MET D 1156 -7.96 22.43 -7.14
N ALA D 1157 -9.21 22.12 -7.49
CA ALA D 1157 -10.08 23.13 -8.07
C ALA D 1157 -10.43 24.20 -7.04
N ALA D 1158 -10.62 23.81 -5.78
CA ALA D 1158 -10.86 24.78 -4.73
C ALA D 1158 -9.66 25.70 -4.57
N LYS D 1159 -8.45 25.13 -4.52
CA LYS D 1159 -7.24 25.94 -4.42
C LYS D 1159 -7.10 26.89 -5.60
N CYS D 1160 -7.28 26.37 -6.82
CA CYS D 1160 -7.07 27.17 -8.01
C CYS D 1160 -8.15 28.25 -8.14
N MET D 1161 -9.40 27.93 -7.82
CA MET D 1161 -10.45 28.93 -7.85
C MET D 1161 -10.20 30.02 -6.81
N ALA D 1162 -9.71 29.63 -5.63
CA ALA D 1162 -9.37 30.62 -4.63
C ALA D 1162 -8.31 31.58 -5.16
N THR D 1163 -7.25 31.04 -5.78
CA THR D 1163 -6.21 31.90 -6.31
C THR D 1163 -6.74 32.79 -7.44
N ILE D 1164 -7.51 32.22 -8.36
CA ILE D 1164 -8.00 32.96 -9.51
C ILE D 1164 -8.91 34.09 -9.06
N CYS D 1165 -9.80 33.82 -8.09
CA CYS D 1165 -10.64 34.86 -7.53
C CYS D 1165 -9.83 35.87 -6.71
N SER D 1166 -8.66 35.47 -6.19
CA SER D 1166 -7.80 36.44 -5.55
C SER D 1166 -7.26 37.44 -6.56
N VAL D 1167 -6.79 36.94 -7.70
CA VAL D 1167 -6.02 37.77 -8.65
C VAL D 1167 -6.87 38.25 -9.82
N ILE D 1168 -7.61 37.37 -10.48
CA ILE D 1168 -8.62 37.77 -11.47
C ILE D 1168 -9.92 37.87 -10.69
N THR D 1169 -10.13 39.02 -10.05
CA THR D 1169 -11.13 39.10 -8.99
C THR D 1169 -12.54 39.07 -9.55
N VAL D 1170 -12.88 40.02 -10.42
CA VAL D 1170 -14.28 40.19 -10.80
C VAL D 1170 -14.77 38.99 -11.60
N ASP D 1171 -13.98 38.53 -12.57
CA ASP D 1171 -14.41 37.41 -13.40
C ASP D 1171 -14.53 36.13 -12.58
N GLY D 1172 -13.52 35.86 -11.75
CA GLY D 1172 -13.55 34.65 -10.93
C GLY D 1172 -14.71 34.65 -9.95
N MET D 1173 -14.98 35.80 -9.33
CA MET D 1173 -16.09 35.86 -8.39
C MET D 1173 -17.44 35.81 -9.11
N THR D 1174 -17.52 36.35 -10.32
CA THR D 1174 -18.72 36.16 -11.12
C THR D 1174 -18.95 34.67 -11.38
N ALA D 1175 -17.90 33.96 -11.76
CA ALA D 1175 -18.03 32.52 -11.99
C ALA D 1175 -18.45 31.81 -10.71
N LEU D 1176 -17.87 32.18 -9.58
CA LEU D 1176 -18.19 31.55 -8.31
C LEU D 1176 -19.65 31.75 -7.93
N VAL D 1177 -20.10 33.01 -7.93
CA VAL D 1177 -21.47 33.29 -7.50
C VAL D 1177 -22.50 32.75 -8.49
N GLU D 1178 -22.16 32.69 -9.79
CA GLU D 1178 -23.14 32.30 -10.78
C GLU D 1178 -23.17 30.80 -11.07
N LYS D 1179 -22.09 30.07 -10.78
CA LYS D 1179 -22.02 28.66 -11.16
C LYS D 1179 -21.36 27.77 -10.11
N VAL D 1180 -21.22 28.22 -8.86
CA VAL D 1180 -20.77 27.35 -7.77
C VAL D 1180 -21.75 27.42 -6.60
N LEU D 1181 -21.99 28.64 -6.10
CA LEU D 1181 -22.89 28.80 -4.97
C LEU D 1181 -24.30 28.28 -5.23
N PRO D 1182 -24.88 28.40 -6.44
CA PRO D 1182 -26.17 27.72 -6.68
C PRO D 1182 -26.13 26.23 -6.44
N SER D 1183 -24.98 25.58 -6.66
CA SER D 1183 -24.88 24.14 -6.50
C SER D 1183 -24.68 23.70 -5.05
N ILE D 1184 -24.57 24.64 -4.11
CA ILE D 1184 -24.26 24.28 -2.73
C ILE D 1184 -25.40 23.53 -2.06
N ASN D 1185 -26.62 23.65 -2.56
CA ASN D 1185 -27.80 23.09 -1.92
C ASN D 1185 -28.25 21.76 -2.50
N ASN D 1186 -27.48 21.16 -3.41
CA ASN D 1186 -27.91 19.92 -4.05
C ASN D 1186 -27.93 18.79 -3.02
N PRO D 1187 -29.07 18.10 -2.81
CA PRO D 1187 -29.08 17.03 -1.80
C PRO D 1187 -28.31 15.80 -2.23
N LEU D 1188 -28.54 15.32 -3.46
CA LEU D 1188 -27.94 14.06 -3.88
C LEU D 1188 -26.46 14.20 -4.23
N ASP D 1189 -26.07 15.31 -4.83
CA ASP D 1189 -24.68 15.50 -5.28
C ASP D 1189 -23.84 15.95 -4.10
N LEU D 1190 -23.34 14.97 -3.34
CA LEU D 1190 -22.47 15.30 -2.21
C LEU D 1190 -21.17 15.93 -2.68
N SER D 1191 -20.67 15.51 -3.85
CA SER D 1191 -19.45 16.09 -4.39
C SER D 1191 -19.63 17.58 -4.64
N PHE D 1192 -20.80 17.97 -5.17
CA PHE D 1192 -21.04 19.38 -5.46
C PHE D 1192 -20.92 20.22 -4.20
N ARG D 1193 -21.63 19.81 -3.14
CA ARG D 1193 -21.57 20.55 -1.87
C ARG D 1193 -20.16 20.54 -1.29
N GLN D 1194 -19.49 19.39 -1.32
CA GLN D 1194 -18.16 19.28 -0.71
C GLN D 1194 -17.17 20.22 -1.39
N GLY D 1195 -17.07 20.15 -2.72
CA GLY D 1195 -16.19 21.04 -3.42
C GLY D 1195 -16.58 22.50 -3.27
N ALA D 1196 -17.90 22.77 -3.30
CA ALA D 1196 -18.37 24.15 -3.22
C ALA D 1196 -18.26 24.74 -1.83
N ILE D 1197 -17.94 23.94 -0.81
CA ILE D 1197 -17.67 24.49 0.52
C ILE D 1197 -16.16 24.60 0.72
N GLU D 1198 -15.40 23.65 0.17
CA GLU D 1198 -13.95 23.76 0.28
C GLU D 1198 -13.41 24.94 -0.52
N VAL D 1199 -14.07 25.29 -1.63
CA VAL D 1199 -13.69 26.48 -2.37
C VAL D 1199 -13.87 27.72 -1.52
N ILE D 1200 -14.95 27.77 -0.72
CA ILE D 1200 -15.17 28.93 0.12
C ILE D 1200 -14.12 28.98 1.22
N TYR D 1201 -13.81 27.83 1.80
CA TYR D 1201 -12.76 27.74 2.82
C TYR D 1201 -11.46 28.35 2.31
N HIS D 1202 -11.00 27.89 1.16
CA HIS D 1202 -9.72 28.38 0.65
C HIS D 1202 -9.83 29.80 0.12
N LEU D 1203 -10.99 30.20 -0.40
CA LEU D 1203 -11.17 31.57 -0.85
C LEU D 1203 -11.02 32.54 0.29
N ILE D 1204 -11.67 32.27 1.43
CA ILE D 1204 -11.49 33.12 2.60
C ILE D 1204 -10.03 33.10 3.04
N ALA D 1205 -9.42 31.91 3.11
CA ALA D 1205 -8.08 31.80 3.67
C ALA D 1205 -7.06 32.57 2.83
N VAL D 1206 -7.23 32.59 1.52
CA VAL D 1206 -6.28 33.30 0.66
C VAL D 1206 -6.61 34.78 0.55
N MET D 1207 -7.89 35.15 0.41
CA MET D 1207 -8.21 36.56 0.17
C MET D 1207 -8.12 37.40 1.43
N GLY D 1208 -8.43 36.85 2.60
CA GLY D 1208 -8.30 37.63 3.82
C GLY D 1208 -9.24 38.81 3.83
N ASP D 1209 -8.67 40.01 3.96
CA ASP D 1209 -9.47 41.22 4.07
C ASP D 1209 -10.17 41.58 2.77
N ALA D 1210 -9.68 41.10 1.62
CA ALA D 1210 -10.27 41.43 0.33
C ALA D 1210 -11.66 40.83 0.13
N ILE D 1211 -12.08 39.90 0.99
CA ILE D 1211 -13.37 39.22 0.82
C ILE D 1211 -14.54 40.00 1.36
N LEU D 1212 -14.33 41.25 1.79
CA LEU D 1212 -15.43 42.03 2.38
C LEU D 1212 -16.63 42.20 1.45
N PRO D 1213 -16.48 42.62 0.20
CA PRO D 1213 -17.68 42.87 -0.62
C PRO D 1213 -18.46 41.61 -0.98
N TYR D 1214 -17.90 40.41 -0.79
CA TYR D 1214 -18.53 39.17 -1.19
C TYR D 1214 -19.03 38.33 -0.03
N VAL D 1215 -18.90 38.79 1.22
CA VAL D 1215 -19.47 38.06 2.33
C VAL D 1215 -20.98 37.97 2.20
N ILE D 1216 -21.60 38.96 1.54
CA ILE D 1216 -23.05 38.90 1.35
C ILE D 1216 -23.42 37.71 0.47
N PHE D 1217 -22.58 37.36 -0.50
CA PHE D 1217 -22.81 36.15 -1.28
C PHE D 1217 -22.47 34.91 -0.47
N LEU D 1218 -21.40 34.96 0.30
CA LEU D 1218 -20.87 33.74 0.93
C LEU D 1218 -21.61 33.34 2.21
N ILE D 1219 -22.37 34.25 2.82
CA ILE D 1219 -22.84 34.00 4.18
C ILE D 1219 -23.91 32.92 4.23
N VAL D 1220 -24.90 32.96 3.33
CA VAL D 1220 -26.07 32.09 3.42
C VAL D 1220 -25.69 30.63 3.19
N PRO D 1221 -24.89 30.30 2.18
CA PRO D 1221 -24.43 28.91 2.04
C PRO D 1221 -23.76 28.34 3.29
N VAL D 1222 -22.90 29.11 3.94
CA VAL D 1222 -22.22 28.59 5.13
C VAL D 1222 -23.21 28.39 6.27
N LEU D 1223 -24.15 29.33 6.43
CA LEU D 1223 -25.19 29.19 7.45
C LEU D 1223 -25.99 27.92 7.22
N GLY D 1224 -26.37 27.66 5.97
CA GLY D 1224 -27.12 26.45 5.67
C GLY D 1224 -26.31 25.19 5.92
N ARG D 1225 -25.04 25.20 5.53
CA ARG D 1225 -24.23 24.00 5.58
C ARG D 1225 -23.63 23.73 6.95
N MET D 1226 -23.73 24.66 7.90
CA MET D 1226 -23.34 24.34 9.27
C MET D 1226 -24.15 23.20 9.83
N SER D 1227 -25.40 23.06 9.40
CA SER D 1227 -26.30 21.99 9.86
C SER D 1227 -26.51 20.94 8.77
N ASP D 1228 -25.50 20.70 7.94
CA ASP D 1228 -25.63 19.73 6.87
C ASP D 1228 -25.45 18.31 7.41
N SER D 1229 -25.90 17.34 6.61
CA SER D 1229 -25.82 15.94 7.03
C SER D 1229 -24.38 15.46 7.13
N ASP D 1230 -23.54 15.86 6.18
CA ASP D 1230 -22.15 15.39 6.16
C ASP D 1230 -21.35 16.05 7.28
N ASN D 1231 -20.49 15.26 7.91
CA ASN D 1231 -19.80 15.74 9.12
C ASN D 1231 -18.73 16.77 8.77
N GLN D 1232 -17.92 16.49 7.74
CA GLN D 1232 -16.80 17.36 7.44
C GLN D 1232 -17.25 18.66 6.76
N ILE D 1233 -18.33 18.60 5.98
CA ILE D 1233 -18.94 19.83 5.48
C ILE D 1233 -19.36 20.70 6.64
N ARG D 1234 -19.97 20.10 7.68
CA ARG D 1234 -20.35 20.87 8.86
C ARG D 1234 -19.14 21.48 9.53
N LEU D 1235 -18.05 20.72 9.67
CA LEU D 1235 -16.87 21.24 10.36
C LEU D 1235 -16.27 22.44 9.62
N ILE D 1236 -16.04 22.30 8.32
CA ILE D 1236 -15.40 23.40 7.61
C ILE D 1236 -16.36 24.57 7.45
N ALA D 1237 -17.67 24.30 7.38
CA ALA D 1237 -18.64 25.39 7.36
C ALA D 1237 -18.61 26.17 8.67
N THR D 1238 -18.45 25.47 9.79
CA THR D 1238 -18.31 26.16 11.07
C THR D 1238 -17.07 27.03 11.10
N THR D 1239 -15.94 26.51 10.61
CA THR D 1239 -14.72 27.30 10.57
C THR D 1239 -14.90 28.55 9.71
N SER D 1240 -15.52 28.40 8.54
CA SER D 1240 -15.74 29.55 7.67
C SER D 1240 -16.70 30.55 8.30
N PHE D 1241 -17.72 30.08 9.00
CA PHE D 1241 -18.69 30.98 9.61
C PHE D 1241 -18.06 31.79 10.72
N ALA D 1242 -17.11 31.17 11.45
CA ALA D 1242 -16.39 31.91 12.49
C ALA D 1242 -15.72 33.16 11.94
N THR D 1243 -15.31 33.14 10.67
CA THR D 1243 -14.72 34.32 10.03
C THR D 1243 -15.79 35.22 9.42
N LEU D 1244 -16.80 34.65 8.78
CA LEU D 1244 -17.76 35.48 8.05
C LEU D 1244 -18.66 36.29 8.97
N VAL D 1245 -19.05 35.71 10.12
CA VAL D 1245 -19.98 36.41 11.01
C VAL D 1245 -19.37 37.70 11.54
N LYS D 1246 -18.07 37.70 11.79
CA LYS D 1246 -17.41 38.89 12.30
C LYS D 1246 -17.46 40.03 11.31
N LEU D 1247 -17.48 39.72 10.01
CA LEU D 1247 -17.49 40.72 8.96
C LEU D 1247 -18.89 41.06 8.44
N VAL D 1248 -19.89 40.27 8.78
CA VAL D 1248 -21.27 40.53 8.34
C VAL D 1248 -21.73 41.95 8.68
N PRO D 1249 -21.43 42.50 9.87
CA PRO D 1249 -21.91 43.87 10.17
C PRO D 1249 -21.40 44.93 9.21
N LEU D 1250 -20.26 44.72 8.56
CA LEU D 1250 -19.70 45.72 7.67
C LEU D 1250 -20.27 45.67 6.26
N GLU D 1251 -20.94 44.58 5.88
CA GLU D 1251 -21.31 44.36 4.48
C GLU D 1251 -22.31 45.38 3.98
N ALA D 1252 -23.07 46.03 4.87
CA ALA D 1252 -24.12 46.95 4.44
C ALA D 1252 -23.59 48.22 3.80
N GLY D 1253 -22.30 48.50 3.87
CA GLY D 1253 -21.76 49.76 3.39
C GLY D 1253 -20.39 49.69 2.75
N ILE D 1254 -19.96 48.50 2.36
CA ILE D 1254 -18.67 48.40 1.65
C ILE D 1254 -18.82 49.06 0.28
N PRO D 1255 -17.91 49.95 -0.14
CA PRO D 1255 -18.04 50.50 -1.49
C PRO D 1255 -17.95 49.41 -2.56
N ASP D 1256 -18.78 49.53 -3.58
CA ASP D 1256 -18.80 48.53 -4.63
C ASP D 1256 -17.48 48.52 -5.38
N PRO D 1257 -16.91 47.35 -5.70
CA PRO D 1257 -15.74 47.34 -6.57
C PRO D 1257 -16.06 47.95 -7.92
N PRO D 1258 -15.12 48.67 -8.55
CA PRO D 1258 -15.48 49.43 -9.75
C PRO D 1258 -15.93 48.57 -10.93
N GLY D 1259 -15.38 47.38 -11.09
CA GLY D 1259 -15.57 46.60 -12.29
C GLY D 1259 -16.66 45.54 -12.25
N LEU D 1260 -17.54 45.56 -11.26
CA LEU D 1260 -18.52 44.49 -11.11
C LEU D 1260 -19.43 44.40 -12.33
N SER D 1261 -19.60 43.19 -12.85
CA SER D 1261 -20.51 42.96 -13.95
C SER D 1261 -21.95 43.18 -13.49
N GLU D 1262 -22.83 43.40 -14.46
CA GLU D 1262 -24.24 43.63 -14.15
C GLU D 1262 -24.84 42.47 -13.39
N GLU D 1263 -24.41 41.24 -13.71
CA GLU D 1263 -24.88 40.08 -12.97
C GLU D 1263 -24.48 40.16 -11.50
N LEU D 1264 -23.30 40.71 -11.21
CA LEU D 1264 -22.87 40.79 -9.82
C LEU D 1264 -23.63 41.88 -9.07
N LEU D 1265 -23.94 43.00 -9.73
CA LEU D 1265 -24.76 44.02 -9.07
C LEU D 1265 -26.14 43.47 -8.76
N LYS D 1266 -26.75 42.78 -9.73
CA LYS D 1266 -28.05 42.16 -9.48
C LYS D 1266 -27.97 41.13 -8.37
N GLY D 1267 -26.89 40.34 -8.35
CA GLY D 1267 -26.71 39.37 -7.29
C GLY D 1267 -26.61 40.02 -5.92
N ARG D 1268 -25.84 41.11 -5.83
CA ARG D 1268 -25.71 41.81 -4.56
C ARG D 1268 -27.06 42.37 -4.11
N ASP D 1269 -27.83 42.92 -5.05
CA ASP D 1269 -29.14 43.48 -4.68
C ASP D 1269 -30.07 42.39 -4.16
N ARG D 1270 -30.15 41.26 -4.88
CA ARG D 1270 -31.08 40.22 -4.45
C ARG D 1270 -30.63 39.57 -3.16
N GLU D 1271 -29.32 39.41 -2.97
CA GLU D 1271 -28.84 38.88 -1.70
C GLU D 1271 -29.10 39.85 -0.55
N ARG D 1272 -29.03 41.15 -0.81
CA ARG D 1272 -29.38 42.13 0.21
C ARG D 1272 -30.83 41.97 0.62
N THR D 1273 -31.74 41.87 -0.36
CA THR D 1273 -33.15 41.68 -0.02
C THR D 1273 -33.38 40.34 0.67
N PHE D 1274 -32.58 39.33 0.33
CA PHE D 1274 -32.71 38.02 0.97
C PHE D 1274 -32.34 38.09 2.45
N ILE D 1275 -31.18 38.68 2.76
CA ILE D 1275 -30.71 38.72 4.14
C ILE D 1275 -31.51 39.72 4.97
N ALA D 1276 -32.11 40.72 4.33
CA ALA D 1276 -32.80 41.76 5.09
C ALA D 1276 -33.96 41.20 5.92
N GLN D 1277 -34.62 40.15 5.43
CA GLN D 1277 -35.69 39.53 6.21
C GLN D 1277 -35.15 38.70 7.37
N LEU D 1278 -33.97 38.11 7.22
CA LEU D 1278 -33.38 37.35 8.32
C LEU D 1278 -32.90 38.28 9.43
N LEU D 1279 -32.21 39.35 9.07
CA LEU D 1279 -31.59 40.23 10.05
C LEU D 1279 -32.49 41.36 10.52
N ASP D 1280 -33.75 41.41 10.07
CA ASP D 1280 -34.72 42.38 10.51
C ASP D 1280 -35.96 41.66 11.06
N PRO D 1281 -36.59 42.16 12.14
CA PRO D 1281 -37.81 41.49 12.61
C PRO D 1281 -38.96 41.49 11.62
N LYS D 1282 -38.95 42.37 10.62
CA LYS D 1282 -40.03 42.40 9.65
C LYS D 1282 -40.07 41.08 8.86
N LYS D 1283 -41.28 40.64 8.53
CA LYS D 1283 -41.47 39.36 7.86
C LYS D 1283 -42.58 39.50 6.81
N ILE D 1284 -42.65 38.49 5.95
CA ILE D 1284 -43.47 38.54 4.76
C ILE D 1284 -44.74 37.71 4.97
N GLU D 1285 -45.68 37.84 4.05
CA GLU D 1285 -46.85 36.97 4.02
C GLU D 1285 -46.38 35.53 3.82
N PRO D 1286 -47.01 34.53 4.45
CA PRO D 1286 -46.43 33.18 4.45
C PRO D 1286 -46.40 32.54 3.07
N PHE D 1287 -45.58 31.50 2.98
CA PHE D 1287 -45.43 30.71 1.77
C PHE D 1287 -46.60 29.74 1.64
N LYS D 1288 -47.28 29.79 0.50
CA LYS D 1288 -48.37 28.86 0.22
C LYS D 1288 -48.50 28.69 -1.29
N ILE D 1289 -49.01 27.54 -1.69
CA ILE D 1289 -49.31 27.23 -3.09
C ILE D 1289 -50.83 27.28 -3.25
N PRO D 1290 -51.41 28.25 -4.04
CA PRO D 1290 -52.87 28.43 -4.05
C PRO D 1290 -53.60 27.41 -4.94
N VAL D 1291 -53.39 26.13 -4.65
CA VAL D 1291 -54.09 25.09 -5.40
C VAL D 1291 -55.57 25.14 -5.05
N ALA D 1292 -56.41 24.83 -6.04
CA ALA D 1292 -57.85 24.97 -5.86
C ALA D 1292 -58.37 24.04 -4.77
N ILE D 1293 -57.89 22.79 -4.74
CA ILE D 1293 -58.33 21.82 -3.74
C ILE D 1293 -57.65 22.03 -2.39
N LYS D 1294 -56.67 22.94 -2.31
CA LYS D 1294 -55.97 23.17 -1.06
C LYS D 1294 -56.92 23.66 0.02
N ALA D 1295 -56.70 23.20 1.24
CA ALA D 1295 -57.60 23.48 2.35
C ALA D 1295 -57.39 24.91 2.87
N GLU D 1296 -58.35 25.36 3.67
CA GLU D 1296 -58.25 26.65 4.34
C GLU D 1296 -57.39 26.53 5.59
N LEU D 1297 -56.63 27.58 5.87
CA LEU D 1297 -55.72 27.64 7.00
C LEU D 1297 -56.25 28.60 8.04
N ARG D 1298 -56.28 28.15 9.29
CA ARG D 1298 -56.62 29.04 10.40
C ARG D 1298 -55.49 30.04 10.64
N SER D 1299 -55.75 30.99 11.53
CA SER D 1299 -54.78 32.06 11.79
C SER D 1299 -53.49 31.51 12.39
N TYR D 1300 -53.60 30.70 13.45
CA TYR D 1300 -52.40 30.17 14.07
C TYR D 1300 -51.67 29.22 13.12
N GLN D 1301 -52.41 28.46 12.32
CA GLN D 1301 -51.78 27.65 11.28
C GLN D 1301 -51.10 28.51 10.24
N GLN D 1302 -51.68 29.67 9.94
CA GLN D 1302 -51.05 30.61 9.01
C GLN D 1302 -49.71 31.09 9.57
N GLU D 1303 -49.68 31.44 10.86
CA GLU D 1303 -48.42 31.83 11.48
C GLU D 1303 -47.43 30.69 11.51
N GLY D 1304 -47.90 29.47 11.74
CA GLY D 1304 -47.00 28.32 11.77
C GLY D 1304 -46.37 28.04 10.43
N VAL D 1305 -47.16 28.09 9.35
CA VAL D 1305 -46.56 27.89 8.03
C VAL D 1305 -45.65 29.06 7.69
N ASN D 1306 -45.95 30.26 8.19
CA ASN D 1306 -45.03 31.37 8.03
C ASN D 1306 -43.68 31.06 8.66
N TRP D 1307 -43.70 30.55 9.89
CA TRP D 1307 -42.45 30.19 10.58
C TRP D 1307 -41.72 29.07 9.84
N LEU D 1308 -42.47 28.07 9.36
CA LEU D 1308 -41.85 26.97 8.62
C LEU D 1308 -41.20 27.48 7.34
N ALA D 1309 -41.86 28.40 6.64
CA ALA D 1309 -41.27 28.96 5.42
C ALA D 1309 -40.02 29.77 5.72
N PHE D 1310 -40.05 30.53 6.83
CA PHE D 1310 -38.85 31.25 7.24
C PHE D 1310 -37.69 30.29 7.48
N LEU D 1311 -37.96 29.17 8.14
CA LEU D 1311 -36.93 28.15 8.30
C LEU D 1311 -36.49 27.59 6.95
N ASN D 1312 -37.44 27.38 6.03
CA ASN D 1312 -37.15 26.75 4.76
C ASN D 1312 -36.20 27.61 3.92
N LYS D 1313 -36.41 28.93 3.94
CA LYS D 1313 -35.61 29.80 3.08
C LYS D 1313 -34.12 29.71 3.42
N TYR D 1314 -33.79 29.85 4.70
CA TYR D 1314 -32.40 29.95 5.14
C TYR D 1314 -31.81 28.63 5.61
N HIS D 1315 -32.54 27.52 5.44
CA HIS D 1315 -32.05 26.19 5.76
C HIS D 1315 -31.71 26.07 7.25
N LEU D 1316 -32.71 26.35 8.07
CA LEU D 1316 -32.64 26.15 9.51
C LEU D 1316 -33.78 25.21 9.92
N HIS D 1317 -33.57 24.53 11.05
CA HIS D 1317 -34.43 23.43 11.49
C HIS D 1317 -35.00 23.75 12.85
N GLY D 1318 -36.18 23.17 13.14
CA GLY D 1318 -36.87 23.49 14.36
C GLY D 1318 -37.77 22.38 14.89
N ILE D 1319 -38.52 22.70 15.94
CA ILE D 1319 -39.46 21.78 16.57
C ILE D 1319 -40.80 22.50 16.63
N LEU D 1320 -41.81 21.92 15.99
CA LEU D 1320 -43.16 22.46 16.02
C LEU D 1320 -43.89 21.95 17.27
N CYS D 1321 -43.35 22.34 18.42
CA CYS D 1321 -43.75 21.76 19.71
C CYS D 1321 -45.02 22.45 20.22
N ASP D 1322 -46.10 22.26 19.47
CA ASP D 1322 -47.39 22.77 19.87
C ASP D 1322 -48.11 21.75 20.74
N ASP D 1323 -49.10 22.22 21.48
CA ASP D 1323 -49.95 21.32 22.25
C ASP D 1323 -50.78 20.46 21.32
N MET D 1324 -51.04 19.22 21.75
CA MET D 1324 -51.82 18.30 20.94
C MET D 1324 -53.22 18.85 20.74
N GLY D 1325 -53.76 18.64 19.55
CA GLY D 1325 -55.08 19.12 19.20
C GLY D 1325 -55.12 20.42 18.41
N LEU D 1326 -53.98 20.88 17.91
CA LEU D 1326 -53.90 22.09 17.11
C LEU D 1326 -53.59 21.82 15.64
N GLY D 1327 -53.49 20.57 15.23
CA GLY D 1327 -53.35 20.27 13.82
C GLY D 1327 -51.97 20.56 13.25
N LYS D 1328 -50.97 19.84 13.74
CA LYS D 1328 -49.64 19.97 13.18
C LYS D 1328 -49.52 19.28 11.83
N THR D 1329 -50.36 18.27 11.58
CA THR D 1329 -50.30 17.55 10.31
C THR D 1329 -50.60 18.47 9.14
N LEU D 1330 -51.59 19.35 9.28
CA LEU D 1330 -51.94 20.25 8.18
C LEU D 1330 -50.77 21.16 7.83
N GLN D 1331 -50.16 21.78 8.84
CA GLN D 1331 -49.01 22.65 8.59
C GLN D 1331 -47.85 21.89 7.96
N THR D 1332 -47.56 20.70 8.48
CA THR D 1332 -46.43 19.93 7.97
C THR D 1332 -46.63 19.55 6.51
N ILE D 1333 -47.79 18.97 6.19
CA ILE D 1333 -48.02 18.57 4.80
C ILE D 1333 -48.13 19.79 3.91
N CYS D 1334 -48.63 20.91 4.43
CA CYS D 1334 -48.70 22.13 3.63
C CYS D 1334 -47.31 22.59 3.22
N ILE D 1335 -46.38 22.65 4.17
CA ILE D 1335 -45.05 23.14 3.82
C ILE D 1335 -44.32 22.12 2.95
N VAL D 1336 -44.52 20.83 3.20
CA VAL D 1336 -43.86 19.81 2.38
C VAL D 1336 -44.36 19.88 0.94
N ALA D 1337 -45.68 20.00 0.77
CA ALA D 1337 -46.25 20.11 -0.57
C ALA D 1337 -45.81 21.40 -1.26
N SER D 1338 -45.76 22.50 -0.51
CA SER D 1338 -45.31 23.76 -1.10
C SER D 1338 -43.86 23.66 -1.58
N ASP D 1339 -42.99 23.06 -0.77
CA ASP D 1339 -41.61 22.90 -1.18
C ASP D 1339 -41.49 21.99 -2.40
N HIS D 1340 -42.22 20.87 -2.40
CA HIS D 1340 -42.17 19.96 -3.54
C HIS D 1340 -42.67 20.63 -4.81
N HIS D 1341 -43.77 21.37 -4.71
CA HIS D 1341 -44.31 22.10 -5.85
C HIS D 1341 -43.32 23.13 -6.36
N GLN D 1342 -42.67 23.87 -5.45
CA GLN D 1342 -41.71 24.88 -5.86
C GLN D 1342 -40.53 24.26 -6.58
N ARG D 1343 -39.97 23.19 -6.02
CA ARG D 1343 -38.84 22.54 -6.66
C ARG D 1343 -39.22 21.97 -8.03
N ALA D 1344 -40.38 21.32 -8.11
CA ALA D 1344 -40.81 20.74 -9.38
C ALA D 1344 -41.02 21.81 -10.43
N GLU D 1345 -41.61 22.94 -10.05
CA GLU D 1345 -41.78 24.04 -10.99
C GLU D 1345 -40.44 24.62 -11.42
N GLU D 1346 -39.50 24.75 -10.48
CA GLU D 1346 -38.19 25.30 -10.82
C GLU D 1346 -37.42 24.36 -11.73
N PHE D 1347 -37.67 23.05 -11.63
CA PHE D 1347 -36.98 22.09 -12.48
C PHE D 1347 -37.37 22.23 -13.94
N ALA D 1348 -38.54 22.81 -14.23
CA ALA D 1348 -38.93 23.10 -15.60
C ALA D 1348 -38.29 24.37 -16.13
N ARG D 1349 -37.90 25.29 -15.25
CA ARG D 1349 -37.23 26.52 -15.63
C ARG D 1349 -35.71 26.41 -15.61
N THR D 1350 -35.16 25.23 -15.32
CA THR D 1350 -33.72 25.05 -15.19
C THR D 1350 -33.36 23.63 -15.60
N GLY D 1351 -32.07 23.40 -15.73
CA GLY D 1351 -31.54 22.08 -16.06
C GLY D 1351 -30.52 21.57 -15.06
N ALA D 1352 -30.24 22.36 -14.03
CA ALA D 1352 -29.23 21.96 -13.05
C ALA D 1352 -29.76 20.79 -12.22
N PRO D 1353 -28.85 20.00 -11.60
CA PRO D 1353 -29.31 18.87 -10.79
C PRO D 1353 -29.73 19.26 -9.36
N GLU D 1354 -29.99 20.55 -9.13
CA GLU D 1354 -30.44 20.99 -7.82
C GLU D 1354 -31.75 20.29 -7.43
N VAL D 1355 -32.69 20.19 -8.36
CA VAL D 1355 -33.96 19.52 -8.14
C VAL D 1355 -33.92 18.15 -8.77
N ARG D 1356 -34.39 17.14 -8.03
CA ARG D 1356 -34.42 15.76 -8.50
C ARG D 1356 -35.71 15.05 -8.12
N LYS D 1357 -36.73 15.78 -7.67
CA LYS D 1357 -37.96 15.18 -7.17
C LYS D 1357 -37.67 14.14 -6.09
N LEU D 1358 -36.84 14.54 -5.14
CA LEU D 1358 -36.38 13.64 -4.10
C LEU D 1358 -37.54 13.24 -3.20
N PRO D 1359 -37.50 12.05 -2.58
CA PRO D 1359 -38.59 11.67 -1.68
C PRO D 1359 -38.52 12.42 -0.36
N SER D 1360 -39.61 12.31 0.41
CA SER D 1360 -39.69 12.83 1.77
C SER D 1360 -40.12 11.71 2.69
N LEU D 1361 -39.47 11.62 3.85
CA LEU D 1361 -39.72 10.57 4.83
C LEU D 1361 -40.46 11.14 6.03
N ILE D 1362 -41.46 10.40 6.49
CA ILE D 1362 -42.18 10.70 7.72
C ILE D 1362 -42.10 9.47 8.61
N ILE D 1363 -41.66 9.67 9.85
CA ILE D 1363 -41.56 8.62 10.85
C ILE D 1363 -42.59 8.92 11.94
N CYS D 1364 -43.56 8.04 12.09
CA CYS D 1364 -44.68 8.18 13.01
C CYS D 1364 -44.79 6.94 13.87
N PRO D 1365 -45.51 7.02 15.00
CA PRO D 1365 -45.94 5.79 15.65
C PRO D 1365 -46.97 5.08 14.78
N PRO D 1366 -47.13 3.76 14.93
CA PRO D 1366 -48.04 3.04 14.03
C PRO D 1366 -49.48 3.55 14.02
N THR D 1367 -49.97 4.06 15.15
CA THR D 1367 -51.37 4.43 15.23
C THR D 1367 -51.72 5.68 14.41
N LEU D 1368 -50.74 6.54 14.12
CA LEU D 1368 -51.01 7.82 13.45
C LEU D 1368 -50.82 7.78 11.94
N SER D 1369 -50.36 6.66 11.38
CA SER D 1369 -50.17 6.58 9.94
C SER D 1369 -51.49 6.72 9.20
N GLY D 1370 -52.57 6.15 9.76
CA GLY D 1370 -53.87 6.27 9.15
C GLY D 1370 -54.41 7.68 9.15
N HIS D 1371 -54.01 8.49 10.13
CA HIS D 1371 -54.35 9.91 10.11
C HIS D 1371 -53.50 10.66 9.10
N TRP D 1372 -52.20 10.35 9.03
CA TRP D 1372 -51.31 11.05 8.12
C TRP D 1372 -51.72 10.83 6.67
N GLN D 1373 -52.00 9.58 6.29
CA GLN D 1373 -52.34 9.30 4.91
C GLN D 1373 -53.66 9.93 4.53
N GLN D 1374 -54.64 9.88 5.43
CA GLN D 1374 -55.93 10.52 5.16
C GLN D 1374 -55.76 12.02 4.98
N GLU D 1375 -54.97 12.66 5.84
CA GLU D 1375 -54.78 14.10 5.72
C GLU D 1375 -54.05 14.47 4.43
N ILE D 1376 -53.01 13.71 4.07
CA ILE D 1376 -52.30 13.98 2.82
C ILE D 1376 -53.24 13.84 1.64
N LYS D 1377 -54.03 12.76 1.62
CA LYS D 1377 -54.91 12.52 0.49
C LYS D 1377 -56.00 13.59 0.37
N THR D 1378 -56.55 14.02 1.50
CA THR D 1378 -57.69 14.94 1.45
C THR D 1378 -57.26 16.39 1.30
N TYR D 1379 -56.04 16.75 1.72
CA TYR D 1379 -55.54 18.12 1.60
C TYR D 1379 -54.49 18.31 0.52
N ALA D 1380 -53.80 17.25 0.10
CA ALA D 1380 -52.80 17.32 -0.96
C ALA D 1380 -53.02 16.16 -1.93
N PRO D 1381 -54.07 16.24 -2.75
CA PRO D 1381 -54.31 15.15 -3.71
C PRO D 1381 -53.17 14.95 -4.70
N PHE D 1382 -52.47 16.02 -5.06
CA PHE D 1382 -51.40 15.93 -6.05
C PHE D 1382 -50.09 15.38 -5.49
N LEU D 1383 -50.12 14.79 -4.29
CA LEU D 1383 -48.97 14.13 -3.70
C LEU D 1383 -49.20 12.63 -3.67
N THR D 1384 -48.14 11.86 -3.87
CA THR D 1384 -48.20 10.41 -3.83
C THR D 1384 -47.70 9.91 -2.49
N VAL D 1385 -48.25 8.77 -2.05
CA VAL D 1385 -48.03 8.25 -0.70
C VAL D 1385 -47.56 6.81 -0.80
N THR D 1386 -46.57 6.47 0.02
CA THR D 1386 -46.08 5.11 0.17
C THR D 1386 -45.98 4.78 1.66
N ALA D 1387 -46.40 3.56 2.01
CA ALA D 1387 -46.42 3.09 3.40
C ALA D 1387 -45.46 1.90 3.51
N TYR D 1388 -44.20 2.19 3.84
CA TYR D 1388 -43.21 1.13 4.01
C TYR D 1388 -43.54 0.22 5.19
N VAL D 1389 -44.35 0.69 6.14
CA VAL D 1389 -44.67 -0.12 7.31
C VAL D 1389 -45.42 -1.38 6.88
N GLY D 1390 -44.90 -2.53 7.27
CA GLY D 1390 -45.50 -3.79 6.89
C GLY D 1390 -44.81 -4.95 7.56
N SER D 1391 -45.11 -6.15 7.06
CA SER D 1391 -44.50 -7.37 7.59
C SER D 1391 -42.99 -7.35 7.27
N PRO D 1392 -42.18 -8.10 8.05
CA PRO D 1392 -40.73 -8.08 7.79
C PRO D 1392 -40.34 -8.50 6.40
N ALA D 1393 -41.06 -9.46 5.81
CA ALA D 1393 -40.78 -9.90 4.45
C ALA D 1393 -41.47 -9.04 3.40
N GLU D 1394 -42.61 -8.44 3.74
CA GLU D 1394 -43.39 -7.69 2.75
C GLU D 1394 -42.63 -6.49 2.23
N ARG D 1395 -41.71 -5.95 3.02
CA ARG D 1395 -41.09 -4.67 2.69
C ARG D 1395 -40.29 -4.75 1.39
N ARG D 1396 -39.79 -5.94 1.03
CA ARG D 1396 -39.04 -6.08 -0.22
C ARG D 1396 -39.92 -5.80 -1.43
N ALA D 1397 -41.24 -5.97 -1.31
CA ALA D 1397 -42.13 -5.64 -2.41
C ALA D 1397 -42.17 -4.15 -2.70
N MET D 1398 -41.68 -3.31 -1.78
CA MET D 1398 -41.63 -1.86 -1.97
C MET D 1398 -40.29 -1.27 -1.57
N LYS D 1399 -39.23 -2.08 -1.51
CA LYS D 1399 -37.90 -1.56 -1.19
C LYS D 1399 -37.47 -0.47 -2.17
N ASP D 1400 -37.57 -0.74 -3.47
CA ASP D 1400 -37.19 0.24 -4.47
C ASP D 1400 -38.25 1.33 -4.65
N SER D 1401 -39.46 1.13 -4.13
CA SER D 1401 -40.48 2.16 -4.17
C SER D 1401 -40.16 3.33 -3.24
N LEU D 1402 -39.18 3.19 -2.35
CA LEU D 1402 -38.78 4.30 -1.50
C LEU D 1402 -38.30 5.49 -2.31
N ASP D 1403 -37.54 5.22 -3.37
CA ASP D 1403 -36.95 6.26 -4.20
C ASP D 1403 -37.89 6.75 -5.29
N LYS D 1404 -39.18 6.39 -5.25
CA LYS D 1404 -40.10 6.65 -6.34
C LYS D 1404 -41.39 7.35 -5.94
N THR D 1405 -41.64 7.56 -4.65
CA THR D 1405 -42.86 8.21 -4.17
C THR D 1405 -42.50 9.45 -3.37
N ASP D 1406 -43.37 10.45 -3.44
CA ASP D 1406 -43.08 11.75 -2.83
C ASP D 1406 -42.97 11.65 -1.32
N ILE D 1407 -43.97 11.08 -0.66
CA ILE D 1407 -44.02 10.94 0.79
C ILE D 1407 -43.91 9.46 1.12
N VAL D 1408 -42.99 9.13 2.01
CA VAL D 1408 -42.81 7.78 2.52
C VAL D 1408 -43.09 7.80 4.01
N ILE D 1409 -43.88 6.83 4.47
CA ILE D 1409 -44.26 6.70 5.88
C ILE D 1409 -43.69 5.39 6.42
N THR D 1410 -43.14 5.46 7.62
CA THR D 1410 -42.49 4.33 8.26
C THR D 1410 -42.65 4.49 9.76
N SER D 1411 -42.58 3.36 10.47
CA SER D 1411 -42.66 3.38 11.92
C SER D 1411 -41.26 3.53 12.52
N TYR D 1412 -41.23 3.99 13.78
CA TYR D 1412 -39.96 4.11 14.49
C TYR D 1412 -39.25 2.76 14.58
N ASP D 1413 -39.97 1.72 14.96
CA ASP D 1413 -39.35 0.41 15.14
C ASP D 1413 -39.07 -0.28 13.81
N VAL D 1414 -39.91 -0.09 12.81
CA VAL D 1414 -39.60 -0.63 11.48
C VAL D 1414 -38.35 0.02 10.94
N CYS D 1415 -38.18 1.32 11.17
CA CYS D 1415 -36.94 1.99 10.81
C CYS D 1415 -35.77 1.43 11.62
N ARG D 1416 -35.97 1.18 12.91
CA ARG D 1416 -34.90 0.67 13.76
C ARG D 1416 -34.38 -0.66 13.25
N ASN D 1417 -35.29 -1.62 13.04
CA ASN D 1417 -34.87 -2.96 12.64
C ASN D 1417 -34.30 -2.98 11.23
N ASP D 1418 -34.69 -2.01 10.39
CA ASP D 1418 -34.25 -1.93 9.00
C ASP D 1418 -33.43 -0.69 8.70
N ILE D 1419 -32.81 -0.08 9.71
CA ILE D 1419 -32.01 1.13 9.47
C ILE D 1419 -30.83 0.83 8.56
N ASP D 1420 -30.26 -0.37 8.66
CA ASP D 1420 -29.07 -0.70 7.88
C ASP D 1420 -29.33 -0.67 6.39
N VAL D 1421 -30.59 -0.72 5.96
CA VAL D 1421 -30.96 -0.55 4.57
C VAL D 1421 -31.61 0.80 4.30
N ILE D 1422 -32.26 1.40 5.30
CA ILE D 1422 -32.92 2.69 5.08
C ILE D 1422 -31.91 3.83 5.02
N GLU D 1423 -30.76 3.68 5.68
CA GLU D 1423 -29.77 4.76 5.69
C GLU D 1423 -29.22 5.08 4.30
N LYS D 1424 -29.33 4.15 3.36
CA LYS D 1424 -28.73 4.31 2.04
C LYS D 1424 -29.60 5.13 1.08
N TYR D 1425 -30.58 5.86 1.58
CA TYR D 1425 -31.39 6.77 0.77
C TYR D 1425 -31.34 8.16 1.38
N ASN D 1426 -31.53 9.17 0.54
CA ASN D 1426 -31.56 10.56 0.94
C ASN D 1426 -32.94 11.14 0.66
N TRP D 1427 -33.33 12.13 1.46
CA TRP D 1427 -34.67 12.69 1.44
C TRP D 1427 -34.63 14.20 1.46
N ASN D 1428 -35.67 14.80 0.87
CA ASN D 1428 -35.82 16.25 0.91
C ASN D 1428 -36.29 16.72 2.28
N TYR D 1429 -37.22 15.98 2.89
CA TYR D 1429 -37.72 16.26 4.23
C TYR D 1429 -37.66 15.00 5.06
N CYS D 1430 -37.48 15.18 6.37
CA CYS D 1430 -37.41 14.08 7.33
C CYS D 1430 -38.15 14.54 8.58
N VAL D 1431 -39.36 14.02 8.78
CA VAL D 1431 -40.26 14.46 9.83
C VAL D 1431 -40.38 13.34 10.85
N LEU D 1432 -40.20 13.68 12.13
CA LEU D 1432 -40.46 12.77 13.24
C LEU D 1432 -41.72 13.25 13.95
N ASP D 1433 -42.76 12.41 13.94
CA ASP D 1433 -44.08 12.87 14.37
C ASP D 1433 -44.16 13.03 15.87
N GLU D 1434 -43.59 12.09 16.62
CA GLU D 1434 -43.49 12.18 18.08
C GLU D 1434 -42.01 12.02 18.41
N GLY D 1435 -41.29 13.13 18.41
CA GLY D 1435 -39.85 13.11 18.61
C GLY D 1435 -39.42 12.89 20.04
N HIS D 1436 -40.35 12.88 20.99
CA HIS D 1436 -39.96 12.56 22.36
C HIS D 1436 -39.54 11.09 22.52
N LEU D 1437 -39.78 10.26 21.52
CA LEU D 1437 -39.26 8.89 21.55
C LEU D 1437 -37.74 8.85 21.53
N ILE D 1438 -37.09 9.89 20.99
CA ILE D 1438 -35.65 9.87 20.75
C ILE D 1438 -34.91 10.77 21.72
N LYS D 1439 -35.46 10.94 22.92
CA LYS D 1439 -34.88 11.87 23.89
C LYS D 1439 -33.64 11.30 24.57
N ASN D 1440 -33.56 9.98 24.73
CA ASN D 1440 -32.42 9.36 25.39
C ASN D 1440 -31.36 9.07 24.34
N PRO D 1441 -30.17 9.69 24.41
CA PRO D 1441 -29.18 9.48 23.32
C PRO D 1441 -28.71 8.05 23.19
N LYS D 1442 -28.63 7.30 24.29
CA LYS D 1442 -28.12 5.94 24.23
C LYS D 1442 -29.11 4.98 23.59
N ALA D 1443 -30.40 5.33 23.54
CA ALA D 1443 -31.40 4.43 22.99
C ALA D 1443 -31.14 4.20 21.50
N LYS D 1444 -31.30 2.95 21.07
CA LYS D 1444 -30.96 2.57 19.71
C LYS D 1444 -31.82 3.26 18.68
N ILE D 1445 -33.02 3.69 19.04
CA ILE D 1445 -33.86 4.40 18.08
C ILE D 1445 -33.21 5.73 17.71
N THR D 1446 -32.54 6.38 18.67
CA THR D 1446 -31.83 7.62 18.36
C THR D 1446 -30.65 7.36 17.44
N LEU D 1447 -29.87 6.33 17.74
CA LEU D 1447 -28.75 5.98 16.87
C LEU D 1447 -29.22 5.64 15.47
N ALA D 1448 -30.42 5.10 15.34
CA ALA D 1448 -30.96 4.79 14.02
C ALA D 1448 -31.44 6.04 13.30
N VAL D 1449 -32.21 6.89 14.00
CA VAL D 1449 -32.82 8.04 13.33
C VAL D 1449 -31.77 9.07 12.95
N LYS D 1450 -30.69 9.19 13.73
CA LYS D 1450 -29.69 10.20 13.45
C LYS D 1450 -28.82 9.88 12.23
N ARG D 1451 -28.98 8.71 11.62
CA ARG D 1451 -28.27 8.36 10.41
C ARG D 1451 -29.06 8.68 9.14
N LEU D 1452 -30.20 9.35 9.27
CA LEU D 1452 -31.06 9.68 8.13
C LEU D 1452 -30.56 10.97 7.50
N THR D 1453 -29.85 10.86 6.39
CA THR D 1453 -29.33 12.02 5.67
C THR D 1453 -30.47 12.71 4.93
N SER D 1454 -30.85 13.91 5.39
CA SER D 1454 -31.98 14.64 4.83
C SER D 1454 -31.63 16.10 4.63
N ASN D 1455 -32.24 16.70 3.60
CA ASN D 1455 -31.99 18.11 3.31
C ASN D 1455 -32.69 19.03 4.31
N HIS D 1456 -33.94 18.70 4.66
CA HIS D 1456 -34.68 19.40 5.69
C HIS D 1456 -35.13 18.40 6.75
N ARG D 1457 -35.29 18.89 7.98
CA ARG D 1457 -35.38 18.02 9.14
C ARG D 1457 -36.19 18.70 10.22
N LEU D 1458 -37.31 18.08 10.60
CA LEU D 1458 -38.29 18.69 11.47
C LEU D 1458 -38.79 17.67 12.49
N ILE D 1459 -38.99 18.10 13.73
CA ILE D 1459 -39.58 17.27 14.78
C ILE D 1459 -40.92 17.87 15.16
N LEU D 1460 -41.94 17.03 15.20
CA LEU D 1460 -43.23 17.38 15.77
C LEU D 1460 -43.33 16.75 17.15
N THR D 1461 -43.79 17.53 18.13
CA THR D 1461 -43.84 17.04 19.50
C THR D 1461 -44.78 17.94 20.29
N GLY D 1462 -44.93 17.61 21.57
CA GLY D 1462 -45.62 18.46 22.51
C GLY D 1462 -44.83 18.72 23.78
N THR D 1463 -43.77 17.93 24.00
CA THR D 1463 -42.94 18.03 25.20
C THR D 1463 -41.49 17.84 24.78
N PRO D 1464 -40.85 18.87 24.23
CA PRO D 1464 -39.44 18.72 23.86
C PRO D 1464 -38.53 18.46 25.05
N ILE D 1465 -38.91 18.94 26.24
CA ILE D 1465 -38.16 18.73 27.47
C ILE D 1465 -39.14 18.19 28.49
N GLN D 1466 -38.86 17.00 29.03
CA GLN D 1466 -39.72 16.32 29.98
C GLN D 1466 -39.08 16.19 31.35
N ASN D 1467 -37.90 15.58 31.44
CA ASN D 1467 -37.18 15.36 32.69
C ASN D 1467 -35.89 16.17 32.79
N ASN D 1468 -35.15 16.30 31.69
CA ASN D 1468 -33.82 16.87 31.73
C ASN D 1468 -33.55 17.58 30.41
N VAL D 1469 -32.72 18.63 30.48
CA VAL D 1469 -32.36 19.39 29.29
C VAL D 1469 -31.58 18.54 28.29
N LEU D 1470 -30.95 17.46 28.75
CA LEU D 1470 -30.27 16.57 27.82
C LEU D 1470 -31.22 15.92 26.83
N GLU D 1471 -32.51 15.86 27.16
CA GLU D 1471 -33.51 15.49 26.16
C GLU D 1471 -33.54 16.49 25.02
N LEU D 1472 -33.54 17.79 25.36
CA LEU D 1472 -33.48 18.82 24.33
C LEU D 1472 -32.19 18.73 23.53
N TRP D 1473 -31.08 18.42 24.21
CA TRP D 1473 -29.82 18.21 23.50
C TRP D 1473 -29.92 17.05 22.53
N SER D 1474 -30.54 15.95 22.94
CA SER D 1474 -30.65 14.79 22.07
C SER D 1474 -31.51 15.10 20.85
N LEU D 1475 -32.59 15.86 21.04
CA LEU D 1475 -33.41 16.25 19.90
C LEU D 1475 -32.65 17.16 18.94
N PHE D 1476 -31.96 18.16 19.48
CA PHE D 1476 -31.23 19.08 18.62
C PHE D 1476 -29.99 18.44 18.00
N ASP D 1477 -29.49 17.34 18.58
CA ASP D 1477 -28.42 16.60 17.93
C ASP D 1477 -28.90 15.97 16.64
N PHE D 1478 -30.18 15.57 16.60
CA PHE D 1478 -30.78 15.11 15.35
C PHE D 1478 -31.06 16.27 14.41
N LEU D 1479 -31.57 17.39 14.93
CA LEU D 1479 -31.95 18.49 14.06
C LEU D 1479 -30.71 19.19 13.49
N MET D 1480 -29.89 19.77 14.38
CA MET D 1480 -28.72 20.56 13.99
C MET D 1480 -27.52 20.01 14.75
N PRO D 1481 -26.82 19.01 14.20
CA PRO D 1481 -25.66 18.45 14.92
C PRO D 1481 -24.58 19.48 15.17
N GLY D 1482 -24.01 19.43 16.38
CA GLY D 1482 -23.00 20.36 16.78
C GLY D 1482 -23.51 21.71 17.27
N PHE D 1483 -24.79 21.99 17.10
CA PHE D 1483 -25.32 23.31 17.43
C PHE D 1483 -25.19 23.60 18.92
N LEU D 1484 -25.49 22.61 19.77
CA LEU D 1484 -25.38 22.75 21.21
C LEU D 1484 -24.12 22.11 21.76
N GLY D 1485 -23.17 21.75 20.91
CA GLY D 1485 -21.90 21.22 21.36
C GLY D 1485 -21.95 19.72 21.57
N ALA D 1486 -20.79 19.19 21.97
CA ALA D 1486 -20.67 17.78 22.29
C ALA D 1486 -21.40 17.48 23.59
N GLU D 1487 -21.33 16.21 24.01
CA GLU D 1487 -22.01 15.81 25.24
C GLU D 1487 -21.44 16.54 26.44
N LYS D 1488 -20.11 16.49 26.61
CA LYS D 1488 -19.47 17.10 27.77
C LYS D 1488 -19.70 18.61 27.80
N VAL D 1489 -19.64 19.26 26.63
CA VAL D 1489 -19.80 20.70 26.58
C VAL D 1489 -21.19 21.09 27.05
N PHE D 1490 -22.22 20.42 26.53
CA PHE D 1490 -23.58 20.74 26.96
C PHE D 1490 -23.78 20.42 28.43
N LEU D 1491 -23.23 19.29 28.89
CA LEU D 1491 -23.35 18.93 30.30
C LEU D 1491 -22.81 20.06 31.18
N ASP D 1492 -21.56 20.45 30.95
CA ASP D 1492 -20.93 21.48 31.76
C ASP D 1492 -21.67 22.81 31.64
N ARG D 1493 -22.08 23.19 30.43
CA ARG D 1493 -22.70 24.49 30.23
C ARG D 1493 -24.04 24.58 30.95
N PHE D 1494 -24.91 23.59 30.75
CA PHE D 1494 -26.30 23.68 31.19
C PHE D 1494 -26.68 22.64 32.23
N ALA D 1495 -26.38 21.36 31.99
CA ALA D 1495 -27.08 20.30 32.70
C ALA D 1495 -26.72 20.28 34.17
N LYS D 1496 -25.43 20.38 34.49
CA LYS D 1496 -25.00 20.35 35.89
C LYS D 1496 -25.57 21.51 36.69
N PRO D 1497 -25.55 22.76 36.21
CA PRO D 1497 -26.28 23.83 36.93
C PRO D 1497 -27.75 23.55 37.10
N ILE D 1498 -28.41 22.95 36.09
CA ILE D 1498 -29.83 22.69 36.19
C ILE D 1498 -30.10 21.66 37.29
N ALA D 1499 -29.29 20.61 37.35
CA ALA D 1499 -29.44 19.63 38.42
C ALA D 1499 -29.15 20.26 39.78
N ASN D 1500 -28.10 21.09 39.86
CA ASN D 1500 -27.73 21.69 41.14
C ASN D 1500 -28.73 22.73 41.62
N SER D 1501 -29.54 23.28 40.72
CA SER D 1501 -30.55 24.26 41.10
C SER D 1501 -31.78 23.64 41.73
N ARG D 1502 -31.83 22.31 41.86
CA ARG D 1502 -33.02 21.65 42.39
C ARG D 1502 -33.28 22.03 43.84
N TYR D 1503 -32.23 22.23 44.63
CA TYR D 1503 -32.34 22.59 46.03
C TYR D 1503 -31.63 23.93 46.23
N SER D 1504 -32.42 25.01 46.33
CA SER D 1504 -31.87 26.34 46.47
C SER D 1504 -32.86 27.21 47.24
N LYS D 1505 -32.33 28.26 47.86
CA LYS D 1505 -33.11 29.16 48.70
C LYS D 1505 -32.78 30.61 48.34
N ALA D 1506 -32.81 30.91 47.05
CA ALA D 1506 -32.49 32.24 46.52
C ALA D 1506 -31.04 32.63 46.78
N SER D 1507 -30.16 31.65 46.94
CA SER D 1507 -28.74 31.92 47.16
C SER D 1507 -28.05 32.18 45.84
N SER D 1508 -27.11 33.12 45.85
CA SER D 1508 -26.32 33.43 44.66
C SER D 1508 -25.41 32.28 44.25
N LYS D 1509 -25.17 31.31 45.13
CA LYS D 1509 -24.30 30.20 44.78
C LYS D 1509 -24.97 29.22 43.83
N GLU D 1510 -26.28 29.00 43.97
CA GLU D 1510 -27.00 27.99 43.20
C GLU D 1510 -28.13 28.56 42.36
N GLN D 1511 -28.90 29.51 42.89
CA GLN D 1511 -30.00 30.07 42.12
C GLN D 1511 -29.50 30.79 40.87
N GLU D 1512 -28.41 31.56 41.02
CA GLU D 1512 -27.89 32.33 39.90
C GLU D 1512 -27.40 31.40 38.78
N ALA D 1513 -26.74 30.31 39.14
CA ALA D 1513 -26.23 29.39 38.14
C ALA D 1513 -27.36 28.78 37.33
N GLY D 1514 -28.40 28.30 38.01
CA GLY D 1514 -29.54 27.73 37.30
C GLY D 1514 -30.26 28.75 36.45
N ALA D 1515 -30.43 29.97 36.98
CA ALA D 1515 -31.09 31.02 36.23
C ALA D 1515 -30.33 31.36 34.95
N LEU D 1516 -29.01 31.50 35.07
CA LEU D 1516 -28.20 31.80 33.89
C LEU D 1516 -28.23 30.65 32.89
N ALA D 1517 -28.23 29.41 33.38
CA ALA D 1517 -28.28 28.26 32.49
C ALA D 1517 -29.58 28.25 31.70
N ILE D 1518 -30.71 28.46 32.37
CA ILE D 1518 -31.98 28.44 31.66
C ILE D 1518 -32.08 29.62 30.70
N GLU D 1519 -31.54 30.78 31.09
CA GLU D 1519 -31.59 31.93 30.20
C GLU D 1519 -30.76 31.67 28.93
N ALA D 1520 -29.57 31.10 29.09
CA ALA D 1520 -28.73 30.82 27.94
C ALA D 1520 -29.38 29.77 27.03
N LEU D 1521 -29.91 28.71 27.62
CA LEU D 1521 -30.56 27.67 26.82
C LEU D 1521 -31.81 28.21 26.15
N HIS D 1522 -32.50 29.16 26.78
CA HIS D 1522 -33.67 29.77 26.16
C HIS D 1522 -33.28 30.61 24.95
N LYS D 1523 -32.27 31.46 25.11
CA LYS D 1523 -31.85 32.31 24.00
C LYS D 1523 -31.30 31.47 22.85
N GLN D 1524 -30.57 30.41 23.16
CA GLN D 1524 -29.92 29.62 22.11
C GLN D 1524 -30.95 28.93 21.22
N VAL D 1525 -31.99 28.34 21.82
CA VAL D 1525 -32.96 27.53 21.09
C VAL D 1525 -34.25 28.30 20.82
N LEU D 1526 -34.24 29.63 20.98
CA LEU D 1526 -35.48 30.39 20.81
C LEU D 1526 -36.05 30.30 19.40
N PRO D 1527 -35.31 30.57 18.33
CA PRO D 1527 -35.96 30.62 17.01
C PRO D 1527 -36.38 29.27 16.48
N PHE D 1528 -35.91 28.16 17.07
CA PHE D 1528 -36.11 26.82 16.53
C PHE D 1528 -37.20 26.05 17.25
N LEU D 1529 -37.94 26.68 18.17
CA LEU D 1529 -39.13 26.10 18.79
C LEU D 1529 -40.30 27.06 18.61
N LEU D 1530 -41.47 26.50 18.29
CA LEU D 1530 -42.71 27.27 18.12
C LEU D 1530 -43.78 26.59 18.96
N ARG D 1531 -43.84 26.95 20.23
CA ARG D 1531 -44.86 26.46 21.14
C ARG D 1531 -46.06 27.39 21.12
N ARG D 1532 -47.24 26.82 20.98
CA ARG D 1532 -48.50 27.54 21.03
C ARG D 1532 -49.48 26.75 21.87
N LEU D 1533 -50.09 27.41 22.84
CA LEU D 1533 -50.91 26.71 23.83
C LEU D 1533 -52.30 26.45 23.28
N LYS D 1534 -52.93 25.38 23.77
CA LYS D 1534 -54.30 25.08 23.39
C LYS D 1534 -55.25 26.17 23.84
N GLU D 1535 -54.94 26.86 24.94
CA GLU D 1535 -55.81 27.94 25.40
C GLU D 1535 -55.80 29.13 24.46
N GLU D 1536 -54.69 29.34 23.74
CA GLU D 1536 -54.58 30.48 22.85
C GLU D 1536 -55.41 30.30 21.57
N VAL D 1537 -55.59 29.07 21.13
CA VAL D 1537 -56.23 28.78 19.85
C VAL D 1537 -57.72 28.54 20.02
N LEU D 1538 -58.08 27.50 20.77
CA LEU D 1538 -59.44 26.98 20.76
C LEU D 1538 -60.42 27.98 21.35
N ASN D 1539 -61.55 28.17 20.66
CA ASN D 1539 -62.62 29.02 21.15
C ASN D 1539 -63.65 28.27 21.98
N ASP D 1540 -63.58 26.93 22.03
CA ASP D 1540 -64.51 26.11 22.81
C ASP D 1540 -63.70 25.01 23.50
N LEU D 1541 -63.23 25.31 24.69
CA LEU D 1541 -62.60 24.31 25.56
C LEU D 1541 -62.69 24.82 26.99
N PRO D 1542 -63.55 24.28 27.86
CA PRO D 1542 -63.76 24.90 29.17
C PRO D 1542 -62.49 24.89 30.01
N PRO D 1543 -62.37 25.77 31.01
CA PRO D 1543 -61.13 25.81 31.79
C PRO D 1543 -60.93 24.56 32.62
N LYS D 1544 -59.67 24.32 32.97
CA LYS D 1544 -59.26 23.20 33.80
C LYS D 1544 -58.80 23.73 35.16
N ILE D 1545 -59.33 23.14 36.23
CA ILE D 1545 -59.04 23.55 37.60
C ILE D 1545 -58.33 22.40 38.29
N LEU D 1546 -57.43 22.74 39.21
CA LEU D 1546 -56.64 21.77 39.94
C LEU D 1546 -56.73 22.05 41.44
N GLN D 1547 -56.93 20.99 42.21
CA GLN D 1547 -56.89 21.05 43.67
C GLN D 1547 -56.16 19.82 44.20
N ASN D 1548 -55.29 20.03 45.18
CA ASN D 1548 -54.64 18.95 45.89
C ASN D 1548 -55.43 18.58 47.15
N TYR D 1549 -55.43 17.29 47.47
CA TYR D 1549 -56.07 16.77 48.67
C TYR D 1549 -55.00 16.17 49.57
N TYR D 1550 -54.90 16.69 50.79
CA TYR D 1550 -53.89 16.27 51.75
C TYR D 1550 -54.54 15.46 52.86
N CYS D 1551 -53.86 14.41 53.30
CA CYS D 1551 -54.32 13.59 54.42
C CYS D 1551 -53.12 12.93 55.07
N ASP D 1552 -53.21 12.73 56.38
CA ASP D 1552 -52.11 12.15 57.14
C ASP D 1552 -52.07 10.65 56.95
N LEU D 1553 -50.87 10.07 57.08
CA LEU D 1553 -50.69 8.65 56.86
C LEU D 1553 -51.37 7.84 57.94
N SER D 1554 -51.84 6.64 57.55
CA SER D 1554 -52.54 5.77 58.48
C SER D 1554 -51.61 5.29 59.59
N ASP D 1555 -52.23 4.82 60.68
CA ASP D 1555 -51.46 4.43 61.86
C ASP D 1555 -50.58 3.21 61.57
N LEU D 1556 -51.16 2.17 60.98
CA LEU D 1556 -50.38 0.97 60.70
C LEU D 1556 -49.27 1.25 59.69
N GLN D 1557 -49.57 2.02 58.65
CA GLN D 1557 -48.55 2.38 57.67
C GLN D 1557 -47.47 3.26 58.30
N ARG D 1558 -47.86 4.18 59.17
CA ARG D 1558 -46.88 5.01 59.87
C ARG D 1558 -45.94 4.17 60.71
N LYS D 1559 -46.49 3.23 61.48
CA LYS D 1559 -45.66 2.36 62.30
C LYS D 1559 -44.75 1.50 61.44
N LEU D 1560 -45.28 0.99 60.32
CA LEU D 1560 -44.46 0.15 59.45
C LEU D 1560 -43.32 0.95 58.82
N PHE D 1561 -43.58 2.20 58.44
CA PHE D 1561 -42.51 3.04 57.91
C PHE D 1561 -41.47 3.35 58.97
N GLU D 1562 -41.91 3.66 60.20
CA GLU D 1562 -40.97 3.92 61.27
C GLU D 1562 -40.11 2.69 61.56
N ASP D 1563 -40.69 1.50 61.45
CA ASP D 1563 -39.90 0.28 61.56
C ASP D 1563 -38.93 0.14 60.39
N PHE D 1564 -39.40 0.43 59.18
CA PHE D 1564 -38.57 0.28 57.98
C PHE D 1564 -37.39 1.23 57.99
N THR D 1565 -37.49 2.37 58.69
CA THR D 1565 -36.35 3.27 58.78
C THR D 1565 -35.11 2.56 59.32
N LYS D 1566 -35.30 1.61 60.25
CA LYS D 1566 -34.17 0.81 60.72
C LYS D 1566 -33.66 -0.13 59.65
N ARG D 1567 -34.54 -0.60 58.76
CA ARG D 1567 -34.17 -1.52 57.71
C ARG D 1567 -33.85 -0.78 56.42
N GLN D 1585 -29.04 -4.73 49.14
CA GLN D 1585 -30.10 -3.78 48.80
C GLN D 1585 -29.62 -2.75 47.78
N HIS D 1586 -30.57 -2.00 47.23
CA HIS D 1586 -30.28 -0.85 46.39
C HIS D 1586 -31.21 0.29 46.78
N ILE D 1587 -30.80 1.51 46.43
CA ILE D 1587 -31.49 2.71 46.91
C ILE D 1587 -32.92 2.75 46.38
N PHE D 1588 -33.10 2.38 45.11
CA PHE D 1588 -34.43 2.47 44.48
C PHE D 1588 -35.45 1.50 45.08
N GLN D 1589 -35.00 0.41 45.71
CA GLN D 1589 -35.96 -0.50 46.33
C GLN D 1589 -36.62 0.17 47.54
N ALA D 1590 -35.89 1.01 48.25
CA ALA D 1590 -36.49 1.78 49.33
C ALA D 1590 -37.56 2.73 48.80
N LEU D 1591 -37.29 3.39 47.67
CA LEU D 1591 -38.29 4.27 47.07
C LEU D 1591 -39.54 3.48 46.67
N GLN D 1592 -39.34 2.30 46.07
CA GLN D 1592 -40.48 1.46 45.70
C GLN D 1592 -41.27 1.05 46.94
N TYR D 1593 -40.57 0.68 48.01
CA TYR D 1593 -41.24 0.25 49.23
C TYR D 1593 -42.04 1.40 49.83
N MET D 1594 -41.48 2.61 49.81
CA MET D 1594 -42.21 3.77 50.31
C MET D 1594 -43.45 4.03 49.45
N ARG D 1595 -43.31 3.88 48.13
CA ARG D 1595 -44.47 4.02 47.24
C ARG D 1595 -45.56 3.02 47.62
N LYS D 1596 -45.18 1.76 47.85
CA LYS D 1596 -46.15 0.74 48.19
C LYS D 1596 -46.84 1.06 49.51
N LEU D 1597 -46.05 1.30 50.56
CA LEU D 1597 -46.63 1.48 51.89
C LEU D 1597 -47.40 2.80 52.02
N CYS D 1598 -47.15 3.76 51.13
CA CYS D 1598 -47.91 5.00 51.17
C CYS D 1598 -49.40 4.74 50.95
N ASN D 1599 -49.74 3.67 50.25
CA ASN D 1599 -51.13 3.31 50.01
C ASN D 1599 -51.79 2.81 51.29
N LYS D 1634 -55.50 6.39 51.89
CA LYS D 1634 -56.01 7.08 50.71
C LYS D 1634 -57.47 6.73 50.45
N LEU D 1635 -57.87 5.50 50.79
CA LEU D 1635 -59.17 5.00 50.36
C LEU D 1635 -60.32 5.77 50.97
N GLY D 1636 -60.16 6.27 52.21
CA GLY D 1636 -61.17 7.14 52.77
C GLY D 1636 -61.27 8.46 52.02
N ALA D 1637 -60.13 9.02 51.64
CA ALA D 1637 -60.13 10.24 50.83
C ALA D 1637 -60.77 10.01 49.47
N LEU D 1638 -60.45 8.88 48.82
CA LEU D 1638 -61.07 8.56 47.54
C LEU D 1638 -62.58 8.38 47.71
N ARG D 1639 -63.00 7.71 48.79
CA ARG D 1639 -64.43 7.51 49.04
C ARG D 1639 -65.14 8.85 49.24
N ASP D 1640 -64.57 9.73 50.06
CA ASP D 1640 -65.20 11.01 50.30
C ASP D 1640 -65.23 11.86 49.04
N LEU D 1641 -64.17 11.78 48.24
CA LEU D 1641 -64.11 12.53 46.99
C LEU D 1641 -65.14 12.01 45.98
N LEU D 1642 -65.29 10.68 45.89
CA LEU D 1642 -66.27 10.10 45.00
C LEU D 1642 -67.69 10.47 45.42
N VAL D 1643 -67.97 10.41 46.72
CA VAL D 1643 -69.30 10.80 47.20
C VAL D 1643 -69.55 12.28 46.94
N ASP D 1644 -68.52 13.11 47.13
CA ASP D 1644 -68.67 14.52 46.83
C ASP D 1644 -68.91 14.76 45.35
N CYS D 1645 -68.37 13.89 44.49
CA CYS D 1645 -68.52 14.01 43.05
C CYS D 1645 -69.73 13.26 42.52
N GLY D 1646 -70.76 13.06 43.34
CA GLY D 1646 -72.04 12.56 42.87
C GLY D 1646 -72.05 11.11 42.42
N ILE D 1647 -70.94 10.40 42.55
CA ILE D 1647 -70.86 9.02 42.07
C ILE D 1647 -71.50 8.11 43.11
N GLY D 1648 -72.37 7.22 42.65
CA GLY D 1648 -73.03 6.29 43.54
C GLY D 1648 -74.21 6.92 44.29
N PRO D 1664 -75.08 11.84 36.31
CA PRO D 1664 -74.98 13.30 36.42
C PRO D 1664 -73.55 13.80 36.63
N HIS D 1665 -72.63 12.88 36.97
CA HIS D 1665 -71.26 13.24 37.27
C HIS D 1665 -70.40 12.01 37.05
N ARG D 1666 -69.22 12.21 36.46
CA ARG D 1666 -68.36 11.12 36.06
C ARG D 1666 -66.92 11.45 36.42
N ALA D 1667 -66.06 10.43 36.37
CA ALA D 1667 -64.69 10.60 36.81
C ALA D 1667 -63.77 9.57 36.14
N LEU D 1668 -62.51 9.95 36.01
CA LEU D 1668 -61.43 9.03 35.67
C LEU D 1668 -60.48 8.93 36.86
N ILE D 1669 -60.07 7.71 37.18
CA ILE D 1669 -59.16 7.45 38.30
C ILE D 1669 -57.87 6.90 37.73
N PHE D 1670 -56.77 7.61 37.95
CA PHE D 1670 -55.45 7.21 37.50
C PHE D 1670 -54.62 6.77 38.70
N CYS D 1671 -54.03 5.59 38.60
CA CYS D 1671 -53.11 5.09 39.61
C CYS D 1671 -51.85 4.60 38.92
N GLN D 1672 -50.70 5.08 39.38
CA GLN D 1672 -49.44 4.62 38.81
C GLN D 1672 -49.17 3.15 39.14
N MET D 1673 -49.70 2.67 40.27
CA MET D 1673 -49.45 1.32 40.74
C MET D 1673 -50.64 0.43 40.40
N LYS D 1674 -50.35 -0.68 39.71
CA LYS D 1674 -51.42 -1.59 39.32
C LYS D 1674 -52.07 -2.24 40.53
N GLU D 1675 -51.26 -2.63 41.53
CA GLU D 1675 -51.79 -3.35 42.68
C GLU D 1675 -52.77 -2.51 43.50
N MET D 1676 -52.76 -1.19 43.35
CA MET D 1676 -53.76 -0.34 43.98
C MET D 1676 -54.97 -0.12 43.10
N LEU D 1677 -54.79 -0.18 41.78
CA LEU D 1677 -55.90 0.10 40.87
C LEU D 1677 -56.97 -0.98 40.95
N ASP D 1678 -56.57 -2.22 41.21
CA ASP D 1678 -57.53 -3.32 41.33
C ASP D 1678 -58.16 -3.42 42.71
N MET D 1679 -57.76 -2.58 43.67
CA MET D 1679 -58.29 -2.69 45.01
C MET D 1679 -59.79 -2.43 45.02
N VAL D 1680 -60.50 -3.16 45.88
CA VAL D 1680 -61.96 -3.20 45.90
C VAL D 1680 -62.48 -2.81 47.27
N GLN D 1681 -61.78 -1.91 47.95
CA GLN D 1681 -62.19 -1.49 49.29
C GLN D 1681 -63.49 -0.70 49.23
N ASN D 1682 -64.03 -0.42 50.42
CA ASN D 1682 -65.38 0.13 50.58
C ASN D 1682 -66.43 -0.81 49.99
N THR D 1683 -66.22 -2.11 50.19
CA THR D 1683 -67.10 -3.15 49.66
C THR D 1683 -67.10 -3.14 48.15
N SER D 1691 -73.70 0.05 43.40
CA SER D 1691 -74.29 1.33 43.03
C SER D 1691 -73.42 2.07 42.02
N VAL D 1692 -72.12 1.80 42.05
CA VAL D 1692 -71.16 2.40 41.13
C VAL D 1692 -70.71 1.31 40.15
N SER D 1693 -70.88 1.58 38.86
CA SER D 1693 -70.43 0.69 37.81
C SER D 1693 -69.17 1.25 37.19
N TYR D 1694 -68.11 0.43 37.13
CA TYR D 1694 -66.81 0.89 36.67
C TYR D 1694 -66.19 -0.15 35.76
N LEU D 1695 -65.51 0.33 34.73
CA LEU D 1695 -64.70 -0.48 33.84
C LEU D 1695 -63.22 -0.28 34.15
N ARG D 1696 -62.39 -1.19 33.65
CA ARG D 1696 -60.96 -1.15 33.87
C ARG D 1696 -60.24 -1.19 32.52
N LEU D 1697 -59.25 -0.32 32.37
CA LEU D 1697 -58.41 -0.26 31.17
C LEU D 1697 -56.97 -0.23 31.65
N ASP D 1698 -56.38 -1.40 31.88
CA ASP D 1698 -55.06 -1.51 32.51
C ASP D 1698 -53.99 -2.04 31.56
N GLY D 1699 -54.24 -2.03 30.26
CA GLY D 1699 -53.21 -2.40 29.32
C GLY D 1699 -53.10 -3.89 29.07
N SER D 1700 -53.20 -4.69 30.13
CA SER D 1700 -53.16 -6.15 29.97
C SER D 1700 -54.30 -6.64 29.08
N VAL D 1701 -55.41 -5.92 29.06
CA VAL D 1701 -56.48 -6.21 28.11
C VAL D 1701 -55.94 -6.09 26.69
N GLU D 1702 -56.47 -6.92 25.79
CA GLU D 1702 -56.06 -6.86 24.39
C GLU D 1702 -56.34 -5.48 23.82
N ALA D 1703 -55.45 -5.02 22.94
CA ALA D 1703 -55.55 -3.66 22.41
C ALA D 1703 -56.86 -3.44 21.67
N ASN D 1704 -57.33 -4.45 20.93
CA ASN D 1704 -58.60 -4.32 20.22
C ASN D 1704 -59.76 -4.11 21.19
N LYS D 1705 -59.75 -4.82 22.32
CA LYS D 1705 -60.82 -4.70 23.29
C LYS D 1705 -60.87 -3.31 23.91
N ARG D 1706 -59.73 -2.61 23.95
CA ARG D 1706 -59.69 -1.29 24.56
C ARG D 1706 -60.61 -0.31 23.84
N GLN D 1707 -60.63 -0.36 22.50
CA GLN D 1707 -61.48 0.54 21.75
C GLN D 1707 -62.95 0.29 22.08
N ASP D 1708 -63.35 -0.98 22.16
CA ASP D 1708 -64.73 -1.29 22.51
C ASP D 1708 -65.07 -0.79 23.90
N ILE D 1709 -64.16 -1.00 24.86
CA ILE D 1709 -64.43 -0.57 26.24
C ILE D 1709 -64.59 0.94 26.30
N VAL D 1710 -63.65 1.68 25.70
CA VAL D 1710 -63.68 3.13 25.82
C VAL D 1710 -64.88 3.70 25.07
N ASN D 1711 -65.22 3.13 23.91
CA ASN D 1711 -66.37 3.61 23.16
C ASN D 1711 -67.67 3.31 23.90
N LYS D 1712 -67.74 2.16 24.58
CA LYS D 1712 -68.90 1.90 25.42
C LYS D 1712 -69.00 2.92 26.53
N PHE D 1713 -67.87 3.26 27.16
CA PHE D 1713 -67.91 4.22 28.24
C PHE D 1713 -68.31 5.60 27.75
N ASN D 1714 -67.89 5.97 26.54
CA ASN D 1714 -68.02 7.35 26.10
C ASN D 1714 -69.47 7.74 25.82
N SER D 1715 -70.30 6.80 25.39
CA SER D 1715 -71.60 7.17 24.81
C SER D 1715 -72.71 7.26 25.86
N ASP D 1716 -73.01 6.15 26.54
CA ASP D 1716 -74.15 6.13 27.44
C ASP D 1716 -73.76 6.66 28.82
N PRO D 1717 -74.72 7.17 29.59
CA PRO D 1717 -74.41 7.68 30.93
C PRO D 1717 -74.51 6.66 32.06
N SER D 1718 -74.64 5.36 31.74
CA SER D 1718 -74.86 4.34 32.75
C SER D 1718 -73.57 3.93 33.46
N TYR D 1719 -72.42 4.46 33.06
CA TYR D 1719 -71.15 4.17 33.70
C TYR D 1719 -70.63 5.45 34.35
N ASP D 1720 -70.36 5.38 35.65
CA ASP D 1720 -69.98 6.56 36.42
C ASP D 1720 -68.46 6.76 36.48
N VAL D 1721 -67.69 5.69 36.52
CA VAL D 1721 -66.24 5.77 36.72
C VAL D 1721 -65.56 4.87 35.70
N LEU D 1722 -64.29 5.16 35.45
CA LEU D 1722 -63.45 4.30 34.61
C LEU D 1722 -62.03 4.38 35.13
N LEU D 1723 -61.46 3.23 35.47
CA LEU D 1723 -60.14 3.13 36.07
C LEU D 1723 -59.13 2.72 35.02
N LEU D 1724 -57.92 3.28 35.12
CA LEU D 1724 -56.86 2.95 34.18
C LEU D 1724 -55.51 3.34 34.79
N THR D 1725 -54.46 2.74 34.26
CA THR D 1725 -53.09 3.14 34.58
C THR D 1725 -52.65 4.26 33.66
N THR D 1726 -51.71 5.07 34.16
CA THR D 1726 -51.33 6.29 33.44
C THR D 1726 -50.69 5.98 32.09
N SER D 1727 -49.96 4.88 31.99
CA SER D 1727 -49.13 4.60 30.83
C SER D 1727 -49.85 3.79 29.75
N VAL D 1728 -51.15 3.61 29.85
CA VAL D 1728 -51.89 2.80 28.88
C VAL D 1728 -52.25 3.66 27.67
N GLY D 1729 -52.04 3.11 26.49
CA GLY D 1729 -52.49 3.76 25.27
C GLY D 1729 -51.68 4.97 24.90
N GLY D 1730 -51.53 5.20 23.60
CA GLY D 1730 -50.85 6.38 23.08
C GLY D 1730 -51.81 7.51 22.82
N LEU D 1731 -51.49 8.31 21.81
CA LEU D 1731 -52.39 9.39 21.42
C LEU D 1731 -53.68 8.82 20.86
N GLY D 1732 -54.75 9.62 20.95
CA GLY D 1732 -56.04 9.24 20.43
C GLY D 1732 -56.95 8.49 21.39
N LEU D 1733 -56.47 8.15 22.59
CA LEU D 1733 -57.30 7.46 23.57
C LEU D 1733 -58.25 8.47 24.22
N ASN D 1734 -59.20 8.92 23.42
CA ASN D 1734 -60.13 9.95 23.87
C ASN D 1734 -61.11 9.38 24.88
N LEU D 1735 -61.20 10.03 26.05
CA LEU D 1735 -62.17 9.69 27.08
C LEU D 1735 -62.85 11.00 27.47
N THR D 1736 -63.85 11.39 26.68
CA THR D 1736 -64.43 12.72 26.77
C THR D 1736 -65.52 12.84 27.82
N GLY D 1737 -66.17 11.74 28.18
CA GLY D 1737 -67.32 11.82 29.06
C GLY D 1737 -67.00 12.38 30.44
N ALA D 1738 -65.75 12.21 30.88
CA ALA D 1738 -65.40 12.61 32.23
C ALA D 1738 -65.36 14.13 32.37
N ASP D 1739 -65.83 14.61 33.52
CA ASP D 1739 -65.65 15.99 33.93
C ASP D 1739 -64.81 16.11 35.20
N THR D 1740 -64.31 15.00 35.75
CA THR D 1740 -63.34 15.02 36.82
C THR D 1740 -62.27 13.97 36.54
N VAL D 1741 -61.06 14.24 37.01
CA VAL D 1741 -59.93 13.32 36.89
C VAL D 1741 -59.24 13.24 38.25
N ILE D 1742 -59.13 12.04 38.80
CA ILE D 1742 -58.56 11.81 40.12
C ILE D 1742 -57.25 11.06 39.96
N PHE D 1743 -56.18 11.58 40.55
CA PHE D 1743 -54.90 10.92 40.61
C PHE D 1743 -54.66 10.40 42.02
N VAL D 1744 -54.20 9.15 42.11
CA VAL D 1744 -53.94 8.52 43.39
C VAL D 1744 -52.44 8.35 43.65
N GLU D 1745 -51.64 8.16 42.61
CA GLU D 1745 -50.19 8.10 42.72
C GLU D 1745 -49.59 8.83 41.54
N HIS D 1746 -48.54 9.61 41.79
CA HIS D 1746 -48.00 10.53 40.83
C HIS D 1746 -46.69 10.00 40.24
N ASP D 1747 -46.50 10.20 38.94
CA ASP D 1747 -45.37 9.65 38.23
C ASP D 1747 -44.14 10.55 38.40
N TRP D 1748 -42.97 9.95 38.16
CA TRP D 1748 -41.74 10.74 38.14
C TRP D 1748 -41.76 11.78 37.03
N ASN D 1749 -42.47 11.50 35.94
CA ASN D 1749 -42.52 12.36 34.77
C ASN D 1749 -43.77 13.23 34.85
N PRO D 1750 -43.67 14.55 35.02
CA PRO D 1750 -44.90 15.35 35.06
C PRO D 1750 -45.66 15.35 33.75
N GLN D 1751 -44.98 15.14 32.64
CA GLN D 1751 -45.65 15.19 31.35
C GLN D 1751 -46.57 14.00 31.15
N LYS D 1752 -46.28 12.86 31.78
CA LYS D 1752 -47.20 11.73 31.69
C LYS D 1752 -48.49 12.02 32.45
N ASP D 1753 -48.39 12.68 33.61
CA ASP D 1753 -49.59 13.10 34.31
C ASP D 1753 -50.35 14.14 33.51
N LEU D 1754 -49.65 15.06 32.86
CA LEU D 1754 -50.34 16.06 32.04
C LEU D 1754 -51.03 15.40 30.85
N GLN D 1755 -50.40 14.39 30.26
CA GLN D 1755 -51.03 13.64 29.19
C GLN D 1755 -52.28 12.92 29.69
N ALA D 1756 -52.20 12.33 30.89
CA ALA D 1756 -53.37 11.68 31.47
C ALA D 1756 -54.49 12.69 31.71
N MET D 1757 -54.15 13.91 32.10
CA MET D 1757 -55.16 14.95 32.22
C MET D 1757 -55.71 15.35 30.86
N ASP D 1758 -54.88 15.31 29.82
CA ASP D 1758 -55.34 15.71 28.49
C ASP D 1758 -56.44 14.79 27.99
N ARG D 1759 -56.41 13.52 28.39
CA ARG D 1759 -57.59 12.69 28.24
C ARG D 1759 -58.72 13.32 29.03
N ALA D 1760 -59.88 13.46 28.38
CA ALA D 1760 -61.04 14.16 28.90
C ALA D 1760 -60.85 15.67 28.92
N HIS D 1761 -59.88 16.19 28.17
CA HIS D 1761 -59.70 17.63 27.99
C HIS D 1761 -59.40 17.96 26.53
N ARG D 1762 -59.91 17.15 25.61
CA ARG D 1762 -59.67 17.34 24.19
C ARG D 1762 -60.68 18.35 23.62
N ILE D 1763 -60.57 18.60 22.32
CA ILE D 1763 -61.44 19.57 21.66
C ILE D 1763 -62.90 19.16 21.77
N GLY D 1764 -63.18 17.87 21.89
CA GLY D 1764 -64.53 17.38 22.05
C GLY D 1764 -65.09 17.53 23.45
N GLN D 1765 -64.31 18.01 24.40
CA GLN D 1765 -64.79 18.19 25.76
C GLN D 1765 -65.89 19.24 25.81
N LYS D 1766 -66.90 18.99 26.66
CA LYS D 1766 -68.08 19.83 26.76
C LYS D 1766 -68.16 20.64 28.04
N LYS D 1767 -67.71 20.09 29.17
CA LYS D 1767 -67.91 20.70 30.47
C LYS D 1767 -66.58 20.95 31.15
N VAL D 1768 -66.62 21.71 32.25
CA VAL D 1768 -65.43 22.01 33.02
C VAL D 1768 -64.83 20.72 33.57
N VAL D 1769 -63.50 20.64 33.52
CA VAL D 1769 -62.75 19.49 33.99
C VAL D 1769 -61.97 19.89 35.22
N ASN D 1770 -62.16 19.17 36.32
CA ASN D 1770 -61.50 19.42 37.59
C ASN D 1770 -60.58 18.26 37.90
N VAL D 1771 -59.34 18.54 38.27
CA VAL D 1771 -58.34 17.53 38.57
C VAL D 1771 -58.09 17.54 40.07
N TYR D 1772 -58.12 16.35 40.68
CA TYR D 1772 -57.91 16.19 42.11
C TYR D 1772 -56.75 15.23 42.34
N ARG D 1773 -55.93 15.50 43.35
CA ARG D 1773 -54.78 14.68 43.70
C ARG D 1773 -54.83 14.32 45.18
N ILE D 1774 -54.52 13.07 45.48
CA ILE D 1774 -54.49 12.56 46.85
C ILE D 1774 -53.02 12.49 47.27
N ILE D 1775 -52.57 13.50 48.00
CA ILE D 1775 -51.16 13.68 48.34
C ILE D 1775 -51.03 13.45 49.84
N THR D 1776 -50.64 12.23 50.22
CA THR D 1776 -50.45 11.93 51.63
C THR D 1776 -49.19 12.62 52.15
N ARG D 1777 -49.32 13.33 53.26
CA ARG D 1777 -48.25 14.16 53.77
C ARG D 1777 -47.16 13.31 54.44
N GLY D 1778 -45.96 13.87 54.48
CA GLY D 1778 -44.85 13.25 55.17
C GLY D 1778 -44.38 11.93 54.59
N THR D 1779 -44.26 11.84 53.27
CA THR D 1779 -43.78 10.62 52.63
C THR D 1779 -43.20 10.98 51.27
N LEU D 1780 -43.01 9.98 50.42
CA LEU D 1780 -42.32 10.17 49.14
C LEU D 1780 -43.11 11.10 48.22
N GLU D 1781 -44.45 11.05 48.28
CA GLU D 1781 -45.25 11.77 47.30
C GLU D 1781 -45.01 13.28 47.33
N GLU D 1782 -44.67 13.83 48.50
CA GLU D 1782 -44.31 15.25 48.54
C GLU D 1782 -43.07 15.51 47.70
N LYS D 1783 -42.07 14.61 47.79
CA LYS D 1783 -40.89 14.75 46.94
C LYS D 1783 -41.25 14.56 45.48
N ILE D 1784 -42.18 13.66 45.18
CA ILE D 1784 -42.62 13.47 43.79
C ILE D 1784 -43.18 14.77 43.24
N LEU D 1785 -44.06 15.41 44.00
CA LEU D 1785 -44.68 16.65 43.53
C LEU D 1785 -43.66 17.78 43.45
N SER D 1786 -42.71 17.84 44.39
CA SER D 1786 -41.67 18.86 44.32
C SER D 1786 -40.83 18.68 43.06
N LEU D 1787 -40.46 17.44 42.76
CA LEU D 1787 -39.70 17.16 41.53
C LEU D 1787 -40.53 17.52 40.31
N GLN D 1788 -41.83 17.23 40.34
CA GLN D 1788 -42.68 17.53 39.20
C GLN D 1788 -42.75 19.03 38.94
N ARG D 1789 -42.93 19.83 39.99
CA ARG D 1789 -43.02 21.27 39.76
C ARG D 1789 -41.66 21.85 39.36
N PHE D 1790 -40.56 21.29 39.89
CA PHE D 1790 -39.24 21.72 39.42
C PHE D 1790 -39.06 21.44 37.93
N LYS D 1791 -39.42 20.23 37.49
CA LYS D 1791 -39.30 19.89 36.08
C LYS D 1791 -40.22 20.76 35.23
N ILE D 1792 -41.43 21.03 35.72
CA ILE D 1792 -42.36 21.88 34.98
C ILE D 1792 -41.78 23.27 34.80
N ASP D 1793 -41.21 23.83 35.87
CA ASP D 1793 -40.61 25.16 35.76
C ASP D 1793 -39.45 25.17 34.78
N VAL D 1794 -38.58 24.16 34.87
CA VAL D 1794 -37.40 24.12 34.00
C VAL D 1794 -37.82 23.96 32.55
N ALA D 1795 -38.85 23.18 32.28
CA ALA D 1795 -39.33 23.02 30.92
C ALA D 1795 -40.00 24.29 30.41
N SER D 1796 -40.89 24.87 31.22
CA SER D 1796 -41.68 26.01 30.77
C SER D 1796 -40.82 27.24 30.54
N THR D 1797 -39.83 27.49 31.40
CA THR D 1797 -39.01 28.69 31.25
C THR D 1797 -38.19 28.65 29.96
N VAL D 1798 -37.91 27.47 29.43
CA VAL D 1798 -37.14 27.36 28.20
C VAL D 1798 -37.99 27.61 26.95
N VAL D 1799 -39.32 27.53 27.05
CA VAL D 1799 -40.23 27.65 25.91
C VAL D 1799 -41.28 28.72 26.18
N ASN D 1800 -40.92 29.76 26.94
CA ASN D 1800 -41.93 30.69 27.44
C ASN D 1800 -42.52 31.56 26.33
N GLN D 1801 -41.69 32.03 25.39
CA GLN D 1801 -42.10 33.03 24.40
C GLN D 1801 -41.72 32.54 23.00
N GLN D 1802 -42.72 32.06 22.26
CA GLN D 1802 -42.49 31.44 20.95
C GLN D 1802 -43.51 31.97 19.95
N ASN D 1803 -43.01 32.68 18.94
CA ASN D 1803 -43.77 33.14 17.78
C ASN D 1803 -42.77 33.73 16.81
N ALA D 1804 -43.19 33.89 15.55
CA ALA D 1804 -42.26 34.35 14.51
C ALA D 1804 -41.77 35.76 14.79
N GLY D 1805 -42.70 36.70 15.01
CA GLY D 1805 -42.29 38.06 15.31
C GLY D 1805 -41.62 38.19 16.65
N LEU D 1806 -42.11 37.44 17.65
CA LEU D 1806 -41.56 37.56 18.99
C LEU D 1806 -40.16 36.95 19.09
N ALA D 1807 -39.85 35.97 18.25
CA ALA D 1807 -38.52 35.36 18.26
C ALA D 1807 -37.46 36.40 17.93
N THR D 1808 -36.33 36.31 18.61
CA THR D 1808 -35.24 37.26 18.43
C THR D 1808 -34.49 36.97 17.15
N MET D 1809 -34.26 38.01 16.35
CA MET D 1809 -33.51 37.88 15.10
C MET D 1809 -32.06 38.32 15.32
N ASP D 1810 -31.38 37.51 16.12
CA ASP D 1810 -29.92 37.51 16.24
C ASP D 1810 -29.39 36.13 15.89
N THR D 1811 -29.96 35.53 14.83
CA THR D 1811 -29.72 34.12 14.56
C THR D 1811 -28.26 33.83 14.25
N ASP D 1812 -27.60 34.71 13.49
CA ASP D 1812 -26.22 34.46 13.10
C ASP D 1812 -25.29 34.38 14.29
N GLN D 1813 -25.63 35.07 15.38
CA GLN D 1813 -24.77 35.08 16.56
C GLN D 1813 -24.91 33.83 17.42
N ILE D 1814 -25.85 32.94 17.08
CA ILE D 1814 -26.09 31.75 17.90
C ILE D 1814 -25.20 30.59 17.46
N LEU D 1815 -24.91 30.47 16.16
CA LEU D 1815 -24.18 29.31 15.64
C LEU D 1815 -22.69 29.45 15.96
N ASP D 1816 -22.38 29.26 17.25
CA ASP D 1816 -20.99 29.23 17.70
C ASP D 1816 -20.77 28.16 18.77
N LEU D 1817 -21.64 27.16 18.84
CA LEU D 1817 -21.55 26.08 19.82
C LEU D 1817 -21.47 26.62 21.25
N SER E 97 11.58 -25.02 28.73
CA SER E 97 11.65 -26.36 28.07
C SER E 97 11.00 -26.30 26.69
N GLY E 98 9.68 -26.39 26.64
CA GLY E 98 8.94 -26.13 25.40
C GLY E 98 8.82 -27.36 24.54
N ILE E 99 9.02 -27.17 23.23
CA ILE E 99 8.79 -28.20 22.22
C ILE E 99 9.84 -29.31 22.34
N THR E 100 9.59 -30.45 21.66
CA THR E 100 10.39 -31.66 21.73
C THR E 100 11.08 -31.93 20.38
N PRO E 101 12.30 -32.46 20.35
CA PRO E 101 12.92 -32.79 19.07
C PRO E 101 12.20 -33.93 18.35
N THR E 102 12.35 -33.95 17.04
CA THR E 102 11.89 -35.05 16.19
C THR E 102 13.10 -35.76 15.60
N LEU E 103 13.18 -37.06 15.81
CA LEU E 103 14.31 -37.84 15.32
C LEU E 103 14.18 -38.08 13.83
N GLN E 104 15.31 -37.97 13.12
CA GLN E 104 15.34 -37.99 11.67
C GLN E 104 16.16 -39.14 11.09
N ASN E 105 17.18 -39.61 11.79
CA ASN E 105 18.00 -40.72 11.29
C ASN E 105 18.55 -41.51 12.47
N ILE E 106 18.57 -42.83 12.32
CA ILE E 106 19.17 -43.72 13.30
C ILE E 106 20.04 -44.71 12.52
N VAL E 107 21.29 -44.84 12.94
CA VAL E 107 22.26 -45.74 12.31
C VAL E 107 22.56 -46.86 13.29
N ALA E 108 22.41 -48.10 12.82
CA ALA E 108 22.64 -49.28 13.63
C ALA E 108 23.58 -50.23 12.90
N THR E 109 24.37 -50.98 13.67
CA THR E 109 25.27 -51.98 13.15
C THR E 109 24.90 -53.34 13.73
N VAL E 110 24.83 -54.35 12.87
CA VAL E 110 24.51 -55.71 13.27
C VAL E 110 25.45 -56.67 12.56
N ASN E 111 25.93 -57.66 13.28
CA ASN E 111 26.86 -58.66 12.74
C ASN E 111 26.09 -59.92 12.39
N LEU E 112 26.24 -60.38 11.15
CA LEU E 112 25.59 -61.59 10.68
C LEU E 112 26.41 -62.84 10.95
N ASP E 113 27.65 -62.70 11.40
CA ASP E 113 28.47 -63.81 11.89
C ASP E 113 28.81 -64.82 10.80
N CYS E 114 28.83 -64.41 9.53
CA CYS E 114 29.21 -65.34 8.48
C CYS E 114 29.66 -64.56 7.25
N ARG E 115 30.63 -65.14 6.55
CA ARG E 115 31.12 -64.53 5.32
C ARG E 115 30.03 -64.56 4.26
N LEU E 116 30.04 -63.54 3.41
CA LEU E 116 29.07 -63.38 2.34
C LEU E 116 29.79 -63.15 1.02
N ASP E 117 29.29 -63.80 -0.03
CA ASP E 117 29.77 -63.56 -1.39
C ASP E 117 28.89 -62.46 -1.98
N LEU E 118 29.42 -61.24 -2.05
CA LEU E 118 28.60 -60.08 -2.35
C LEU E 118 28.04 -60.12 -3.77
N LYS E 119 28.83 -60.54 -4.74
CA LYS E 119 28.35 -60.54 -6.12
C LYS E 119 27.21 -61.54 -6.31
N THR E 120 27.18 -62.61 -5.53
CA THR E 120 26.03 -63.51 -5.59
C THR E 120 24.78 -62.86 -5.01
N ILE E 121 24.92 -62.01 -4.00
CA ILE E 121 23.79 -61.26 -3.50
C ILE E 121 23.28 -60.29 -4.58
N ALA E 122 24.21 -59.60 -5.24
CA ALA E 122 23.81 -58.60 -6.22
C ALA E 122 23.11 -59.22 -7.41
N LEU E 123 23.60 -60.38 -7.87
CA LEU E 123 23.06 -60.98 -9.08
C LEU E 123 21.68 -61.60 -8.88
N HIS E 124 21.27 -61.84 -7.64
CA HIS E 124 20.00 -62.50 -7.33
C HIS E 124 18.94 -61.55 -6.81
N ALA E 125 19.31 -60.58 -5.98
CA ALA E 125 18.37 -59.64 -5.40
C ALA E 125 18.18 -58.46 -6.35
N ARG E 126 16.92 -58.16 -6.66
CA ARG E 126 16.63 -56.99 -7.50
C ARG E 126 17.01 -55.70 -6.78
N ASN E 127 16.82 -55.66 -5.47
CA ASN E 127 16.97 -54.44 -4.69
C ASN E 127 18.39 -54.22 -4.19
N ALA E 128 19.39 -54.82 -4.84
CA ALA E 128 20.78 -54.71 -4.42
C ALA E 128 21.62 -54.19 -5.57
N GLU E 129 22.54 -53.29 -5.24
CA GLU E 129 23.52 -52.75 -6.18
C GLU E 129 24.92 -53.00 -5.65
N TYR E 130 25.84 -53.34 -6.54
CA TYR E 130 27.22 -53.64 -6.18
C TYR E 130 28.16 -53.00 -7.18
N ASN E 131 29.10 -52.21 -6.67
CA ASN E 131 30.11 -51.55 -7.49
C ASN E 131 31.43 -51.62 -6.72
N PRO E 132 32.20 -52.69 -6.90
CA PRO E 132 33.39 -52.87 -6.05
C PRO E 132 34.43 -51.76 -6.20
N LYS E 133 34.45 -51.08 -7.34
CA LYS E 133 35.39 -49.96 -7.49
C LYS E 133 34.99 -48.78 -6.61
N ARG E 134 33.69 -48.51 -6.49
CA ARG E 134 33.25 -47.34 -5.73
C ARG E 134 33.18 -47.64 -4.23
N PHE E 135 32.57 -48.76 -3.85
CA PHE E 135 32.41 -49.11 -2.45
C PHE E 135 32.43 -50.63 -2.33
N ALA E 136 32.82 -51.11 -1.16
CA ALA E 136 33.05 -52.53 -0.93
C ALA E 136 31.81 -53.30 -0.50
N ALA E 137 30.64 -52.66 -0.44
CA ALA E 137 29.44 -53.26 0.10
C ALA E 137 28.32 -53.27 -0.95
N VAL E 138 27.36 -54.15 -0.73
CA VAL E 138 26.12 -54.17 -1.50
C VAL E 138 25.09 -53.32 -0.77
N ILE E 139 24.43 -52.43 -1.51
CA ILE E 139 23.45 -51.51 -0.96
C ILE E 139 22.07 -52.11 -1.22
N MET E 140 21.54 -52.80 -0.21
CA MET E 140 20.18 -53.31 -0.26
C MET E 140 19.21 -52.27 0.29
N ARG E 141 17.94 -52.40 -0.12
CA ARG E 141 16.89 -51.49 0.33
C ARG E 141 15.59 -52.27 0.48
N ILE E 142 14.80 -51.87 1.48
CA ILE E 142 13.45 -52.37 1.68
C ILE E 142 12.54 -51.18 1.93
N ARG E 143 11.25 -51.35 1.63
CA ARG E 143 10.29 -50.27 1.63
C ARG E 143 9.39 -50.24 2.87
N GLU E 144 9.64 -51.10 3.87
CA GLU E 144 8.85 -51.05 5.09
C GLU E 144 9.62 -51.66 6.26
N PRO E 145 10.16 -50.85 7.20
CA PRO E 145 10.34 -49.40 7.20
C PRO E 145 11.44 -48.98 6.25
N LYS E 146 11.30 -47.78 5.66
CA LYS E 146 12.23 -47.34 4.63
C LYS E 146 13.64 -47.22 5.21
N THR E 147 14.53 -48.11 4.79
CA THR E 147 15.89 -48.15 5.31
C THR E 147 16.83 -48.68 4.24
N THR E 148 18.11 -48.40 4.42
CA THR E 148 19.16 -48.87 3.53
C THR E 148 20.19 -49.62 4.36
N ALA E 149 20.77 -50.65 3.76
CA ALA E 149 21.73 -51.52 4.44
C ALA E 149 22.99 -51.63 3.58
N LEU E 150 24.13 -51.30 4.16
CA LEU E 150 25.43 -51.52 3.55
C LEU E 150 25.96 -52.84 4.07
N ILE E 151 25.82 -53.90 3.29
CA ILE E 151 26.18 -55.25 3.71
C ILE E 151 27.56 -55.57 3.14
N PHE E 152 28.48 -55.95 4.02
CA PHE E 152 29.88 -56.12 3.70
C PHE E 152 30.25 -57.59 3.61
N ALA E 153 31.43 -57.85 3.04
CA ALA E 153 31.90 -59.22 2.89
C ALA E 153 32.24 -59.85 4.23
N SER E 154 32.60 -59.05 5.22
CA SER E 154 33.02 -59.57 6.51
C SER E 154 31.85 -59.99 7.40
N GLY E 155 30.61 -59.75 6.98
CA GLY E 155 29.44 -60.12 7.73
C GLY E 155 28.80 -58.97 8.49
N LYS E 156 29.51 -57.86 8.69
CA LYS E 156 28.91 -56.69 9.30
C LYS E 156 27.97 -56.01 8.30
N MET E 157 27.01 -55.26 8.84
CA MET E 157 26.21 -54.37 8.02
C MET E 157 25.86 -53.13 8.83
N VAL E 158 25.58 -52.04 8.12
CA VAL E 158 25.14 -50.79 8.70
C VAL E 158 23.77 -50.46 8.13
N VAL E 159 22.77 -50.36 8.99
CA VAL E 159 21.39 -50.08 8.61
C VAL E 159 21.09 -48.64 8.98
N THR E 160 20.65 -47.84 8.01
CA THR E 160 20.48 -46.41 8.16
C THR E 160 19.12 -45.99 7.64
N GLY E 161 18.69 -44.80 8.05
CA GLY E 161 17.49 -44.18 7.55
C GLY E 161 16.26 -44.35 8.42
N ALA E 162 16.33 -45.16 9.47
CA ALA E 162 15.17 -45.39 10.31
C ALA E 162 14.86 -44.18 11.19
N LYS E 163 13.57 -43.96 11.44
CA LYS E 163 13.10 -42.87 12.28
C LYS E 163 12.82 -43.30 13.72
N SER E 164 13.05 -44.57 14.08
CA SER E 164 12.77 -45.04 15.43
C SER E 164 13.61 -46.28 15.69
N GLU E 165 13.79 -46.58 16.99
CA GLU E 165 14.65 -47.70 17.37
C GLU E 165 14.00 -49.03 17.00
N ASP E 166 12.69 -49.17 17.25
CA ASP E 166 12.00 -50.40 16.90
C ASP E 166 12.03 -50.64 15.39
N ASP E 167 11.83 -49.57 14.60
CA ASP E 167 11.88 -49.72 13.15
C ASP E 167 13.27 -50.14 12.69
N SER E 168 14.32 -49.57 13.29
CA SER E 168 15.68 -49.94 12.92
C SER E 168 15.95 -51.41 13.23
N LYS E 169 15.54 -51.87 14.41
CA LYS E 169 15.78 -53.26 14.78
C LYS E 169 15.00 -54.20 13.87
N LEU E 170 13.74 -53.87 13.57
CA LEU E 170 12.94 -54.71 12.68
C LEU E 170 13.53 -54.75 11.28
N ALA E 171 14.02 -53.62 10.78
CA ALA E 171 14.65 -53.59 9.47
C ALA E 171 15.91 -54.45 9.45
N SER E 172 16.71 -54.38 10.51
CA SER E 172 17.91 -55.21 10.58
C SER E 172 17.54 -56.69 10.56
N ARG E 173 16.50 -57.06 11.30
CA ARG E 173 16.05 -58.45 11.28
C ARG E 173 15.57 -58.86 9.89
N LYS E 174 14.86 -57.98 9.20
CA LYS E 174 14.41 -58.30 7.84
C LYS E 174 15.59 -58.49 6.90
N TYR E 175 16.61 -57.64 7.01
CA TYR E 175 17.79 -57.79 6.17
C TYR E 175 18.50 -59.11 6.45
N ALA E 176 18.60 -59.48 7.72
CA ALA E 176 19.18 -60.78 8.07
C ALA E 176 18.38 -61.91 7.45
N ARG E 177 17.05 -61.82 7.48
CA ARG E 177 16.22 -62.82 6.84
C ARG E 177 16.48 -62.88 5.33
N ILE E 178 16.63 -61.71 4.69
CA ILE E 178 16.84 -61.70 3.25
C ILE E 178 18.16 -62.36 2.91
N ILE E 179 19.20 -62.11 3.71
CA ILE E 179 20.47 -62.80 3.49
C ILE E 179 20.31 -64.30 3.73
N GLN E 180 19.48 -64.69 4.69
CA GLN E 180 19.24 -66.11 4.93
C GLN E 180 18.58 -66.77 3.73
N LYS E 181 17.63 -66.09 3.11
CA LYS E 181 16.90 -66.67 1.99
C LYS E 181 17.81 -66.89 0.78
N LEU E 182 18.87 -66.09 0.64
CA LEU E 182 19.79 -66.25 -0.47
C LEU E 182 20.77 -67.40 -0.28
N GLY E 183 20.68 -68.13 0.84
CA GLY E 183 21.44 -69.34 1.06
C GLY E 183 22.50 -69.24 2.15
N PHE E 184 22.92 -68.03 2.49
CA PHE E 184 23.94 -67.86 3.52
C PHE E 184 23.37 -68.10 4.90
N ASN E 185 24.19 -68.68 5.77
CA ASN E 185 23.77 -69.00 7.14
C ASN E 185 24.06 -67.80 8.04
N ALA E 186 23.35 -66.72 7.75
CA ALA E 186 23.47 -65.48 8.52
C ALA E 186 22.57 -65.54 9.75
N LYS E 187 23.07 -65.00 10.85
CA LYS E 187 22.37 -65.01 12.13
C LYS E 187 22.43 -63.63 12.75
N PHE E 188 21.28 -63.15 13.23
CA PHE E 188 21.17 -61.82 13.82
C PHE E 188 21.94 -61.77 15.13
N THR E 189 23.03 -61.01 15.16
CA THR E 189 23.85 -60.89 16.36
C THR E 189 24.48 -59.50 16.41
N ASP E 190 24.73 -59.03 17.64
CA ASP E 190 25.54 -57.83 17.88
C ASP E 190 24.85 -56.57 17.35
N PHE E 191 23.57 -56.40 17.71
CA PHE E 191 22.89 -55.16 17.41
C PHE E 191 23.29 -54.07 18.39
N LYS E 192 23.58 -52.88 17.89
CA LYS E 192 23.91 -51.75 18.75
C LYS E 192 23.72 -50.46 17.96
N ILE E 193 22.79 -49.62 18.40
CA ILE E 193 22.63 -48.30 17.78
C ILE E 193 23.87 -47.47 18.04
N GLN E 194 24.33 -46.75 17.02
CA GLN E 194 25.58 -46.01 17.08
C GLN E 194 25.47 -44.55 16.64
N ASN E 195 24.28 -44.09 16.25
CA ASN E 195 24.09 -42.68 15.97
C ASN E 195 22.60 -42.40 15.86
N ILE E 196 22.18 -41.26 16.42
CA ILE E 196 20.82 -40.76 16.29
C ILE E 196 20.91 -39.29 15.94
N VAL E 197 20.14 -38.87 14.94
CA VAL E 197 20.09 -37.49 14.50
C VAL E 197 18.69 -36.95 14.76
N GLY E 198 18.63 -35.71 15.25
CA GLY E 198 17.37 -35.09 15.57
C GLY E 198 17.30 -33.70 14.97
N SER E 199 16.08 -33.17 14.92
CA SER E 199 15.83 -31.85 14.35
C SER E 199 14.69 -31.19 15.11
N CYS E 200 14.80 -29.88 15.30
CA CYS E 200 13.78 -29.11 15.98
C CYS E 200 13.75 -27.71 15.40
N ASP E 201 12.63 -27.02 15.63
CA ASP E 201 12.39 -25.68 15.07
C ASP E 201 11.75 -24.81 16.15
N ILE E 202 12.60 -24.09 16.89
CA ILE E 202 12.11 -23.07 17.81
C ILE E 202 11.69 -21.85 17.01
N LYS E 203 10.63 -21.19 17.47
CA LYS E 203 9.93 -20.19 16.65
C LYS E 203 10.49 -18.79 16.86
N PHE E 204 11.79 -18.60 16.66
CA PHE E 204 12.33 -17.24 16.60
C PHE E 204 13.70 -17.29 15.94
N PRO E 205 14.11 -16.25 15.21
CA PRO E 205 15.47 -16.22 14.68
C PRO E 205 16.50 -16.05 15.78
N ILE E 206 17.74 -16.41 15.43
CA ILE E 206 18.86 -16.46 16.37
C ILE E 206 19.94 -15.50 15.88
N ARG E 207 20.48 -14.70 16.80
CA ARG E 207 21.65 -13.87 16.52
C ARG E 207 22.88 -14.75 16.65
N LEU E 208 23.33 -15.31 15.52
CA LEU E 208 24.44 -16.25 15.56
C LEU E 208 25.74 -15.59 16.00
N GLU E 209 25.97 -14.34 15.57
CA GLU E 209 27.26 -13.69 15.84
C GLU E 209 27.47 -13.48 17.33
N GLY E 210 26.46 -12.97 18.04
CA GLY E 210 26.59 -12.79 19.47
C GLY E 210 26.78 -14.10 20.21
N LEU E 211 26.05 -15.13 19.79
CA LEU E 211 26.18 -16.45 20.40
C LEU E 211 27.61 -16.98 20.23
N ALA E 212 28.15 -16.82 19.02
CA ALA E 212 29.52 -17.28 18.77
C ALA E 212 30.52 -16.49 19.60
N SER E 213 30.28 -15.17 19.73
CA SER E 213 31.21 -14.34 20.49
C SER E 213 31.21 -14.72 21.96
N LYS E 214 30.03 -14.93 22.55
CA LYS E 214 29.97 -15.24 23.96
C LYS E 214 30.46 -16.66 24.25
N HIS E 215 30.05 -17.63 23.44
CA HIS E 215 30.34 -19.04 23.65
C HIS E 215 31.44 -19.54 22.72
N HIS E 216 32.47 -18.75 22.51
CA HIS E 216 33.53 -19.10 21.57
C HIS E 216 34.23 -20.40 21.94
N ASN E 217 34.23 -20.77 23.22
CA ASN E 217 34.93 -22.00 23.63
C ASN E 217 34.25 -23.24 23.06
N PHE E 218 32.93 -23.19 22.86
CA PHE E 218 32.15 -24.37 22.48
C PHE E 218 31.45 -24.20 21.15
N SER E 219 31.92 -23.30 20.28
CA SER E 219 31.24 -23.05 19.02
C SER E 219 32.24 -22.63 17.96
N SER E 220 31.84 -22.81 16.70
CA SER E 220 32.61 -22.40 15.54
C SER E 220 31.66 -21.80 14.52
N TYR E 221 32.10 -20.74 13.85
CA TYR E 221 31.23 -20.03 12.90
C TYR E 221 32.10 -19.42 11.82
N GLU E 222 31.94 -19.92 10.59
CA GLU E 222 32.63 -19.40 9.42
C GLU E 222 31.55 -19.16 8.35
N PRO E 223 30.84 -18.03 8.43
CA PRO E 223 29.67 -17.87 7.55
C PRO E 223 30.00 -17.87 6.07
N GLU E 224 31.25 -17.58 5.70
CA GLU E 224 31.64 -17.68 4.30
C GLU E 224 31.64 -19.14 3.82
N LEU E 225 31.84 -20.09 4.73
CA LEU E 225 31.95 -21.50 4.39
C LEU E 225 30.67 -22.29 4.62
N PHE E 226 29.93 -21.98 5.70
CA PHE E 226 28.73 -22.74 6.03
C PHE E 226 27.77 -21.86 6.84
N PRO E 227 26.52 -21.67 6.41
CA PRO E 227 25.65 -20.71 7.11
C PRO E 227 25.33 -21.07 8.55
N GLY E 228 25.49 -22.32 8.97
CA GLY E 228 25.08 -22.74 10.29
C GLY E 228 26.20 -22.64 11.31
N LEU E 229 25.83 -22.21 12.52
CA LEU E 229 26.74 -22.22 13.65
C LEU E 229 26.88 -23.63 14.18
N ILE E 230 28.12 -24.10 14.32
CA ILE E 230 28.41 -25.40 14.91
C ILE E 230 28.59 -25.22 16.41
N TYR E 231 28.04 -26.14 17.18
CA TYR E 231 28.15 -26.13 18.63
C TYR E 231 28.46 -27.54 19.10
N ARG E 232 29.46 -27.68 19.95
CA ARG E 232 29.89 -28.97 20.49
C ARG E 232 29.71 -28.95 21.99
N MET E 233 28.97 -29.91 22.52
CA MET E 233 28.59 -29.97 23.92
C MET E 233 29.34 -31.12 24.59
N ILE E 234 29.93 -30.83 25.75
CA ILE E 234 30.84 -31.79 26.36
C ILE E 234 30.08 -32.85 27.15
N LYS E 235 29.02 -32.47 27.88
CA LYS E 235 28.41 -33.42 28.81
C LYS E 235 27.68 -34.54 28.08
N PRO E 236 26.66 -34.28 27.25
CA PRO E 236 26.04 -35.38 26.50
C PRO E 236 26.75 -35.73 25.20
N LYS E 237 27.83 -35.03 24.85
CA LYS E 237 28.64 -35.32 23.66
C LYS E 237 27.87 -35.13 22.37
N ILE E 238 26.88 -34.23 22.38
CA ILE E 238 26.05 -33.95 21.22
C ILE E 238 26.60 -32.72 20.50
N VAL E 239 26.54 -32.74 19.17
CA VAL E 239 26.98 -31.63 18.33
C VAL E 239 25.75 -31.05 17.66
N LEU E 240 25.53 -29.75 17.88
CA LEU E 240 24.36 -29.04 17.40
C LEU E 240 24.76 -28.06 16.32
N LEU E 241 24.00 -28.02 15.23
CA LEU E 241 24.18 -27.07 14.15
C LEU E 241 23.03 -26.09 14.20
N ILE E 242 23.32 -24.83 14.51
CA ILE E 242 22.32 -23.81 14.77
C ILE E 242 22.26 -22.89 13.56
N PHE E 243 21.04 -22.52 13.17
CA PHE E 243 20.79 -21.73 11.98
C PHE E 243 19.95 -20.52 12.32
N VAL E 244 20.13 -19.45 11.56
CA VAL E 244 19.44 -18.18 11.82
C VAL E 244 17.94 -18.33 11.70
N SER E 245 17.46 -19.31 10.93
CA SER E 245 16.03 -19.50 10.78
C SER E 245 15.33 -19.96 12.05
N GLY E 246 16.08 -20.35 13.07
CA GLY E 246 15.49 -20.89 14.28
C GLY E 246 15.36 -22.39 14.28
N LYS E 247 16.21 -23.09 13.52
CA LYS E 247 16.14 -24.53 13.37
C LYS E 247 17.49 -25.13 13.80
N ILE E 248 17.42 -26.14 14.66
CA ILE E 248 18.58 -26.80 15.24
C ILE E 248 18.51 -28.28 14.95
N VAL E 249 19.62 -28.86 14.54
CA VAL E 249 19.73 -30.29 14.28
C VAL E 249 20.84 -30.84 15.17
N LEU E 250 20.52 -31.91 15.89
CA LEU E 250 21.43 -32.53 16.85
C LEU E 250 21.88 -33.88 16.30
N THR E 251 23.14 -34.22 16.56
CA THR E 251 23.72 -35.43 16.00
C THR E 251 24.77 -35.98 16.96
N GLY E 252 25.12 -37.24 16.75
CA GLY E 252 26.08 -37.92 17.60
C GLY E 252 25.47 -38.67 18.78
N ALA E 253 24.17 -38.55 18.99
CA ALA E 253 23.54 -39.22 20.12
C ALA E 253 23.51 -40.72 19.90
N LYS E 254 23.52 -41.45 21.02
CA LYS E 254 23.27 -42.89 21.03
C LYS E 254 22.02 -43.26 21.80
N VAL E 255 21.32 -42.29 22.38
CA VAL E 255 20.02 -42.52 23.02
C VAL E 255 19.17 -41.27 22.78
N ARG E 256 17.85 -41.45 22.81
CA ARG E 256 16.91 -40.35 22.62
C ARG E 256 17.07 -39.30 23.72
N GLU E 257 17.24 -39.75 24.97
CA GLU E 257 17.39 -38.83 26.08
C GLU E 257 18.59 -37.93 25.92
N GLU E 258 19.61 -38.35 25.16
CA GLU E 258 20.76 -37.48 24.95
C GLU E 258 20.39 -36.25 24.13
N ILE E 259 19.65 -36.43 23.03
CA ILE E 259 19.25 -35.27 22.26
C ILE E 259 18.25 -34.44 23.05
N TYR E 260 17.39 -35.08 23.85
CA TYR E 260 16.47 -34.30 24.68
C TYR E 260 17.22 -33.42 25.68
N GLN E 261 18.23 -34.00 26.35
CA GLN E 261 19.04 -33.25 27.29
C GLN E 261 19.80 -32.13 26.58
N ALA E 262 20.33 -32.41 25.39
CA ALA E 262 21.07 -31.38 24.65
C ALA E 262 20.16 -30.21 24.29
N PHE E 263 18.93 -30.51 23.84
CA PHE E 263 18.01 -29.43 23.53
C PHE E 263 17.63 -28.63 24.77
N GLU E 264 17.40 -29.31 25.89
CA GLU E 264 17.10 -28.60 27.13
C GLU E 264 18.26 -27.71 27.55
N MET E 265 19.49 -28.20 27.37
CA MET E 265 20.66 -27.41 27.74
C MET E 265 20.83 -26.20 26.83
N ILE E 266 20.56 -26.36 25.53
CA ILE E 266 20.84 -25.29 24.58
C ILE E 266 19.71 -24.26 24.51
N TYR E 267 18.48 -24.64 24.86
CA TYR E 267 17.35 -23.74 24.67
C TYR E 267 17.48 -22.40 25.40
N PRO E 268 17.93 -22.33 26.66
CA PRO E 268 18.08 -21.00 27.28
C PRO E 268 19.03 -20.09 26.53
N VAL E 269 20.12 -20.64 25.98
CA VAL E 269 21.08 -19.83 25.24
C VAL E 269 20.42 -19.23 24.02
N LEU E 270 19.63 -20.01 23.29
CA LEU E 270 18.94 -19.51 22.12
C LEU E 270 17.87 -18.50 22.50
N GLN E 271 17.24 -18.68 23.67
CA GLN E 271 16.29 -17.68 24.15
C GLN E 271 16.98 -16.35 24.41
N ASP E 272 18.19 -16.40 24.98
CA ASP E 272 18.89 -15.15 25.31
C ASP E 272 19.19 -14.33 24.07
N PHE E 273 19.62 -14.97 22.98
CA PHE E 273 19.90 -14.29 21.72
C PHE E 273 18.64 -14.36 20.85
N ARG E 274 17.75 -13.41 21.08
CA ARG E 274 16.44 -13.35 20.41
C ARG E 274 15.67 -14.66 20.57
N ALA F 2 7.92 -36.74 -40.45
CA ALA F 2 7.62 -38.03 -39.77
C ALA F 2 6.16 -38.40 -39.96
N THR F 3 5.89 -39.70 -40.07
CA THR F 3 4.54 -40.21 -40.25
C THR F 3 3.79 -40.17 -38.92
N ARG F 4 2.50 -40.51 -38.97
CA ARG F 4 1.73 -40.59 -37.74
C ARG F 4 2.20 -41.74 -36.85
N LEU F 5 2.70 -42.83 -37.46
CA LEU F 5 3.00 -44.03 -36.69
C LEU F 5 4.14 -43.81 -35.71
N ASP F 6 5.15 -43.02 -36.08
CA ASP F 6 6.27 -42.79 -35.17
C ASP F 6 5.80 -42.06 -33.92
N ARG F 7 5.04 -40.97 -34.10
CA ARG F 7 4.52 -40.23 -32.95
C ARG F 7 3.49 -41.05 -32.19
N LEU F 8 2.83 -42.00 -32.84
CA LEU F 8 1.86 -42.85 -32.14
C LEU F 8 2.56 -43.90 -31.28
N VAL F 9 3.70 -44.43 -31.75
CA VAL F 9 4.40 -45.43 -30.95
C VAL F 9 5.22 -44.78 -29.84
N THR F 10 5.70 -43.55 -30.03
CA THR F 10 6.45 -42.90 -28.97
C THR F 10 5.60 -42.61 -27.73
N ILE F 11 4.28 -42.60 -27.89
CA ILE F 11 3.40 -42.35 -26.74
C ILE F 11 3.48 -43.49 -25.74
N LEU F 12 3.71 -44.72 -26.21
CA LEU F 12 3.74 -45.85 -25.30
C LEU F 12 4.86 -45.75 -24.28
N GLU F 13 5.95 -45.06 -24.64
CA GLU F 13 7.04 -44.81 -23.71
C GLU F 13 6.88 -43.47 -23.00
N THR F 14 6.53 -42.42 -23.73
CA THR F 14 6.51 -41.06 -23.21
C THR F 14 5.12 -40.57 -22.85
N GLY F 15 4.15 -41.48 -22.70
CA GLY F 15 2.81 -41.06 -22.35
C GLY F 15 2.77 -40.46 -20.96
N SER F 16 1.95 -39.41 -20.80
CA SER F 16 1.85 -38.73 -19.52
C SER F 16 1.02 -39.50 -18.51
N THR F 17 0.01 -40.24 -18.95
CA THR F 17 -0.87 -40.99 -18.08
C THR F 17 -1.20 -42.32 -18.72
N ARG F 18 -1.80 -43.21 -17.93
CA ARG F 18 -2.08 -44.56 -18.43
C ARG F 18 -3.16 -44.54 -19.51
N LEU F 19 -4.15 -43.65 -19.37
CA LEU F 19 -5.21 -43.59 -20.38
C LEU F 19 -4.68 -43.16 -21.73
N ILE F 20 -3.68 -42.28 -21.75
CA ILE F 20 -3.09 -41.85 -23.01
C ILE F 20 -2.43 -43.03 -23.72
N ARG F 21 -1.70 -43.86 -22.98
CA ARG F 21 -1.05 -45.01 -23.60
C ARG F 21 -2.07 -46.07 -24.01
N ASP F 22 -3.14 -46.23 -23.23
CA ASP F 22 -4.21 -47.13 -23.64
C ASP F 22 -4.83 -46.67 -24.94
N THR F 23 -5.08 -45.37 -25.09
CA THR F 23 -5.62 -44.86 -26.33
C THR F 23 -4.61 -45.02 -27.46
N ALA F 24 -3.32 -44.89 -27.18
CA ALA F 24 -2.32 -45.09 -28.21
C ALA F 24 -2.35 -46.52 -28.74
N VAL F 25 -2.43 -47.50 -27.85
CA VAL F 25 -2.45 -48.89 -28.32
C VAL F 25 -3.75 -49.19 -29.05
N ASN F 26 -4.87 -48.59 -28.60
CA ASN F 26 -6.12 -48.78 -29.31
C ASN F 26 -6.04 -48.20 -30.73
N GLN F 27 -5.48 -47.00 -30.85
CA GLN F 27 -5.31 -46.39 -32.17
C GLN F 27 -4.40 -47.23 -33.06
N LEU F 28 -3.33 -47.78 -32.49
CA LEU F 28 -2.40 -48.60 -33.28
C LEU F 28 -3.07 -49.89 -33.74
N ALA F 29 -3.90 -50.51 -32.90
CA ALA F 29 -4.64 -51.69 -33.32
C ALA F 29 -5.63 -51.35 -34.43
N ASP F 30 -6.34 -50.24 -34.30
CA ASP F 30 -7.24 -49.82 -35.38
C ASP F 30 -6.48 -49.50 -36.65
N TRP F 31 -5.24 -48.99 -36.52
CA TRP F 31 -4.41 -48.75 -37.69
C TRP F 31 -4.09 -50.04 -38.40
N GLN F 32 -3.77 -51.09 -37.64
CA GLN F 32 -3.54 -52.38 -38.28
C GLN F 32 -4.83 -52.90 -38.92
N LYS F 33 -5.97 -52.64 -38.30
CA LYS F 33 -7.24 -53.06 -38.89
C LYS F 33 -7.47 -52.38 -40.24
N GLN F 34 -7.27 -51.05 -40.30
CA GLN F 34 -7.56 -50.33 -41.54
C GLN F 34 -6.54 -50.61 -42.63
N HIS F 35 -5.31 -50.96 -42.26
CA HIS F 35 -4.22 -51.23 -43.20
C HIS F 35 -3.66 -52.60 -42.88
N PRO F 36 -4.35 -53.67 -43.28
CA PRO F 36 -3.91 -55.02 -42.90
C PRO F 36 -2.67 -55.51 -43.64
N GLU F 37 -2.00 -54.68 -44.45
CA GLU F 37 -0.76 -55.07 -45.09
C GLU F 37 0.48 -54.66 -44.29
N GLU F 38 0.34 -53.73 -43.34
CA GLU F 38 1.48 -53.21 -42.59
C GLU F 38 1.66 -53.98 -41.28
N LEU F 39 1.83 -55.30 -41.40
CA LEU F 39 2.08 -56.12 -40.22
C LEU F 39 3.42 -55.78 -39.60
N PHE F 40 4.48 -55.77 -40.40
CA PHE F 40 5.82 -55.65 -39.87
C PHE F 40 6.20 -54.21 -39.51
N ASN F 41 5.55 -53.22 -40.14
CA ASN F 41 5.91 -51.83 -39.88
C ASN F 41 5.68 -51.45 -38.42
N LEU F 42 4.52 -51.82 -37.88
CA LEU F 42 4.23 -51.52 -36.48
C LEU F 42 5.11 -52.35 -35.55
N LEU F 43 5.24 -53.64 -35.86
CA LEU F 43 5.93 -54.56 -34.95
C LEU F 43 7.41 -54.20 -34.84
N SER F 44 8.04 -53.81 -35.94
CA SER F 44 9.46 -53.48 -35.88
C SER F 44 9.73 -52.25 -35.00
N ARG F 45 8.74 -51.38 -34.81
CA ARG F 45 8.88 -50.21 -33.96
C ARG F 45 8.42 -50.44 -32.53
N VAL F 46 7.46 -51.33 -32.30
CA VAL F 46 7.01 -51.59 -30.94
C VAL F 46 7.84 -52.66 -30.23
N VAL F 47 8.38 -53.63 -30.98
CA VAL F 47 9.15 -54.71 -30.33
C VAL F 47 10.38 -54.21 -29.59
N PRO F 48 11.17 -53.25 -30.11
CA PRO F 48 12.35 -52.79 -29.36
C PRO F 48 12.07 -52.28 -27.96
N TYR F 49 10.82 -51.92 -27.64
CA TYR F 49 10.49 -51.51 -26.28
C TYR F 49 10.52 -52.68 -25.30
N LEU F 50 10.44 -53.93 -25.78
CA LEU F 50 10.39 -55.07 -24.87
C LEU F 50 11.67 -55.19 -24.05
N ARG F 51 12.80 -54.72 -24.57
CA ARG F 51 14.06 -54.75 -23.85
C ARG F 51 14.35 -53.44 -23.12
N HIS F 52 13.39 -52.53 -23.06
CA HIS F 52 13.57 -51.28 -22.34
C HIS F 52 13.69 -51.54 -20.85
N LYS F 53 14.38 -50.63 -20.15
CA LYS F 53 14.61 -50.80 -18.73
C LYS F 53 13.36 -50.54 -17.89
N ASP F 54 12.51 -49.61 -18.33
CA ASP F 54 11.31 -49.28 -17.58
C ASP F 54 10.31 -50.43 -17.61
N TRP F 55 9.66 -50.67 -16.46
CA TRP F 55 8.69 -51.75 -16.34
C TRP F 55 7.44 -51.44 -17.15
N GLU F 56 6.88 -50.24 -16.97
CA GLU F 56 5.62 -49.90 -17.59
C GLU F 56 5.74 -49.87 -19.11
N THR F 57 6.90 -49.45 -19.63
CA THR F 57 7.09 -49.46 -21.08
C THR F 57 7.03 -50.89 -21.62
N ARG F 58 7.66 -51.84 -20.93
CA ARG F 58 7.61 -53.22 -21.38
C ARG F 58 6.19 -53.77 -21.34
N THR F 59 5.45 -53.48 -20.26
CA THR F 59 4.08 -53.96 -20.18
C THR F 59 3.23 -53.36 -21.30
N THR F 60 3.37 -52.06 -21.55
CA THR F 60 2.57 -51.42 -22.58
C THR F 60 2.95 -51.94 -23.96
N ALA F 61 4.24 -52.18 -24.20
CA ALA F 61 4.65 -52.72 -25.49
C ALA F 61 4.07 -54.11 -25.72
N ALA F 62 4.07 -54.94 -24.68
CA ALA F 62 3.48 -56.27 -24.81
C ALA F 62 1.98 -56.17 -25.12
N LYS F 63 1.27 -55.31 -24.41
CA LYS F 63 -0.16 -55.16 -24.67
C LYS F 63 -0.42 -54.66 -26.08
N ALA F 64 0.40 -53.70 -26.54
CA ALA F 64 0.25 -53.19 -27.90
C ALA F 64 0.50 -54.28 -28.93
N ILE F 65 1.52 -55.11 -28.72
CA ILE F 65 1.80 -56.19 -29.65
C ILE F 65 0.63 -57.16 -29.70
N GLY F 66 0.09 -57.51 -28.54
CA GLY F 66 -1.06 -58.40 -28.51
C GLY F 66 -2.25 -57.85 -29.26
N LYS F 67 -2.57 -56.57 -29.01
CA LYS F 67 -3.76 -56.00 -29.65
C LYS F 67 -3.55 -55.77 -31.14
N ILE F 68 -2.32 -55.50 -31.57
CA ILE F 68 -2.06 -55.39 -33.01
C ILE F 68 -2.23 -56.75 -33.67
N ILE F 69 -1.63 -57.79 -33.10
CA ILE F 69 -1.68 -59.11 -33.71
C ILE F 69 -3.09 -59.68 -33.67
N GLU F 70 -3.92 -59.25 -32.72
CA GLU F 70 -5.28 -59.79 -32.62
C GLU F 70 -6.11 -59.51 -33.87
N ASN F 71 -5.79 -58.47 -34.62
CA ASN F 71 -6.57 -58.10 -35.80
C ASN F 71 -6.08 -58.77 -37.08
N ALA F 72 -4.95 -59.46 -37.06
CA ALA F 72 -4.46 -60.13 -38.24
C ALA F 72 -5.18 -61.46 -38.44
N PRO F 73 -5.25 -61.98 -39.67
CA PRO F 73 -5.98 -63.23 -39.88
C PRO F 73 -5.25 -64.42 -39.28
N LEU F 74 -6.02 -65.43 -38.89
CA LEU F 74 -5.44 -66.67 -38.39
C LEU F 74 -4.76 -67.41 -39.53
N TYR F 75 -3.75 -68.20 -39.17
CA TYR F 75 -2.88 -68.86 -40.14
C TYR F 75 -3.31 -70.30 -40.33
N ASP F 76 -3.56 -70.68 -41.59
CA ASP F 76 -3.97 -72.03 -41.94
C ASP F 76 -3.68 -72.24 -43.42
N PRO F 77 -2.42 -72.45 -43.81
CA PRO F 77 -2.05 -72.42 -45.24
C PRO F 77 -2.40 -73.68 -46.02
N ASN F 78 -3.22 -74.58 -45.48
CA ASN F 78 -3.58 -75.81 -46.14
C ASN F 78 -5.10 -75.96 -46.17
N ALA F 79 -5.57 -76.70 -47.15
CA ALA F 79 -7.01 -76.96 -47.34
C ALA F 79 -7.25 -78.44 -47.59
N GLY F 124 23.13 -75.99 -18.94
CA GLY F 124 22.40 -75.76 -17.72
C GLY F 124 22.88 -74.54 -16.95
N ARG F 125 23.34 -73.53 -17.68
CA ARG F 125 23.82 -72.32 -17.04
C ARG F 125 22.66 -71.59 -16.36
N PRO F 126 22.81 -71.13 -15.12
CA PRO F 126 21.67 -70.48 -14.45
C PRO F 126 21.38 -69.11 -15.06
N LEU F 127 20.13 -68.68 -14.88
CA LEU F 127 19.66 -67.37 -15.33
C LEU F 127 19.64 -66.44 -14.13
N LEU F 128 20.51 -65.43 -14.16
CA LEU F 128 20.66 -64.45 -13.09
C LEU F 128 20.41 -63.05 -13.67
N ARG F 129 20.67 -62.04 -12.86
CA ARG F 129 20.59 -60.64 -13.31
C ARG F 129 21.50 -60.42 -14.50
N GLU F 310 4.80 -69.98 -44.57
CA GLU F 310 5.56 -70.06 -43.32
C GLU F 310 4.87 -69.32 -42.20
N TRP F 311 5.20 -69.69 -40.97
CA TRP F 311 4.69 -69.06 -39.76
C TRP F 311 4.99 -67.57 -39.83
N PRO F 312 3.99 -66.68 -39.93
CA PRO F 312 4.31 -65.26 -40.22
C PRO F 312 5.19 -64.59 -39.18
N PHE F 313 5.02 -64.92 -37.91
CA PHE F 313 5.78 -64.30 -36.82
C PHE F 313 6.98 -65.14 -36.41
N GLU F 314 7.51 -65.96 -37.32
CA GLU F 314 8.58 -66.87 -36.95
C GLU F 314 9.83 -66.12 -36.51
N ARG F 315 10.21 -65.08 -37.25
CA ARG F 315 11.41 -64.35 -36.88
C ARG F 315 11.21 -63.55 -35.60
N LEU F 316 10.00 -63.04 -35.37
CA LEU F 316 9.72 -62.35 -34.12
C LEU F 316 9.84 -63.30 -32.93
N CYS F 317 9.22 -64.47 -33.02
CA CYS F 317 9.30 -65.44 -31.94
C CYS F 317 10.72 -65.92 -31.74
N GLU F 318 11.47 -66.12 -32.83
CA GLU F 318 12.87 -66.53 -32.69
C GLU F 318 13.69 -65.44 -32.02
N PHE F 319 13.44 -64.18 -32.35
CA PHE F 319 14.13 -63.08 -31.69
C PHE F 319 13.79 -63.02 -30.21
N LEU F 320 12.56 -63.35 -29.85
CA LEU F 320 12.19 -63.38 -28.43
C LEU F 320 12.87 -64.55 -27.72
N LYS F 321 12.93 -65.71 -28.36
CA LYS F 321 13.48 -66.89 -27.70
C LYS F 321 15.01 -66.87 -27.63
N VAL F 322 15.66 -66.18 -28.55
CA VAL F 322 17.12 -66.17 -28.56
C VAL F 322 17.69 -65.24 -27.49
N ASP F 323 16.91 -64.27 -27.01
CA ASP F 323 17.29 -63.44 -25.87
C ASP F 323 16.43 -63.73 -24.65
N LEU F 324 15.61 -64.79 -24.67
CA LEU F 324 14.96 -65.27 -23.46
C LEU F 324 15.95 -65.84 -22.47
N PHE F 325 17.19 -66.13 -22.90
CA PHE F 325 18.27 -66.54 -22.02
C PHE F 325 19.33 -65.46 -21.87
N ASP F 326 18.99 -64.20 -22.14
CA ASP F 326 19.94 -63.11 -22.00
C ASP F 326 20.28 -62.91 -20.52
N PRO F 327 21.48 -62.40 -20.21
CA PRO F 327 21.78 -62.11 -18.79
C PRO F 327 20.84 -61.09 -18.17
N GLN F 328 20.61 -59.96 -18.83
CA GLN F 328 19.77 -58.92 -18.25
C GLN F 328 18.34 -59.42 -18.07
N TRP F 329 17.76 -59.14 -16.89
CA TRP F 329 16.45 -59.67 -16.57
C TRP F 329 15.34 -58.93 -17.30
N GLU F 330 15.56 -57.67 -17.68
CA GLU F 330 14.55 -56.92 -18.40
C GLU F 330 14.26 -57.56 -19.75
N THR F 331 15.30 -58.01 -20.44
CA THR F 331 15.10 -58.67 -21.72
C THR F 331 14.27 -59.94 -21.56
N ARG F 332 14.53 -60.72 -20.51
CA ARG F 332 13.75 -61.93 -20.28
C ARG F 332 12.30 -61.58 -19.97
N HIS F 333 12.08 -60.53 -19.18
CA HIS F 333 10.71 -60.13 -18.85
C HIS F 333 9.94 -59.75 -20.11
N GLY F 334 10.56 -58.93 -20.96
CA GLY F 334 9.91 -58.55 -22.21
C GLY F 334 9.69 -59.73 -23.13
N ALA F 335 10.67 -60.63 -23.23
CA ALA F 335 10.52 -61.79 -24.11
C ALA F 335 9.36 -62.67 -23.67
N ALA F 336 9.27 -62.92 -22.35
CA ALA F 336 8.17 -63.73 -21.85
C ALA F 336 6.83 -63.07 -22.12
N MET F 337 6.73 -61.76 -21.86
CA MET F 337 5.46 -61.07 -22.10
C MET F 337 5.06 -61.12 -23.57
N GLY F 338 6.03 -60.89 -24.46
CA GLY F 338 5.72 -60.91 -25.88
C GLY F 338 5.32 -62.28 -26.38
N LEU F 339 6.02 -63.32 -25.94
CA LEU F 339 5.65 -64.68 -26.33
C LEU F 339 4.25 -65.00 -25.84
N ARG F 340 3.94 -64.63 -24.59
CA ARG F 340 2.58 -64.82 -24.07
C ARG F 340 1.56 -64.16 -24.99
N GLU F 341 1.80 -62.89 -25.33
CA GLU F 341 0.81 -62.14 -26.10
C GLU F 341 0.64 -62.71 -27.50
N VAL F 342 1.73 -63.12 -28.14
CA VAL F 342 1.63 -63.68 -29.50
C VAL F 342 0.86 -65.00 -29.47
N ILE F 343 1.27 -65.91 -28.58
CA ILE F 343 0.66 -67.22 -28.57
C ILE F 343 -0.78 -67.14 -28.10
N ARG F 344 -1.14 -66.16 -27.26
CA ARG F 344 -2.48 -66.09 -26.69
C ARG F 344 -3.55 -66.07 -27.79
N VAL F 345 -3.26 -65.39 -28.90
CA VAL F 345 -4.23 -65.23 -29.98
C VAL F 345 -3.91 -66.14 -31.15
N HIS F 346 -2.62 -66.50 -31.36
CA HIS F 346 -2.23 -67.22 -32.57
C HIS F 346 -1.47 -68.51 -32.29
N GLY F 347 -1.70 -69.19 -31.17
CA GLY F 347 -0.96 -70.39 -30.90
C GLY F 347 -1.36 -71.58 -31.76
N ALA F 348 -2.60 -71.61 -32.24
CA ALA F 348 -3.10 -72.79 -32.93
C ALA F 348 -2.33 -73.05 -34.23
N GLY F 349 -2.04 -71.99 -34.99
CA GLY F 349 -1.42 -72.15 -36.30
C GLY F 349 0.09 -72.11 -36.27
N ALA F 350 0.70 -72.32 -35.11
CA ALA F 350 2.13 -72.10 -34.98
C ALA F 350 2.92 -73.25 -35.59
N GLY F 351 4.14 -72.94 -36.04
CA GLY F 351 5.09 -73.93 -36.49
C GLY F 351 4.84 -74.54 -37.85
N ARG F 352 3.67 -74.34 -38.44
CA ARG F 352 3.36 -74.96 -39.72
C ARG F 352 4.20 -74.34 -40.83
N ARG F 353 4.29 -75.06 -41.94
CA ARG F 353 4.96 -74.60 -43.16
C ARG F 353 4.05 -74.83 -44.35
N ARG F 354 4.01 -73.87 -45.26
CA ARG F 354 3.22 -74.01 -46.47
C ARG F 354 3.81 -75.11 -47.36
N GLY F 355 2.92 -75.81 -48.07
CA GLY F 355 3.32 -76.85 -48.99
C GLY F 355 3.21 -78.25 -48.43
N LYS F 356 3.56 -78.43 -47.16
CA LYS F 356 3.46 -79.73 -46.53
C LYS F 356 1.99 -80.08 -46.27
N THR F 357 1.75 -81.37 -46.06
CA THR F 357 0.38 -81.85 -45.89
C THR F 357 -0.20 -81.36 -44.57
N ARG F 358 -1.53 -81.38 -44.49
CA ARG F 358 -2.23 -80.87 -43.31
C ARG F 358 -1.85 -81.65 -42.05
N LYS F 359 -1.82 -82.97 -42.13
CA LYS F 359 -1.49 -83.77 -40.95
C LYS F 359 -0.05 -83.55 -40.52
N GLU F 360 0.88 -83.50 -41.49
CA GLU F 360 2.27 -83.21 -41.16
C GLU F 360 2.39 -81.81 -40.56
N ASN F 361 1.60 -80.85 -41.06
CA ASN F 361 1.60 -79.51 -40.46
C ASN F 361 1.11 -79.55 -39.02
N ASN F 362 0.09 -80.36 -38.75
CA ASN F 362 -0.39 -80.50 -37.37
C ASN F 362 0.69 -81.09 -36.47
N ASP F 363 1.41 -82.09 -36.98
CA ASP F 363 2.52 -82.65 -36.22
C ASP F 363 3.60 -81.60 -35.96
N LEU F 364 3.88 -80.77 -36.96
CA LEU F 364 4.88 -79.72 -36.79
C LEU F 364 4.42 -78.69 -35.77
N ASN F 365 3.13 -78.38 -35.75
CA ASN F 365 2.59 -77.47 -34.74
C ASN F 365 2.75 -78.07 -33.34
N ARG F 366 2.48 -79.37 -33.21
CA ARG F 366 2.70 -80.03 -31.94
C ARG F 366 4.16 -79.93 -31.52
N GLN F 367 5.07 -80.15 -32.47
CA GLN F 367 6.49 -80.02 -32.17
C GLN F 367 6.84 -78.61 -31.71
N TRP F 368 6.29 -77.60 -32.38
CA TRP F 368 6.58 -76.22 -32.02
C TRP F 368 6.11 -75.91 -30.61
N LEU F 369 4.87 -76.28 -30.29
CA LEU F 369 4.35 -75.98 -28.96
C LEU F 369 5.09 -76.76 -27.89
N ASP F 370 5.46 -78.02 -28.17
CA ASP F 370 6.25 -78.79 -27.22
C ASP F 370 7.61 -78.14 -26.99
N ASP F 371 8.24 -77.64 -28.06
CA ASP F 371 9.53 -76.98 -27.91
C ASP F 371 9.41 -75.72 -27.08
N LEU F 372 8.37 -74.93 -27.32
CA LEU F 372 8.19 -73.71 -26.54
C LEU F 372 7.94 -74.03 -25.07
N ALA F 373 7.11 -75.03 -24.80
CA ALA F 373 6.87 -75.42 -23.41
C ALA F 373 8.14 -75.92 -22.75
N TYR F 374 8.93 -76.71 -23.48
CA TYR F 374 10.18 -77.23 -22.93
C TYR F 374 11.15 -76.10 -22.61
N ARG F 375 11.28 -75.13 -23.51
CA ARG F 375 12.20 -74.03 -23.28
C ARG F 375 11.73 -73.15 -22.13
N LEU F 376 10.43 -72.91 -22.04
CA LEU F 376 9.91 -72.12 -20.93
C LEU F 376 10.10 -72.83 -19.60
N LEU F 377 9.89 -74.15 -19.55
CA LEU F 377 10.09 -74.88 -18.30
C LEU F 377 11.56 -74.92 -17.91
N CYS F 378 12.46 -75.02 -18.90
CA CYS F 378 13.87 -74.93 -18.60
C CYS F 378 14.22 -73.55 -18.04
N VAL F 379 13.59 -72.51 -18.58
CA VAL F 379 13.78 -71.16 -18.04
C VAL F 379 13.31 -71.10 -16.59
N LEU F 380 12.17 -71.73 -16.30
CA LEU F 380 11.59 -71.65 -14.96
C LEU F 380 12.51 -72.31 -13.93
N MET F 381 13.15 -73.42 -14.29
CA MET F 381 13.97 -74.19 -13.36
C MET F 381 15.38 -73.65 -13.22
N LEU F 382 15.75 -72.58 -13.95
CA LEU F 382 17.08 -72.00 -13.89
C LEU F 382 17.11 -70.58 -13.34
N ASP F 383 15.98 -69.88 -13.31
CA ASP F 383 15.95 -68.47 -12.94
C ASP F 383 15.79 -68.33 -11.44
N LYS F 384 16.65 -67.53 -10.82
CA LYS F 384 16.65 -67.30 -9.38
C LYS F 384 16.45 -65.84 -9.01
N PHE F 385 16.19 -64.97 -10.00
CA PHE F 385 16.01 -63.55 -9.71
C PHE F 385 14.76 -63.32 -8.89
N THR F 386 14.90 -62.60 -7.77
CA THR F 386 13.80 -62.31 -6.88
C THR F 386 13.96 -60.91 -6.31
N ASP F 387 12.84 -60.32 -5.92
CA ASP F 387 12.79 -58.99 -5.32
C ASP F 387 12.33 -59.11 -3.88
N TYR F 388 13.11 -58.54 -2.96
CA TYR F 388 12.83 -58.60 -1.54
C TYR F 388 12.49 -57.24 -0.95
N SER F 389 12.06 -56.29 -1.78
CA SER F 389 11.69 -54.97 -1.27
C SER F 389 10.51 -55.08 -0.31
N SER F 390 9.51 -55.87 -0.66
CA SER F 390 8.35 -56.12 0.18
C SER F 390 8.50 -57.46 0.89
N ASP F 391 7.60 -57.71 1.84
CA ASP F 391 7.63 -58.96 2.58
C ASP F 391 7.38 -60.15 1.67
N THR F 392 6.41 -60.04 0.78
CA THR F 392 6.06 -61.12 -0.15
C THR F 392 7.01 -61.07 -1.33
N SER F 393 7.97 -62.00 -1.35
CA SER F 393 8.98 -62.00 -2.39
C SER F 393 8.33 -62.25 -3.75
N VAL F 394 8.81 -61.52 -4.76
CA VAL F 394 8.25 -61.55 -6.11
C VAL F 394 9.35 -61.96 -7.06
N ALA F 395 9.04 -62.92 -7.93
CA ALA F 395 9.95 -63.41 -8.97
C ALA F 395 9.34 -63.02 -10.32
N PRO F 396 9.78 -61.89 -10.91
CA PRO F 396 9.13 -61.45 -12.16
C PRO F 396 9.24 -62.46 -13.30
N ILE F 397 10.44 -63.01 -13.49
CA ILE F 397 10.65 -63.89 -14.63
C ILE F 397 9.85 -65.18 -14.47
N ARG F 398 9.79 -65.71 -13.24
CA ARG F 398 9.01 -66.93 -13.01
C ARG F 398 7.54 -66.70 -13.30
N GLU F 399 6.98 -65.57 -12.84
CA GLU F 399 5.56 -65.32 -13.08
C GLU F 399 5.27 -65.14 -14.57
N THR F 400 6.10 -64.38 -15.28
CA THR F 400 5.87 -64.19 -16.71
C THR F 400 6.00 -65.51 -17.46
N VAL F 401 6.99 -66.33 -17.11
CA VAL F 401 7.17 -67.61 -17.81
C VAL F 401 6.01 -68.55 -17.50
N GLY F 402 5.50 -68.51 -16.26
CA GLY F 402 4.32 -69.30 -15.94
C GLY F 402 3.11 -68.90 -16.76
N GLN F 403 2.90 -67.59 -16.90
CA GLN F 403 1.79 -67.14 -17.74
C GLN F 403 2.02 -67.54 -19.20
N THR F 404 3.29 -67.56 -19.64
CA THR F 404 3.58 -68.01 -21.00
C THR F 404 3.21 -69.48 -21.17
N LEU F 405 3.53 -70.32 -20.17
CA LEU F 405 3.10 -71.71 -20.22
C LEU F 405 1.59 -71.81 -20.28
N GLY F 406 0.90 -71.00 -19.48
CA GLY F 406 -0.54 -71.02 -19.49
C GLY F 406 -1.12 -70.64 -20.84
N ALA F 407 -0.47 -69.70 -21.53
CA ALA F 407 -0.89 -69.35 -22.88
C ALA F 407 -0.62 -70.51 -23.85
N VAL F 408 0.54 -71.14 -23.74
CA VAL F 408 0.93 -72.20 -24.68
C VAL F 408 -0.01 -73.39 -24.56
N LEU F 409 -0.31 -73.79 -23.33
CA LEU F 409 -0.93 -75.09 -23.09
C LEU F 409 -2.39 -75.15 -23.51
N ARG F 410 -3.02 -74.04 -23.90
CA ARG F 410 -4.43 -74.08 -24.26
C ARG F 410 -4.68 -74.85 -25.55
N HIS F 411 -3.74 -74.77 -26.50
CA HIS F 411 -3.96 -75.28 -27.85
C HIS F 411 -3.41 -76.69 -28.07
N ILE F 412 -2.46 -77.14 -27.24
CA ILE F 412 -1.87 -78.45 -27.47
C ILE F 412 -2.90 -79.55 -27.26
N SER F 413 -2.61 -80.72 -27.83
CA SER F 413 -3.41 -81.90 -27.58
C SER F 413 -3.06 -82.49 -26.22
N VAL F 414 -3.95 -83.36 -25.72
CA VAL F 414 -3.79 -83.89 -24.38
C VAL F 414 -2.56 -84.78 -24.24
N GLU F 415 -2.03 -85.31 -25.34
CA GLU F 415 -0.79 -86.07 -25.26
C GLU F 415 0.37 -85.17 -24.84
N SER F 416 0.47 -83.98 -25.42
CA SER F 416 1.48 -83.03 -24.96
C SER F 416 1.21 -82.59 -23.53
N VAL F 417 -0.05 -82.54 -23.10
CA VAL F 417 -0.35 -82.22 -21.72
C VAL F 417 0.17 -83.31 -20.80
N HIS F 418 -0.01 -84.58 -21.20
CA HIS F 418 0.61 -85.69 -20.47
C HIS F 418 2.10 -85.49 -20.38
N ALA F 419 2.74 -85.15 -21.50
CA ALA F 419 4.20 -84.99 -21.51
C ALA F 419 4.64 -83.89 -20.56
N ILE F 420 3.95 -82.75 -20.57
CA ILE F 420 4.36 -81.63 -19.73
C ILE F 420 4.09 -81.94 -18.26
N TYR F 421 2.95 -82.54 -17.95
CA TYR F 421 2.66 -82.90 -16.57
C TYR F 421 3.61 -83.97 -16.05
N ARG F 422 4.14 -84.81 -16.95
CA ARG F 422 5.10 -85.83 -16.58
C ARG F 422 6.52 -85.28 -16.48
N LEU F 423 6.83 -84.19 -17.18
CA LEU F 423 8.19 -83.66 -17.16
C LEU F 423 8.59 -83.19 -15.76
N LEU F 424 7.63 -82.82 -14.92
CA LEU F 424 7.85 -82.49 -13.52
C LEU F 424 6.95 -83.37 -12.67
N TYR F 425 7.53 -83.97 -11.62
CA TYR F 425 6.84 -85.00 -10.83
C TYR F 425 6.14 -84.39 -9.63
N CYS F 426 5.28 -83.42 -9.91
CA CYS F 426 4.32 -82.87 -8.94
C CYS F 426 5.01 -82.38 -7.68
N MET F 427 5.84 -81.35 -7.85
CA MET F 427 6.49 -80.68 -6.73
C MET F 427 6.57 -79.18 -6.98
N GLY F 446 8.63 -74.03 -10.13
CA GLY F 446 8.34 -75.39 -9.74
C GLY F 446 6.90 -75.61 -9.30
N MET F 447 6.22 -74.53 -8.91
CA MET F 447 4.83 -74.60 -8.47
C MET F 447 3.96 -73.65 -9.29
N VAL F 448 4.52 -72.52 -9.72
CA VAL F 448 3.81 -71.66 -10.67
C VAL F 448 3.62 -72.39 -11.98
N GLY F 449 4.61 -73.20 -12.39
CA GLY F 449 4.42 -74.06 -13.53
C GLY F 449 3.24 -75.00 -13.36
N LEU F 450 3.14 -75.62 -12.18
CA LEU F 450 1.97 -76.44 -11.89
C LEU F 450 0.70 -75.61 -11.86
N ARG F 451 0.79 -74.39 -11.34
CA ARG F 451 -0.38 -73.51 -11.29
C ARG F 451 -0.96 -73.29 -12.67
N TYR F 452 -0.12 -72.90 -13.63
CA TYR F 452 -0.63 -72.63 -14.97
C TYR F 452 -0.76 -73.89 -15.82
N VAL F 453 -0.23 -75.03 -15.37
CA VAL F 453 -0.49 -76.29 -16.06
C VAL F 453 -1.86 -76.83 -15.67
N VAL F 454 -2.30 -76.61 -14.43
CA VAL F 454 -3.61 -77.06 -14.00
C VAL F 454 -4.69 -76.01 -14.28
N ALA F 455 -4.33 -74.72 -14.35
CA ALA F 455 -5.32 -73.71 -14.68
C ALA F 455 -5.76 -73.82 -16.15
N VAL F 456 -4.83 -74.12 -17.03
CA VAL F 456 -5.13 -74.32 -18.44
C VAL F 456 -5.74 -75.70 -18.65
N ARG F 457 -6.67 -75.80 -19.60
CA ARG F 457 -7.33 -77.07 -19.92
C ARG F 457 -7.97 -77.66 -18.66
N LYS F 458 -8.62 -76.79 -17.88
CA LYS F 458 -9.04 -77.15 -16.53
C LYS F 458 -10.13 -78.22 -16.54
N ASP F 459 -11.15 -78.05 -17.39
CA ASP F 459 -12.29 -78.97 -17.38
C ASP F 459 -11.91 -80.37 -17.82
N LEU F 460 -10.86 -80.52 -18.62
CA LEU F 460 -10.42 -81.84 -19.07
C LEU F 460 -9.41 -82.48 -18.11
N LEU F 461 -8.62 -81.67 -17.41
CA LEU F 461 -7.73 -82.23 -16.39
C LEU F 461 -8.50 -82.78 -15.20
N LEU F 462 -9.67 -82.19 -14.90
CA LEU F 462 -10.45 -82.61 -13.76
C LEU F 462 -10.86 -84.07 -13.89
N GLN F 463 -10.65 -84.83 -12.82
CA GLN F 463 -10.99 -86.25 -12.75
C GLN F 463 -10.18 -87.10 -13.72
N ASP F 464 -9.05 -86.59 -14.22
CA ASP F 464 -8.21 -87.31 -15.17
C ASP F 464 -7.13 -88.12 -14.46
N GLY F 465 -7.54 -88.92 -13.48
CA GLY F 465 -6.63 -89.87 -12.84
C GLY F 465 -5.45 -89.21 -12.17
N ASP F 466 -4.25 -89.72 -12.50
CA ASP F 466 -3.04 -89.23 -11.85
C ASP F 466 -2.76 -87.78 -12.18
N MET F 467 -3.13 -87.32 -13.38
CA MET F 467 -2.83 -85.96 -13.79
C MET F 467 -3.57 -84.92 -12.97
N ILE F 468 -4.57 -85.31 -12.19
CA ILE F 468 -5.19 -84.44 -11.20
C ILE F 468 -4.93 -84.91 -9.78
N ASP F 469 -4.61 -86.19 -9.57
CA ASP F 469 -4.30 -86.66 -8.23
C ASP F 469 -2.93 -86.19 -7.74
N GLY F 470 -1.98 -86.00 -8.66
CA GLY F 470 -0.63 -85.63 -8.23
C GLY F 470 -0.54 -84.24 -7.63
N VAL F 471 -1.28 -83.28 -8.20
CA VAL F 471 -1.13 -81.90 -7.78
C VAL F 471 -1.62 -81.70 -6.36
N VAL F 472 -2.62 -82.46 -5.91
CA VAL F 472 -3.08 -82.30 -4.53
C VAL F 472 -2.00 -82.79 -3.57
N ARG F 473 -1.31 -83.87 -3.92
CA ARG F 473 -0.15 -84.30 -3.12
C ARG F 473 0.92 -83.21 -3.12
N CYS F 474 1.16 -82.59 -4.27
CA CYS F 474 2.16 -81.52 -4.34
C CYS F 474 1.81 -80.37 -3.40
N VAL F 475 0.56 -79.93 -3.44
CA VAL F 475 0.14 -78.81 -2.61
C VAL F 475 0.20 -79.19 -1.14
N MET F 476 -0.25 -80.40 -0.79
CA MET F 476 -0.23 -80.82 0.60
C MET F 476 1.20 -80.92 1.13
N GLN F 477 2.12 -81.39 0.30
CA GLN F 477 3.53 -81.40 0.71
C GLN F 477 4.07 -79.98 0.86
N GLY F 478 3.69 -79.09 -0.05
CA GLY F 478 4.16 -77.72 0.04
C GLY F 478 3.71 -77.02 1.30
N LEU F 479 2.45 -77.21 1.68
CA LEU F 479 1.93 -76.57 2.88
C LEU F 479 2.67 -77.02 4.13
N GLY F 480 3.15 -78.27 4.14
CA GLY F 480 3.92 -78.79 5.25
C GLY F 480 5.40 -78.53 5.20
N ASP F 481 5.88 -77.80 4.19
CA ASP F 481 7.31 -77.55 4.05
C ASP F 481 7.76 -76.49 5.05
N ILE F 482 9.08 -76.37 5.20
CA ILE F 482 9.64 -75.49 6.22
C ILE F 482 9.67 -74.04 5.72
N ASP F 483 10.14 -73.83 4.49
CA ASP F 483 10.36 -72.48 4.00
C ASP F 483 9.03 -71.72 3.88
N ASP F 484 9.07 -70.43 4.22
CA ASP F 484 7.89 -69.60 4.06
C ASP F 484 7.59 -69.33 2.59
N ASP F 485 8.62 -69.24 1.76
CA ASP F 485 8.42 -68.90 0.35
C ASP F 485 7.59 -69.97 -0.36
N VAL F 486 7.95 -71.24 -0.17
CA VAL F 486 7.23 -72.31 -0.84
C VAL F 486 5.80 -72.41 -0.31
N ARG F 487 5.61 -72.18 1.00
CA ARG F 487 4.26 -72.17 1.56
C ARG F 487 3.41 -71.10 0.92
N SER F 488 3.95 -69.88 0.81
CA SER F 488 3.19 -68.79 0.21
C SER F 488 2.89 -69.08 -1.26
N VAL F 489 3.86 -69.63 -1.99
CA VAL F 489 3.65 -69.94 -3.39
C VAL F 489 2.57 -71.01 -3.56
N SER F 490 2.62 -72.05 -2.73
CA SER F 490 1.60 -73.10 -2.84
C SER F 490 0.22 -72.57 -2.50
N ALA F 491 0.11 -71.72 -1.47
CA ALA F 491 -1.18 -71.16 -1.11
C ALA F 491 -1.72 -70.27 -2.23
N ALA F 492 -0.85 -69.45 -2.83
CA ALA F 492 -1.28 -68.63 -3.96
C ALA F 492 -1.60 -69.47 -5.19
N THR F 493 -1.03 -70.68 -5.29
CA THR F 493 -1.33 -71.55 -6.42
C THR F 493 -2.66 -72.26 -6.25
N LEU F 494 -3.02 -72.61 -5.01
CA LEU F 494 -4.26 -73.34 -4.78
C LEU F 494 -5.47 -72.42 -4.71
N ILE F 495 -5.29 -71.16 -4.30
CA ILE F 495 -6.45 -70.27 -4.10
C ILE F 495 -7.26 -70.05 -5.36
N PRO F 496 -6.68 -69.86 -6.56
CA PRO F 496 -7.55 -69.72 -7.74
C PRO F 496 -8.03 -71.05 -8.29
N MET F 497 -7.38 -72.15 -7.92
CA MET F 497 -7.77 -73.49 -8.34
C MET F 497 -8.68 -74.19 -7.33
N ALA F 498 -8.93 -73.58 -6.17
CA ALA F 498 -9.76 -74.22 -5.15
C ALA F 498 -11.16 -74.49 -5.65
N LYS F 499 -11.67 -73.65 -6.57
CA LYS F 499 -13.08 -73.69 -6.97
C LYS F 499 -13.48 -75.06 -7.49
N GLU F 500 -12.58 -75.77 -8.15
CA GLU F 500 -12.83 -77.13 -8.61
C GLU F 500 -11.77 -78.13 -8.18
N PHE F 501 -10.72 -77.71 -7.48
CA PHE F 501 -9.97 -78.66 -6.66
C PHE F 501 -10.85 -79.21 -5.55
N VAL F 502 -11.81 -78.41 -5.08
CA VAL F 502 -12.86 -78.93 -4.21
C VAL F 502 -13.70 -79.95 -4.96
N MET F 503 -14.07 -79.64 -6.21
CA MET F 503 -14.95 -80.50 -6.98
C MET F 503 -14.28 -81.78 -7.44
N MET F 504 -12.95 -81.83 -7.43
CA MET F 504 -12.24 -83.03 -7.86
C MET F 504 -12.62 -84.23 -7.00
N ARG F 505 -12.66 -84.04 -5.68
CA ARG F 505 -13.06 -85.11 -4.77
C ARG F 505 -13.65 -84.49 -3.52
N ARG F 506 -14.63 -85.18 -2.94
CA ARG F 506 -15.03 -84.91 -1.57
C ARG F 506 -14.04 -85.51 -0.58
N SER F 507 -13.36 -86.59 -0.97
CA SER F 507 -12.40 -87.23 -0.07
C SER F 507 -11.19 -86.35 0.17
N ALA F 508 -10.73 -85.62 -0.86
CA ALA F 508 -9.55 -84.79 -0.70
C ALA F 508 -9.76 -83.66 0.31
N LEU F 509 -11.01 -83.28 0.55
CA LEU F 509 -11.28 -82.12 1.40
C LEU F 509 -10.81 -82.36 2.82
N ASP F 510 -11.00 -83.58 3.35
CA ASP F 510 -10.59 -83.85 4.72
C ASP F 510 -9.11 -83.63 4.92
N SER F 511 -8.28 -84.20 4.06
CA SER F 511 -6.84 -84.03 4.20
C SER F 511 -6.42 -82.60 3.90
N LEU F 512 -7.06 -81.95 2.94
CA LEU F 512 -6.69 -80.57 2.61
C LEU F 512 -6.95 -79.64 3.78
N ILE F 513 -8.16 -79.68 4.35
CA ILE F 513 -8.47 -78.78 5.46
C ILE F 513 -7.66 -79.16 6.68
N ASN F 514 -7.39 -80.46 6.89
CA ASN F 514 -6.55 -80.88 8.00
C ASN F 514 -5.16 -80.26 7.89
N ILE F 515 -4.54 -80.36 6.71
CA ILE F 515 -3.19 -79.84 6.55
C ILE F 515 -3.19 -78.32 6.64
N VAL F 516 -4.23 -77.66 6.10
CA VAL F 516 -4.27 -76.20 6.15
C VAL F 516 -4.36 -75.72 7.60
N TRP F 517 -5.29 -76.30 8.37
CA TRP F 517 -5.43 -75.89 9.76
C TRP F 517 -4.21 -76.27 10.58
N GLU F 518 -3.57 -77.40 10.25
CA GLU F 518 -2.35 -77.79 10.97
C GLU F 518 -1.22 -76.81 10.70
N SER F 519 -1.05 -76.40 9.44
CA SER F 519 -0.02 -75.43 9.11
C SER F 519 -0.30 -74.08 9.77
N LEU F 520 -1.56 -73.68 9.83
CA LEU F 520 -1.89 -72.41 10.46
C LEU F 520 -1.74 -72.48 11.98
N SER F 521 -1.92 -73.65 12.58
CA SER F 521 -1.83 -73.78 14.02
C SER F 521 -0.44 -73.44 14.53
N ASN F 522 0.59 -73.92 13.82
CA ASN F 522 1.96 -73.61 14.20
C ASN F 522 2.23 -72.13 13.99
N LEU F 523 2.54 -71.43 15.09
CA LEU F 523 2.83 -70.01 15.01
C LEU F 523 4.10 -69.79 14.21
N GLY F 524 3.97 -69.27 12.98
CA GLY F 524 5.10 -69.11 12.10
C GLY F 524 6.09 -68.08 12.60
N ASP F 525 7.19 -67.97 11.86
CA ASP F 525 8.21 -66.98 12.19
C ASP F 525 7.63 -65.57 12.09
N ASP F 526 8.22 -64.65 12.86
CA ASP F 526 7.63 -63.33 13.02
C ASP F 526 7.55 -62.57 11.72
N LEU F 527 8.55 -62.71 10.86
CA LEU F 527 8.67 -61.91 9.65
C LEU F 527 7.97 -62.52 8.44
N SER F 528 7.28 -63.65 8.59
CA SER F 528 6.70 -64.35 7.45
C SER F 528 5.37 -63.72 7.07
N ALA F 529 5.23 -63.39 5.78
CA ALA F 529 3.95 -62.98 5.22
C ALA F 529 3.13 -64.16 4.70
N SER F 530 3.63 -65.40 4.86
CA SER F 530 2.93 -66.55 4.29
C SER F 530 1.58 -66.79 4.95
N THR F 531 1.46 -66.50 6.24
CA THR F 531 0.21 -66.77 6.96
C THR F 531 -0.96 -66.03 6.33
N GLY F 532 -0.71 -64.87 5.73
CA GLY F 532 -1.76 -64.20 4.99
C GLY F 532 -2.26 -65.04 3.83
N LYS F 533 -1.34 -65.67 3.10
CA LYS F 533 -1.75 -66.51 1.98
C LYS F 533 -2.47 -67.76 2.48
N ILE F 534 -2.01 -68.34 3.59
CA ILE F 534 -2.68 -69.51 4.13
C ILE F 534 -4.09 -69.16 4.57
N MET F 535 -4.27 -67.99 5.18
CA MET F 535 -5.60 -67.60 5.63
C MET F 535 -6.52 -67.21 4.47
N ASP F 536 -5.96 -66.60 3.41
CA ASP F 536 -6.77 -66.37 2.21
C ASP F 536 -7.23 -67.69 1.61
N LEU F 537 -6.34 -68.68 1.57
CA LEU F 537 -6.73 -70.01 1.11
C LEU F 537 -7.82 -70.59 2.01
N LEU F 538 -7.68 -70.42 3.33
CA LEU F 538 -8.67 -70.96 4.26
C LEU F 538 -10.02 -70.32 4.03
N ALA F 539 -10.06 -69.00 3.88
CA ALA F 539 -11.31 -68.30 3.65
C ALA F 539 -11.95 -68.73 2.34
N THR F 540 -11.16 -68.82 1.27
CA THR F 540 -11.71 -69.23 -0.01
C THR F 540 -12.26 -70.65 0.04
N LEU F 541 -11.53 -71.56 0.67
CA LEU F 541 -12.02 -72.93 0.80
C LEU F 541 -13.30 -72.99 1.62
N CYS F 542 -13.36 -72.25 2.73
CA CYS F 542 -14.55 -72.27 3.56
C CYS F 542 -15.73 -71.55 2.89
N SER F 543 -15.48 -70.72 1.87
CA SER F 543 -16.57 -70.03 1.22
C SER F 543 -17.49 -70.99 0.46
N PHE F 544 -16.94 -72.07 -0.10
CA PHE F 544 -17.73 -72.96 -0.94
C PHE F 544 -18.65 -73.84 -0.07
N PRO F 545 -19.83 -74.25 -0.61
CA PRO F 545 -20.79 -74.97 0.24
C PRO F 545 -20.33 -76.35 0.67
N GLU F 546 -19.84 -77.14 -0.28
CA GLU F 546 -19.49 -78.52 0.03
C GLU F 546 -18.34 -78.58 1.03
N VAL F 547 -17.43 -77.61 1.00
CA VAL F 547 -16.38 -77.56 2.01
C VAL F 547 -16.98 -77.31 3.39
N LEU F 548 -17.98 -76.42 3.46
CA LEU F 548 -18.65 -76.18 4.74
C LEU F 548 -19.35 -77.45 5.22
N GLU F 549 -19.98 -78.20 4.31
CA GLU F 549 -20.60 -79.46 4.71
C GLU F 549 -19.55 -80.45 5.20
N ALA F 550 -18.40 -80.52 4.53
CA ALA F 550 -17.34 -81.42 4.95
C ALA F 550 -16.82 -81.05 6.34
N MET F 551 -16.67 -79.74 6.59
CA MET F 551 -16.20 -79.31 7.90
C MET F 551 -17.24 -79.60 8.98
N LYS F 552 -18.53 -79.46 8.66
CA LYS F 552 -19.57 -79.83 9.61
C LYS F 552 -19.52 -81.32 9.90
N VAL F 553 -19.26 -82.14 8.88
CA VAL F 553 -19.21 -83.58 9.07
C VAL F 553 -17.93 -84.04 9.76
N SER F 554 -16.85 -83.24 9.68
CA SER F 554 -15.56 -83.68 10.21
C SER F 554 -15.62 -83.89 11.71
N ALA F 555 -16.31 -83.01 12.43
CA ALA F 555 -16.46 -83.17 13.87
C ALA F 555 -17.44 -84.29 14.16
N SER F 556 -17.04 -85.53 13.89
CA SER F 556 -17.93 -86.68 14.03
C SER F 556 -17.92 -87.24 15.44
N GLN F 557 -16.75 -87.70 15.91
CA GLN F 557 -16.62 -88.28 17.24
C GLN F 557 -16.33 -87.25 18.32
N ASP F 558 -15.91 -86.04 17.96
CA ASP F 558 -15.58 -85.02 18.94
C ASP F 558 -15.68 -83.65 18.26
N GLU F 559 -15.54 -82.61 19.08
CA GLU F 559 -15.60 -81.23 18.62
C GLU F 559 -14.25 -80.66 18.24
N GLU F 560 -13.23 -81.51 18.05
CA GLU F 560 -11.88 -81.00 17.85
C GLU F 560 -11.76 -80.22 16.54
N ARG F 561 -12.31 -80.73 15.45
CA ARG F 561 -12.23 -80.08 14.15
C ARG F 561 -13.43 -79.19 13.87
N SER F 562 -14.31 -78.99 14.84
CA SER F 562 -15.39 -78.02 14.68
C SER F 562 -14.81 -76.62 14.61
N PHE F 563 -15.62 -75.69 14.07
CA PHE F 563 -15.18 -74.30 13.96
C PHE F 563 -14.86 -73.71 15.33
N THR F 564 -15.65 -74.06 16.34
CA THR F 564 -15.54 -73.38 17.64
C THR F 564 -14.18 -73.59 18.28
N LEU F 565 -13.58 -74.77 18.09
CA LEU F 565 -12.25 -75.04 18.64
C LEU F 565 -11.15 -74.59 17.70
N LEU F 566 -11.41 -74.53 16.39
CA LEU F 566 -10.35 -74.28 15.42
C LEU F 566 -10.11 -72.79 15.22
N VAL F 567 -11.17 -72.03 14.92
CA VAL F 567 -10.99 -70.65 14.48
C VAL F 567 -10.35 -69.76 15.55
N PRO F 568 -10.36 -70.08 16.85
CA PRO F 568 -9.45 -69.38 17.76
C PRO F 568 -7.96 -69.52 17.41
N ARG F 569 -7.59 -70.48 16.56
CA ARG F 569 -6.22 -70.51 16.06
C ARG F 569 -5.87 -69.29 15.22
N LEU F 570 -6.88 -68.57 14.71
CA LEU F 570 -6.63 -67.32 13.99
C LEU F 570 -6.37 -66.16 14.94
N TYR F 571 -6.81 -66.25 16.20
CA TYR F 571 -6.69 -65.12 17.12
C TYR F 571 -5.24 -64.70 17.37
N PRO F 572 -4.26 -65.60 17.53
CA PRO F 572 -2.89 -65.12 17.78
C PRO F 572 -2.35 -64.17 16.72
N PHE F 573 -2.68 -64.39 15.46
CA PHE F 573 -2.13 -63.58 14.38
C PHE F 573 -2.77 -62.20 14.29
N LEU F 574 -3.72 -61.86 15.16
CA LEU F 574 -4.33 -60.54 15.12
C LEU F 574 -3.29 -59.45 15.37
N ARG F 575 -2.34 -59.71 16.26
CA ARG F 575 -1.28 -58.77 16.63
C ARG F 575 0.07 -59.22 16.09
N HIS F 576 0.10 -59.75 14.87
CA HIS F 576 1.33 -60.12 14.22
C HIS F 576 2.02 -58.85 13.69
N THR F 577 3.35 -58.94 13.56
CA THR F 577 4.13 -57.75 13.21
C THR F 577 3.84 -57.27 11.80
N ILE F 578 3.68 -58.19 10.85
CA ILE F 578 3.47 -57.81 9.45
C ILE F 578 2.02 -57.42 9.26
N THR F 579 1.80 -56.29 8.58
CA THR F 579 0.45 -55.75 8.44
C THR F 579 -0.44 -56.66 7.61
N SER F 580 0.14 -57.30 6.59
CA SER F 580 -0.65 -58.17 5.72
C SER F 580 -1.28 -59.31 6.49
N VAL F 581 -0.54 -59.85 7.48
CA VAL F 581 -1.08 -60.95 8.27
C VAL F 581 -2.27 -60.49 9.10
N ARG F 582 -2.17 -59.31 9.72
CA ARG F 582 -3.28 -58.79 10.50
C ARG F 582 -4.51 -58.56 9.63
N LEU F 583 -4.31 -57.95 8.45
CA LEU F 583 -5.44 -57.70 7.56
C LEU F 583 -6.05 -59.02 7.09
N ALA F 584 -5.22 -60.03 6.83
CA ALA F 584 -5.73 -61.33 6.43
C ALA F 584 -6.54 -61.98 7.53
N VAL F 585 -6.08 -61.86 8.77
CA VAL F 585 -6.84 -62.42 9.89
C VAL F 585 -8.21 -61.78 9.96
N LEU F 586 -8.27 -60.46 9.85
CA LEU F 586 -9.55 -59.77 9.96
C LEU F 586 -10.48 -60.16 8.80
N LYS F 587 -9.95 -60.24 7.58
CA LYS F 587 -10.81 -60.58 6.44
C LYS F 587 -11.30 -62.02 6.53
N ALA F 588 -10.45 -62.95 6.97
CA ALA F 588 -10.90 -64.32 7.14
C ALA F 588 -11.96 -64.43 8.21
N LEU F 589 -11.79 -63.70 9.33
CA LEU F 589 -12.81 -63.73 10.36
C LEU F 589 -14.13 -63.16 9.86
N MET F 590 -14.08 -62.12 9.02
CA MET F 590 -15.31 -61.58 8.46
C MET F 590 -15.97 -62.58 7.53
N THR F 591 -15.17 -63.30 6.73
CA THR F 591 -15.73 -64.34 5.87
C THR F 591 -16.39 -65.44 6.69
N PHE F 592 -15.76 -65.84 7.80
CA PHE F 592 -16.37 -66.82 8.67
C PHE F 592 -17.65 -66.28 9.31
N ALA F 593 -17.64 -65.02 9.75
CA ALA F 593 -18.81 -64.46 10.41
C ALA F 593 -19.99 -64.36 9.45
N ASN F 594 -19.73 -64.12 8.17
CA ASN F 594 -20.81 -64.01 7.19
C ASN F 594 -21.31 -65.37 6.71
N LEU F 595 -20.75 -66.48 7.21
CA LEU F 595 -21.21 -67.79 6.76
C LEU F 595 -22.64 -68.07 7.19
N GLY F 596 -22.99 -67.72 8.42
CA GLY F 596 -24.25 -68.20 8.97
C GLY F 596 -24.21 -69.70 9.14
N GLY F 597 -25.27 -70.38 8.70
CA GLY F 597 -25.30 -71.83 8.77
C GLY F 597 -25.32 -72.41 10.16
N GLU F 598 -25.64 -71.61 11.18
CA GLU F 598 -25.74 -72.02 12.58
C GLU F 598 -24.40 -72.40 13.19
N THR F 599 -23.28 -72.17 12.50
CA THR F 599 -21.96 -72.44 13.04
C THR F 599 -21.36 -71.23 13.74
N SER F 600 -21.72 -70.02 13.30
CA SER F 600 -21.11 -68.81 13.84
C SER F 600 -21.36 -68.67 15.34
N GLN F 601 -22.51 -69.13 15.81
CA GLN F 601 -22.84 -68.99 17.23
C GLN F 601 -21.86 -69.71 18.14
N GLY F 602 -21.11 -70.68 17.61
CA GLY F 602 -20.13 -71.39 18.41
C GLY F 602 -19.01 -70.50 18.93
N TRP F 603 -18.25 -69.89 18.02
CA TRP F 603 -17.09 -69.09 18.40
C TRP F 603 -17.43 -67.62 18.63
N LEU F 604 -18.61 -67.15 18.22
CA LEU F 604 -19.03 -65.82 18.60
C LEU F 604 -19.22 -65.75 20.11
N ASN F 605 -18.39 -64.96 20.78
CA ASN F 605 -18.43 -64.85 22.23
C ASN F 605 -17.77 -63.52 22.60
N GLY F 606 -17.60 -63.28 23.90
CA GLY F 606 -16.98 -62.06 24.35
C GLY F 606 -15.49 -62.00 24.09
N ARG F 607 -14.84 -63.16 23.94
CA ARG F 607 -13.40 -63.19 23.72
C ARG F 607 -13.02 -62.45 22.46
N ILE F 608 -13.68 -62.79 21.34
CA ILE F 608 -13.33 -62.17 20.08
C ILE F 608 -13.70 -60.70 20.08
N LEU F 609 -14.81 -60.35 20.73
CA LEU F 609 -15.20 -58.94 20.80
C LEU F 609 -14.16 -58.13 21.55
N ARG F 610 -13.69 -58.62 22.69
CA ARG F 610 -12.69 -57.89 23.44
C ARG F 610 -11.37 -57.79 22.67
N LEU F 611 -10.99 -58.87 21.98
CA LEU F 611 -9.75 -58.83 21.21
C LEU F 611 -9.85 -57.82 20.07
N ILE F 612 -11.00 -57.76 19.40
CA ILE F 612 -11.16 -56.78 18.33
C ILE F 612 -11.18 -55.37 18.88
N PHE F 613 -11.75 -55.17 20.08
CA PHE F 613 -11.71 -53.84 20.69
C PHE F 613 -10.28 -53.43 21.01
N GLN F 614 -9.48 -54.38 21.48
CA GLN F 614 -8.06 -54.11 21.69
C GLN F 614 -7.38 -53.76 20.39
N ASN F 615 -7.73 -54.46 19.31
CA ASN F 615 -7.21 -54.10 17.99
C ASN F 615 -7.55 -52.67 17.63
N ILE F 616 -8.79 -52.26 17.89
CA ILE F 616 -9.22 -50.89 17.58
C ILE F 616 -8.39 -49.90 18.37
N ILE F 617 -8.17 -50.18 19.66
CA ILE F 617 -7.46 -49.24 20.51
C ILE F 617 -5.99 -49.12 20.09
N VAL F 618 -5.34 -50.25 19.78
CA VAL F 618 -3.87 -50.27 19.67
C VAL F 618 -3.37 -50.23 18.23
N GLU F 619 -4.26 -50.12 17.25
CA GLU F 619 -3.82 -50.14 15.86
C GLU F 619 -3.27 -48.78 15.43
N ARG F 620 -2.34 -48.81 14.49
CA ARG F 620 -1.78 -47.61 13.87
C ARG F 620 -2.03 -47.55 12.37
N ASP F 621 -2.15 -48.68 11.69
CA ASP F 621 -2.38 -48.68 10.26
C ASP F 621 -3.85 -48.39 9.94
N GLN F 622 -4.08 -47.58 8.91
CA GLN F 622 -5.44 -47.15 8.61
C GLN F 622 -6.29 -48.29 8.10
N ASP F 623 -5.76 -49.08 7.15
CA ASP F 623 -6.56 -50.13 6.55
C ASP F 623 -6.92 -51.20 7.57
N THR F 624 -5.97 -51.60 8.41
CA THR F 624 -6.28 -52.60 9.43
C THR F 624 -7.28 -52.07 10.44
N LEU F 625 -7.19 -50.77 10.79
CA LEU F 625 -8.17 -50.19 11.70
C LEU F 625 -9.57 -50.21 11.07
N ASN F 626 -9.67 -49.86 9.79
CA ASN F 626 -10.97 -49.88 9.12
C ASN F 626 -11.54 -51.30 9.07
N MET F 627 -10.70 -52.28 8.72
CA MET F 627 -11.17 -53.66 8.67
C MET F 627 -11.57 -54.15 10.05
N SER F 628 -10.84 -53.73 11.08
CA SER F 628 -11.17 -54.11 12.45
C SER F 628 -12.54 -53.57 12.84
N LEU F 629 -12.81 -52.31 12.51
CA LEU F 629 -14.10 -51.74 12.88
C LEU F 629 -15.23 -52.37 12.08
N GLU F 630 -14.98 -52.69 10.81
CA GLU F 630 -15.98 -53.40 10.02
C GLU F 630 -16.29 -54.76 10.61
N LEU F 631 -15.25 -55.50 10.99
CA LEU F 631 -15.47 -56.81 11.60
C LEU F 631 -16.20 -56.68 12.92
N TRP F 632 -15.89 -55.63 13.68
CA TRP F 632 -16.59 -55.40 14.94
C TRP F 632 -18.07 -55.17 14.71
N THR F 633 -18.41 -54.32 13.74
CA THR F 633 -19.83 -54.05 13.46
C THR F 633 -20.53 -55.32 13.01
N THR F 634 -19.91 -56.09 12.11
CA THR F 634 -20.56 -57.31 11.64
C THR F 634 -20.74 -58.32 12.78
N LEU F 635 -19.74 -58.46 13.64
CA LEU F 635 -19.87 -59.41 14.74
C LEU F 635 -20.96 -58.99 15.71
N VAL F 636 -21.03 -57.69 16.03
CA VAL F 636 -22.07 -57.22 16.94
C VAL F 636 -23.45 -57.41 16.32
N ARG F 637 -23.59 -57.12 15.03
CA ARG F 637 -24.88 -57.32 14.38
C ARG F 637 -25.29 -58.79 14.35
N ARG F 638 -24.34 -59.69 14.06
CA ARG F 638 -24.64 -61.11 14.08
C ARG F 638 -25.04 -61.55 15.48
N LEU F 639 -24.33 -61.08 16.50
CA LEU F 639 -24.65 -61.49 17.87
C LEU F 639 -25.99 -60.92 18.32
N ALA F 640 -26.39 -59.75 17.82
CA ALA F 640 -27.70 -59.20 18.13
C ALA F 640 -28.81 -59.81 17.27
N ALA F 641 -28.46 -60.53 16.21
CA ALA F 641 -29.49 -61.20 15.43
C ALA F 641 -30.15 -62.31 16.23
N ARG F 642 -29.37 -63.07 17.00
CA ARG F 642 -29.93 -64.12 17.85
C ARG F 642 -30.87 -63.52 18.89
N ASP F 643 -30.33 -62.65 19.74
CA ASP F 643 -31.10 -62.03 20.81
C ASP F 643 -30.29 -60.85 21.36
N PRO F 644 -30.87 -59.65 21.51
CA PRO F 644 -30.10 -58.58 22.14
C PRO F 644 -29.63 -58.90 23.55
N ALA F 645 -30.35 -59.76 24.27
CA ALA F 645 -29.90 -60.15 25.60
C ALA F 645 -28.59 -60.92 25.55
N ILE F 646 -28.41 -61.76 24.52
CA ILE F 646 -27.17 -62.52 24.38
C ILE F 646 -26.00 -61.57 24.18
N LEU F 647 -26.17 -60.54 23.33
CA LEU F 647 -25.14 -59.53 23.19
C LEU F 647 -24.90 -58.80 24.50
N ALA F 648 -25.98 -58.47 25.21
CA ALA F 648 -25.86 -57.65 26.41
C ALA F 648 -25.11 -58.36 27.52
N ASP F 649 -25.29 -59.68 27.66
CA ASP F 649 -24.64 -60.42 28.73
C ASP F 649 -23.37 -61.13 28.31
N GLU F 650 -23.12 -61.29 27.01
CA GLU F 650 -21.84 -61.84 26.57
C GLU F 650 -20.72 -60.84 26.75
N PHE F 651 -20.97 -59.57 26.40
CA PHE F 651 -19.99 -58.51 26.54
C PHE F 651 -20.01 -57.86 27.91
N GLU F 652 -20.95 -58.25 28.79
CA GLU F 652 -21.01 -57.66 30.12
C GLU F 652 -19.75 -57.95 30.93
N ALA F 653 -19.17 -59.14 30.75
CA ALA F 653 -17.96 -59.48 31.49
C ALA F 653 -16.80 -58.58 31.12
N HIS F 654 -16.79 -58.05 29.89
CA HIS F 654 -15.67 -57.29 29.36
C HIS F 654 -15.93 -55.80 29.23
N ALA F 655 -17.14 -55.33 29.51
CA ALA F 655 -17.51 -53.97 29.16
C ALA F 655 -16.71 -52.93 29.92
N GLU F 656 -16.50 -53.14 31.22
CA GLU F 656 -15.88 -52.08 32.03
C GLU F 656 -14.43 -51.83 31.65
N PRO F 657 -13.55 -52.84 31.52
CA PRO F 657 -12.18 -52.55 31.09
C PRO F 657 -12.08 -51.87 29.73
N MET F 658 -12.93 -52.28 28.78
CA MET F 658 -12.91 -51.62 27.49
C MET F 658 -13.43 -50.20 27.59
N MET F 659 -14.34 -49.92 28.51
CA MET F 659 -14.74 -48.55 28.75
C MET F 659 -13.58 -47.74 29.31
N GLN F 660 -12.76 -48.36 30.17
CA GLN F 660 -11.58 -47.67 30.66
C GLN F 660 -10.61 -47.36 29.52
N LEU F 661 -10.41 -48.32 28.61
CA LEU F 661 -9.51 -48.09 27.49
C LEU F 661 -10.04 -47.00 26.57
N ALA F 662 -11.33 -47.02 26.27
CA ALA F 662 -11.90 -46.06 25.33
C ALA F 662 -11.82 -44.64 25.88
N LEU F 663 -12.06 -44.46 27.17
CA LEU F 663 -12.11 -43.16 27.81
C LEU F 663 -10.79 -42.81 28.49
N HIS F 664 -9.68 -43.34 27.99
CA HIS F 664 -8.38 -43.06 28.57
C HIS F 664 -7.87 -41.68 28.08
N PRO F 665 -7.13 -40.95 28.91
CA PRO F 665 -6.59 -39.67 28.44
C PRO F 665 -5.38 -39.84 27.54
N ILE F 666 -4.92 -38.71 26.99
CA ILE F 666 -3.70 -38.63 26.19
C ILE F 666 -2.83 -37.55 26.80
N GLY F 667 -1.52 -37.79 26.80
CA GLY F 667 -0.57 -36.88 27.41
C GLY F 667 0.18 -36.03 26.40
N VAL F 668 1.21 -35.35 26.89
CA VAL F 668 2.11 -34.54 26.07
C VAL F 668 3.24 -35.46 25.61
N PRO F 669 4.14 -35.02 24.72
CA PRO F 669 5.12 -35.97 24.15
C PRO F 669 6.01 -36.66 25.17
N ARG F 670 6.70 -35.91 26.03
CA ARG F 670 7.71 -36.49 26.90
C ARG F 670 7.17 -36.99 28.24
N HIS F 671 5.88 -36.80 28.52
CA HIS F 671 5.26 -37.19 29.79
C HIS F 671 4.02 -38.02 29.49
N PRO F 672 4.19 -39.29 29.12
CA PRO F 672 3.03 -40.10 28.76
C PRO F 672 2.16 -40.44 29.96
N ILE F 673 0.95 -40.90 29.65
CA ILE F 673 -0.04 -41.30 30.65
C ILE F 673 -0.42 -42.74 30.31
N PRO F 674 0.37 -43.74 30.72
CA PRO F 674 0.16 -45.09 30.19
C PRO F 674 -1.11 -45.75 30.71
N MET F 675 -1.68 -46.59 29.85
CA MET F 675 -2.76 -47.48 30.26
C MET F 675 -2.20 -48.65 31.07
N ASN F 676 -3.07 -49.27 31.85
CA ASN F 676 -2.67 -50.42 32.64
C ASN F 676 -2.61 -51.65 31.73
N PRO F 677 -1.47 -52.36 31.66
CA PRO F 677 -1.43 -53.55 30.79
C PRO F 677 -2.35 -54.67 31.25
N ALA F 678 -2.82 -54.65 32.51
CA ALA F 678 -3.72 -55.70 32.98
C ALA F 678 -5.06 -55.68 32.27
N LEU F 679 -5.42 -54.58 31.61
CA LEU F 679 -6.68 -54.49 30.90
C LEU F 679 -6.69 -55.27 29.59
N PHE F 680 -5.52 -55.56 29.03
CA PHE F 680 -5.41 -56.24 27.75
C PHE F 680 -5.24 -57.74 27.98
N GLN F 681 -6.03 -58.55 27.28
CA GLN F 681 -5.91 -60.00 27.31
C GLN F 681 -4.94 -60.47 26.24
N LYS F 682 -4.33 -61.62 26.49
CA LYS F 682 -3.58 -62.31 25.46
C LYS F 682 -4.52 -63.15 24.61
N PRO F 683 -4.12 -63.52 23.39
CA PRO F 683 -4.99 -64.40 22.59
C PRO F 683 -5.27 -65.73 23.24
N SER F 684 -4.36 -66.23 24.08
CA SER F 684 -4.53 -67.49 24.80
C SER F 684 -4.11 -67.35 26.26
N GLY F 685 -4.29 -66.16 26.85
CA GLY F 685 -3.89 -65.93 28.22
C GLY F 685 -4.78 -64.89 28.87
N GLY F 686 -4.79 -64.91 30.20
CA GLY F 686 -5.68 -64.03 30.94
C GLY F 686 -5.32 -62.56 30.81
N THR F 687 -4.03 -62.24 30.88
CA THR F 687 -3.56 -60.85 30.91
C THR F 687 -2.32 -60.69 30.06
N TYR F 688 -2.19 -59.53 29.43
CA TYR F 688 -1.02 -59.18 28.65
C TYR F 688 0.12 -58.76 29.56
N VAL F 731 5.04 -55.45 21.30
CA VAL F 731 4.83 -55.11 19.91
C VAL F 731 3.92 -53.88 19.80
N ASP F 732 2.93 -53.80 20.69
CA ASP F 732 2.04 -52.65 20.79
C ASP F 732 2.36 -51.78 22.00
N GLY F 733 3.60 -51.84 22.48
CA GLY F 733 3.93 -51.14 23.70
C GLY F 733 3.82 -49.63 23.59
N HIS F 734 4.14 -49.08 22.42
CA HIS F 734 4.11 -47.63 22.27
C HIS F 734 2.70 -47.08 22.38
N MET F 735 1.72 -47.76 21.79
CA MET F 735 0.35 -47.29 21.88
C MET F 735 -0.19 -47.43 23.30
N ILE F 736 0.14 -48.54 23.97
CA ILE F 736 -0.33 -48.74 25.34
C ILE F 736 0.26 -47.68 26.27
N GLN F 737 1.57 -47.44 26.15
CA GLN F 737 2.23 -46.46 26.99
C GLN F 737 1.75 -45.04 26.71
N GLY F 738 1.09 -44.80 25.58
CA GLY F 738 0.70 -43.45 25.23
C GLY F 738 1.87 -42.54 24.93
N GLU F 739 2.93 -43.07 24.32
CA GLU F 739 4.10 -42.28 23.96
C GLU F 739 3.78 -41.49 22.70
N VAL F 740 3.33 -40.26 22.89
CA VAL F 740 2.93 -39.43 21.76
C VAL F 740 4.12 -39.03 20.91
N ASP F 741 5.32 -38.99 21.48
CA ASP F 741 6.49 -38.57 20.71
C ASP F 741 6.90 -39.63 19.70
N LEU F 742 6.71 -40.91 20.02
CA LEU F 742 7.09 -41.99 19.14
C LEU F 742 5.98 -42.37 18.16
N VAL F 743 4.72 -42.26 18.60
CA VAL F 743 3.54 -42.46 17.75
C VAL F 743 2.75 -41.16 17.77
N GLY F 744 2.45 -40.63 16.58
CA GLY F 744 1.89 -39.30 16.50
C GLY F 744 0.54 -39.17 17.20
N VAL F 745 0.24 -37.94 17.60
CA VAL F 745 -1.01 -37.66 18.32
C VAL F 745 -2.21 -37.94 17.43
N ASP F 746 -2.06 -37.80 16.12
CA ASP F 746 -3.15 -38.13 15.21
C ASP F 746 -3.53 -39.59 15.32
N VAL F 747 -2.55 -40.48 15.45
CA VAL F 747 -2.83 -41.91 15.58
C VAL F 747 -3.61 -42.18 16.86
N LEU F 748 -3.18 -41.57 17.97
CA LEU F 748 -3.89 -41.77 19.24
C LEU F 748 -5.32 -41.26 19.16
N ILE F 749 -5.52 -40.06 18.60
CA ILE F 749 -6.87 -39.51 18.50
C ILE F 749 -7.73 -40.39 17.60
N ARG F 750 -7.15 -40.92 16.53
CA ARG F 750 -7.90 -41.77 15.63
C ARG F 750 -8.32 -43.06 16.32
N SER F 751 -7.42 -43.63 17.13
CA SER F 751 -7.79 -44.81 17.90
C SER F 751 -8.92 -44.48 18.87
N ARG F 752 -8.87 -43.30 19.49
CA ARG F 752 -9.92 -42.91 20.42
C ARG F 752 -11.26 -42.79 19.72
N ILE F 753 -11.31 -42.15 18.56
CA ILE F 753 -12.60 -41.98 17.89
C ILE F 753 -13.11 -43.32 17.37
N SER F 754 -12.22 -44.20 16.90
CA SER F 754 -12.67 -45.53 16.47
C SER F 754 -13.25 -46.31 17.64
N ALA F 755 -12.58 -46.26 18.80
CA ALA F 755 -13.11 -46.90 19.99
C ALA F 755 -14.45 -46.31 20.39
N ALA F 756 -14.58 -44.99 20.26
CA ALA F 756 -15.85 -44.35 20.59
C ALA F 756 -16.96 -44.84 19.67
N LYS F 757 -16.68 -44.97 18.38
CA LYS F 757 -17.69 -45.49 17.45
C LYS F 757 -18.10 -46.91 17.83
N ALA F 758 -17.12 -47.76 18.10
CA ALA F 758 -17.41 -49.15 18.45
C ALA F 758 -18.24 -49.23 19.73
N MET F 759 -17.84 -48.48 20.76
CA MET F 759 -18.54 -48.56 22.03
C MET F 759 -19.92 -47.92 21.95
N GLY F 760 -20.08 -46.87 21.14
CA GLY F 760 -21.40 -46.32 20.94
C GLY F 760 -22.33 -47.30 20.26
N LEU F 761 -21.83 -48.02 19.25
CA LEU F 761 -22.66 -49.01 18.57
C LEU F 761 -23.09 -50.11 19.53
N ILE F 762 -22.13 -50.65 20.30
CA ILE F 762 -22.49 -51.75 21.19
C ILE F 762 -23.38 -51.26 22.32
N MET F 763 -23.25 -50.00 22.73
CA MET F 763 -24.22 -49.42 23.66
C MET F 763 -25.61 -49.36 23.03
N SER F 764 -25.68 -48.96 21.76
CA SER F 764 -26.98 -48.79 21.11
C SER F 764 -27.71 -50.11 20.96
N PHE F 765 -26.99 -51.17 20.61
CA PHE F 765 -27.68 -52.44 20.38
C PHE F 765 -28.27 -53.01 21.66
N ILE F 766 -27.54 -52.93 22.77
CA ILE F 766 -27.94 -53.63 24.00
C ILE F 766 -29.11 -52.90 24.65
N PRO F 767 -29.95 -53.58 25.44
CA PRO F 767 -31.15 -52.92 25.99
C PRO F 767 -30.81 -51.83 26.98
N THR F 768 -31.78 -50.92 27.16
CA THR F 768 -31.58 -49.78 28.04
C THR F 768 -31.36 -50.14 29.51
N PRO F 769 -32.10 -51.07 30.12
CA PRO F 769 -31.89 -51.34 31.55
C PRO F 769 -30.49 -51.85 31.89
N ARG F 770 -29.78 -52.44 30.94
CA ARG F 770 -28.45 -52.96 31.18
C ARG F 770 -27.35 -51.90 31.04
N LEU F 771 -27.70 -50.67 30.70
CA LEU F 771 -26.73 -49.62 30.40
C LEU F 771 -26.30 -48.82 31.63
N ALA F 772 -26.58 -49.32 32.84
CA ALA F 772 -26.25 -48.55 34.04
C ALA F 772 -24.75 -48.29 34.15
N SER F 773 -23.94 -49.34 34.02
CA SER F 773 -22.49 -49.18 34.13
C SER F 773 -21.95 -48.31 33.00
N TYR F 774 -22.44 -48.51 31.79
CA TYR F 774 -22.00 -47.71 30.65
C TYR F 774 -22.29 -46.23 30.88
N ASP F 775 -23.54 -45.91 31.23
CA ASP F 775 -23.92 -44.51 31.36
C ASP F 775 -23.22 -43.85 32.53
N THR F 776 -23.07 -44.55 33.66
CA THR F 776 -22.37 -43.93 34.77
C THR F 776 -20.89 -43.75 34.46
N ALA F 777 -20.29 -44.67 33.68
CA ALA F 777 -18.90 -44.49 33.28
C ALA F 777 -18.72 -43.23 32.45
N VAL F 778 -19.56 -43.06 31.42
CA VAL F 778 -19.40 -41.86 30.59
C VAL F 778 -19.77 -40.60 31.38
N LEU F 779 -20.73 -40.68 32.29
CA LEU F 779 -21.10 -39.49 33.07
C LEU F 779 -19.98 -39.08 34.01
N GLN F 780 -19.30 -40.05 34.63
CA GLN F 780 -18.13 -39.73 35.42
C GLN F 780 -16.99 -39.20 34.55
N ALA F 781 -16.85 -39.72 33.33
CA ALA F 781 -15.82 -39.22 32.42
C ALA F 781 -16.08 -37.77 32.05
N LEU F 782 -17.34 -37.39 31.89
CA LEU F 782 -17.66 -36.01 31.51
C LEU F 782 -17.23 -35.00 32.56
N SER F 783 -16.97 -35.42 33.80
CA SER F 783 -16.55 -34.53 34.87
C SER F 783 -15.11 -34.78 35.31
N SER F 784 -14.32 -35.46 34.48
CA SER F 784 -12.96 -35.82 34.86
C SER F 784 -12.05 -34.59 34.88
N PRO F 785 -10.91 -34.64 35.57
CA PRO F 785 -9.92 -33.57 35.43
C PRO F 785 -9.15 -33.60 34.10
N TYR F 786 -9.34 -34.62 33.26
CA TYR F 786 -8.66 -34.72 31.98
C TYR F 786 -9.53 -34.13 30.88
N ALA F 787 -8.89 -33.45 29.93
CA ALA F 787 -9.61 -32.96 28.75
C ALA F 787 -9.90 -34.10 27.77
N SER F 788 -8.92 -34.99 27.58
CA SER F 788 -9.06 -36.05 26.58
C SER F 788 -10.19 -37.02 26.93
N THR F 789 -10.35 -37.34 28.22
CA THR F 789 -11.43 -38.23 28.61
C THR F 789 -12.78 -37.59 28.39
N GLN F 790 -12.89 -36.29 28.65
CA GLN F 790 -14.14 -35.58 28.36
C GLN F 790 -14.45 -35.62 26.88
N LEU F 791 -13.44 -35.41 26.04
CA LEU F 791 -13.63 -35.50 24.60
C LEU F 791 -14.10 -36.90 24.20
N ALA F 792 -13.47 -37.93 24.76
CA ALA F 792 -13.85 -39.29 24.42
C ALA F 792 -15.27 -39.61 24.87
N ALA F 793 -15.66 -39.14 26.05
CA ALA F 793 -17.02 -39.37 26.54
C ALA F 793 -18.04 -38.71 25.64
N ALA F 794 -17.76 -37.48 25.22
CA ALA F 794 -18.67 -36.80 24.29
C ALA F 794 -18.76 -37.56 22.98
N MET F 795 -17.64 -38.08 22.49
CA MET F 795 -17.65 -38.84 21.25
C MET F 795 -18.48 -40.11 21.40
N VAL F 796 -18.35 -40.79 22.53
CA VAL F 796 -19.11 -42.02 22.76
C VAL F 796 -20.59 -41.71 22.81
N ILE F 797 -20.97 -40.62 23.48
CA ILE F 797 -22.38 -40.25 23.53
C ILE F 797 -22.91 -39.95 22.13
N ASP F 798 -22.13 -39.21 21.33
CA ASP F 798 -22.57 -38.88 19.98
C ASP F 798 -22.75 -40.13 19.12
N GLU F 799 -21.80 -41.07 19.20
CA GLU F 799 -21.90 -42.26 18.36
C GLU F 799 -22.97 -43.21 18.87
N TYR F 800 -23.26 -43.19 20.17
CA TYR F 800 -24.43 -43.89 20.67
C TYR F 800 -25.71 -43.28 20.09
N ALA F 801 -25.79 -41.95 20.08
CA ALA F 801 -26.97 -41.28 19.58
C ALA F 801 -27.22 -41.56 18.11
N LYS F 802 -26.15 -41.55 17.31
CA LYS F 802 -26.33 -41.69 15.86
C LYS F 802 -26.89 -43.06 15.48
N ASN F 803 -26.40 -44.12 16.12
CA ASN F 803 -26.78 -45.48 15.73
C ASN F 803 -28.14 -45.91 16.28
N CYS F 804 -28.74 -45.14 17.19
CA CYS F 804 -30.00 -45.53 17.78
C CYS F 804 -31.11 -45.57 16.73
N SER F 805 -32.18 -46.28 17.06
CA SER F 805 -33.32 -46.36 16.15
C SER F 805 -33.95 -44.99 15.93
N THR F 806 -34.11 -44.22 17.00
CA THR F 806 -34.57 -42.85 16.94
C THR F 806 -33.78 -42.02 17.94
N PRO F 807 -33.59 -40.72 17.68
CA PRO F 807 -32.74 -39.92 18.59
C PRO F 807 -33.29 -39.78 20.00
N GLU F 808 -34.59 -39.99 20.22
CA GLU F 808 -35.17 -39.71 21.52
C GLU F 808 -34.68 -40.67 22.61
N VAL F 809 -34.13 -41.82 22.24
CA VAL F 809 -33.71 -42.80 23.24
C VAL F 809 -32.60 -42.24 24.11
N ALA F 810 -31.64 -41.55 23.50
CA ALA F 810 -30.45 -41.07 24.19
C ALA F 810 -30.67 -39.77 24.95
N SER F 811 -31.92 -39.37 25.19
CA SER F 811 -32.19 -38.07 25.79
C SER F 811 -31.73 -37.95 27.23
N ARG F 812 -31.33 -39.04 27.88
CA ARG F 812 -30.87 -38.93 29.26
C ARG F 812 -29.53 -38.22 29.36
N PHE F 813 -28.77 -38.13 28.27
CA PHE F 813 -27.50 -37.43 28.25
C PHE F 813 -27.63 -35.95 27.88
N ILE F 814 -28.84 -35.40 27.93
CA ILE F 814 -29.06 -34.04 27.46
C ILE F 814 -28.38 -33.04 28.39
N GLU F 815 -28.84 -32.96 29.64
CA GLU F 815 -28.37 -31.87 30.49
C GLU F 815 -26.91 -32.00 30.91
N PRO F 816 -26.31 -33.20 31.05
CA PRO F 816 -24.85 -33.23 31.19
C PRO F 816 -24.14 -32.59 30.00
N LEU F 817 -24.65 -32.80 28.79
CA LEU F 817 -24.03 -32.19 27.62
C LEU F 817 -24.27 -30.69 27.59
N GLN F 818 -25.47 -30.24 27.92
CA GLN F 818 -25.74 -28.81 27.94
C GLN F 818 -24.91 -28.11 29.00
N LYS F 819 -24.55 -28.81 30.08
CA LYS F 819 -23.66 -28.23 31.07
C LYS F 819 -22.24 -28.04 30.54
N ILE F 820 -21.86 -28.74 29.47
CA ILE F 820 -20.53 -28.56 28.91
C ILE F 820 -20.40 -27.19 28.24
N ILE F 821 -21.41 -26.81 27.45
CA ILE F 821 -21.33 -25.57 26.67
C ILE F 821 -21.87 -24.37 27.45
N ASP F 822 -22.87 -24.57 28.30
CA ASP F 822 -23.50 -23.45 28.98
C ASP F 822 -22.65 -22.97 30.16
N LEU F 823 -22.43 -23.84 31.14
CA LEU F 823 -21.66 -23.46 32.31
C LEU F 823 -20.21 -23.19 31.94
N GLU F 824 -19.56 -22.33 32.72
CA GLU F 824 -18.17 -21.97 32.48
C GLU F 824 -17.29 -23.22 32.59
N ARG F 825 -16.28 -23.29 31.74
CA ARG F 825 -15.42 -24.45 31.69
C ARG F 825 -14.46 -24.48 32.89
N PRO F 826 -13.90 -25.64 33.23
CA PRO F 826 -12.95 -25.69 34.33
C PRO F 826 -11.72 -24.83 34.06
N SER F 827 -11.15 -24.31 35.15
CA SER F 827 -9.98 -23.45 35.05
C SER F 827 -8.72 -24.20 34.64
N HIS F 828 -8.73 -25.54 34.71
CA HIS F 828 -7.52 -26.32 34.48
C HIS F 828 -7.89 -27.71 34.00
N TYR F 829 -6.88 -28.40 33.46
CA TYR F 829 -6.97 -29.80 33.10
C TYR F 829 -5.69 -30.50 33.52
N ARG F 830 -5.80 -31.79 33.84
CA ARG F 830 -4.63 -32.53 34.29
C ARG F 830 -3.63 -32.74 33.17
N ASP F 831 -4.05 -32.64 31.91
CA ASP F 831 -3.12 -32.81 30.80
C ASP F 831 -2.18 -31.62 30.64
N LEU F 832 -2.55 -30.45 31.16
CA LEU F 832 -1.77 -29.22 31.02
C LEU F 832 -0.92 -28.93 32.26
N VAL F 833 -0.79 -29.90 33.17
CA VAL F 833 0.06 -29.68 34.34
C VAL F 833 1.50 -29.47 33.89
N THR F 834 1.91 -30.08 32.77
CA THR F 834 3.25 -29.82 32.24
C THR F 834 3.41 -28.35 31.87
N TYR F 835 2.41 -27.77 31.21
CA TYR F 835 2.47 -26.36 30.86
C TYR F 835 2.53 -25.48 32.11
N VAL F 836 1.69 -25.78 33.10
CA VAL F 836 1.67 -24.95 34.29
C VAL F 836 2.98 -25.09 35.07
N GLN F 837 3.57 -26.29 35.07
CA GLN F 837 4.85 -26.48 35.75
C GLN F 837 5.97 -25.73 35.03
N ARG F 838 5.91 -25.71 33.70
CA ARG F 838 6.87 -24.90 32.93
C ARG F 838 6.72 -23.42 33.28
N VAL F 839 5.48 -22.93 33.39
CA VAL F 839 5.24 -21.56 33.81
C VAL F 839 5.81 -21.32 35.20
N ARG F 840 5.63 -22.29 36.10
CA ARG F 840 6.14 -22.15 37.46
C ARG F 840 7.66 -22.04 37.47
N SER F 841 8.33 -22.87 36.68
CA SER F 841 9.80 -22.83 36.63
C SER F 841 10.28 -21.50 36.06
N ALA F 842 9.64 -21.03 34.98
CA ALA F 842 10.04 -19.74 34.41
C ALA F 842 9.81 -18.60 35.39
N SER F 843 8.68 -18.61 36.08
CA SER F 843 8.40 -17.58 37.07
C SER F 843 9.42 -17.62 38.20
N GLN F 844 9.80 -18.81 38.64
CA GLN F 844 10.80 -18.91 39.70
C GLN F 844 12.15 -18.38 39.23
N GLN F 845 12.51 -18.66 37.98
CA GLN F 845 13.75 -18.10 37.43
C GLN F 845 13.68 -16.57 37.39
N LEU F 846 12.51 -16.02 37.10
CA LEU F 846 12.33 -14.57 37.15
C LEU F 846 12.52 -14.05 38.57
N ILE F 847 11.87 -14.70 39.54
CA ILE F 847 11.83 -14.17 40.90
C ILE F 847 13.19 -14.27 41.55
N ASN F 848 13.84 -15.43 41.46
CA ASN F 848 14.91 -15.78 42.38
C ASN F 848 16.29 -15.40 41.86
N LEU F 849 16.69 -15.95 40.72
CA LEU F 849 18.07 -15.80 40.26
C LEU F 849 18.38 -14.36 39.91
N PHE F 850 17.45 -13.66 39.28
CA PHE F 850 17.73 -12.31 38.80
C PHE F 850 17.59 -11.25 39.89
N ARG F 851 16.97 -11.57 41.02
CA ARG F 851 17.03 -10.69 42.18
C ARG F 851 18.27 -10.96 43.02
N ASP F 852 18.79 -12.18 42.99
CA ASP F 852 20.14 -12.41 43.50
C ASP F 852 21.16 -11.63 42.67
N HIS F 853 20.98 -11.62 41.34
CA HIS F 853 21.78 -10.74 40.50
C HIS F 853 21.48 -9.27 40.79
N GLY F 854 20.21 -8.95 41.05
CA GLY F 854 19.79 -7.61 41.36
C GLY F 854 20.07 -7.15 42.78
N LYS F 855 20.60 -8.04 43.63
CA LYS F 855 20.96 -7.69 45.00
C LYS F 855 19.76 -7.15 45.78
N VAL F 856 18.61 -7.78 45.59
CA VAL F 856 17.44 -7.54 46.43
C VAL F 856 17.47 -8.52 47.59
N SER F 857 17.28 -8.00 48.80
CA SER F 857 17.42 -8.83 49.99
C SER F 857 16.34 -9.90 50.05
N GLN F 858 16.56 -10.89 50.92
CA GLN F 858 15.59 -11.95 51.11
C GLN F 858 14.26 -11.38 51.60
N GLY F 859 13.22 -12.19 51.50
CA GLY F 859 11.88 -11.72 51.74
C GLY F 859 11.29 -10.93 50.60
N LYS F 860 11.91 -11.01 49.41
CA LYS F 860 11.42 -10.26 48.26
C LYS F 860 10.00 -10.67 47.88
N LEU F 861 9.71 -11.97 47.90
CA LEU F 861 8.39 -12.46 47.58
C LEU F 861 8.23 -13.83 48.22
N PRO F 862 7.04 -14.21 48.69
CA PRO F 862 6.88 -15.59 49.17
C PRO F 862 7.08 -16.59 48.06
N THR F 863 7.63 -17.75 48.43
CA THR F 863 7.96 -18.77 47.44
C THR F 863 6.71 -19.25 46.72
N LEU F 864 6.86 -19.54 45.43
CA LEU F 864 5.76 -20.07 44.64
C LEU F 864 5.32 -21.42 45.19
N ALA F 865 4.02 -21.70 45.09
CA ALA F 865 3.50 -22.97 45.55
C ALA F 865 4.16 -24.12 44.78
N VAL F 866 4.63 -25.13 45.52
CA VAL F 866 5.42 -26.19 44.92
C VAL F 866 4.55 -27.05 44.01
N VAL F 867 3.32 -27.32 44.41
CA VAL F 867 2.40 -28.15 43.63
C VAL F 867 1.58 -27.25 42.74
N VAL F 868 1.52 -27.60 41.47
CA VAL F 868 0.78 -26.82 40.48
C VAL F 868 -0.65 -27.33 40.39
N GLN F 869 -1.55 -26.46 39.95
CA GLN F 869 -2.94 -26.84 39.83
C GLN F 869 -3.10 -27.91 38.76
N GLY F 870 -4.03 -28.84 39.01
CA GLY F 870 -4.30 -29.94 38.13
C GLY F 870 -3.68 -31.25 38.55
N GLU F 871 -2.69 -31.21 39.42
CA GLU F 871 -2.09 -32.44 39.91
C GLU F 871 -3.00 -33.11 40.94
N PRO F 872 -2.88 -34.41 41.14
CA PRO F 872 -3.64 -35.06 42.21
C PRO F 872 -3.17 -34.56 43.58
N GLU F 873 -4.12 -34.46 44.51
CA GLU F 873 -3.86 -33.97 45.86
C GLU F 873 -3.24 -32.58 45.86
N ALA F 874 -3.58 -31.77 44.85
CA ALA F 874 -3.16 -30.38 44.83
C ALA F 874 -4.14 -29.55 45.63
N GLY F 875 -3.62 -28.75 46.57
CA GLY F 875 -4.47 -27.95 47.43
C GLY F 875 -5.09 -26.79 46.68
N PRO F 876 -6.09 -26.14 47.27
CA PRO F 876 -6.69 -24.97 46.60
C PRO F 876 -5.73 -23.83 46.39
N GLY F 877 -4.64 -23.78 47.15
CA GLY F 877 -3.62 -22.75 46.98
C GLY F 877 -2.51 -23.16 46.04
N ALA F 878 -2.77 -24.15 45.19
CA ALA F 878 -1.76 -24.61 44.26
C ALA F 878 -1.43 -23.52 43.24
N PHE F 879 -0.21 -23.59 42.70
CA PHE F 879 0.23 -22.62 41.71
C PHE F 879 -0.66 -22.67 40.47
N SER F 880 -0.99 -21.49 39.95
CA SER F 880 -1.86 -21.37 38.79
C SER F 880 -1.32 -20.30 37.86
N ILE F 881 -1.91 -20.23 36.66
CA ILE F 881 -1.55 -19.20 35.69
C ILE F 881 -1.87 -17.82 36.23
N ALA F 882 -2.90 -17.69 37.05
CA ALA F 882 -3.23 -16.40 37.65
C ALA F 882 -2.09 -15.91 38.53
N ASN F 883 -1.47 -16.81 39.29
CA ASN F 883 -0.30 -16.44 40.07
C ASN F 883 0.84 -15.99 39.17
N ALA F 884 0.99 -16.63 38.01
CA ALA F 884 2.03 -16.22 37.06
C ALA F 884 1.77 -14.81 36.55
N GLU F 885 0.52 -14.49 36.23
CA GLU F 885 0.19 -13.14 35.80
C GLU F 885 0.46 -12.13 36.90
N LYS F 886 0.06 -12.47 38.13
CA LYS F 886 0.28 -11.56 39.25
C LYS F 886 1.77 -11.31 39.46
N VAL F 887 2.59 -12.36 39.42
CA VAL F 887 4.00 -12.15 39.69
C VAL F 887 4.69 -11.44 38.54
N VAL F 888 4.24 -11.67 37.30
CA VAL F 888 4.90 -11.03 36.17
C VAL F 888 4.46 -9.59 35.96
N ASN F 889 3.36 -9.14 36.58
CA ASN F 889 2.98 -7.73 36.52
C ASN F 889 3.12 -7.01 37.85
N GLU F 890 2.35 -7.41 38.86
CA GLU F 890 2.30 -6.65 40.10
C GLU F 890 3.58 -6.81 40.90
N ASP F 891 4.04 -8.06 41.07
CA ASP F 891 5.28 -8.26 41.82
C ASP F 891 6.48 -7.76 41.04
N PHE F 892 6.42 -7.79 39.72
CA PHE F 892 7.50 -7.20 38.93
C PHE F 892 7.63 -5.72 39.22
N GLU F 893 6.50 -4.98 39.18
CA GLU F 893 6.53 -3.57 39.50
C GLU F 893 6.98 -3.33 40.94
N ARG F 894 6.44 -4.11 41.88
CA ARG F 894 6.80 -3.93 43.29
C ARG F 894 8.28 -4.15 43.51
N LEU F 895 8.83 -5.23 42.96
CA LEU F 895 10.25 -5.53 43.15
C LEU F 895 11.12 -4.49 42.47
N LYS F 896 10.72 -4.01 41.29
CA LYS F 896 11.45 -2.92 40.66
C LYS F 896 11.51 -1.70 41.57
N ARG F 897 10.37 -1.33 42.17
CA ARG F 897 10.36 -0.21 43.10
C ARG F 897 11.23 -0.49 44.32
N LEU F 898 11.25 -1.73 44.78
CA LEU F 898 12.07 -2.09 45.94
C LEU F 898 13.56 -2.09 45.62
N MET F 899 13.94 -2.20 44.35
CA MET F 899 15.36 -2.22 44.01
C MET F 899 16.01 -0.89 44.38
N ALA F 900 17.26 -0.97 44.80
CA ALA F 900 18.00 0.24 45.11
C ALA F 900 18.33 0.99 43.82
N PRO F 901 18.43 2.32 43.86
CA PRO F 901 18.85 3.05 42.66
C PRO F 901 20.27 2.66 42.25
N GLY F 902 20.52 2.71 40.95
CA GLY F 902 21.82 2.30 40.42
C GLY F 902 21.93 0.82 40.18
N GLN F 903 21.66 -0.01 41.19
CA GLN F 903 21.58 -1.44 40.98
C GLN F 903 20.43 -1.79 40.04
N ARG F 904 19.34 -1.04 40.11
CA ARG F 904 18.23 -1.23 39.19
C ARG F 904 18.67 -1.04 37.75
N LEU F 905 19.51 -0.02 37.50
CA LEU F 905 20.02 0.20 36.16
C LEU F 905 20.87 -0.98 35.70
N ILE F 906 21.63 -1.58 36.60
CA ILE F 906 22.45 -2.73 36.24
C ILE F 906 21.58 -3.93 35.92
N ALA F 907 20.49 -4.10 36.67
CA ALA F 907 19.72 -5.34 36.63
C ALA F 907 18.63 -5.35 35.57
N LEU F 908 18.06 -4.19 35.25
CA LEU F 908 16.76 -4.16 34.58
C LEU F 908 16.68 -4.88 33.24
N PRO F 909 17.66 -4.79 32.32
CA PRO F 909 17.48 -5.45 31.01
C PRO F 909 17.31 -6.97 31.09
N GLN F 910 18.05 -7.64 31.97
CA GLN F 910 17.85 -9.08 32.12
C GLN F 910 16.49 -9.35 32.73
N LEU F 911 16.03 -8.48 33.64
CA LEU F 911 14.70 -8.61 34.17
C LEU F 911 13.65 -8.48 33.08
N ASN F 912 13.86 -7.56 32.13
CA ASN F 912 12.92 -7.41 31.03
C ASN F 912 12.90 -8.65 30.16
N GLU F 913 14.08 -9.20 29.86
CA GLU F 913 14.13 -10.41 29.05
C GLU F 913 13.40 -11.56 29.74
N ALA F 914 13.65 -11.75 31.04
CA ALA F 914 12.99 -12.81 31.78
C ALA F 914 11.48 -12.59 31.83
N ARG F 915 11.04 -11.34 31.99
CA ARG F 915 9.62 -11.06 32.02
C ARG F 915 8.96 -11.41 30.69
N GLU F 916 9.61 -11.04 29.58
CA GLU F 916 9.03 -11.36 28.27
C GLU F 916 8.98 -12.87 28.05
N GLN F 917 10.02 -13.59 28.46
CA GLN F 917 9.98 -15.05 28.37
C GLN F 917 8.84 -15.63 29.19
N THR F 918 8.66 -15.13 30.41
CA THR F 918 7.58 -15.60 31.27
C THR F 918 6.23 -15.36 30.63
N VAL F 919 6.05 -14.19 30.03
CA VAL F 919 4.78 -13.88 29.38
C VAL F 919 4.55 -14.83 28.20
N GLU F 920 5.62 -15.17 27.48
CA GLU F 920 5.48 -16.11 26.37
C GLU F 920 5.02 -17.48 26.86
N VAL F 921 5.60 -17.97 27.96
CA VAL F 921 5.20 -19.29 28.47
C VAL F 921 3.76 -19.25 28.96
N ILE F 922 3.37 -18.15 29.61
CA ILE F 922 1.98 -18.01 30.06
C ILE F 922 1.04 -18.03 28.87
N GLU F 923 1.40 -17.34 27.79
CA GLU F 923 0.56 -17.32 26.61
C GLU F 923 0.44 -18.72 26.00
N GLU F 924 1.54 -19.48 25.99
CA GLU F 924 1.48 -20.85 25.48
C GLU F 924 0.52 -21.70 26.31
N ALA F 925 0.62 -21.61 27.63
CA ALA F 925 -0.27 -22.39 28.49
C ALA F 925 -1.73 -22.01 28.28
N LYS F 926 -2.01 -20.72 28.21
CA LYS F 926 -3.37 -20.26 28.01
C LYS F 926 -3.92 -20.72 26.65
N ALA F 927 -3.08 -20.68 25.61
CA ALA F 927 -3.52 -21.15 24.30
C ALA F 927 -3.85 -22.64 24.32
N ALA F 928 -3.03 -23.44 25.01
CA ALA F 928 -3.31 -24.87 25.11
C ALA F 928 -4.64 -25.11 25.82
N LYS F 929 -4.88 -24.37 26.91
CA LYS F 929 -6.15 -24.52 27.63
C LYS F 929 -7.33 -24.14 26.74
N GLU F 930 -7.18 -23.06 25.98
CA GLU F 930 -8.25 -22.65 25.08
C GLU F 930 -8.53 -23.73 24.04
N ALA F 931 -7.47 -24.33 23.50
CA ALA F 931 -7.66 -25.38 22.48
C ALA F 931 -8.41 -26.57 23.06
N ARG F 932 -8.03 -27.01 24.26
CA ARG F 932 -8.71 -28.15 24.87
C ARG F 932 -10.18 -27.84 25.16
N ASP F 933 -10.45 -26.64 25.68
CA ASP F 933 -11.84 -26.25 25.93
C ASP F 933 -12.64 -26.23 24.65
N ALA F 934 -12.07 -25.67 23.58
CA ALA F 934 -12.79 -25.60 22.31
C ALA F 934 -13.09 -27.00 21.77
N ARG F 935 -12.12 -27.91 21.89
CA ARG F 935 -12.35 -29.27 21.39
C ARG F 935 -13.46 -29.96 22.17
N ILE F 936 -13.45 -29.82 23.51
CA ILE F 936 -14.50 -30.44 24.31
C ILE F 936 -15.85 -29.86 23.97
N LYS F 937 -15.93 -28.53 23.84
CA LYS F 937 -17.20 -27.89 23.49
C LYS F 937 -17.69 -28.35 22.14
N ALA F 938 -16.79 -28.46 21.16
CA ALA F 938 -17.20 -28.91 19.83
C ALA F 938 -17.75 -30.32 19.87
N ALA F 939 -17.11 -31.22 20.63
CA ALA F 939 -17.61 -32.57 20.74
C ALA F 939 -18.98 -32.61 21.41
N ALA F 940 -19.15 -31.82 22.47
CA ALA F 940 -20.45 -31.77 23.15
C ALA F 940 -21.53 -31.24 22.22
N ALA F 941 -21.21 -30.21 21.44
CA ALA F 941 -22.18 -29.65 20.50
C ALA F 941 -22.53 -30.67 19.42
N CYS F 942 -21.55 -31.43 18.96
CA CYS F 942 -21.83 -32.48 17.98
C CYS F 942 -22.77 -33.52 18.57
N ALA F 943 -22.56 -33.87 19.84
CA ALA F 943 -23.47 -34.81 20.50
C ALA F 943 -24.87 -34.23 20.58
N LEU F 944 -25.01 -32.96 20.95
CA LEU F 944 -26.32 -32.36 21.09
C LEU F 944 -27.06 -32.29 19.75
N VAL F 945 -26.37 -31.91 18.69
CA VAL F 945 -27.02 -31.88 17.38
C VAL F 945 -27.33 -33.30 16.91
N ALA F 946 -26.51 -34.27 17.31
CA ALA F 946 -26.71 -35.64 16.84
C ALA F 946 -28.04 -36.20 17.30
N MET F 947 -28.41 -35.93 18.56
CA MET F 947 -29.68 -36.41 19.11
C MET F 947 -30.86 -35.50 18.75
N LYS F 948 -30.70 -34.64 17.75
CA LYS F 948 -31.80 -33.87 17.16
C LYS F 948 -32.36 -32.82 18.11
N VAL F 949 -31.50 -32.20 18.92
CA VAL F 949 -31.88 -31.12 19.80
C VAL F 949 -31.73 -29.80 19.04
N LEU F 950 -32.79 -28.99 19.06
CA LEU F 950 -32.84 -27.71 18.35
C LEU F 950 -33.25 -26.64 19.36
N PRO F 951 -32.30 -26.05 20.08
CA PRO F 951 -32.69 -25.12 21.15
C PRO F 951 -33.38 -23.88 20.62
N LYS F 952 -34.28 -23.34 21.44
CA LYS F 952 -34.98 -22.11 21.09
C LYS F 952 -34.00 -20.95 20.96
N LYS F 953 -32.91 -20.98 21.73
CA LYS F 953 -31.93 -19.90 21.80
C LYS F 953 -30.56 -20.47 21.45
N PRO F 954 -30.28 -20.70 20.15
CA PRO F 954 -28.99 -21.33 19.77
C PRO F 954 -27.83 -20.35 19.73
N SER F 955 -27.49 -19.82 20.90
CA SER F 955 -26.37 -18.88 21.01
C SER F 955 -25.02 -19.60 21.00
N PRO F 956 -24.74 -20.52 21.94
CA PRO F 956 -23.36 -21.05 22.07
C PRO F 956 -23.06 -22.24 21.19
N LEU F 957 -24.09 -22.99 20.79
CA LEU F 957 -23.90 -24.23 20.05
C LEU F 957 -23.21 -23.97 18.71
N ILE F 958 -23.74 -23.01 17.95
CA ILE F 958 -23.17 -22.70 16.65
C ILE F 958 -21.76 -22.13 16.80
N LYS F 959 -21.53 -21.33 17.84
CA LYS F 959 -20.18 -20.81 18.08
C LYS F 959 -19.20 -21.95 18.32
N ALA F 960 -19.59 -22.91 19.15
CA ALA F 960 -18.71 -24.04 19.46
C ALA F 960 -18.40 -24.84 18.19
N ILE F 961 -19.41 -25.07 17.35
CA ILE F 961 -19.17 -25.86 16.15
C ILE F 961 -18.29 -25.10 15.16
N MET F 962 -18.56 -23.80 14.96
CA MET F 962 -17.79 -23.04 13.98
C MET F 962 -16.36 -22.84 14.44
N ASP F 963 -16.11 -22.78 15.75
CA ASP F 963 -14.74 -22.69 16.23
C ASP F 963 -13.93 -23.92 15.85
N SER F 964 -14.57 -25.08 15.78
CA SER F 964 -13.91 -26.31 15.33
C SER F 964 -13.94 -26.50 13.83
N ILE F 965 -14.75 -25.71 13.11
CA ILE F 965 -14.57 -25.68 11.66
C ILE F 965 -13.40 -24.75 11.31
N LYS F 966 -13.17 -23.71 12.09
CA LYS F 966 -12.09 -22.76 11.80
C LYS F 966 -10.72 -23.34 12.18
N THR F 967 -10.51 -23.62 13.46
CA THR F 967 -9.17 -23.80 14.04
C THR F 967 -8.91 -25.24 14.46
N GLU F 968 -9.40 -26.21 13.67
CA GLU F 968 -9.21 -27.63 13.97
C GLU F 968 -8.11 -28.19 13.07
N GLU F 969 -6.95 -28.46 13.66
CA GLU F 969 -5.87 -29.10 12.92
C GLU F 969 -6.13 -30.58 12.70
N ASN F 970 -6.98 -31.21 13.52
CA ASN F 970 -7.26 -32.64 13.40
C ASN F 970 -8.35 -32.84 12.34
N GLN F 971 -8.00 -33.54 11.26
CA GLN F 971 -8.91 -33.65 10.13
C GLN F 971 -10.19 -34.40 10.49
N GLU F 972 -10.08 -35.43 11.32
CA GLU F 972 -11.24 -36.26 11.63
C GLU F 972 -12.29 -35.46 12.40
N LEU F 973 -11.87 -34.74 13.43
CA LEU F 973 -12.81 -33.94 14.20
C LEU F 973 -13.40 -32.81 13.36
N GLN F 974 -12.59 -32.23 12.47
CA GLN F 974 -13.10 -31.19 11.58
C GLN F 974 -14.16 -31.74 10.64
N SER F 975 -13.95 -32.94 10.12
CA SER F 975 -14.97 -33.56 9.26
C SER F 975 -16.23 -33.85 10.05
N ARG F 976 -16.09 -34.27 11.31
CA ARG F 976 -17.26 -34.51 12.14
C ARG F 976 -18.04 -33.22 12.38
N SER F 977 -17.35 -32.12 12.65
CA SER F 977 -18.04 -30.83 12.79
C SER F 977 -18.69 -30.39 11.49
N ALA F 978 -18.05 -30.67 10.36
CA ALA F 978 -18.64 -30.37 9.07
C ALA F 978 -19.97 -31.09 8.89
N ALA F 979 -19.99 -32.39 9.20
CA ALA F 979 -21.24 -33.14 9.15
C ALA F 979 -22.25 -32.58 10.14
N THR F 980 -21.79 -32.12 11.30
CA THR F 980 -22.70 -31.54 12.29
C THR F 980 -23.41 -30.31 11.72
N ILE F 981 -22.67 -29.41 11.08
CA ILE F 981 -23.31 -28.22 10.51
C ILE F 981 -24.24 -28.61 9.36
N ALA F 982 -23.81 -29.55 8.52
CA ALA F 982 -24.67 -29.95 7.40
C ALA F 982 -25.99 -30.53 7.90
N ARG F 983 -25.97 -31.24 9.04
CA ARG F 983 -27.22 -31.77 9.58
C ARG F 983 -28.02 -30.69 10.31
N LEU F 984 -27.33 -29.76 10.98
CA LEU F 984 -28.04 -28.69 11.68
C LEU F 984 -28.84 -27.83 10.71
N VAL F 985 -28.24 -27.50 9.56
CA VAL F 985 -28.95 -26.68 8.57
C VAL F 985 -30.20 -27.40 8.08
N GLN F 986 -30.09 -28.69 7.80
CA GLN F 986 -31.24 -29.45 7.34
C GLN F 986 -32.33 -29.50 8.39
N LEU F 987 -31.94 -29.71 9.67
CA LEU F 987 -32.94 -29.77 10.72
C LEU F 987 -33.65 -28.43 10.89
N PHE F 988 -32.91 -27.33 10.84
CA PHE F 988 -33.54 -26.02 10.94
C PHE F 988 -34.46 -25.75 9.76
N THR F 989 -34.05 -26.15 8.55
CA THR F 989 -34.92 -25.98 7.38
C THR F 989 -36.21 -26.78 7.54
N GLU F 990 -36.12 -28.01 8.03
CA GLU F 990 -37.33 -28.80 8.25
C GLU F 990 -38.18 -28.21 9.38
N SER F 991 -37.54 -27.56 10.35
CA SER F 991 -38.27 -26.94 11.46
C SER F 991 -38.97 -25.65 11.09
N GLY F 992 -38.72 -25.12 9.89
CA GLY F 992 -39.33 -23.88 9.44
C GLY F 992 -38.56 -22.63 9.82
N ARG F 993 -38.06 -22.57 11.05
CA ARG F 993 -37.26 -21.43 11.47
C ARG F 993 -35.97 -21.38 10.66
N ARG F 994 -35.60 -20.17 10.22
CA ARG F 994 -34.49 -20.02 9.28
C ARG F 994 -33.62 -18.81 9.60
N GLY F 995 -33.66 -18.30 10.83
CA GLY F 995 -32.84 -17.18 11.20
C GLY F 995 -31.36 -17.52 11.22
N PRO F 996 -30.93 -18.34 12.17
CA PRO F 996 -29.50 -18.72 12.23
C PRO F 996 -29.02 -19.51 11.02
N ALA F 997 -29.92 -20.16 10.29
CA ALA F 997 -29.50 -20.97 9.15
C ALA F 997 -28.81 -20.13 8.09
N GLU F 998 -29.40 -19.00 7.73
CA GLU F 998 -28.77 -18.13 6.74
C GLU F 998 -27.48 -17.53 7.26
N LYS F 999 -27.43 -17.22 8.56
CA LYS F 999 -26.20 -16.67 9.14
C LYS F 999 -25.06 -17.68 9.05
N VAL F 1000 -25.33 -18.95 9.39
CA VAL F 1000 -24.26 -19.95 9.33
C VAL F 1000 -23.88 -20.23 7.88
N VAL F 1001 -24.84 -20.20 6.95
CA VAL F 1001 -24.49 -20.39 5.54
C VAL F 1001 -23.58 -19.25 5.07
N ALA F 1002 -23.89 -18.03 5.49
CA ALA F 1002 -23.03 -16.89 5.14
C ALA F 1002 -21.64 -17.05 5.74
N ASN F 1003 -21.56 -17.52 6.99
CA ASN F 1003 -20.24 -17.71 7.60
C ASN F 1003 -19.45 -18.81 6.91
N LEU F 1004 -20.13 -19.88 6.48
CA LEU F 1004 -19.45 -20.93 5.73
C LEU F 1004 -18.91 -20.40 4.42
N VAL F 1005 -19.72 -19.62 3.70
CA VAL F 1005 -19.27 -19.05 2.43
C VAL F 1005 -18.13 -18.07 2.67
N LYS F 1006 -18.13 -17.39 3.81
CA LYS F 1006 -17.01 -16.50 4.14
C LYS F 1006 -15.73 -17.30 4.36
N PHE F 1007 -15.80 -18.34 5.19
CA PHE F 1007 -14.60 -19.12 5.50
C PHE F 1007 -14.07 -19.86 4.28
N SER F 1008 -14.95 -20.24 3.35
CA SER F 1008 -14.51 -20.99 2.19
C SER F 1008 -13.56 -20.19 1.30
N CYS F 1009 -13.52 -18.87 1.44
CA CYS F 1009 -12.76 -17.99 0.58
C CYS F 1009 -11.56 -17.36 1.28
N VAL F 1010 -11.13 -17.91 2.41
CA VAL F 1010 -10.05 -17.29 3.16
C VAL F 1010 -8.68 -17.61 2.56
N GLU F 1011 -8.54 -18.75 1.90
CA GLU F 1011 -7.23 -19.15 1.38
C GLU F 1011 -6.82 -18.25 0.22
N VAL F 1012 -5.59 -17.72 0.30
CA VAL F 1012 -5.12 -16.80 -0.72
C VAL F 1012 -4.95 -17.51 -2.06
N ALA F 1013 -4.44 -18.74 -2.05
CA ALA F 1013 -4.18 -19.45 -3.29
C ALA F 1013 -5.47 -19.76 -4.06
N GLU F 1014 -6.60 -19.86 -3.37
CA GLU F 1014 -7.89 -20.13 -4.01
C GLU F 1014 -8.67 -18.86 -4.30
N THR F 1015 -8.43 -17.78 -3.55
CA THR F 1015 -9.07 -16.49 -3.80
C THR F 1015 -8.13 -15.40 -3.29
N PRO F 1016 -7.52 -14.59 -4.15
CA PRO F 1016 -6.49 -13.66 -3.67
C PRO F 1016 -7.10 -12.42 -3.03
N GLU F 1017 -6.25 -11.68 -2.33
CA GLU F 1017 -6.66 -10.43 -1.71
C GLU F 1017 -6.71 -9.34 -2.78
N PHE F 1018 -7.92 -8.87 -3.09
CA PHE F 1018 -8.10 -7.79 -4.06
C PHE F 1018 -7.29 -6.53 -3.75
N PRO F 1019 -7.20 -6.05 -2.49
CA PRO F 1019 -6.42 -4.82 -2.23
C PRO F 1019 -4.99 -4.84 -2.73
N ILE F 1020 -4.43 -6.04 -2.92
CA ILE F 1020 -3.08 -6.17 -3.44
C ILE F 1020 -3.07 -6.14 -4.96
N HIS F 1021 -4.02 -6.82 -5.59
CA HIS F 1021 -4.06 -6.95 -7.04
C HIS F 1021 -4.98 -5.92 -7.71
N ALA F 1022 -5.51 -4.97 -6.93
CA ALA F 1022 -6.33 -3.91 -7.52
C ALA F 1022 -5.52 -3.03 -8.47
N HIS F 1023 -4.21 -2.96 -8.29
CA HIS F 1023 -3.36 -2.05 -9.06
C HIS F 1023 -2.76 -2.70 -10.30
N LYS F 1024 -3.12 -3.95 -10.61
CA LYS F 1024 -2.50 -4.72 -11.67
C LYS F 1024 -3.45 -4.81 -12.86
N THR F 1025 -2.94 -4.51 -14.05
CA THR F 1025 -3.72 -4.48 -15.27
C THR F 1025 -2.95 -5.17 -16.39
N ASN F 1026 -3.67 -5.98 -17.18
CA ASN F 1026 -3.11 -6.65 -18.36
C ASN F 1026 -1.92 -7.53 -17.99
N VAL F 1027 -2.07 -8.31 -16.92
CA VAL F 1027 -1.08 -9.31 -16.52
C VAL F 1027 -1.76 -10.67 -16.47
N ILE F 1028 -1.01 -11.70 -16.85
CA ILE F 1028 -1.44 -13.09 -16.63
C ILE F 1028 -0.99 -13.42 -15.21
N LEU F 1029 -1.87 -13.14 -14.25
CA LEU F 1029 -1.52 -13.33 -12.85
C LEU F 1029 -1.29 -14.79 -12.49
N SER F 1030 -1.69 -15.72 -13.35
CA SER F 1030 -1.36 -17.13 -13.15
C SER F 1030 0.13 -17.38 -13.17
N MET F 1031 0.92 -16.51 -13.81
CA MET F 1031 2.36 -16.69 -13.89
C MET F 1031 3.11 -16.11 -12.70
N GLN F 1032 2.59 -15.07 -12.07
CA GLN F 1032 3.27 -14.43 -10.96
C GLN F 1032 3.39 -15.37 -9.77
N LYS F 1045 5.93 -14.73 10.31
CA LYS F 1045 4.54 -14.74 10.78
C LYS F 1045 3.60 -15.14 9.65
N TYR F 1046 3.98 -14.82 8.42
CA TYR F 1046 3.16 -15.18 7.27
C TYR F 1046 3.03 -16.70 7.13
N ALA F 1047 4.13 -17.41 7.35
CA ALA F 1047 4.11 -18.88 7.29
C ALA F 1047 3.15 -19.46 8.31
N ARG F 1048 2.97 -18.78 9.45
CA ARG F 1048 2.01 -19.23 10.44
C ARG F 1048 0.58 -19.13 9.92
N GLU F 1049 0.22 -17.96 9.36
CA GLU F 1049 -1.14 -17.75 8.90
C GLU F 1049 -1.48 -18.60 7.67
N ALA F 1050 -0.46 -18.96 6.89
CA ALA F 1050 -0.71 -19.75 5.68
C ALA F 1050 -1.37 -21.08 6.00
N LYS F 1051 -1.02 -21.69 7.14
CA LYS F 1051 -1.64 -22.96 7.52
C LYS F 1051 -3.08 -22.75 7.99
N ALA F 1052 -3.31 -21.70 8.78
CA ALA F 1052 -4.65 -21.44 9.30
C ALA F 1052 -5.64 -21.21 8.17
N ALA F 1053 -5.22 -20.49 7.14
CA ALA F 1053 -6.13 -20.20 6.04
C ALA F 1053 -6.57 -21.48 5.33
N ARG F 1054 -5.61 -22.37 5.03
CA ARG F 1054 -5.95 -23.57 4.27
C ARG F 1054 -6.72 -24.58 5.12
N ILE F 1055 -6.45 -24.69 6.43
CA ILE F 1055 -7.27 -25.60 7.23
C ILE F 1055 -8.70 -25.08 7.33
N THR F 1056 -8.87 -23.76 7.49
CA THR F 1056 -10.23 -23.22 7.54
C THR F 1056 -10.96 -23.47 6.23
N ARG F 1057 -10.26 -23.27 5.10
CA ARG F 1057 -10.90 -23.50 3.81
C ARG F 1057 -11.23 -24.97 3.60
N ARG F 1058 -10.36 -25.88 4.07
CA ARG F 1058 -10.64 -27.31 4.01
C ARG F 1058 -11.91 -27.65 4.76
N GLY F 1059 -12.03 -27.15 6.00
CA GLY F 1059 -13.21 -27.45 6.78
C GLY F 1059 -14.47 -26.90 6.15
N ALA F 1060 -14.44 -25.65 5.69
CA ALA F 1060 -15.63 -25.06 5.08
C ALA F 1060 -16.03 -25.82 3.82
N LYS F 1061 -15.05 -26.20 3.00
CA LYS F 1061 -15.37 -26.89 1.76
C LYS F 1061 -15.99 -28.25 2.03
N GLU F 1062 -15.46 -29.00 3.00
CA GLU F 1062 -16.07 -30.28 3.34
C GLU F 1062 -17.48 -30.09 3.85
N ALA F 1063 -17.71 -29.07 4.69
CA ALA F 1063 -19.06 -28.77 5.17
C ALA F 1063 -20.00 -28.51 4.01
N LEU F 1064 -19.58 -27.67 3.06
CA LEU F 1064 -20.44 -27.33 1.93
C LEU F 1064 -20.73 -28.55 1.06
N GLU F 1065 -19.74 -29.42 0.86
CA GLU F 1065 -19.96 -30.63 0.06
C GLU F 1065 -20.98 -31.54 0.72
N ILE F 1066 -20.86 -31.76 2.03
CA ILE F 1066 -21.82 -32.62 2.71
C ILE F 1066 -23.21 -31.99 2.68
N LEU F 1067 -23.28 -30.66 2.83
CA LEU F 1067 -24.57 -29.98 2.75
C LEU F 1067 -25.24 -30.22 1.41
N SER F 1068 -24.48 -30.07 0.32
CA SER F 1068 -25.03 -30.27 -1.00
C SER F 1068 -25.49 -31.71 -1.20
N LYS F 1069 -24.69 -32.68 -0.76
CA LYS F 1069 -25.10 -34.06 -0.91
C LYS F 1069 -26.35 -34.36 -0.09
N ASN F 1070 -26.46 -33.77 1.09
CA ASN F 1070 -27.68 -33.94 1.89
C ASN F 1070 -28.90 -33.43 1.13
N PHE F 1071 -28.83 -32.19 0.65
CA PHE F 1071 -30.03 -31.57 0.08
C PHE F 1071 -30.38 -32.11 -1.29
N GLY F 1072 -29.40 -32.64 -2.04
CA GLY F 1072 -29.73 -33.23 -3.33
C GLY F 1072 -30.17 -32.18 -4.32
N ALA F 1073 -31.33 -32.43 -4.96
CA ALA F 1073 -31.81 -31.53 -6.00
C ALA F 1073 -32.30 -30.21 -5.45
N GLU F 1074 -32.78 -30.18 -4.22
CA GLU F 1074 -33.56 -29.06 -3.71
C GLU F 1074 -32.70 -27.95 -3.11
N LEU F 1075 -31.37 -28.06 -3.19
CA LEU F 1075 -30.50 -27.08 -2.53
C LEU F 1075 -30.76 -25.67 -3.04
N LEU F 1076 -30.98 -25.52 -4.35
CA LEU F 1076 -31.24 -24.20 -4.90
C LEU F 1076 -32.58 -23.64 -4.45
N GLU F 1077 -33.49 -24.48 -3.96
CA GLU F 1077 -34.77 -24.03 -3.44
C GLU F 1077 -34.71 -23.70 -1.96
N ARG F 1078 -34.11 -24.58 -1.16
CA ARG F 1078 -34.22 -24.44 0.30
C ARG F 1078 -33.31 -23.34 0.86
N VAL F 1079 -32.20 -23.04 0.19
CA VAL F 1079 -31.18 -22.14 0.73
C VAL F 1079 -30.98 -20.95 -0.21
N PRO F 1080 -31.59 -19.77 0.06
CA PRO F 1080 -31.38 -18.62 -0.84
C PRO F 1080 -30.11 -17.82 -0.59
N THR F 1081 -29.65 -17.74 0.66
CA THR F 1081 -28.51 -16.87 0.97
C THR F 1081 -27.27 -17.27 0.21
N LEU F 1082 -27.06 -18.59 0.04
CA LEU F 1082 -25.99 -19.07 -0.82
C LEU F 1082 -26.16 -18.54 -2.24
N ARG F 1083 -27.39 -18.54 -2.74
CA ARG F 1083 -27.65 -18.05 -4.09
C ARG F 1083 -27.30 -16.57 -4.20
N THR F 1084 -27.69 -15.77 -3.21
CA THR F 1084 -27.38 -14.34 -3.24
C THR F 1084 -25.87 -14.12 -3.23
N PHE F 1085 -25.16 -14.83 -2.34
CA PHE F 1085 -23.70 -14.72 -2.28
C PHE F 1085 -23.07 -15.06 -3.63
N MET F 1086 -23.52 -16.14 -4.25
CA MET F 1086 -22.93 -16.57 -5.52
C MET F 1086 -23.27 -15.62 -6.66
N GLU F 1087 -24.46 -15.02 -6.65
CA GLU F 1087 -25.04 -14.43 -7.85
C GLU F 1087 -25.10 -12.91 -7.88
N GLU F 1088 -25.15 -12.22 -6.73
CA GLU F 1088 -25.43 -10.79 -6.79
C GLU F 1088 -24.32 -9.98 -7.47
N PRO F 1089 -23.03 -10.31 -7.38
CA PRO F 1089 -22.06 -9.60 -8.23
C PRO F 1089 -21.99 -10.13 -9.65
N LEU F 1090 -22.72 -11.19 -9.99
CA LEU F 1090 -22.74 -11.72 -11.36
C LEU F 1090 -23.78 -11.05 -12.24
N VAL F 1091 -24.93 -10.69 -11.68
CA VAL F 1091 -25.91 -9.89 -12.42
C VAL F 1091 -25.59 -8.40 -12.31
N ARG F 1092 -25.08 -7.96 -11.17
CA ARG F 1092 -24.37 -6.70 -11.11
C ARG F 1092 -23.09 -6.84 -11.92
N ALA F 1093 -22.61 -5.72 -12.46
CA ALA F 1093 -21.43 -5.66 -13.32
C ALA F 1093 -21.64 -6.37 -14.65
N PHE F 1094 -22.88 -6.71 -15.00
CA PHE F 1094 -23.23 -7.32 -16.27
C PHE F 1094 -23.94 -6.30 -17.15
N SER F 1095 -24.05 -6.62 -18.44
CA SER F 1095 -24.59 -5.71 -19.44
C SER F 1095 -23.77 -4.43 -19.50
N GLY F 1096 -22.45 -4.59 -19.37
CA GLY F 1096 -21.53 -3.48 -19.40
C GLY F 1096 -21.37 -2.73 -18.10
N ASP F 1097 -22.09 -3.11 -17.05
CA ASP F 1097 -22.06 -2.37 -15.80
C ASP F 1097 -20.68 -2.44 -15.17
N LEU F 1098 -20.26 -1.33 -14.59
CA LEU F 1098 -18.96 -1.23 -13.92
C LEU F 1098 -19.01 -0.09 -12.89
N PRO F 1099 -19.26 -0.37 -11.62
CA PRO F 1099 -19.13 0.69 -10.62
C PRO F 1099 -17.70 1.21 -10.58
N PRO F 1100 -17.50 2.53 -10.43
CA PRO F 1100 -16.13 3.02 -10.22
C PRO F 1100 -15.49 2.46 -8.96
N GLU F 1101 -16.29 2.18 -7.93
CA GLU F 1101 -15.76 1.61 -6.69
C GLU F 1101 -15.30 0.17 -6.85
N ALA F 1102 -15.66 -0.49 -7.96
CA ALA F 1102 -15.12 -1.82 -8.23
C ALA F 1102 -13.62 -1.80 -8.40
N ARG F 1103 -13.05 -0.66 -8.81
CA ARG F 1103 -11.61 -0.49 -8.94
C ARG F 1103 -10.98 0.19 -7.74
N ASP F 1104 -11.74 0.38 -6.66
CA ASP F 1104 -11.23 1.09 -5.49
C ASP F 1104 -10.59 0.10 -4.53
N PRO F 1105 -9.31 0.23 -4.18
CA PRO F 1105 -8.72 -0.72 -3.23
C PRO F 1105 -9.38 -0.73 -1.87
N GLU F 1106 -9.93 0.40 -1.41
CA GLU F 1106 -10.52 0.50 -0.09
C GLU F 1106 -12.00 0.14 -0.06
N ASN F 1107 -12.61 -0.19 -1.20
CA ASN F 1107 -13.99 -0.64 -1.24
C ASN F 1107 -14.03 -2.15 -1.08
N ALA F 1108 -14.83 -2.61 -0.12
CA ALA F 1108 -14.90 -4.04 0.17
C ALA F 1108 -15.49 -4.84 -0.97
N PHE F 1109 -16.27 -4.21 -1.85
CA PHE F 1109 -16.93 -4.98 -2.90
C PHE F 1109 -15.93 -5.54 -3.91
N GLY F 1110 -14.76 -4.90 -4.04
CA GLY F 1110 -13.74 -5.45 -4.92
C GLY F 1110 -13.23 -6.80 -4.46
N GLN F 1111 -13.25 -7.04 -3.14
CA GLN F 1111 -12.95 -8.37 -2.61
C GLN F 1111 -14.19 -9.25 -2.62
N GLU F 1112 -15.37 -8.67 -2.37
CA GLU F 1112 -16.58 -9.47 -2.31
C GLU F 1112 -16.91 -10.08 -3.67
N ILE F 1113 -16.54 -9.43 -4.76
CA ILE F 1113 -16.81 -10.00 -6.08
C ILE F 1113 -16.09 -11.33 -6.26
N VAL F 1114 -14.78 -11.34 -5.99
CA VAL F 1114 -14.01 -12.57 -6.16
C VAL F 1114 -14.41 -13.60 -5.10
N ASP F 1115 -14.73 -13.14 -3.89
CA ASP F 1115 -15.22 -14.08 -2.87
C ASP F 1115 -16.49 -14.77 -3.32
N ALA F 1116 -17.38 -14.03 -3.97
CA ALA F 1116 -18.58 -14.62 -4.54
C ALA F 1116 -18.24 -15.60 -5.65
N MET F 1117 -17.33 -15.20 -6.54
CA MET F 1117 -17.07 -16.03 -7.71
C MET F 1117 -16.28 -17.29 -7.38
N SER F 1118 -15.64 -17.34 -6.20
CA SER F 1118 -14.94 -18.56 -5.80
C SER F 1118 -15.91 -19.71 -5.51
N VAL F 1119 -17.12 -19.40 -5.05
CA VAL F 1119 -18.02 -20.44 -4.57
C VAL F 1119 -18.49 -21.32 -5.72
N ILE F 1120 -18.58 -20.78 -6.94
CA ILE F 1120 -18.98 -21.59 -8.07
C ILE F 1120 -18.00 -22.74 -8.29
N ARG F 1121 -16.70 -22.42 -8.34
CA ARG F 1121 -15.70 -23.48 -8.43
C ARG F 1121 -15.75 -24.39 -7.21
N THR F 1122 -15.91 -23.80 -6.02
CA THR F 1122 -15.86 -24.60 -4.81
C THR F 1122 -16.97 -25.64 -4.75
N MET F 1123 -18.14 -25.34 -5.33
CA MET F 1123 -19.33 -26.15 -5.11
C MET F 1123 -19.88 -26.87 -6.33
N THR F 1124 -19.67 -26.38 -7.55
CA THR F 1124 -20.31 -26.98 -8.71
C THR F 1124 -20.03 -28.47 -8.91
N PRO F 1125 -18.80 -28.98 -8.77
CA PRO F 1125 -18.59 -30.42 -9.02
C PRO F 1125 -19.37 -31.34 -8.11
N THR F 1126 -19.79 -30.88 -6.92
CA THR F 1126 -20.52 -31.71 -5.96
C THR F 1126 -22.02 -31.47 -5.97
N LEU F 1127 -22.52 -30.59 -6.82
CA LEU F 1127 -23.95 -30.34 -6.89
C LEU F 1127 -24.66 -31.51 -7.57
N HIS F 1128 -25.98 -31.52 -7.46
CA HIS F 1128 -26.79 -32.52 -8.12
C HIS F 1128 -26.92 -32.20 -9.61
N PRO F 1129 -27.15 -33.20 -10.47
CA PRO F 1129 -27.40 -32.88 -11.89
C PRO F 1129 -28.63 -32.01 -12.11
N ALA F 1130 -29.58 -31.98 -11.17
CA ALA F 1130 -30.73 -31.10 -11.32
C ALA F 1130 -30.35 -29.63 -11.31
N LEU F 1131 -29.21 -29.28 -10.71
CA LEU F 1131 -28.70 -27.91 -10.72
C LEU F 1131 -27.75 -27.63 -11.87
N HIS F 1132 -27.45 -28.61 -12.71
CA HIS F 1132 -26.67 -28.33 -13.91
C HIS F 1132 -27.33 -27.28 -14.80
N PRO F 1133 -28.65 -27.28 -15.01
CA PRO F 1133 -29.27 -26.16 -15.71
C PRO F 1133 -29.00 -24.81 -15.10
N PHE F 1134 -28.89 -24.70 -13.77
CA PHE F 1134 -28.60 -23.40 -13.16
C PHE F 1134 -27.23 -22.89 -13.59
N VAL F 1135 -26.20 -23.73 -13.48
CA VAL F 1135 -24.87 -23.29 -13.89
C VAL F 1135 -24.81 -23.08 -15.39
N MET F 1136 -25.56 -23.87 -16.16
CA MET F 1136 -25.61 -23.66 -17.60
C MET F 1136 -26.20 -22.30 -17.93
N GLN F 1137 -27.28 -21.91 -17.25
CA GLN F 1137 -27.88 -20.59 -17.45
C GLN F 1137 -26.92 -19.48 -17.02
N GLN F 1138 -26.08 -19.75 -16.01
CA GLN F 1138 -25.12 -18.75 -15.55
C GLN F 1138 -23.82 -18.73 -16.36
N VAL F 1139 -23.61 -19.72 -17.23
CA VAL F 1139 -22.41 -19.71 -18.09
C VAL F 1139 -22.35 -18.46 -18.96
N PRO F 1140 -23.45 -17.98 -19.55
CA PRO F 1140 -23.37 -16.69 -20.26
C PRO F 1140 -22.90 -15.52 -19.40
N LEU F 1141 -23.04 -15.59 -18.08
CA LEU F 1141 -22.46 -14.56 -17.23
C LEU F 1141 -20.97 -14.78 -16.99
N VAL F 1142 -20.55 -16.04 -16.84
CA VAL F 1142 -19.15 -16.31 -16.52
C VAL F 1142 -18.27 -16.14 -17.76
N ILE F 1143 -18.82 -16.40 -18.94
CA ILE F 1143 -18.06 -16.15 -20.17
C ILE F 1143 -17.80 -14.66 -20.34
N LYS F 1144 -18.80 -13.82 -20.03
CA LYS F 1144 -18.58 -12.38 -20.06
C LYS F 1144 -17.61 -11.96 -18.95
N ALA F 1145 -17.64 -12.65 -17.83
CA ALA F 1145 -16.61 -12.43 -16.81
C ALA F 1145 -15.24 -12.79 -17.34
N LEU F 1146 -15.16 -13.72 -18.30
CA LEU F 1146 -13.89 -14.06 -18.93
C LEU F 1146 -13.45 -13.02 -19.96
N ARG F 1147 -14.40 -12.34 -20.61
CA ARG F 1147 -14.05 -11.31 -21.59
C ARG F 1147 -13.80 -9.95 -20.95
N SER F 1148 -14.01 -9.80 -19.65
CA SER F 1148 -13.94 -8.49 -19.03
C SER F 1148 -12.50 -8.00 -18.96
N ASP F 1149 -12.35 -6.68 -18.93
CA ASP F 1149 -11.04 -6.04 -18.83
C ASP F 1149 -10.47 -6.10 -17.42
N LEU F 1150 -11.21 -6.61 -16.44
CA LEU F 1150 -10.69 -6.79 -15.10
C LEU F 1150 -9.90 -8.09 -15.05
N SER F 1151 -8.64 -8.01 -14.62
CA SER F 1151 -7.77 -9.18 -14.65
C SER F 1151 -8.27 -10.27 -13.72
N VAL F 1152 -8.68 -9.90 -12.50
CA VAL F 1152 -9.16 -10.90 -11.56
C VAL F 1152 -10.46 -11.53 -12.04
N PHE F 1153 -11.31 -10.76 -12.71
CA PHE F 1153 -12.48 -11.33 -13.36
C PHE F 1153 -12.08 -12.44 -14.32
N ARG F 1154 -11.05 -12.20 -15.14
CA ARG F 1154 -10.61 -13.20 -16.11
C ARG F 1154 -9.99 -14.40 -15.41
N TYR F 1155 -9.23 -14.18 -14.33
CA TYR F 1155 -8.68 -15.28 -13.55
C TYR F 1155 -9.78 -16.19 -13.01
N MET F 1156 -10.75 -15.59 -12.34
CA MET F 1156 -11.83 -16.36 -11.74
C MET F 1156 -12.69 -17.00 -12.81
N ALA F 1157 -12.92 -16.32 -13.92
CA ALA F 1157 -13.72 -16.89 -14.99
C ALA F 1157 -13.01 -18.05 -15.65
N ALA F 1158 -11.71 -17.95 -15.83
CA ALA F 1158 -10.95 -19.08 -16.38
C ALA F 1158 -11.06 -20.29 -15.47
N LYS F 1159 -10.86 -20.07 -14.17
CA LYS F 1159 -11.01 -21.17 -13.21
C LYS F 1159 -12.41 -21.78 -13.27
N CYS F 1160 -13.43 -20.93 -13.22
CA CYS F 1160 -14.80 -21.42 -13.14
C CYS F 1160 -15.22 -22.11 -14.43
N MET F 1161 -14.82 -21.58 -15.59
CA MET F 1161 -15.14 -22.24 -16.85
C MET F 1161 -14.42 -23.56 -16.96
N ALA F 1162 -13.17 -23.63 -16.48
CA ALA F 1162 -12.46 -24.90 -16.46
C ALA F 1162 -13.23 -25.94 -15.65
N THR F 1163 -13.70 -25.54 -14.46
CA THR F 1163 -14.44 -26.47 -13.63
C THR F 1163 -15.76 -26.88 -14.28
N ILE F 1164 -16.48 -25.91 -14.85
CA ILE F 1164 -17.78 -26.18 -15.46
C ILE F 1164 -17.63 -27.12 -16.63
N CYS F 1165 -16.61 -26.90 -17.47
CA CYS F 1165 -16.33 -27.82 -18.57
C CYS F 1165 -15.82 -29.16 -18.06
N SER F 1166 -15.25 -29.21 -16.85
CA SER F 1166 -14.89 -30.50 -16.29
C SER F 1166 -16.14 -31.30 -15.94
N VAL F 1167 -17.12 -30.67 -15.32
CA VAL F 1167 -18.27 -31.38 -14.76
C VAL F 1167 -19.48 -31.34 -15.68
N ILE F 1168 -19.90 -30.16 -16.12
CA ILE F 1168 -20.93 -30.04 -17.18
C ILE F 1168 -20.17 -29.94 -18.49
N THR F 1169 -19.81 -31.10 -19.03
CA THR F 1169 -18.77 -31.11 -20.07
C THR F 1169 -19.30 -30.66 -21.42
N VAL F 1170 -20.42 -31.22 -21.88
CA VAL F 1170 -20.87 -30.94 -23.23
C VAL F 1170 -21.32 -29.48 -23.36
N ASP F 1171 -22.13 -29.00 -22.42
CA ASP F 1171 -22.63 -27.64 -22.50
C ASP F 1171 -21.50 -26.62 -22.35
N GLY F 1172 -20.62 -26.85 -21.38
CA GLY F 1172 -19.51 -25.92 -21.17
C GLY F 1172 -18.58 -25.87 -22.36
N MET F 1173 -18.28 -27.03 -22.95
CA MET F 1173 -17.40 -27.03 -24.11
C MET F 1173 -18.08 -26.48 -25.36
N THR F 1174 -19.40 -26.65 -25.47
CA THR F 1174 -20.14 -25.96 -26.52
C THR F 1174 -19.99 -24.45 -26.37
N ALA F 1175 -20.14 -23.96 -25.14
CA ALA F 1175 -19.98 -22.52 -24.89
C ALA F 1175 -18.56 -22.08 -25.23
N LEU F 1176 -17.57 -22.88 -24.85
CA LEU F 1176 -16.18 -22.52 -25.15
C LEU F 1176 -15.93 -22.43 -26.64
N VAL F 1177 -16.26 -23.49 -27.38
CA VAL F 1177 -15.96 -23.51 -28.81
C VAL F 1177 -16.77 -22.48 -29.58
N GLU F 1178 -17.97 -22.15 -29.10
CA GLU F 1178 -18.84 -21.24 -29.84
C GLU F 1178 -18.66 -19.78 -29.47
N LYS F 1179 -18.20 -19.46 -28.25
CA LYS F 1179 -18.20 -18.09 -27.78
C LYS F 1179 -16.96 -17.72 -26.97
N VAL F 1180 -15.87 -18.50 -27.04
CA VAL F 1180 -14.60 -18.11 -26.45
C VAL F 1180 -13.49 -18.20 -27.49
N LEU F 1181 -13.35 -19.38 -28.11
CA LEU F 1181 -12.28 -19.56 -29.08
C LEU F 1181 -12.39 -18.64 -30.29
N PRO F 1182 -13.57 -18.28 -30.80
CA PRO F 1182 -13.61 -17.26 -31.85
C PRO F 1182 -12.99 -15.93 -31.45
N SER F 1183 -13.03 -15.58 -30.17
CA SER F 1183 -12.49 -14.31 -29.70
C SER F 1183 -10.98 -14.36 -29.48
N ILE F 1184 -10.33 -15.49 -29.68
CA ILE F 1184 -8.90 -15.60 -29.39
C ILE F 1184 -8.07 -14.76 -30.34
N ASN F 1185 -8.57 -14.45 -31.53
CA ASN F 1185 -7.80 -13.77 -32.56
C ASN F 1185 -8.03 -12.26 -32.61
N ASN F 1186 -8.76 -11.70 -31.65
CA ASN F 1186 -9.05 -10.27 -31.70
C ASN F 1186 -7.78 -9.46 -31.49
N PRO F 1187 -7.37 -8.59 -32.44
CA PRO F 1187 -6.13 -7.84 -32.24
C PRO F 1187 -6.22 -6.79 -31.14
N LEU F 1188 -7.27 -5.97 -31.17
CA LEU F 1188 -7.32 -4.84 -30.25
C LEU F 1188 -7.71 -5.27 -28.83
N ASP F 1189 -8.59 -6.27 -28.71
CA ASP F 1189 -9.09 -6.69 -27.40
C ASP F 1189 -8.07 -7.62 -26.76
N LEU F 1190 -7.09 -7.02 -26.08
CA LEU F 1190 -6.08 -7.81 -25.40
C LEU F 1190 -6.69 -8.66 -24.29
N SER F 1191 -7.68 -8.10 -23.59
CA SER F 1191 -8.34 -8.84 -22.52
C SER F 1191 -8.98 -10.11 -23.06
N PHE F 1192 -9.58 -10.03 -24.24
CA PHE F 1192 -10.24 -11.20 -24.82
C PHE F 1192 -9.25 -12.33 -25.02
N ARG F 1193 -8.12 -12.04 -25.67
CA ARG F 1193 -7.10 -13.06 -25.88
C ARG F 1193 -6.54 -13.58 -24.57
N GLN F 1194 -6.26 -12.67 -23.62
CA GLN F 1194 -5.65 -13.09 -22.36
C GLN F 1194 -6.55 -14.05 -21.59
N GLY F 1195 -7.81 -13.67 -21.40
CA GLY F 1195 -8.75 -14.55 -20.73
C GLY F 1195 -8.97 -15.84 -21.49
N ALA F 1196 -9.05 -15.75 -22.82
CA ALA F 1196 -9.33 -16.93 -23.62
C ALA F 1196 -8.14 -17.87 -23.74
N ILE F 1197 -6.94 -17.45 -23.32
CA ILE F 1197 -5.80 -18.37 -23.27
C ILE F 1197 -5.67 -18.91 -21.85
N GLU F 1198 -5.98 -18.09 -20.85
CA GLU F 1198 -5.93 -18.58 -19.48
C GLU F 1198 -7.00 -19.63 -19.21
N VAL F 1199 -8.16 -19.50 -19.87
CA VAL F 1199 -9.19 -20.53 -19.75
C VAL F 1199 -8.68 -21.85 -20.31
N ILE F 1200 -7.92 -21.81 -21.42
CA ILE F 1200 -7.34 -23.03 -21.98
C ILE F 1200 -6.34 -23.64 -21.01
N TYR F 1201 -5.48 -22.78 -20.43
CA TYR F 1201 -4.50 -23.24 -19.46
C TYR F 1201 -5.17 -24.03 -18.33
N HIS F 1202 -6.19 -23.42 -17.72
CA HIS F 1202 -6.83 -24.08 -16.58
C HIS F 1202 -7.70 -25.25 -17.01
N LEU F 1203 -8.31 -25.18 -18.20
CA LEU F 1203 -9.09 -26.30 -18.70
C LEU F 1203 -8.23 -27.54 -18.86
N ILE F 1204 -7.05 -27.39 -19.48
CA ILE F 1204 -6.15 -28.53 -19.60
C ILE F 1204 -5.74 -29.00 -18.21
N ALA F 1205 -5.34 -28.08 -17.33
CA ALA F 1205 -4.79 -28.48 -16.04
C ALA F 1205 -5.81 -29.24 -15.19
N VAL F 1206 -7.09 -28.89 -15.32
CA VAL F 1206 -8.11 -29.57 -14.52
C VAL F 1206 -8.61 -30.84 -15.21
N MET F 1207 -8.82 -30.82 -16.53
CA MET F 1207 -9.41 -31.99 -17.18
C MET F 1207 -8.42 -33.11 -17.40
N GLY F 1208 -7.15 -32.81 -17.64
CA GLY F 1208 -6.17 -33.87 -17.78
C GLY F 1208 -6.46 -34.73 -18.99
N ASP F 1209 -6.64 -36.03 -18.75
CA ASP F 1209 -6.84 -36.98 -19.84
C ASP F 1209 -8.19 -36.81 -20.53
N ALA F 1210 -9.18 -36.20 -19.86
CA ALA F 1210 -10.50 -36.04 -20.44
C ALA F 1210 -10.53 -35.07 -21.62
N ILE F 1211 -9.45 -34.30 -21.84
CA ILE F 1211 -9.45 -33.30 -22.91
C ILE F 1211 -9.14 -33.89 -24.28
N LEU F 1212 -9.03 -35.21 -24.39
CA LEU F 1212 -8.65 -35.82 -25.67
C LEU F 1212 -9.58 -35.47 -26.82
N PRO F 1213 -10.91 -35.63 -26.71
CA PRO F 1213 -11.76 -35.35 -27.88
C PRO F 1213 -11.79 -33.88 -28.26
N TYR F 1214 -11.33 -32.98 -27.39
CA TYR F 1214 -11.43 -31.54 -27.60
C TYR F 1214 -10.12 -30.87 -27.94
N VAL F 1215 -9.01 -31.62 -28.05
CA VAL F 1215 -7.74 -31.00 -28.43
C VAL F 1215 -7.82 -30.42 -29.84
N ILE F 1216 -8.69 -30.98 -30.68
CA ILE F 1216 -8.79 -30.50 -32.06
C ILE F 1216 -9.28 -29.06 -32.08
N PHE F 1217 -10.10 -28.66 -31.12
CA PHE F 1217 -10.56 -27.28 -31.06
C PHE F 1217 -9.49 -26.35 -30.54
N LEU F 1218 -8.68 -26.80 -29.58
CA LEU F 1218 -7.75 -25.94 -28.89
C LEU F 1218 -6.36 -25.87 -29.53
N ILE F 1219 -6.05 -26.75 -30.49
CA ILE F 1219 -4.67 -26.81 -30.98
C ILE F 1219 -4.33 -25.56 -31.80
N VAL F 1220 -5.25 -25.08 -32.64
CA VAL F 1220 -4.95 -23.98 -33.55
C VAL F 1220 -4.80 -22.67 -32.79
N PRO F 1221 -5.71 -22.32 -31.86
CA PRO F 1221 -5.49 -21.11 -31.05
C PRO F 1221 -4.14 -21.06 -30.35
N VAL F 1222 -3.71 -22.14 -29.71
CA VAL F 1222 -2.44 -22.12 -29.00
C VAL F 1222 -1.28 -22.01 -29.99
N LEU F 1223 -1.38 -22.69 -31.13
CA LEU F 1223 -0.36 -22.56 -32.17
C LEU F 1223 -0.22 -21.12 -32.62
N GLY F 1224 -1.35 -20.44 -32.84
CA GLY F 1224 -1.27 -19.05 -33.22
C GLY F 1224 -0.70 -18.17 -32.13
N ARG F 1225 -1.12 -18.39 -30.89
CA ARG F 1225 -0.78 -17.48 -29.80
C ARG F 1225 0.60 -17.73 -29.23
N MET F 1226 1.28 -18.82 -29.60
CA MET F 1226 2.68 -18.97 -29.23
C MET F 1226 3.52 -17.82 -29.75
N SER F 1227 3.14 -17.25 -30.90
CA SER F 1227 3.85 -16.14 -31.53
C SER F 1227 3.12 -14.81 -31.33
N ASP F 1228 2.27 -14.70 -30.31
CA ASP F 1228 1.52 -13.49 -30.08
C ASP F 1228 2.44 -12.36 -29.62
N SER F 1229 1.97 -11.13 -29.82
CA SER F 1229 2.78 -9.96 -29.48
C SER F 1229 3.07 -9.85 -28.00
N ASP F 1230 2.16 -10.33 -27.15
CA ASP F 1230 2.26 -10.14 -25.70
C ASP F 1230 3.01 -11.29 -25.07
N ASN F 1231 3.83 -10.96 -24.07
CA ASN F 1231 4.83 -11.91 -23.57
C ASN F 1231 4.19 -13.05 -22.79
N GLN F 1232 3.27 -12.71 -21.88
CA GLN F 1232 2.72 -13.73 -21.01
C GLN F 1232 1.74 -14.64 -21.73
N ILE F 1233 1.01 -14.10 -22.71
CA ILE F 1233 0.21 -14.95 -23.60
C ILE F 1233 1.11 -15.96 -24.30
N ARG F 1234 2.27 -15.50 -24.77
CA ARG F 1234 3.22 -16.41 -25.41
C ARG F 1234 3.68 -17.49 -24.44
N LEU F 1235 3.98 -17.12 -23.20
CA LEU F 1235 4.50 -18.08 -22.25
C LEU F 1235 3.46 -19.17 -21.93
N ILE F 1236 2.24 -18.75 -21.59
CA ILE F 1236 1.25 -19.76 -21.22
C ILE F 1236 0.82 -20.55 -22.45
N ALA F 1237 0.81 -19.94 -23.64
CA ALA F 1237 0.53 -20.69 -24.85
C ALA F 1237 1.63 -21.72 -25.12
N THR F 1238 2.88 -21.38 -24.79
CA THR F 1238 3.96 -22.35 -24.94
C THR F 1238 3.76 -23.55 -24.04
N THR F 1239 3.38 -23.30 -22.77
CA THR F 1239 3.11 -24.42 -21.87
C THR F 1239 1.94 -25.26 -22.38
N SER F 1240 0.87 -24.61 -22.80
CA SER F 1240 -0.30 -25.33 -23.28
C SER F 1240 0.03 -26.15 -24.52
N PHE F 1241 0.89 -25.63 -25.40
CA PHE F 1241 1.29 -26.37 -26.59
C PHE F 1241 2.19 -27.54 -26.22
N ALA F 1242 3.08 -27.36 -25.25
CA ALA F 1242 3.87 -28.47 -24.76
C ALA F 1242 2.98 -29.61 -24.27
N THR F 1243 1.85 -29.27 -23.65
CA THR F 1243 0.91 -30.32 -23.23
C THR F 1243 0.14 -30.90 -24.41
N LEU F 1244 -0.33 -30.05 -25.33
CA LEU F 1244 -1.30 -30.49 -26.34
C LEU F 1244 -0.68 -31.29 -27.46
N VAL F 1245 0.54 -30.92 -27.91
CA VAL F 1245 1.11 -31.56 -29.10
C VAL F 1245 1.32 -33.05 -28.88
N LYS F 1246 1.57 -33.46 -27.65
CA LYS F 1246 1.76 -34.87 -27.37
C LYS F 1246 0.50 -35.67 -27.63
N LEU F 1247 -0.67 -35.04 -27.51
CA LEU F 1247 -1.95 -35.71 -27.69
C LEU F 1247 -2.52 -35.58 -29.10
N VAL F 1248 -1.96 -34.70 -29.93
CA VAL F 1248 -2.47 -34.46 -31.28
C VAL F 1248 -2.52 -35.73 -32.12
N PRO F 1249 -1.53 -36.63 -32.08
CA PRO F 1249 -1.61 -37.84 -32.92
C PRO F 1249 -2.81 -38.72 -32.63
N LEU F 1250 -3.39 -38.63 -31.44
CA LEU F 1250 -4.53 -39.46 -31.08
C LEU F 1250 -5.87 -38.88 -31.53
N GLU F 1251 -5.93 -37.60 -31.89
CA GLU F 1251 -7.22 -36.95 -32.09
C GLU F 1251 -7.97 -37.49 -33.30
N ALA F 1252 -7.29 -38.14 -34.24
CA ALA F 1252 -7.94 -38.59 -35.46
C ALA F 1252 -8.95 -39.71 -35.21
N GLY F 1253 -8.90 -40.36 -34.05
CA GLY F 1253 -9.73 -41.54 -33.81
C GLY F 1253 -10.35 -41.64 -32.44
N ILE F 1254 -10.38 -40.55 -31.68
CA ILE F 1254 -11.06 -40.60 -30.38
C ILE F 1254 -12.55 -40.81 -30.63
N PRO F 1255 -13.23 -41.73 -29.93
CA PRO F 1255 -14.69 -41.85 -30.12
C PRO F 1255 -15.40 -40.56 -29.73
N ASP F 1256 -16.42 -40.21 -30.52
CA ASP F 1256 -17.18 -39.00 -30.25
C ASP F 1256 -17.90 -39.14 -28.91
N PRO F 1257 -17.87 -38.13 -28.04
CA PRO F 1257 -18.70 -38.20 -26.84
C PRO F 1257 -20.16 -38.30 -27.22
N PRO F 1258 -20.96 -39.05 -26.44
CA PRO F 1258 -22.33 -39.35 -26.88
C PRO F 1258 -23.23 -38.13 -27.03
N GLY F 1259 -23.07 -37.12 -26.18
CA GLY F 1259 -24.01 -36.03 -26.08
C GLY F 1259 -23.71 -34.80 -26.90
N LEU F 1260 -22.75 -34.85 -27.82
CA LEU F 1260 -22.32 -33.64 -28.52
C LEU F 1260 -23.47 -33.01 -29.30
N SER F 1261 -23.64 -31.71 -29.12
CA SER F 1261 -24.64 -30.97 -29.88
C SER F 1261 -24.25 -30.93 -31.35
N GLU F 1262 -25.24 -30.63 -32.20
CA GLU F 1262 -24.99 -30.57 -33.64
C GLU F 1262 -23.92 -29.54 -33.97
N GLU F 1263 -23.91 -28.42 -33.23
CA GLU F 1263 -22.87 -27.42 -33.43
C GLU F 1263 -21.50 -28.00 -33.15
N LEU F 1264 -21.39 -28.89 -32.16
CA LEU F 1264 -20.07 -29.46 -31.85
C LEU F 1264 -19.63 -30.47 -32.88
N LEU F 1265 -20.56 -31.28 -33.42
CA LEU F 1265 -20.17 -32.18 -34.51
C LEU F 1265 -19.73 -31.40 -35.73
N LYS F 1266 -20.46 -30.33 -36.08
CA LYS F 1266 -20.04 -29.49 -37.19
C LYS F 1266 -18.70 -28.84 -36.92
N GLY F 1267 -18.48 -28.39 -35.69
CA GLY F 1267 -17.20 -27.81 -35.33
C GLY F 1267 -16.05 -28.79 -35.46
N ARG F 1268 -16.27 -30.03 -34.99
CA ARG F 1268 -15.23 -31.05 -35.12
C ARG F 1268 -14.93 -31.33 -36.59
N ASP F 1269 -15.97 -31.42 -37.42
CA ASP F 1269 -15.75 -31.69 -38.83
C ASP F 1269 -14.96 -30.57 -39.51
N ARG F 1270 -15.36 -29.31 -39.26
CA ARG F 1270 -14.69 -28.20 -39.92
C ARG F 1270 -13.27 -28.02 -39.39
N GLU F 1271 -13.05 -28.27 -38.11
CA GLU F 1271 -11.70 -28.24 -37.58
C GLU F 1271 -10.85 -29.35 -38.16
N ARG F 1272 -11.43 -30.51 -38.41
CA ARG F 1272 -10.71 -31.59 -39.07
C ARG F 1272 -10.25 -31.15 -40.45
N THR F 1273 -11.16 -30.58 -41.23
CA THR F 1273 -10.78 -30.11 -42.57
C THR F 1273 -9.76 -28.98 -42.48
N PHE F 1274 -9.85 -28.14 -41.45
CA PHE F 1274 -8.90 -27.05 -41.27
C PHE F 1274 -7.50 -27.57 -41.01
N ILE F 1275 -7.36 -28.52 -40.07
CA ILE F 1275 -6.05 -29.05 -39.72
C ILE F 1275 -5.51 -29.95 -40.82
N ALA F 1276 -6.38 -30.57 -41.62
CA ALA F 1276 -5.93 -31.57 -42.58
C ALA F 1276 -4.94 -31.00 -43.59
N GLN F 1277 -5.07 -29.72 -43.93
CA GLN F 1277 -4.13 -29.10 -44.86
C GLN F 1277 -2.79 -28.82 -44.20
N LEU F 1278 -2.77 -28.53 -42.90
CA LEU F 1278 -1.51 -28.25 -42.23
C LEU F 1278 -0.67 -29.51 -42.09
N LEU F 1279 -1.28 -30.60 -41.64
CA LEU F 1279 -0.59 -31.86 -41.41
C LEU F 1279 -0.62 -32.79 -42.61
N ASP F 1280 -0.71 -32.25 -43.82
CA ASP F 1280 -0.67 -33.03 -45.04
C ASP F 1280 0.01 -32.18 -46.10
N PRO F 1281 0.92 -32.73 -46.92
CA PRO F 1281 1.55 -31.90 -47.95
C PRO F 1281 0.58 -31.33 -48.98
N LYS F 1282 -0.62 -31.90 -49.11
CA LYS F 1282 -1.59 -31.38 -50.06
C LYS F 1282 -1.99 -29.96 -49.67
N LYS F 1283 -2.21 -29.11 -50.69
CA LYS F 1283 -2.51 -27.70 -50.48
C LYS F 1283 -3.54 -27.24 -51.50
N ILE F 1284 -4.19 -26.12 -51.16
CA ILE F 1284 -5.31 -25.60 -51.92
C ILE F 1284 -4.82 -24.59 -52.95
N GLU F 1285 -5.71 -24.27 -53.90
CA GLU F 1285 -5.48 -23.15 -54.80
C GLU F 1285 -5.36 -21.87 -53.98
N PRO F 1286 -4.46 -20.94 -54.34
CA PRO F 1286 -4.14 -19.84 -53.43
C PRO F 1286 -5.32 -18.91 -53.14
N PHE F 1287 -5.11 -18.07 -52.14
CA PHE F 1287 -6.10 -17.12 -51.66
C PHE F 1287 -5.98 -15.82 -52.45
N LYS F 1288 -7.05 -15.44 -53.14
CA LYS F 1288 -7.06 -14.23 -53.93
C LYS F 1288 -8.46 -13.63 -53.91
N ILE F 1289 -8.52 -12.32 -54.15
CA ILE F 1289 -9.78 -11.58 -54.27
C ILE F 1289 -9.90 -11.12 -55.72
N PRO F 1290 -10.74 -11.76 -56.56
CA PRO F 1290 -10.69 -11.45 -58.00
C PRO F 1290 -11.39 -10.14 -58.35
N VAL F 1291 -10.82 -9.03 -57.84
CA VAL F 1291 -11.35 -7.72 -58.19
C VAL F 1291 -11.11 -7.47 -59.67
N ALA F 1292 -12.02 -6.71 -60.29
CA ALA F 1292 -11.95 -6.49 -61.74
C ALA F 1292 -10.66 -5.77 -62.12
N ILE F 1293 -10.24 -4.79 -61.30
CA ILE F 1293 -9.01 -4.05 -61.58
C ILE F 1293 -7.78 -4.75 -61.02
N LYS F 1294 -7.93 -5.92 -60.39
CA LYS F 1294 -6.79 -6.63 -59.83
C LYS F 1294 -5.82 -7.03 -60.93
N ALA F 1295 -4.54 -7.05 -60.59
CA ALA F 1295 -3.50 -7.34 -61.55
C ALA F 1295 -3.37 -8.84 -61.81
N GLU F 1296 -2.64 -9.17 -62.87
CA GLU F 1296 -2.33 -10.55 -63.20
C GLU F 1296 -1.12 -11.02 -62.40
N LEU F 1297 -1.16 -12.29 -61.97
CA LEU F 1297 -0.10 -12.89 -61.18
C LEU F 1297 0.65 -13.92 -62.01
N ARG F 1298 1.98 -13.84 -61.98
CA ARG F 1298 2.82 -14.86 -62.61
C ARG F 1298 2.75 -16.16 -61.80
N SER F 1299 3.37 -17.20 -62.34
CA SER F 1299 3.33 -18.52 -61.69
C SER F 1299 4.04 -18.50 -60.34
N TYR F 1300 5.28 -17.99 -60.31
CA TYR F 1300 6.00 -17.97 -59.05
C TYR F 1300 5.32 -17.03 -58.05
N GLN F 1301 4.74 -15.93 -58.53
CA GLN F 1301 3.96 -15.07 -57.66
C GLN F 1301 2.72 -15.79 -57.15
N GLN F 1302 2.13 -16.65 -57.98
CA GLN F 1302 1.01 -17.48 -57.53
C GLN F 1302 1.43 -18.39 -56.40
N GLU F 1303 2.59 -19.04 -56.55
CA GLU F 1303 3.09 -19.90 -55.48
C GLU F 1303 3.39 -19.08 -54.21
N GLY F 1304 3.92 -17.88 -54.39
CA GLY F 1304 4.23 -17.05 -53.23
C GLY F 1304 2.99 -16.63 -52.46
N VAL F 1305 1.95 -16.21 -53.17
CA VAL F 1305 0.72 -15.85 -52.47
C VAL F 1305 0.08 -17.08 -51.85
N ASN F 1306 0.27 -18.25 -52.47
CA ASN F 1306 -0.19 -19.50 -51.85
C ASN F 1306 0.50 -19.72 -50.51
N TRP F 1307 1.82 -19.53 -50.48
CA TRP F 1307 2.58 -19.69 -49.24
C TRP F 1307 2.15 -18.66 -48.20
N LEU F 1308 1.94 -17.41 -48.63
CA LEU F 1308 1.50 -16.37 -47.72
C LEU F 1308 0.13 -16.69 -47.13
N ALA F 1309 -0.78 -17.22 -47.96
CA ALA F 1309 -2.10 -17.59 -47.47
C ALA F 1309 -2.03 -18.76 -46.49
N PHE F 1310 -1.15 -19.72 -46.77
CA PHE F 1310 -0.95 -20.81 -45.83
C PHE F 1310 -0.49 -20.28 -44.49
N LEU F 1311 0.44 -19.33 -44.50
CA LEU F 1311 0.86 -18.69 -43.25
C LEU F 1311 -0.30 -17.95 -42.60
N ASN F 1312 -1.13 -17.28 -43.41
CA ASN F 1312 -2.20 -16.45 -42.87
C ASN F 1312 -3.24 -17.28 -42.14
N LYS F 1313 -3.57 -18.45 -42.67
CA LYS F 1313 -4.62 -19.26 -42.07
C LYS F 1313 -4.28 -19.65 -40.64
N TYR F 1314 -3.10 -20.20 -40.42
CA TYR F 1314 -2.70 -20.77 -39.14
C TYR F 1314 -1.91 -19.80 -38.27
N HIS F 1315 -1.79 -18.54 -38.68
CA HIS F 1315 -1.13 -17.51 -37.89
C HIS F 1315 0.34 -17.86 -37.63
N LEU F 1316 1.08 -18.04 -38.71
CA LEU F 1316 2.51 -18.25 -38.69
C LEU F 1316 3.18 -17.20 -39.56
N HIS F 1317 4.42 -16.87 -39.21
CA HIS F 1317 5.14 -15.75 -39.79
C HIS F 1317 6.39 -16.25 -40.50
N GLY F 1318 6.80 -15.53 -41.53
CA GLY F 1318 7.90 -15.96 -42.37
C GLY F 1318 8.66 -14.81 -42.96
N ILE F 1319 9.67 -15.14 -43.76
CA ILE F 1319 10.52 -14.19 -44.45
C ILE F 1319 10.43 -14.52 -45.94
N LEU F 1320 9.95 -13.57 -46.72
CA LEU F 1320 9.85 -13.75 -48.17
C LEU F 1320 11.20 -13.37 -48.81
N CYS F 1321 12.20 -14.18 -48.49
CA CYS F 1321 13.59 -13.88 -48.81
C CYS F 1321 13.89 -14.28 -50.26
N ASP F 1322 13.24 -13.57 -51.18
CA ASP F 1322 13.45 -13.79 -52.60
C ASP F 1322 14.58 -12.90 -53.11
N ASP F 1323 15.15 -13.29 -54.24
CA ASP F 1323 16.15 -12.45 -54.90
C ASP F 1323 15.49 -11.18 -55.41
N MET F 1324 16.27 -10.10 -55.43
CA MET F 1324 15.76 -8.83 -55.90
C MET F 1324 15.40 -8.92 -57.37
N GLY F 1325 14.31 -8.27 -57.76
CA GLY F 1325 13.84 -8.29 -59.12
C GLY F 1325 12.74 -9.29 -59.43
N LEU F 1326 12.14 -9.89 -58.40
CA LEU F 1326 11.05 -10.85 -58.58
C LEU F 1326 9.69 -10.31 -58.15
N GLY F 1327 9.62 -9.07 -57.67
CA GLY F 1327 8.35 -8.47 -57.38
C GLY F 1327 7.73 -8.96 -56.08
N LYS F 1328 8.39 -8.70 -54.96
CA LYS F 1328 7.80 -9.02 -53.67
C LYS F 1328 6.69 -8.05 -53.31
N THR F 1329 6.72 -6.84 -53.86
CA THR F 1329 5.68 -5.86 -53.55
C THR F 1329 4.31 -6.33 -53.99
N LEU F 1330 4.22 -6.92 -55.18
CA LEU F 1330 2.93 -7.38 -55.69
C LEU F 1330 2.33 -8.45 -54.78
N GLN F 1331 3.15 -9.43 -54.40
CA GLN F 1331 2.66 -10.48 -53.51
C GLN F 1331 2.24 -9.93 -52.16
N THR F 1332 3.05 -9.03 -51.60
CA THR F 1332 2.74 -8.49 -50.28
C THR F 1332 1.44 -7.69 -50.29
N ILE F 1333 1.30 -6.77 -51.26
CA ILE F 1333 0.07 -5.98 -51.30
C ILE F 1333 -1.11 -6.87 -51.65
N CYS F 1334 -0.90 -7.92 -52.45
CA CYS F 1334 -1.99 -8.83 -52.76
C CYS F 1334 -2.52 -9.50 -51.51
N ILE F 1335 -1.62 -10.05 -50.68
CA ILE F 1335 -2.09 -10.75 -49.49
C ILE F 1335 -2.68 -9.76 -48.48
N VAL F 1336 -2.09 -8.57 -48.35
CA VAL F 1336 -2.62 -7.59 -47.42
C VAL F 1336 -4.02 -7.14 -47.83
N ALA F 1337 -4.20 -6.86 -49.12
CA ALA F 1337 -5.50 -6.46 -49.62
C ALA F 1337 -6.52 -7.58 -49.48
N SER F 1338 -6.10 -8.82 -49.76
CA SER F 1338 -7.02 -9.95 -49.63
C SER F 1338 -7.46 -10.13 -48.18
N ASP F 1339 -6.53 -10.02 -47.24
CA ASP F 1339 -6.89 -10.12 -45.83
C ASP F 1339 -7.84 -9.01 -45.41
N HIS F 1340 -7.54 -7.77 -45.82
CA HIS F 1340 -8.41 -6.65 -45.46
C HIS F 1340 -9.80 -6.82 -46.05
N HIS F 1341 -9.88 -7.25 -47.31
CA HIS F 1341 -11.16 -7.49 -47.95
C HIS F 1341 -11.93 -8.59 -47.24
N GLN F 1342 -11.26 -9.67 -46.87
CA GLN F 1342 -11.93 -10.78 -46.20
C GLN F 1342 -12.47 -10.34 -44.84
N ARG F 1343 -11.66 -9.63 -44.05
CA ARG F 1343 -12.11 -9.17 -42.76
C ARG F 1343 -13.27 -8.19 -42.89
N ALA F 1344 -13.19 -7.26 -43.84
CA ALA F 1344 -14.26 -6.29 -44.02
C ALA F 1344 -15.55 -6.97 -44.44
N GLU F 1345 -15.47 -7.96 -45.33
CA GLU F 1345 -16.65 -8.69 -45.73
C GLU F 1345 -17.24 -9.48 -44.55
N GLU F 1346 -16.37 -10.09 -43.74
CA GLU F 1346 -16.86 -10.85 -42.60
C GLU F 1346 -17.49 -9.94 -41.56
N PHE F 1347 -17.05 -8.69 -41.46
CA PHE F 1347 -17.64 -7.75 -40.52
C PHE F 1347 -19.06 -7.37 -40.88
N ALA F 1348 -19.50 -7.62 -42.12
CA ALA F 1348 -20.89 -7.42 -42.50
C ALA F 1348 -21.75 -8.64 -42.21
N ARG F 1349 -21.16 -9.83 -42.23
CA ARG F 1349 -21.86 -11.08 -41.90
C ARG F 1349 -21.89 -11.36 -40.40
N THR F 1350 -21.22 -10.53 -39.59
CA THR F 1350 -21.16 -10.75 -38.15
C THR F 1350 -21.12 -9.39 -37.46
N GLY F 1351 -21.20 -9.43 -36.14
CA GLY F 1351 -21.13 -8.21 -35.33
C GLY F 1351 -20.13 -8.28 -34.20
N ALA F 1352 -19.30 -9.32 -34.19
CA ALA F 1352 -18.31 -9.47 -33.13
C ALA F 1352 -17.17 -8.46 -33.31
N PRO F 1353 -16.41 -8.17 -32.25
CA PRO F 1353 -15.29 -7.24 -32.39
C PRO F 1353 -14.02 -7.88 -32.96
N GLU F 1354 -14.17 -9.06 -33.59
CA GLU F 1354 -13.01 -9.71 -34.20
C GLU F 1354 -12.41 -8.82 -35.30
N VAL F 1355 -13.25 -8.20 -36.11
CA VAL F 1355 -12.82 -7.31 -37.18
C VAL F 1355 -13.07 -5.87 -36.75
N ARG F 1356 -12.08 -5.00 -36.99
CA ARG F 1356 -12.17 -3.60 -36.62
C ARG F 1356 -11.63 -2.68 -37.71
N LYS F 1357 -11.36 -3.19 -38.91
CA LYS F 1357 -10.73 -2.40 -39.98
C LYS F 1357 -9.41 -1.81 -39.48
N LEU F 1358 -8.61 -2.66 -38.85
CA LEU F 1358 -7.38 -2.21 -38.23
C LEU F 1358 -6.39 -1.76 -39.30
N PRO F 1359 -5.47 -0.83 -38.99
CA PRO F 1359 -4.49 -0.42 -40.00
C PRO F 1359 -3.44 -1.49 -40.24
N SER F 1360 -2.66 -1.26 -41.29
CA SER F 1360 -1.46 -2.03 -41.59
C SER F 1360 -0.28 -1.09 -41.75
N LEU F 1361 0.90 -1.56 -41.37
CA LEU F 1361 2.12 -0.76 -41.38
C LEU F 1361 3.13 -1.38 -42.33
N ILE F 1362 3.87 -0.52 -43.02
CA ILE F 1362 5.00 -0.93 -43.86
C ILE F 1362 6.18 -0.03 -43.53
N ILE F 1363 7.32 -0.64 -43.25
CA ILE F 1363 8.55 0.08 -42.95
C ILE F 1363 9.54 -0.22 -44.07
N CYS F 1364 9.90 0.82 -44.82
CA CYS F 1364 10.76 0.72 -45.99
C CYS F 1364 11.91 1.70 -45.85
N PRO F 1365 12.98 1.54 -46.62
CA PRO F 1365 13.93 2.64 -46.76
C PRO F 1365 13.28 3.79 -47.50
N PRO F 1366 13.77 5.02 -47.33
CA PRO F 1366 13.08 6.16 -47.95
C PRO F 1366 12.95 6.07 -49.47
N THR F 1367 13.88 5.42 -50.16
CA THR F 1367 13.85 5.43 -51.61
C THR F 1367 12.70 4.61 -52.18
N LEU F 1368 12.21 3.60 -51.45
CA LEU F 1368 11.23 2.67 -51.97
C LEU F 1368 9.79 3.04 -51.63
N SER F 1369 9.57 4.12 -50.88
CA SER F 1369 8.21 4.51 -50.53
C SER F 1369 7.40 4.86 -51.76
N GLY F 1370 8.02 5.57 -52.70
CA GLY F 1370 7.32 5.92 -53.94
C GLY F 1370 6.93 4.69 -54.73
N HIS F 1371 7.82 3.70 -54.80
CA HIS F 1371 7.50 2.47 -55.49
C HIS F 1371 6.35 1.74 -54.80
N TRP F 1372 6.37 1.68 -53.47
CA TRP F 1372 5.29 1.01 -52.74
C TRP F 1372 3.96 1.70 -53.01
N GLN F 1373 3.93 3.03 -52.94
CA GLN F 1373 2.68 3.74 -53.14
C GLN F 1373 2.18 3.60 -54.57
N GLN F 1374 3.08 3.66 -55.54
CA GLN F 1374 2.68 3.48 -56.93
C GLN F 1374 2.10 2.08 -57.16
N GLU F 1375 2.75 1.05 -56.60
CA GLU F 1375 2.26 -0.31 -56.78
C GLU F 1375 0.91 -0.51 -56.10
N ILE F 1376 0.74 0.03 -54.88
CA ILE F 1376 -0.55 -0.11 -54.20
C ILE F 1376 -1.64 0.59 -55.00
N LYS F 1377 -1.35 1.80 -55.49
CA LYS F 1377 -2.36 2.55 -56.22
C LYS F 1377 -2.74 1.88 -57.53
N THR F 1378 -1.76 1.34 -58.25
CA THR F 1378 -2.04 0.79 -59.57
C THR F 1378 -2.59 -0.63 -59.52
N TYR F 1379 -2.21 -1.43 -58.52
CA TYR F 1379 -2.67 -2.82 -58.41
C TYR F 1379 -3.83 -3.01 -57.44
N ALA F 1380 -3.93 -2.18 -56.40
CA ALA F 1380 -4.98 -2.29 -55.38
C ALA F 1380 -5.56 -0.91 -55.13
N PRO F 1381 -6.37 -0.41 -56.07
CA PRO F 1381 -6.92 0.96 -55.90
C PRO F 1381 -7.75 1.13 -54.64
N PHE F 1382 -8.54 0.13 -54.25
CA PHE F 1382 -9.51 0.32 -53.18
C PHE F 1382 -8.86 0.45 -51.81
N LEU F 1383 -7.56 0.19 -51.70
CA LEU F 1383 -6.85 0.53 -50.47
C LEU F 1383 -6.60 2.04 -50.40
N THR F 1384 -6.48 2.54 -49.18
CA THR F 1384 -6.11 3.91 -48.90
C THR F 1384 -4.75 3.93 -48.20
N VAL F 1385 -3.90 4.88 -48.56
CA VAL F 1385 -2.51 4.90 -48.15
C VAL F 1385 -2.21 6.19 -47.40
N THR F 1386 -1.25 6.11 -46.47
CA THR F 1386 -0.78 7.24 -45.69
C THR F 1386 0.73 7.16 -45.60
N ALA F 1387 1.40 8.32 -45.71
CA ALA F 1387 2.86 8.42 -45.70
C ALA F 1387 3.30 9.23 -44.50
N TYR F 1388 3.60 8.54 -43.40
CA TYR F 1388 4.23 9.15 -42.23
C TYR F 1388 5.72 9.26 -42.51
N VAL F 1389 6.07 10.21 -43.37
CA VAL F 1389 7.46 10.43 -43.78
C VAL F 1389 7.82 11.92 -43.68
N GLY F 1390 6.99 12.70 -42.98
CA GLY F 1390 7.13 14.13 -42.99
C GLY F 1390 8.28 14.62 -42.12
N SER F 1391 8.39 15.95 -42.06
CA SER F 1391 9.39 16.59 -41.23
C SER F 1391 9.07 16.33 -39.76
N PRO F 1392 10.05 16.52 -38.86
CA PRO F 1392 9.81 16.16 -37.45
C PRO F 1392 8.63 16.91 -36.83
N ALA F 1393 8.35 18.13 -37.29
CA ALA F 1393 7.15 18.84 -36.87
C ALA F 1393 5.94 18.47 -37.71
N GLU F 1394 6.15 18.12 -38.98
CA GLU F 1394 5.03 17.86 -39.88
C GLU F 1394 4.20 16.65 -39.42
N ARG F 1395 4.83 15.70 -38.75
CA ARG F 1395 4.16 14.43 -38.44
C ARG F 1395 2.95 14.61 -37.55
N ARG F 1396 2.91 15.67 -36.74
CA ARG F 1396 1.73 15.91 -35.90
C ARG F 1396 0.49 16.21 -36.74
N ALA F 1397 0.66 16.64 -37.99
CA ALA F 1397 -0.49 16.84 -38.87
C ALA F 1397 -1.17 15.53 -39.25
N MET F 1398 -0.50 14.38 -39.03
CA MET F 1398 -1.08 13.07 -39.33
C MET F 1398 -0.85 12.08 -38.19
N LYS F 1399 -0.63 12.58 -36.96
CA LYS F 1399 -0.45 11.69 -35.82
C LYS F 1399 -1.65 10.77 -35.62
N ASP F 1400 -2.85 11.32 -35.68
CA ASP F 1400 -4.07 10.53 -35.51
C ASP F 1400 -4.54 9.88 -36.81
N SER F 1401 -3.97 10.26 -37.95
CA SER F 1401 -4.30 9.60 -39.21
C SER F 1401 -3.76 8.17 -39.28
N LEU F 1402 -2.84 7.81 -38.38
CA LEU F 1402 -2.33 6.45 -38.36
C LEU F 1402 -3.44 5.44 -38.12
N ASP F 1403 -4.42 5.79 -37.29
CA ASP F 1403 -5.49 4.89 -36.93
C ASP F 1403 -6.66 4.91 -37.90
N LYS F 1404 -6.57 5.66 -39.00
CA LYS F 1404 -7.69 5.89 -39.90
C LYS F 1404 -7.45 5.49 -41.34
N THR F 1405 -6.23 5.05 -41.69
CA THR F 1405 -5.90 4.66 -43.05
C THR F 1405 -5.49 3.19 -43.08
N ASP F 1406 -5.77 2.54 -44.20
CA ASP F 1406 -5.55 1.09 -44.30
C ASP F 1406 -4.07 0.75 -44.25
N ILE F 1407 -3.26 1.39 -45.08
CA ILE F 1407 -1.82 1.14 -45.18
C ILE F 1407 -1.09 2.40 -44.72
N VAL F 1408 -0.16 2.23 -43.79
CA VAL F 1408 0.72 3.30 -43.33
C VAL F 1408 2.14 2.95 -43.75
N ILE F 1409 2.83 3.92 -44.33
CA ILE F 1409 4.22 3.76 -44.77
C ILE F 1409 5.08 4.68 -43.91
N THR F 1410 6.23 4.17 -43.50
CA THR F 1410 7.14 4.91 -42.63
C THR F 1410 8.55 4.45 -42.95
N SER F 1411 9.54 5.24 -42.55
CA SER F 1411 10.93 4.88 -42.69
C SER F 1411 11.45 4.23 -41.41
N TYR F 1412 12.54 3.49 -41.56
CA TYR F 1412 13.18 2.88 -40.39
C TYR F 1412 13.58 3.95 -39.38
N ASP F 1413 14.22 5.02 -39.85
CA ASP F 1413 14.72 6.05 -38.94
C ASP F 1413 13.60 6.95 -38.42
N VAL F 1414 12.59 7.23 -39.23
CA VAL F 1414 11.45 8.00 -38.74
C VAL F 1414 10.74 7.22 -37.64
N CYS F 1415 10.61 5.90 -37.82
CA CYS F 1415 10.07 5.06 -36.76
C CYS F 1415 10.97 5.07 -35.53
N ARG F 1416 12.29 5.01 -35.75
CA ARG F 1416 13.22 4.95 -34.62
C ARG F 1416 13.11 6.20 -33.76
N ASN F 1417 13.22 7.37 -34.37
CA ASN F 1417 13.22 8.61 -33.62
C ASN F 1417 11.87 8.89 -32.98
N ASP F 1418 10.79 8.33 -33.52
CA ASP F 1418 9.43 8.53 -33.01
C ASP F 1418 8.81 7.24 -32.51
N ILE F 1419 9.61 6.24 -32.13
CA ILE F 1419 9.05 4.96 -31.69
C ILE F 1419 8.23 5.14 -30.42
N ASP F 1420 8.61 6.10 -29.57
CA ASP F 1420 7.92 6.29 -28.29
C ASP F 1420 6.46 6.66 -28.47
N VAL F 1421 6.07 7.13 -29.66
CA VAL F 1421 4.67 7.38 -29.97
C VAL F 1421 4.10 6.33 -30.92
N ILE F 1422 4.93 5.70 -31.76
CA ILE F 1422 4.42 4.69 -32.68
C ILE F 1422 4.10 3.39 -31.96
N GLU F 1423 4.73 3.12 -30.81
CA GLU F 1423 4.45 1.89 -30.08
C GLU F 1423 3.02 1.81 -29.59
N LYS F 1424 2.34 2.94 -29.42
CA LYS F 1424 1.02 2.98 -28.82
C LYS F 1424 -0.10 2.69 -29.80
N TYR F 1425 0.21 2.16 -30.98
CA TYR F 1425 -0.78 1.77 -31.97
C TYR F 1425 -0.65 0.29 -32.28
N ASN F 1426 -1.79 -0.34 -32.57
CA ASN F 1426 -1.85 -1.74 -32.96
C ASN F 1426 -2.11 -1.84 -34.46
N TRP F 1427 -1.57 -2.90 -35.06
CA TRP F 1427 -1.58 -3.07 -36.50
C TRP F 1427 -2.04 -4.47 -36.85
N ASN F 1428 -2.53 -4.61 -38.09
CA ASN F 1428 -2.95 -5.90 -38.63
C ASN F 1428 -1.79 -6.62 -39.32
N TYR F 1429 -1.10 -5.91 -40.22
CA TYR F 1429 0.11 -6.41 -40.87
C TYR F 1429 1.24 -5.44 -40.57
N CYS F 1430 2.43 -5.99 -40.31
CA CYS F 1430 3.64 -5.21 -40.04
C CYS F 1430 4.73 -5.77 -40.95
N VAL F 1431 5.02 -5.05 -42.03
CA VAL F 1431 5.95 -5.48 -43.05
C VAL F 1431 7.21 -4.65 -42.96
N LEU F 1432 8.36 -5.32 -42.96
CA LEU F 1432 9.67 -4.68 -43.04
C LEU F 1432 10.25 -4.98 -44.42
N ASP F 1433 10.49 -3.93 -45.21
CA ASP F 1433 10.85 -4.13 -46.61
C ASP F 1433 12.29 -4.58 -46.78
N GLU F 1434 13.20 -4.08 -45.95
CA GLU F 1434 14.59 -4.50 -45.94
C GLU F 1434 14.92 -5.01 -44.55
N GLY F 1435 14.62 -6.29 -44.30
CA GLY F 1435 14.94 -6.99 -43.07
C GLY F 1435 16.37 -6.81 -42.59
N HIS F 1436 17.34 -6.95 -43.50
CA HIS F 1436 18.74 -6.99 -43.10
C HIS F 1436 19.18 -5.77 -42.28
N LEU F 1437 18.42 -4.68 -42.33
CA LEU F 1437 18.74 -3.52 -41.48
C LEU F 1437 18.69 -3.86 -40.00
N ILE F 1438 17.89 -4.86 -39.60
CA ILE F 1438 17.64 -5.15 -38.19
C ILE F 1438 18.32 -6.43 -37.75
N LYS F 1439 19.45 -6.77 -38.38
CA LYS F 1439 20.12 -8.03 -38.08
C LYS F 1439 20.91 -7.98 -36.78
N ASN F 1440 21.45 -6.83 -36.41
CA ASN F 1440 22.24 -6.70 -35.19
C ASN F 1440 21.30 -6.46 -34.01
N PRO F 1441 21.21 -7.36 -33.02
CA PRO F 1441 20.21 -7.15 -31.96
C PRO F 1441 20.46 -5.91 -31.11
N LYS F 1442 21.71 -5.50 -30.92
CA LYS F 1442 22.01 -4.36 -30.08
C LYS F 1442 21.67 -3.03 -30.76
N ALA F 1443 21.51 -3.02 -32.08
CA ALA F 1443 21.21 -1.78 -32.79
C ALA F 1443 19.84 -1.24 -32.38
N LYS F 1444 19.76 0.08 -32.23
CA LYS F 1444 18.55 0.71 -31.72
C LYS F 1444 17.37 0.53 -32.65
N ILE F 1445 17.61 0.34 -33.94
CA ILE F 1445 16.50 0.12 -34.87
C ILE F 1445 15.79 -1.18 -34.55
N THR F 1446 16.54 -2.20 -34.11
CA THR F 1446 15.91 -3.48 -33.75
C THR F 1446 15.07 -3.32 -32.49
N LEU F 1447 15.61 -2.64 -31.47
CA LEU F 1447 14.85 -2.39 -30.25
C LEU F 1447 13.59 -1.60 -30.57
N ALA F 1448 13.66 -0.69 -31.54
CA ALA F 1448 12.49 0.08 -31.92
C ALA F 1448 11.46 -0.78 -32.63
N VAL F 1449 11.89 -1.56 -33.62
CA VAL F 1449 10.94 -2.30 -34.44
C VAL F 1449 10.29 -3.44 -33.67
N LYS F 1450 11.00 -4.02 -32.70
CA LYS F 1450 10.47 -5.15 -31.97
C LYS F 1450 9.41 -4.76 -30.94
N ARG F 1451 9.08 -3.49 -30.81
CA ARG F 1451 7.98 -3.04 -29.96
C ARG F 1451 6.66 -2.88 -30.71
N LEU F 1452 6.63 -3.20 -32.00
CA LEU F 1452 5.44 -3.00 -32.82
C LEU F 1452 4.50 -4.19 -32.62
N THR F 1453 3.43 -3.97 -31.84
CA THR F 1453 2.43 -5.01 -31.61
C THR F 1453 1.56 -5.16 -32.84
N SER F 1454 1.72 -6.27 -33.56
CA SER F 1454 1.02 -6.51 -34.81
C SER F 1454 0.43 -7.91 -34.83
N ASN F 1455 -0.72 -8.05 -35.50
CA ASN F 1455 -1.38 -9.34 -35.61
C ASN F 1455 -0.66 -10.26 -36.59
N HIS F 1456 -0.20 -9.72 -37.71
CA HIS F 1456 0.61 -10.45 -38.68
C HIS F 1456 1.90 -9.68 -38.91
N ARG F 1457 2.95 -10.43 -39.27
CA ARG F 1457 4.31 -9.90 -39.19
C ARG F 1457 5.15 -10.61 -40.24
N LEU F 1458 5.78 -9.83 -41.12
CA LEU F 1458 6.46 -10.38 -42.28
C LEU F 1458 7.70 -9.53 -42.60
N ILE F 1459 8.78 -10.19 -42.98
CA ILE F 1459 10.01 -9.53 -43.41
C ILE F 1459 10.24 -9.83 -44.88
N LEU F 1460 10.51 -8.79 -45.66
CA LEU F 1460 10.95 -8.92 -47.04
C LEU F 1460 12.45 -8.66 -47.07
N THR F 1461 13.20 -9.52 -47.75
CA THR F 1461 14.65 -9.40 -47.76
C THR F 1461 15.19 -10.20 -48.94
N GLY F 1462 16.51 -10.17 -49.09
CA GLY F 1462 17.20 -10.99 -50.06
C GLY F 1462 18.30 -11.83 -49.42
N THR F 1463 18.82 -11.36 -48.29
CA THR F 1463 19.91 -12.03 -47.57
C THR F 1463 19.55 -12.09 -46.10
N PRO F 1464 18.71 -13.05 -45.71
CA PRO F 1464 18.38 -13.16 -44.27
C PRO F 1464 19.59 -13.46 -43.40
N ILE F 1465 20.57 -14.19 -43.92
CA ILE F 1465 21.82 -14.50 -43.23
C ILE F 1465 22.96 -14.00 -44.11
N GLN F 1466 23.79 -13.11 -43.55
CA GLN F 1466 24.88 -12.49 -44.27
C GLN F 1466 26.24 -12.89 -43.71
N ASN F 1467 26.47 -12.68 -42.41
CA ASN F 1467 27.73 -12.99 -41.75
C ASN F 1467 27.62 -14.09 -40.72
N ASN F 1468 26.51 -14.12 -39.96
CA ASN F 1468 26.39 -15.01 -38.82
C ASN F 1468 24.93 -15.39 -38.64
N VAL F 1469 24.71 -16.60 -38.12
CA VAL F 1469 23.35 -17.09 -37.89
C VAL F 1469 22.60 -16.25 -36.87
N LEU F 1470 23.33 -15.53 -36.01
CA LEU F 1470 22.67 -14.65 -35.05
C LEU F 1470 21.90 -13.54 -35.76
N GLU F 1471 22.24 -13.22 -37.00
CA GLU F 1471 21.38 -12.34 -37.81
C GLU F 1471 20.02 -12.98 -38.02
N LEU F 1472 20.00 -14.27 -38.38
CA LEU F 1472 18.73 -14.98 -38.53
C LEU F 1472 17.99 -15.03 -37.20
N TRP F 1473 18.71 -15.22 -36.11
CA TRP F 1473 18.07 -15.17 -34.79
C TRP F 1473 17.44 -13.82 -34.53
N SER F 1474 18.13 -12.73 -34.88
CA SER F 1474 17.60 -11.40 -34.64
C SER F 1474 16.34 -11.15 -35.47
N LEU F 1475 16.33 -11.63 -36.71
CA LEU F 1475 15.13 -11.48 -37.54
C LEU F 1475 13.96 -12.28 -36.97
N PHE F 1476 14.22 -13.53 -36.58
CA PHE F 1476 13.13 -14.35 -36.05
C PHE F 1476 12.70 -13.93 -34.65
N ASP F 1477 13.54 -13.19 -33.94
CA ASP F 1477 13.11 -12.61 -32.67
C ASP F 1477 12.03 -11.56 -32.91
N PHE F 1478 12.10 -10.86 -34.04
CA PHE F 1478 11.03 -9.95 -34.41
C PHE F 1478 9.82 -10.73 -34.91
N LEU F 1479 10.03 -11.77 -35.71
CA LEU F 1479 8.89 -12.47 -36.29
C LEU F 1479 8.16 -13.31 -35.24
N MET F 1480 8.85 -14.31 -34.67
CA MET F 1480 8.26 -15.25 -33.73
C MET F 1480 9.11 -15.25 -32.46
N PRO F 1481 8.82 -14.37 -31.51
CA PRO F 1481 9.66 -14.31 -30.31
C PRO F 1481 9.64 -15.60 -29.52
N GLY F 1482 10.81 -16.00 -29.03
CA GLY F 1482 10.96 -17.24 -28.30
C GLY F 1482 11.12 -18.46 -29.17
N PHE F 1483 10.90 -18.35 -30.48
CA PHE F 1483 10.90 -19.52 -31.35
C PHE F 1483 12.26 -20.20 -31.36
N LEU F 1484 13.33 -19.42 -31.43
CA LEU F 1484 14.70 -19.93 -31.44
C LEU F 1484 15.39 -19.78 -30.09
N GLY F 1485 14.62 -19.54 -29.02
CA GLY F 1485 15.19 -19.46 -27.70
C GLY F 1485 15.79 -18.10 -27.40
N ALA F 1486 16.39 -18.01 -26.22
CA ALA F 1486 17.06 -16.79 -25.80
C ALA F 1486 18.39 -16.65 -26.52
N GLU F 1487 19.14 -15.60 -26.17
CA GLU F 1487 20.43 -15.37 -26.78
C GLU F 1487 21.40 -16.50 -26.47
N LYS F 1488 21.51 -16.88 -25.20
CA LYS F 1488 22.44 -17.92 -24.81
C LYS F 1488 22.03 -19.27 -25.41
N VAL F 1489 20.72 -19.54 -25.45
CA VAL F 1489 20.25 -20.81 -25.97
C VAL F 1489 20.63 -20.96 -27.44
N PHE F 1490 20.35 -19.93 -28.24
CA PHE F 1490 20.70 -20.00 -29.65
C PHE F 1490 22.21 -20.04 -29.84
N LEU F 1491 22.94 -19.27 -29.04
CA LEU F 1491 24.40 -19.30 -29.06
C LEU F 1491 24.89 -20.74 -28.93
N ASP F 1492 24.57 -21.38 -27.82
CA ASP F 1492 25.05 -22.74 -27.56
C ASP F 1492 24.55 -23.72 -28.61
N ARG F 1493 23.29 -23.60 -29.02
CA ARG F 1493 22.72 -24.56 -29.97
C ARG F 1493 23.45 -24.50 -31.31
N PHE F 1494 23.57 -23.31 -31.90
CA PHE F 1494 24.00 -23.16 -33.27
C PHE F 1494 25.27 -22.34 -33.43
N ALA F 1495 25.36 -21.17 -32.79
CA ALA F 1495 26.32 -20.17 -33.24
C ALA F 1495 27.75 -20.61 -32.97
N LYS F 1496 28.01 -21.13 -31.76
CA LYS F 1496 29.37 -21.57 -31.43
C LYS F 1496 29.84 -22.70 -32.33
N PRO F 1497 29.07 -23.76 -32.58
CA PRO F 1497 29.50 -24.75 -33.58
C PRO F 1497 29.73 -24.15 -34.96
N ILE F 1498 28.91 -23.19 -35.37
CA ILE F 1498 29.07 -22.60 -36.70
C ILE F 1498 30.40 -21.86 -36.79
N ALA F 1499 30.74 -21.09 -35.75
CA ALA F 1499 32.04 -20.42 -35.73
C ALA F 1499 33.18 -21.42 -35.67
N ASN F 1500 33.03 -22.48 -34.88
CA ASN F 1500 34.10 -23.46 -34.73
C ASN F 1500 34.30 -24.30 -35.99
N SER F 1501 33.29 -24.37 -36.87
CA SER F 1501 33.43 -25.11 -38.11
C SER F 1501 34.20 -24.35 -39.18
N ARG F 1502 34.68 -23.13 -38.89
CA ARG F 1502 35.35 -22.34 -39.89
C ARG F 1502 36.67 -22.97 -40.33
N TYR F 1503 37.37 -23.64 -39.43
CA TYR F 1503 38.66 -24.27 -39.72
C TYR F 1503 38.52 -25.77 -39.42
N SER F 1504 38.38 -26.56 -40.48
CA SER F 1504 38.19 -27.99 -40.34
C SER F 1504 38.71 -28.69 -41.59
N LYS F 1505 39.03 -29.97 -41.42
CA LYS F 1505 39.64 -30.79 -42.47
C LYS F 1505 38.93 -32.14 -42.53
N ALA F 1506 37.60 -32.10 -42.57
CA ALA F 1506 36.76 -33.30 -42.54
C ALA F 1506 36.96 -34.09 -41.25
N SER F 1507 37.28 -33.37 -40.17
CA SER F 1507 37.50 -33.98 -38.86
C SER F 1507 36.20 -34.00 -38.08
N SER F 1508 35.85 -35.16 -37.53
CA SER F 1508 34.60 -35.31 -36.80
C SER F 1508 34.56 -34.48 -35.52
N LYS F 1509 35.70 -33.95 -35.06
CA LYS F 1509 35.68 -33.13 -33.85
C LYS F 1509 34.86 -31.87 -34.04
N GLU F 1510 34.93 -31.26 -35.21
CA GLU F 1510 34.28 -29.97 -35.46
C GLU F 1510 33.43 -29.97 -36.72
N GLN F 1511 33.76 -30.82 -37.70
CA GLN F 1511 32.94 -30.90 -38.91
C GLN F 1511 31.54 -31.37 -38.57
N GLU F 1512 31.43 -32.42 -37.75
CA GLU F 1512 30.12 -32.97 -37.41
C GLU F 1512 29.28 -31.96 -36.63
N ALA F 1513 29.92 -31.20 -35.72
CA ALA F 1513 29.19 -30.22 -34.95
C ALA F 1513 28.58 -29.14 -35.86
N GLY F 1514 29.38 -28.61 -36.77
CA GLY F 1514 28.87 -27.61 -37.69
C GLY F 1514 27.80 -28.16 -38.61
N ALA F 1515 28.00 -29.39 -39.11
CA ALA F 1515 27.02 -29.99 -40.01
C ALA F 1515 25.69 -30.19 -39.30
N LEU F 1516 25.72 -30.70 -38.07
CA LEU F 1516 24.48 -30.89 -37.32
C LEU F 1516 23.84 -29.55 -36.99
N ALA F 1517 24.64 -28.53 -36.69
CA ALA F 1517 24.07 -27.21 -36.41
C ALA F 1517 23.34 -26.66 -37.62
N ILE F 1518 23.95 -26.74 -38.80
CA ILE F 1518 23.29 -26.21 -39.99
C ILE F 1518 22.05 -27.03 -40.32
N GLU F 1519 22.11 -28.35 -40.13
CA GLU F 1519 20.93 -29.17 -40.41
C GLU F 1519 19.78 -28.84 -39.47
N ALA F 1520 20.07 -28.66 -38.18
CA ALA F 1520 19.03 -28.32 -37.22
C ALA F 1520 18.43 -26.95 -37.52
N LEU F 1521 19.29 -25.96 -37.80
CA LEU F 1521 18.78 -24.63 -38.12
C LEU F 1521 18.00 -24.64 -39.43
N HIS F 1522 18.37 -25.51 -40.36
CA HIS F 1522 17.63 -25.62 -41.61
C HIS F 1522 16.24 -26.18 -41.36
N LYS F 1523 16.15 -27.28 -40.60
CA LYS F 1523 14.86 -27.89 -40.34
C LYS F 1523 13.96 -26.95 -39.55
N GLN F 1524 14.54 -26.23 -38.57
CA GLN F 1524 13.72 -25.41 -37.69
C GLN F 1524 13.05 -24.27 -38.44
N VAL F 1525 13.77 -23.63 -39.37
CA VAL F 1525 13.29 -22.44 -40.05
C VAL F 1525 12.83 -22.72 -41.47
N LEU F 1526 12.64 -24.00 -41.83
CA LEU F 1526 12.30 -24.33 -43.20
C LEU F 1526 10.98 -23.73 -43.66
N PRO F 1527 9.86 -23.90 -42.95
CA PRO F 1527 8.58 -23.43 -43.51
C PRO F 1527 8.43 -21.91 -43.50
N PHE F 1528 9.30 -21.18 -42.81
CA PHE F 1528 9.16 -19.76 -42.60
C PHE F 1528 10.08 -18.93 -43.49
N LEU F 1529 10.78 -19.56 -44.44
CA LEU F 1529 11.52 -18.87 -45.47
C LEU F 1529 11.09 -19.41 -46.82
N LEU F 1530 11.03 -18.53 -47.82
CA LEU F 1530 10.68 -18.90 -49.19
C LEU F 1530 11.67 -18.20 -50.12
N ARG F 1531 12.79 -18.86 -50.40
CA ARG F 1531 13.78 -18.35 -51.33
C ARG F 1531 13.49 -18.88 -52.72
N ARG F 1532 13.52 -17.98 -53.70
CA ARG F 1532 13.36 -18.35 -55.10
C ARG F 1532 14.38 -17.56 -55.91
N LEU F 1533 15.22 -18.28 -56.66
CA LEU F 1533 16.35 -17.67 -57.33
C LEU F 1533 15.90 -16.91 -58.57
N LYS F 1534 16.67 -15.88 -58.92
CA LYS F 1534 16.39 -15.12 -60.14
C LYS F 1534 16.52 -16.00 -61.37
N GLU F 1535 17.39 -17.02 -61.33
CA GLU F 1535 17.55 -17.91 -62.48
C GLU F 1535 16.28 -18.71 -62.73
N GLU F 1536 15.50 -18.99 -61.69
CA GLU F 1536 14.30 -19.80 -61.84
C GLU F 1536 13.16 -19.04 -62.51
N VAL F 1537 13.08 -17.73 -62.27
CA VAL F 1537 11.95 -16.93 -62.72
C VAL F 1537 12.22 -16.33 -64.11
N LEU F 1538 13.25 -15.50 -64.20
CA LEU F 1538 13.42 -14.63 -65.36
C LEU F 1538 13.68 -15.46 -66.62
N ASN F 1539 12.85 -15.24 -67.64
CA ASN F 1539 13.01 -15.91 -68.92
C ASN F 1539 13.99 -15.20 -69.84
N ASP F 1540 14.55 -14.05 -69.43
CA ASP F 1540 15.55 -13.34 -70.22
C ASP F 1540 16.52 -12.66 -69.25
N LEU F 1541 17.61 -13.35 -68.95
CA LEU F 1541 18.72 -12.79 -68.19
C LEU F 1541 19.97 -13.60 -68.51
N PRO F 1542 20.98 -13.07 -69.19
CA PRO F 1542 22.10 -13.92 -69.63
C PRO F 1542 22.87 -14.48 -68.44
N PRO F 1543 23.59 -15.58 -68.63
CA PRO F 1543 24.32 -16.17 -67.49
C PRO F 1543 25.46 -15.27 -67.03
N LYS F 1544 25.82 -15.45 -65.76
CA LYS F 1544 26.92 -14.73 -65.14
C LYS F 1544 28.08 -15.68 -64.91
N ILE F 1545 29.28 -15.26 -65.32
CA ILE F 1545 30.49 -16.07 -65.24
C ILE F 1545 31.46 -15.36 -64.30
N LEU F 1546 32.25 -16.16 -63.58
CA LEU F 1546 33.20 -15.65 -62.60
C LEU F 1546 34.58 -16.25 -62.83
N GLN F 1547 35.60 -15.42 -62.75
CA GLN F 1547 36.99 -15.85 -62.80
C GLN F 1547 37.81 -15.04 -61.81
N ASN F 1548 38.71 -15.71 -61.10
CA ASN F 1548 39.69 -15.04 -60.25
C ASN F 1548 40.96 -14.76 -61.04
N TYR F 1549 41.58 -13.62 -60.75
CA TYR F 1549 42.85 -13.22 -61.34
C TYR F 1549 43.90 -13.23 -60.24
N TYR F 1550 44.86 -14.14 -60.35
CA TYR F 1550 45.90 -14.31 -59.35
C TYR F 1550 47.19 -13.63 -59.78
N CYS F 1551 47.87 -12.99 -58.84
CA CYS F 1551 49.17 -12.39 -59.08
C CYS F 1551 49.96 -12.44 -57.78
N ASP F 1552 51.22 -12.01 -57.84
CA ASP F 1552 52.14 -12.03 -56.70
C ASP F 1552 52.54 -10.61 -56.35
N LEU F 1553 52.77 -10.37 -55.07
CA LEU F 1553 53.03 -9.02 -54.57
C LEU F 1553 54.37 -8.51 -55.07
N SER F 1554 54.44 -7.20 -55.29
CA SER F 1554 55.65 -6.57 -55.82
C SER F 1554 56.75 -6.57 -54.76
N ASP F 1555 57.97 -6.30 -55.22
CA ASP F 1555 59.14 -6.38 -54.36
C ASP F 1555 59.09 -5.37 -53.22
N LEU F 1556 58.74 -4.12 -53.55
CA LEU F 1556 58.71 -3.08 -52.52
C LEU F 1556 57.66 -3.37 -51.46
N GLN F 1557 56.45 -3.74 -51.89
CA GLN F 1557 55.39 -4.06 -50.93
C GLN F 1557 55.74 -5.31 -50.13
N ARG F 1558 56.36 -6.30 -50.79
CA ARG F 1558 56.76 -7.51 -50.07
C ARG F 1558 57.78 -7.19 -48.99
N LYS F 1559 58.77 -6.36 -49.31
CA LYS F 1559 59.76 -5.98 -48.31
C LYS F 1559 59.12 -5.17 -47.19
N LEU F 1560 58.17 -4.29 -47.54
CA LEU F 1560 57.49 -3.50 -46.51
C LEU F 1560 56.72 -4.40 -45.56
N PHE F 1561 56.01 -5.41 -46.09
CA PHE F 1561 55.29 -6.34 -45.24
C PHE F 1561 56.24 -7.17 -44.38
N GLU F 1562 57.35 -7.64 -44.96
CA GLU F 1562 58.30 -8.42 -44.19
C GLU F 1562 58.90 -7.58 -43.06
N ASP F 1563 59.13 -6.30 -43.30
CA ASP F 1563 59.55 -5.41 -42.22
C ASP F 1563 58.44 -5.23 -41.19
N PHE F 1564 57.19 -5.08 -41.65
CA PHE F 1564 56.08 -4.87 -40.74
C PHE F 1564 55.82 -6.08 -39.85
N THR F 1565 56.24 -7.27 -40.28
CA THR F 1565 56.07 -8.45 -39.43
C THR F 1565 56.74 -8.26 -38.08
N LYS F 1566 57.87 -7.56 -38.03
CA LYS F 1566 58.49 -7.22 -36.75
C LYS F 1566 57.69 -6.17 -36.00
N ARG F 1567 56.94 -5.33 -36.70
CA ARG F 1567 56.15 -4.27 -36.09
C ARG F 1567 54.70 -4.69 -35.96
N GLN F 1585 49.86 -0.65 -29.87
CA GLN F 1585 49.14 -0.87 -31.13
C GLN F 1585 47.78 -1.51 -30.86
N HIS F 1586 47.04 -1.77 -31.94
CA HIS F 1586 45.78 -2.48 -31.88
C HIS F 1586 45.75 -3.52 -32.99
N ILE F 1587 44.90 -4.53 -32.80
CA ILE F 1587 44.83 -5.62 -33.76
C ILE F 1587 44.36 -5.11 -35.12
N PHE F 1588 43.43 -4.16 -35.12
CA PHE F 1588 42.80 -3.75 -36.38
C PHE F 1588 43.77 -2.97 -37.26
N GLN F 1589 44.70 -2.23 -36.66
CA GLN F 1589 45.65 -1.49 -37.46
C GLN F 1589 46.50 -2.42 -38.31
N ALA F 1590 46.82 -3.62 -37.80
CA ALA F 1590 47.59 -4.56 -38.58
C ALA F 1590 46.83 -4.99 -39.83
N LEU F 1591 45.54 -5.33 -39.67
CA LEU F 1591 44.73 -5.72 -40.81
C LEU F 1591 44.59 -4.57 -41.80
N GLN F 1592 44.38 -3.36 -41.30
CA GLN F 1592 44.23 -2.20 -42.18
C GLN F 1592 45.52 -1.93 -42.95
N TYR F 1593 46.67 -2.06 -42.27
CA TYR F 1593 47.95 -1.87 -42.94
C TYR F 1593 48.16 -2.93 -44.00
N MET F 1594 47.78 -4.18 -43.71
CA MET F 1594 47.90 -5.24 -44.71
C MET F 1594 47.01 -4.95 -45.91
N ARG F 1595 45.80 -4.44 -45.66
CA ARG F 1595 44.93 -4.05 -46.78
C ARG F 1595 45.56 -2.95 -47.61
N LYS F 1596 46.14 -1.93 -46.95
CA LYS F 1596 46.73 -0.82 -47.68
C LYS F 1596 47.91 -1.28 -48.52
N LEU F 1597 48.92 -1.87 -47.88
CA LEU F 1597 50.13 -2.28 -48.59
C LEU F 1597 49.83 -3.34 -49.65
N CYS F 1598 48.70 -4.06 -49.54
CA CYS F 1598 48.32 -5.02 -50.55
C CYS F 1598 48.15 -4.39 -51.92
N ASN F 1599 47.85 -3.10 -51.97
CA ASN F 1599 47.70 -2.39 -53.24
C ASN F 1599 49.01 -2.38 -54.01
N LYS F 1634 48.67 -4.89 -58.08
CA LYS F 1634 47.36 -5.05 -58.70
C LYS F 1634 47.21 -4.18 -59.94
N LEU F 1635 47.95 -3.08 -60.00
CA LEU F 1635 47.78 -2.11 -61.07
C LEU F 1635 48.14 -2.71 -62.42
N GLY F 1636 49.16 -3.56 -62.48
CA GLY F 1636 49.45 -4.27 -63.71
C GLY F 1636 48.36 -5.25 -64.10
N ALA F 1637 47.79 -5.94 -63.11
CA ALA F 1637 46.69 -6.85 -63.37
C ALA F 1637 45.48 -6.11 -63.95
N LEU F 1638 45.13 -4.97 -63.36
CA LEU F 1638 44.02 -4.18 -63.89
C LEU F 1638 44.36 -3.63 -65.27
N ARG F 1639 45.63 -3.21 -65.47
CA ARG F 1639 46.06 -2.67 -66.74
C ARG F 1639 45.93 -3.69 -67.85
N ASP F 1640 46.35 -4.93 -67.58
CA ASP F 1640 46.23 -5.99 -68.58
C ASP F 1640 44.78 -6.42 -68.75
N LEU F 1641 44.01 -6.43 -67.67
CA LEU F 1641 42.63 -6.90 -67.72
C LEU F 1641 41.75 -5.96 -68.53
N LEU F 1642 41.94 -4.64 -68.37
CA LEU F 1642 41.15 -3.69 -69.14
C LEU F 1642 41.41 -3.82 -70.62
N VAL F 1643 42.67 -3.99 -71.01
CA VAL F 1643 42.98 -4.17 -72.43
C VAL F 1643 42.44 -5.50 -72.93
N ASP F 1644 42.49 -6.54 -72.09
CA ASP F 1644 41.97 -7.84 -72.49
C ASP F 1644 40.47 -7.77 -72.77
N CYS F 1645 39.74 -6.89 -72.07
CA CYS F 1645 38.32 -6.71 -72.26
C CYS F 1645 38.00 -5.59 -73.26
N GLY F 1646 38.90 -5.31 -74.19
CA GLY F 1646 38.61 -4.42 -75.31
C GLY F 1646 38.55 -2.95 -74.97
N ILE F 1647 38.74 -2.56 -73.71
CA ILE F 1647 38.67 -1.16 -73.33
C ILE F 1647 40.00 -0.49 -73.65
N GLY F 1648 39.92 0.67 -74.31
CA GLY F 1648 41.11 1.43 -74.64
C GLY F 1648 41.91 0.91 -75.82
N VAL F 1649 41.38 -0.07 -76.55
CA VAL F 1649 42.09 -0.62 -77.69
C VAL F 1649 42.00 0.36 -78.85
N GLU F 1650 43.14 0.71 -79.42
CA GLU F 1650 43.19 1.66 -80.52
C GLU F 1650 42.68 1.01 -81.81
N PRO F 1664 32.72 -1.32 -77.99
CA PRO F 1664 32.31 -2.73 -78.06
C PRO F 1664 32.34 -3.45 -76.70
N HIS F 1665 32.84 -2.77 -75.67
CA HIS F 1665 32.95 -3.37 -74.35
C HIS F 1665 32.92 -2.27 -73.31
N ARG F 1666 32.43 -2.61 -72.12
CA ARG F 1666 32.33 -1.67 -71.02
C ARG F 1666 32.63 -2.41 -69.73
N ALA F 1667 32.83 -1.66 -68.65
CA ALA F 1667 33.24 -2.27 -67.39
C ALA F 1667 32.85 -1.40 -66.21
N LEU F 1668 32.64 -2.05 -65.07
CA LEU F 1668 32.51 -1.41 -63.78
C LEU F 1668 33.64 -1.89 -62.88
N ILE F 1669 34.26 -0.96 -62.15
CA ILE F 1669 35.39 -1.25 -61.27
C ILE F 1669 34.94 -0.95 -59.86
N PHE F 1670 35.04 -1.94 -58.98
CA PHE F 1670 34.69 -1.81 -57.57
C PHE F 1670 35.95 -1.90 -56.73
N CYS F 1671 36.12 -0.95 -55.81
CA CYS F 1671 37.22 -0.96 -54.86
C CYS F 1671 36.68 -0.62 -53.49
N GLN F 1672 36.98 -1.48 -52.52
CA GLN F 1672 36.55 -1.22 -51.14
C GLN F 1672 37.26 0.00 -50.57
N MET F 1673 38.50 0.25 -51.00
CA MET F 1673 39.32 1.34 -50.51
C MET F 1673 39.20 2.53 -51.45
N LYS F 1674 38.97 3.71 -50.88
CA LYS F 1674 38.77 4.91 -51.69
C LYS F 1674 40.06 5.34 -52.38
N GLU F 1675 41.20 5.18 -51.69
CA GLU F 1675 42.47 5.65 -52.26
C GLU F 1675 42.81 4.89 -53.54
N MET F 1676 42.69 3.56 -53.52
CA MET F 1676 42.97 2.79 -54.72
C MET F 1676 41.97 3.10 -55.82
N LEU F 1677 40.74 3.46 -55.45
CA LEU F 1677 39.74 3.85 -56.45
C LEU F 1677 40.15 5.14 -57.15
N ASP F 1678 40.61 6.13 -56.39
CA ASP F 1678 40.97 7.42 -56.97
C ASP F 1678 42.38 7.45 -57.57
N MET F 1679 43.13 6.35 -57.50
CA MET F 1679 44.47 6.34 -58.09
C MET F 1679 44.38 6.57 -59.60
N VAL F 1680 45.34 7.31 -60.13
CA VAL F 1680 45.31 7.83 -61.50
C VAL F 1680 46.59 7.46 -62.23
N GLN F 1681 47.12 6.27 -61.96
CA GLN F 1681 48.33 5.79 -62.63
C GLN F 1681 48.12 5.72 -64.15
N ASN F 1682 49.24 5.45 -64.85
CA ASN F 1682 49.28 5.45 -66.31
C ASN F 1682 48.89 6.81 -66.89
N THR F 1683 49.14 7.86 -66.10
CA THR F 1683 48.85 9.27 -66.32
C THR F 1683 47.36 9.60 -66.15
N SER F 1691 42.97 8.00 -73.53
CA SER F 1691 42.20 7.25 -74.52
C SER F 1691 40.98 6.55 -73.95
N VAL F 1692 40.85 6.47 -72.62
CA VAL F 1692 39.68 5.93 -71.96
C VAL F 1692 39.17 6.98 -70.98
N SER F 1693 37.87 7.26 -71.02
CA SER F 1693 37.23 8.22 -70.14
C SER F 1693 36.40 7.47 -69.10
N TYR F 1694 36.26 8.07 -67.92
CA TYR F 1694 35.57 7.41 -66.82
C TYR F 1694 34.94 8.44 -65.91
N LEU F 1695 33.80 8.06 -65.34
CA LEU F 1695 33.12 8.80 -64.29
C LEU F 1695 33.36 8.10 -62.95
N ARG F 1696 33.15 8.84 -61.87
CA ARG F 1696 33.34 8.33 -60.52
C ARG F 1696 32.07 8.56 -59.72
N LEU F 1697 31.72 7.56 -58.91
CA LEU F 1697 30.50 7.54 -58.10
C LEU F 1697 30.83 7.10 -56.68
N ASP F 1698 31.84 7.73 -56.08
CA ASP F 1698 32.31 7.30 -54.77
C ASP F 1698 31.20 7.39 -53.72
N GLY F 1699 30.57 8.55 -53.60
CA GLY F 1699 29.55 8.75 -52.59
C GLY F 1699 29.60 10.12 -51.96
N SER F 1700 30.79 10.73 -51.93
CA SER F 1700 30.89 12.09 -51.44
C SER F 1700 30.12 13.05 -52.34
N VAL F 1701 29.93 12.70 -53.61
CA VAL F 1701 29.09 13.49 -54.49
C VAL F 1701 27.66 13.53 -53.93
N GLU F 1702 26.97 14.64 -54.18
CA GLU F 1702 25.59 14.78 -53.74
C GLU F 1702 24.72 13.70 -54.39
N ALA F 1703 23.73 13.23 -53.63
CA ALA F 1703 22.88 12.14 -54.11
C ALA F 1703 22.14 12.52 -55.38
N ASN F 1704 21.73 13.79 -55.50
CA ASN F 1704 21.06 14.24 -56.71
C ASN F 1704 21.96 14.09 -57.93
N LYS F 1705 23.25 14.42 -57.78
CA LYS F 1705 24.19 14.31 -58.89
C LYS F 1705 24.38 12.85 -59.32
N ARG F 1706 24.19 11.90 -58.40
CA ARG F 1706 24.42 10.50 -58.72
C ARG F 1706 23.49 10.01 -59.82
N GLN F 1707 22.21 10.41 -59.74
CA GLN F 1707 21.26 9.98 -60.76
C GLN F 1707 21.66 10.49 -62.13
N ASP F 1708 22.08 11.75 -62.21
CA ASP F 1708 22.53 12.30 -63.48
C ASP F 1708 23.75 11.56 -63.99
N ILE F 1709 24.71 11.26 -63.10
CA ILE F 1709 25.93 10.57 -63.54
C ILE F 1709 25.59 9.18 -64.09
N VAL F 1710 24.78 8.42 -63.36
CA VAL F 1710 24.51 7.05 -63.79
C VAL F 1710 23.68 7.06 -65.07
N ASN F 1711 22.71 7.96 -65.17
CA ASN F 1711 21.89 8.03 -66.38
C ASN F 1711 22.73 8.45 -67.58
N LYS F 1712 23.67 9.38 -67.39
CA LYS F 1712 24.57 9.76 -68.47
C LYS F 1712 25.42 8.58 -68.89
N PHE F 1713 25.91 7.80 -67.93
CA PHE F 1713 26.71 6.63 -68.27
C PHE F 1713 25.90 5.63 -69.07
N ASN F 1714 24.65 5.41 -68.67
CA ASN F 1714 23.84 4.39 -69.32
C ASN F 1714 23.34 4.84 -70.69
N SER F 1715 23.21 6.15 -70.90
CA SER F 1715 22.51 6.65 -72.08
C SER F 1715 23.28 6.37 -73.36
N ASP F 1716 24.59 6.57 -73.36
CA ASP F 1716 25.43 6.50 -74.55
C ASP F 1716 26.64 5.62 -74.28
N PRO F 1717 27.25 5.05 -75.32
CA PRO F 1717 28.38 4.13 -75.12
C PRO F 1717 29.75 4.78 -75.09
N SER F 1718 29.83 6.12 -75.13
CA SER F 1718 31.14 6.78 -75.18
C SER F 1718 31.95 6.53 -73.92
N TYR F 1719 31.29 6.36 -72.78
CA TYR F 1719 31.97 6.13 -71.51
C TYR F 1719 32.24 4.63 -71.35
N ASP F 1720 33.51 4.25 -71.49
CA ASP F 1720 33.86 2.83 -71.45
C ASP F 1720 33.89 2.26 -70.04
N VAL F 1721 34.26 3.06 -69.05
CA VAL F 1721 34.47 2.58 -67.69
C VAL F 1721 33.74 3.49 -66.72
N LEU F 1722 33.41 2.96 -65.55
CA LEU F 1722 32.83 3.74 -64.47
C LEU F 1722 33.29 3.14 -63.14
N LEU F 1723 33.85 3.99 -62.28
CA LEU F 1723 34.42 3.57 -61.01
C LEU F 1723 33.47 3.95 -59.88
N LEU F 1724 33.41 3.10 -58.86
CA LEU F 1724 32.56 3.37 -57.71
C LEU F 1724 33.01 2.52 -56.53
N THR F 1725 32.82 3.05 -55.33
CA THR F 1725 33.00 2.27 -54.13
C THR F 1725 31.84 1.30 -53.95
N THR F 1726 32.11 0.20 -53.25
CA THR F 1726 31.15 -0.89 -53.18
C THR F 1726 29.87 -0.51 -52.43
N SER F 1727 29.97 0.44 -51.48
CA SER F 1727 28.88 0.72 -50.56
C SER F 1727 28.06 1.95 -50.95
N VAL F 1728 28.19 2.43 -52.19
CA VAL F 1728 27.50 3.63 -52.63
C VAL F 1728 26.09 3.26 -53.09
N GLY F 1729 25.10 4.04 -52.65
CA GLY F 1729 23.76 3.89 -53.13
C GLY F 1729 23.07 2.63 -52.65
N GLY F 1730 21.74 2.67 -52.57
CA GLY F 1730 20.93 1.54 -52.20
C GLY F 1730 20.38 0.82 -53.41
N LEU F 1731 19.19 0.24 -53.25
CA LEU F 1731 18.52 -0.41 -54.36
C LEU F 1731 18.14 0.60 -55.43
N GLY F 1732 18.14 0.15 -56.68
CA GLY F 1732 17.75 0.98 -57.81
C GLY F 1732 18.91 1.59 -58.57
N LEU F 1733 20.16 1.37 -58.15
CA LEU F 1733 21.32 1.90 -58.86
C LEU F 1733 21.60 1.01 -60.06
N ASN F 1734 20.72 1.14 -61.07
CA ASN F 1734 20.70 0.23 -62.21
C ASN F 1734 21.78 0.63 -63.21
N LEU F 1735 22.99 0.12 -62.97
CA LEU F 1735 24.11 0.32 -63.88
C LEU F 1735 24.12 -0.81 -64.91
N THR F 1736 23.11 -0.79 -65.77
CA THR F 1736 22.84 -1.88 -66.69
C THR F 1736 23.70 -1.86 -67.94
N GLY F 1737 24.64 -0.94 -68.06
CA GLY F 1737 25.41 -0.82 -69.28
C GLY F 1737 26.61 -1.75 -69.39
N ALA F 1738 27.01 -2.39 -68.30
CA ALA F 1738 28.27 -3.12 -68.25
C ALA F 1738 28.08 -4.58 -68.61
N ASP F 1739 29.04 -5.12 -69.35
CA ASP F 1739 29.16 -6.55 -69.58
C ASP F 1739 30.35 -7.16 -68.85
N THR F 1740 31.12 -6.36 -68.12
CA THR F 1740 32.18 -6.84 -67.25
C THR F 1740 32.13 -6.07 -65.93
N VAL F 1741 32.49 -6.75 -64.85
CA VAL F 1741 32.60 -6.15 -63.53
C VAL F 1741 33.91 -6.61 -62.92
N ILE F 1742 34.75 -5.65 -62.51
CA ILE F 1742 36.07 -5.93 -61.96
C ILE F 1742 36.05 -5.55 -60.50
N PHE F 1743 36.51 -6.45 -59.63
CA PHE F 1743 36.69 -6.20 -58.22
C PHE F 1743 38.18 -6.12 -57.92
N VAL F 1744 38.59 -5.06 -57.22
CA VAL F 1744 39.98 -4.85 -56.89
C VAL F 1744 40.28 -5.14 -55.41
N GLU F 1745 39.31 -4.94 -54.53
CA GLU F 1745 39.44 -5.29 -53.12
C GLU F 1745 38.10 -5.82 -52.65
N HIS F 1746 38.14 -6.84 -51.79
CA HIS F 1746 36.98 -7.62 -51.42
C HIS F 1746 36.53 -7.30 -50.01
N ASP F 1747 35.22 -7.29 -49.79
CA ASP F 1747 34.65 -6.88 -48.52
C ASP F 1747 34.58 -8.08 -47.57
N TRP F 1748 34.47 -7.77 -46.27
CA TRP F 1748 34.25 -8.81 -45.28
C TRP F 1748 32.91 -9.50 -45.49
N ASN F 1749 31.92 -8.78 -46.05
CA ASN F 1749 30.58 -9.30 -46.23
C ASN F 1749 30.42 -9.79 -47.66
N PRO F 1750 30.25 -11.10 -47.91
CA PRO F 1750 30.10 -11.54 -49.30
C PRO F 1750 28.85 -10.98 -49.97
N GLN F 1751 27.82 -10.68 -49.19
CA GLN F 1751 26.57 -10.21 -49.79
C GLN F 1751 26.71 -8.81 -50.35
N LYS F 1752 27.61 -7.99 -49.81
CA LYS F 1752 27.83 -6.68 -50.41
C LYS F 1752 28.50 -6.81 -51.78
N ASP F 1753 29.43 -7.76 -51.91
CA ASP F 1753 30.01 -8.01 -53.22
C ASP F 1753 28.98 -8.59 -54.18
N LEU F 1754 28.10 -9.47 -53.69
CA LEU F 1754 27.04 -9.99 -54.56
C LEU F 1754 26.08 -8.90 -54.98
N GLN F 1755 25.77 -7.96 -54.08
CA GLN F 1755 24.94 -6.82 -54.44
C GLN F 1755 25.63 -5.96 -55.50
N ALA F 1756 26.95 -5.75 -55.35
CA ALA F 1756 27.69 -4.99 -56.36
C ALA F 1756 27.65 -5.69 -57.71
N MET F 1757 27.71 -7.03 -57.70
CA MET F 1757 27.55 -7.77 -58.95
C MET F 1757 26.13 -7.64 -59.49
N ASP F 1758 25.14 -7.54 -58.61
CA ASP F 1758 23.75 -7.44 -59.05
C ASP F 1758 23.52 -6.15 -59.83
N ARG F 1759 24.24 -5.09 -59.49
CA ARG F 1759 24.33 -3.95 -60.40
C ARG F 1759 24.94 -4.43 -61.70
N ALA F 1760 24.33 -4.07 -62.82
CA ALA F 1760 24.68 -4.54 -64.15
C ALA F 1760 24.28 -5.98 -64.40
N HIS F 1761 23.41 -6.54 -63.55
CA HIS F 1761 22.85 -7.88 -63.76
C HIS F 1761 21.35 -7.89 -63.48
N ARG F 1762 20.69 -6.74 -63.64
CA ARG F 1762 19.27 -6.62 -63.37
C ARG F 1762 18.47 -7.17 -64.54
N ILE F 1763 17.14 -7.09 -64.42
CA ILE F 1763 16.26 -7.63 -65.46
C ILE F 1763 16.48 -6.93 -66.80
N GLY F 1764 16.95 -5.69 -66.77
CA GLY F 1764 17.23 -4.96 -67.99
C GLY F 1764 18.55 -5.30 -68.66
N GLN F 1765 19.35 -6.19 -68.08
CA GLN F 1765 20.62 -6.54 -68.67
C GLN F 1765 20.41 -7.27 -69.99
N LYS F 1766 21.26 -6.94 -70.97
CA LYS F 1766 21.12 -7.45 -72.33
C LYS F 1766 22.17 -8.47 -72.72
N LYS F 1767 23.38 -8.39 -72.18
CA LYS F 1767 24.51 -9.22 -72.60
C LYS F 1767 25.07 -9.97 -71.41
N VAL F 1768 25.96 -10.94 -71.72
CA VAL F 1768 26.60 -11.73 -70.69
C VAL F 1768 27.44 -10.82 -69.80
N VAL F 1769 27.39 -11.09 -68.50
CA VAL F 1769 28.13 -10.34 -67.49
C VAL F 1769 29.20 -11.25 -66.91
N ASN F 1770 30.45 -10.83 -67.00
CA ASN F 1770 31.58 -11.58 -66.49
C ASN F 1770 32.19 -10.80 -65.32
N VAL F 1771 32.48 -11.49 -64.23
CA VAL F 1771 33.03 -10.89 -63.03
C VAL F 1771 34.46 -11.35 -62.87
N TYR F 1772 35.37 -10.39 -62.62
CA TYR F 1772 36.79 -10.66 -62.45
C TYR F 1772 37.23 -10.12 -61.10
N ARG F 1773 38.13 -10.87 -60.44
CA ARG F 1773 38.67 -10.49 -59.14
C ARG F 1773 40.18 -10.50 -59.20
N ILE F 1774 40.80 -9.45 -58.67
CA ILE F 1774 42.26 -9.33 -58.63
C ILE F 1774 42.69 -9.79 -57.24
N ILE F 1775 43.03 -11.07 -57.14
CA ILE F 1775 43.35 -11.70 -55.86
C ILE F 1775 44.85 -12.00 -55.81
N THR F 1776 45.62 -11.06 -55.27
CA THR F 1776 47.06 -11.26 -55.14
C THR F 1776 47.35 -12.19 -53.97
N ARG F 1777 48.30 -13.10 -54.17
CA ARG F 1777 48.46 -14.24 -53.29
C ARG F 1777 49.31 -13.88 -52.07
N GLY F 1778 49.24 -14.76 -51.06
CA GLY F 1778 50.08 -14.64 -49.88
C GLY F 1778 49.85 -13.41 -49.03
N THR F 1779 48.58 -13.09 -48.75
CA THR F 1779 48.27 -11.91 -47.96
C THR F 1779 46.84 -12.05 -47.44
N LEU F 1780 46.29 -10.94 -46.94
CA LEU F 1780 44.98 -10.96 -46.29
C LEU F 1780 43.87 -11.37 -47.26
N GLU F 1781 43.99 -10.98 -48.52
CA GLU F 1781 42.88 -11.16 -49.46
C GLU F 1781 42.48 -12.62 -49.63
N GLU F 1782 43.45 -13.54 -49.53
CA GLU F 1782 43.08 -14.96 -49.56
C GLU F 1782 42.20 -15.32 -48.38
N LYS F 1783 42.51 -14.78 -47.20
CA LYS F 1783 41.66 -15.01 -46.04
C LYS F 1783 40.29 -14.37 -46.23
N ILE F 1784 40.24 -13.20 -46.88
CA ILE F 1784 38.95 -12.56 -47.16
C ILE F 1784 38.10 -13.49 -48.01
N LEU F 1785 38.68 -14.04 -49.07
CA LEU F 1785 37.92 -14.92 -49.95
C LEU F 1785 37.52 -16.21 -49.26
N SER F 1786 38.40 -16.76 -48.41
CA SER F 1786 38.06 -17.96 -47.67
C SER F 1786 36.87 -17.69 -46.74
N LEU F 1787 36.90 -16.57 -46.03
CA LEU F 1787 35.79 -16.19 -45.18
C LEU F 1787 34.51 -16.01 -45.99
N GLN F 1788 34.64 -15.41 -47.16
CA GLN F 1788 33.47 -15.17 -48.00
C GLN F 1788 32.83 -16.48 -48.44
N ARG F 1789 33.65 -17.44 -48.88
CA ARG F 1789 33.06 -18.71 -49.32
C ARG F 1789 32.51 -19.51 -48.16
N PHE F 1790 33.12 -19.40 -46.97
CA PHE F 1790 32.54 -20.05 -45.79
C PHE F 1790 31.17 -19.48 -45.47
N LYS F 1791 31.05 -18.14 -45.45
CA LYS F 1791 29.78 -17.50 -45.18
C LYS F 1791 28.75 -17.85 -46.24
N ILE F 1792 29.17 -17.88 -47.51
CA ILE F 1792 28.28 -18.25 -48.60
C ILE F 1792 27.77 -19.66 -48.40
N ASP F 1793 28.66 -20.58 -48.02
CA ASP F 1793 28.25 -21.97 -47.81
C ASP F 1793 27.22 -22.06 -46.69
N VAL F 1794 27.47 -21.38 -45.58
CA VAL F 1794 26.53 -21.45 -44.45
C VAL F 1794 25.17 -20.88 -44.85
N ALA F 1795 25.18 -19.70 -45.47
CA ALA F 1795 23.93 -19.06 -45.85
C ALA F 1795 23.16 -19.90 -46.87
N SER F 1796 23.88 -20.49 -47.83
CA SER F 1796 23.21 -21.27 -48.87
C SER F 1796 22.64 -22.57 -48.30
N THR F 1797 23.41 -23.26 -47.46
CA THR F 1797 22.94 -24.53 -46.93
C THR F 1797 21.85 -24.36 -45.89
N VAL F 1798 21.72 -23.18 -45.27
CA VAL F 1798 20.57 -22.95 -44.41
C VAL F 1798 19.29 -22.70 -45.22
N VAL F 1799 19.40 -22.22 -46.45
CA VAL F 1799 18.25 -21.95 -47.31
C VAL F 1799 18.53 -22.46 -48.72
N ASN F 1800 18.06 -23.69 -49.05
CA ASN F 1800 18.33 -24.25 -50.36
C ASN F 1800 17.20 -25.06 -51.00
N GLN F 1801 16.09 -25.32 -50.31
CA GLN F 1801 15.03 -26.18 -50.83
C GLN F 1801 13.66 -25.61 -50.51
N GLN F 1802 13.51 -24.29 -50.70
CA GLN F 1802 12.32 -23.58 -50.29
C GLN F 1802 11.32 -23.46 -51.43
N ASN F 1803 10.09 -23.90 -51.17
CA ASN F 1803 8.98 -23.79 -52.11
C ASN F 1803 7.70 -24.03 -51.32
N ALA F 1804 6.56 -23.76 -51.96
CA ALA F 1804 5.28 -23.82 -51.27
C ALA F 1804 4.97 -25.24 -50.79
N GLY F 1805 5.16 -26.24 -51.66
CA GLY F 1805 4.81 -27.61 -51.38
C GLY F 1805 5.96 -28.53 -51.06
N LEU F 1806 7.20 -28.04 -51.09
CA LEU F 1806 8.37 -28.83 -50.77
C LEU F 1806 8.81 -28.70 -49.32
N ALA F 1807 8.24 -27.75 -48.57
CA ALA F 1807 8.59 -27.62 -47.16
C ALA F 1807 8.00 -28.77 -46.36
N THR F 1808 8.71 -29.17 -45.32
CA THR F 1808 8.27 -30.29 -44.50
C THR F 1808 7.10 -29.86 -43.62
N MET F 1809 6.04 -30.67 -43.62
CA MET F 1809 4.86 -30.40 -42.79
C MET F 1809 4.94 -31.23 -41.51
N ASP F 1810 5.94 -30.89 -40.70
CA ASP F 1810 6.06 -31.30 -39.32
C ASP F 1810 6.06 -30.05 -38.43
N THR F 1811 5.21 -29.08 -38.78
CA THR F 1811 5.31 -27.75 -38.19
C THR F 1811 5.06 -27.78 -36.69
N ASP F 1812 4.11 -28.60 -36.24
CA ASP F 1812 3.79 -28.62 -34.82
C ASP F 1812 4.96 -29.08 -33.97
N GLN F 1813 5.81 -29.96 -34.51
CA GLN F 1813 6.95 -30.47 -33.77
C GLN F 1813 8.10 -29.48 -33.67
N ILE F 1814 8.02 -28.35 -34.38
CA ILE F 1814 9.11 -27.37 -34.36
C ILE F 1814 8.99 -26.43 -33.17
N LEU F 1815 7.76 -26.11 -32.74
CA LEU F 1815 7.55 -25.08 -31.72
C LEU F 1815 7.84 -25.67 -30.34
N ASP F 1816 9.13 -25.86 -30.07
CA ASP F 1816 9.59 -26.33 -28.77
C ASP F 1816 10.87 -25.61 -28.33
N LEU F 1817 11.21 -24.48 -28.94
CA LEU F 1817 12.40 -23.72 -28.61
C LEU F 1817 13.67 -24.56 -28.70
#